data_8WBY
#
_entry.id   8WBY
#
_cell.length_a   1.00
_cell.length_b   1.00
_cell.length_c   1.00
_cell.angle_alpha   90.00
_cell.angle_beta   90.00
_cell.angle_gamma   90.00
#
_symmetry.space_group_name_H-M   'P 1'
#
loop_
_entity.id
_entity.type
_entity.pdbx_description
1 polymer 'Sodium-dependent neutral amino acid transporter B(0)AT1'
2 polymer 'Angiotensin-converting enzyme 2'
3 branched 2-acetamido-2-deoxy-beta-D-glucopyranose-(1-4)-2-acetamido-2-deoxy-beta-D-glucopyranose
4 non-polymer 2-(4-chloranyl-3,5-dimethyl-phenoxy)-~{N}-propan-2-yl-ethanamide
5 non-polymer 2-acetamido-2-deoxy-beta-D-glucopyranose
#
loop_
_entity_poly.entity_id
_entity_poly.type
_entity_poly.pdbx_seq_one_letter_code
_entity_poly.pdbx_strand_id
1 'polypeptide(L)'
;DYKDDDDKSGPDEVDASGVRLVLPNPGLDARIPSLAELETIEQEEASSRPKWDNKAQYMLTCLGFCVGLGNVWRFPYLCQ
SHGGGAFMIPFLILLVLEGIPLLYLEFAIGQRLRRGSLGVWSSIHPALKGLGLASMLTSFMVGLYYNTIISWIMWYLFNS
FQEPLPWSDCPLNENQTGYVDECARSSPVDYFWYRETLNISTSISDSGSIQWWMLLCLACAWSVLYMCTIRGIETTGKAV
YITSTLPYVVLTIFLIRGLTLKGATNGIVFLFTPNVTELAQPDTWLDAGAQVFFSFSLAFGGLISFSSYNSVHNNCEKDS
VIVSIINGFTSVYVAIVVYSVIGFRATQRYDDCFSTNILTLINGFDLPEGNVTQENFVDMQQRCNASDPAAYAQLVFQTC
DINAFLSEAVEGTGLAFIVFTEAITKMPLSPLWSVLFFIMLFCLGLSSMFGNMEGVVVPLQDLRVIPPKWPKEVLTGLIC
LGTFLIGFIFTLNSGQYWLSLLDSYAGSIPLLIIAFCEMFSVVYVYGVDRFNKDIEFMIGHKPNIFWQVTWRVVSPLLML
IIFLFFFVVEVSQELTYSIWDPGYEEFPKSQKISYPNWVYVVVVIVAGVPSLTIPGYAIYKLIRNHCQKPGDHQGLVSTL
STASMNGDLKY
;
A,D
2 'polypeptide(L)'
;MSSSSWLLLSLVAVTAAQSTIEEQAKTFLDKFNHEAEDLFYQSSLASWNYNTNITEENVQNMNNAGDKWSAFLKEQSTLA
QMYPLQEIQNLTVKLQLQALQQNGSSVLSEDKSKRLNTILNTMSTIYSTGKVCNPDNPQECLLLEPGLNEIMANSLDYNE
RLWAWESWRSEVGKQLRPLYEEYVVLKNEMARANHYEDYGDYWRGDYEVNGVDGYDYSRGQLIEDVEHTFEEIKPLYEHL
HAYVRAKLMNAYPSYISPIGCLPAHLLGDMWGRFWTNLYSLTVPFGQKPNIDVTDAMVDQAWDAQRIFKEAEKFFVSVGL
PNMTQGFWENSMLTDPGNVQKAVCHPTAWDLGKGDFRILMCTKVTMDDFLTAHHEMGHIQYDMAYAAQPFLLRNGANEGF
HEAVGEIMSLSAATPKHLKSIGLLSPDFQEDNETEINFLLKQALTIVGTLPFTYMLEKWRWMVFKGEIPKDQWMKKWWEM
KREIVGVVEPVPHDETYCDPASLFHVSNDYSFIRYYTRTLYQFQFQEALCQAAKHEGPLHKCDISNSTEAGQKLFNMLRL
GKSEPWTLALENVVGAKNMNVRPLLNYFEPLFTWLKDQNKNSFVGWSTDWSPYADQSIKVRISLKSALGDKAYEWNDNEM
YLFRSSVAYAMRQYFLKVKNQMILFGEEDVRVANLKPRISFNFFVTAPKNVSDIIPRTEVEKAIRMSRSRINDAFRLNDN
SLEFLGIQPTLGPPNQPPVSIWLIVFGVVMGVIVVGIVILIFTGIRDRKKKNKARSGENPYASIDISKGENNPGFQNTDD
VQTSFLEHHHHHHHHHH
;
B,C
#
loop_
_chem_comp.id
_chem_comp.type
_chem_comp.name
_chem_comp.formula
NAG D-saccharide, beta linking 2-acetamido-2-deoxy-beta-D-glucopyranose 'C8 H15 N O6'
WM8 non-polymer 2-(4-chloranyl-3,5-dimethyl-phenoxy)-~{N}-propan-2-yl-ethanamide 'C13 H18 Cl N O2'
#
# COMPACT_ATOMS: atom_id res chain seq x y z
N VAL A 22 70.01 -18.42 60.09
CA VAL A 22 71.27 -18.97 60.56
C VAL A 22 71.28 -20.48 60.36
N LEU A 23 70.16 -21.01 59.87
CA LEU A 23 69.98 -22.44 59.61
C LEU A 23 70.21 -23.24 60.88
N PRO A 24 69.29 -23.18 61.85
CA PRO A 24 69.46 -23.96 63.09
C PRO A 24 68.96 -25.39 63.00
N ASN A 25 68.47 -25.83 61.85
CA ASN A 25 67.94 -27.18 61.71
C ASN A 25 69.08 -28.19 61.68
N PRO A 26 69.10 -29.19 62.55
CA PRO A 26 70.11 -30.24 62.46
C PRO A 26 69.68 -31.36 61.53
N GLY A 27 70.65 -32.00 60.89
CA GLY A 27 70.35 -33.01 59.90
C GLY A 27 69.64 -32.47 58.68
N LEU A 28 70.11 -31.33 58.16
CA LEU A 28 69.43 -30.70 57.03
C LEU A 28 69.60 -31.48 55.73
N ASP A 29 70.65 -32.30 55.64
CA ASP A 29 70.94 -33.02 54.41
C ASP A 29 70.36 -34.43 54.39
N ALA A 30 69.98 -34.97 55.55
CA ALA A 30 69.52 -36.36 55.63
C ALA A 30 68.21 -36.60 54.89
N ARG A 31 67.48 -35.56 54.51
CA ARG A 31 66.19 -35.73 53.84
C ARG A 31 66.17 -35.26 52.39
N ILE A 32 66.94 -34.23 52.04
CA ILE A 32 66.94 -33.70 50.68
C ILE A 32 67.71 -34.65 49.76
N PRO A 33 67.23 -34.88 48.54
CA PRO A 33 68.02 -35.67 47.58
C PRO A 33 69.39 -35.05 47.32
N SER A 34 70.44 -35.82 47.56
CA SER A 34 71.80 -35.33 47.39
C SER A 34 72.14 -35.24 45.90
N LEU A 35 73.28 -34.59 45.61
CA LEU A 35 73.73 -34.47 44.23
C LEU A 35 74.05 -35.83 43.63
N ALA A 36 74.72 -36.70 44.40
CA ALA A 36 75.01 -38.04 43.92
C ALA A 36 73.72 -38.83 43.70
N GLU A 37 72.77 -38.73 44.63
CA GLU A 37 71.49 -39.39 44.45
C GLU A 37 70.74 -38.83 43.26
N LEU A 38 70.81 -37.53 43.03
CA LEU A 38 70.19 -36.93 41.85
C LEU A 38 70.83 -37.47 40.58
N GLU A 39 72.15 -37.62 40.57
CA GLU A 39 72.83 -38.18 39.40
C GLU A 39 72.41 -39.62 39.16
N THR A 40 72.31 -40.42 40.22
CA THR A 40 71.90 -41.81 40.06
C THR A 40 70.47 -41.92 39.55
N ILE A 41 69.55 -41.16 40.14
CA ILE A 41 68.15 -41.21 39.77
C ILE A 41 67.89 -40.64 38.38
N GLU A 42 68.89 -40.01 37.78
CA GLU A 42 68.71 -39.44 36.45
C GLU A 42 68.50 -40.53 35.41
N GLN A 43 67.57 -40.27 34.49
CA GLN A 43 67.26 -41.13 33.33
C GLN A 43 67.14 -42.61 33.71
N GLU A 44 66.60 -42.91 34.88
CA GLU A 44 66.37 -44.30 35.24
C GLU A 44 64.97 -44.52 35.81
N GLU A 45 64.33 -43.45 36.28
CA GLU A 45 63.01 -43.53 36.90
C GLU A 45 61.96 -43.00 35.93
N ALA A 46 60.95 -43.82 35.66
CA ALA A 46 59.85 -43.43 34.80
C ALA A 46 58.47 -43.77 35.34
N SER A 47 58.36 -44.72 36.26
CA SER A 47 57.06 -45.09 36.81
C SER A 47 56.51 -43.97 37.69
N SER A 48 55.19 -43.75 37.57
CA SER A 48 54.44 -42.78 38.37
C SER A 48 54.88 -41.34 38.13
N ARG A 49 55.80 -41.10 37.20
CA ARG A 49 56.29 -39.77 36.89
C ARG A 49 56.22 -39.57 35.38
N PRO A 50 55.04 -39.31 34.83
CA PRO A 50 54.91 -39.17 33.38
C PRO A 50 55.73 -38.00 32.86
N LYS A 51 56.70 -38.31 32.03
CA LYS A 51 57.58 -37.28 31.46
C LYS A 51 56.81 -36.39 30.50
N TRP A 52 57.09 -35.10 30.56
CA TRP A 52 56.42 -34.16 29.66
C TRP A 52 56.91 -34.32 28.24
N ASP A 53 56.13 -33.77 27.31
CA ASP A 53 56.57 -33.59 25.94
C ASP A 53 57.45 -32.34 25.88
N ASN A 54 57.68 -31.82 24.68
CA ASN A 54 58.52 -30.65 24.49
C ASN A 54 58.23 -29.59 25.54
N LYS A 55 59.30 -29.01 26.09
CA LYS A 55 59.18 -28.03 27.17
C LYS A 55 58.32 -26.83 26.76
N ALA A 56 58.26 -26.54 25.46
CA ALA A 56 57.39 -25.48 24.98
C ALA A 56 55.94 -25.74 25.34
N GLN A 57 55.50 -27.00 25.22
CA GLN A 57 54.14 -27.35 25.64
C GLN A 57 53.96 -27.14 27.14
N TYR A 58 55.02 -27.38 27.92
CA TYR A 58 54.91 -27.18 29.37
C TYR A 58 54.72 -25.70 29.69
N MET A 59 55.50 -24.83 29.08
CA MET A 59 55.27 -23.39 29.22
C MET A 59 53.89 -23.00 28.72
N LEU A 60 53.42 -23.65 27.65
CA LEU A 60 52.09 -23.35 27.13
C LEU A 60 51.02 -23.64 28.17
N THR A 61 51.09 -24.80 28.80
CA THR A 61 50.14 -25.14 29.86
C THR A 61 50.25 -24.16 31.02
N CYS A 62 51.46 -23.83 31.44
CA CYS A 62 51.63 -22.93 32.59
C CYS A 62 51.05 -21.54 32.30
N LEU A 63 51.38 -20.97 31.13
CA LEU A 63 50.89 -19.65 30.79
C LEU A 63 49.38 -19.67 30.58
N GLY A 64 48.85 -20.73 29.98
CA GLY A 64 47.41 -20.83 29.81
C GLY A 64 46.69 -20.88 31.13
N PHE A 65 47.19 -21.68 32.08
CA PHE A 65 46.56 -21.74 33.40
C PHE A 65 46.65 -20.39 34.10
N CYS A 66 47.79 -19.72 33.98
CA CYS A 66 47.95 -18.41 34.60
C CYS A 66 46.98 -17.38 34.05
N VAL A 67 46.84 -17.26 32.73
CA VAL A 67 45.92 -16.30 32.15
C VAL A 67 44.47 -16.70 32.41
N GLY A 68 44.17 -17.99 32.40
CA GLY A 68 42.81 -18.43 32.66
C GLY A 68 42.36 -18.08 34.06
N LEU A 69 43.20 -18.38 35.06
CA LEU A 69 42.84 -18.02 36.43
C LEU A 69 42.82 -16.51 36.61
N GLY A 70 43.80 -15.81 36.05
CA GLY A 70 43.94 -14.39 36.30
C GLY A 70 42.82 -13.55 35.71
N ASN A 71 42.40 -13.87 34.49
CA ASN A 71 41.58 -12.94 33.72
C ASN A 71 40.09 -13.10 34.00
N VAL A 72 39.53 -14.28 33.72
CA VAL A 72 38.08 -14.44 33.80
C VAL A 72 37.62 -14.21 35.23
N TRP A 73 36.57 -13.40 35.39
CA TRP A 73 35.88 -13.12 36.64
C TRP A 73 36.71 -12.30 37.62
N ARG A 74 37.98 -12.03 37.33
CA ARG A 74 38.83 -11.33 38.29
C ARG A 74 39.34 -10.00 37.78
N PHE A 75 39.97 -9.95 36.62
CA PHE A 75 40.54 -8.68 36.20
C PHE A 75 39.43 -7.73 35.74
N PRO A 76 38.63 -8.07 34.73
CA PRO A 76 37.53 -7.16 34.35
C PRO A 76 36.42 -7.07 35.39
N TYR A 77 36.56 -7.74 36.53
CA TYR A 77 35.61 -7.62 37.63
C TYR A 77 35.69 -6.20 38.21
N LEU A 78 34.94 -5.96 39.28
CA LEU A 78 34.93 -4.66 39.94
C LEU A 78 36.34 -4.14 40.25
N CYS A 79 37.36 -5.02 40.21
CA CYS A 79 38.73 -4.55 40.33
C CYS A 79 39.08 -3.59 39.20
N GLN A 80 38.70 -3.91 37.98
CA GLN A 80 38.95 -3.02 36.84
C GLN A 80 37.97 -1.86 36.77
N SER A 81 36.70 -2.08 37.09
CA SER A 81 35.66 -1.09 36.87
C SER A 81 35.41 -0.21 38.10
N HIS A 82 36.15 -0.42 39.18
CA HIS A 82 36.06 0.45 40.35
C HIS A 82 37.07 1.60 40.28
N GLY A 83 38.34 1.29 40.01
CA GLY A 83 39.28 2.34 39.68
C GLY A 83 38.91 3.04 38.39
N GLY A 84 38.36 2.29 37.43
CA GLY A 84 37.87 2.85 36.19
C GLY A 84 38.95 3.57 35.40
N GLY A 85 39.95 2.83 34.92
CA GLY A 85 41.07 3.45 34.26
C GLY A 85 42.41 3.13 34.89
N ALA A 86 43.00 4.12 35.55
CA ALA A 86 44.35 4.07 36.08
C ALA A 86 44.56 2.99 37.12
N PHE A 87 43.51 2.27 37.53
CA PHE A 87 43.65 1.21 38.52
C PHE A 87 44.77 0.24 38.14
N MET A 88 44.90 -0.03 36.85
CA MET A 88 45.86 -1.01 36.38
C MET A 88 47.30 -0.51 36.37
N ILE A 89 47.54 0.80 36.35
CA ILE A 89 48.92 1.29 36.28
C ILE A 89 49.75 0.87 37.48
N PRO A 90 49.28 1.01 38.73
CA PRO A 90 50.07 0.45 39.85
C PRO A 90 50.32 -1.03 39.72
N PHE A 91 49.29 -1.78 39.27
CA PHE A 91 49.36 -3.23 39.24
C PHE A 91 50.60 -3.72 38.50
N LEU A 92 50.81 -3.22 37.29
CA LEU A 92 51.97 -3.64 36.51
C LEU A 92 53.25 -3.40 37.29
N ILE A 93 53.39 -2.22 37.90
CA ILE A 93 54.57 -1.94 38.71
C ILE A 93 54.67 -2.96 39.85
N LEU A 94 53.57 -3.19 40.55
CA LEU A 94 53.57 -4.16 41.63
C LEU A 94 54.00 -5.53 41.13
N LEU A 95 53.73 -5.83 39.85
CA LEU A 95 54.25 -7.03 39.22
C LEU A 95 55.73 -7.20 39.52
N VAL A 96 56.55 -6.25 39.06
CA VAL A 96 57.99 -6.40 39.20
C VAL A 96 58.40 -6.35 40.67
N LEU A 97 57.53 -5.88 41.56
CA LEU A 97 57.85 -5.85 42.97
C LEU A 97 57.50 -7.15 43.69
N GLU A 98 56.61 -7.97 43.13
CA GLU A 98 56.25 -9.23 43.76
C GLU A 98 56.18 -10.41 42.81
N GLY A 99 55.96 -10.19 41.51
CA GLY A 99 55.82 -11.28 40.58
C GLY A 99 57.11 -11.98 40.24
N ILE A 100 58.03 -11.25 39.59
CA ILE A 100 59.27 -11.87 39.12
C ILE A 100 60.08 -12.52 40.25
N PRO A 101 60.32 -11.86 41.39
CA PRO A 101 61.12 -12.50 42.44
C PRO A 101 60.52 -13.80 42.96
N LEU A 102 59.30 -13.73 43.49
CA LEU A 102 58.71 -14.91 44.13
C LEU A 102 58.45 -16.02 43.13
N LEU A 103 58.00 -15.67 41.92
CA LEU A 103 57.86 -16.68 40.87
C LEU A 103 59.20 -17.32 40.53
N TYR A 104 60.29 -16.55 40.63
CA TYR A 104 61.62 -17.15 40.50
C TYR A 104 61.94 -18.03 41.70
N LEU A 105 61.48 -17.64 42.90
CA LEU A 105 61.66 -18.49 44.06
C LEU A 105 60.86 -19.78 43.92
N GLU A 106 59.65 -19.69 43.39
CA GLU A 106 58.91 -20.88 42.98
C GLU A 106 59.44 -21.33 41.62
N PHE A 107 58.75 -22.29 41.00
CA PHE A 107 59.06 -22.79 39.66
C PHE A 107 60.39 -23.51 39.63
N ALA A 108 61.14 -23.53 40.73
CA ALA A 108 62.43 -24.20 40.80
C ALA A 108 62.59 -25.10 42.03
N ILE A 109 61.88 -24.83 43.12
CA ILE A 109 61.92 -25.73 44.27
C ILE A 109 61.41 -27.11 43.88
N GLY A 110 60.30 -27.16 43.15
CA GLY A 110 59.81 -28.42 42.64
C GLY A 110 60.77 -29.05 41.66
N GLN A 111 61.48 -28.23 40.88
CA GLN A 111 62.49 -28.74 39.98
C GLN A 111 63.64 -29.41 40.73
N ARG A 112 64.09 -28.78 41.81
CA ARG A 112 65.21 -29.34 42.57
C ARG A 112 64.79 -30.57 43.35
N LEU A 113 63.63 -30.52 44.00
CA LEU A 113 63.20 -31.58 44.90
C LEU A 113 62.51 -32.74 44.20
N ARG A 114 62.17 -32.61 42.92
CA ARG A 114 61.41 -33.60 42.17
C ARG A 114 60.08 -33.96 42.84
N ARG A 115 59.54 -33.06 43.66
CA ARG A 115 58.28 -33.29 44.34
C ARG A 115 57.76 -31.95 44.83
N GLY A 116 56.43 -31.82 44.86
CA GLY A 116 55.79 -30.57 45.27
C GLY A 116 54.71 -30.83 46.28
N SER A 117 53.74 -29.91 46.32
CA SER A 117 52.60 -29.99 47.22
C SER A 117 53.03 -30.16 48.67
N LEU A 118 52.83 -31.36 49.22
CA LEU A 118 53.24 -31.66 50.58
C LEU A 118 54.71 -32.06 50.68
N GLY A 119 55.35 -32.41 49.56
CA GLY A 119 56.73 -32.85 49.62
C GLY A 119 57.67 -31.75 50.07
N VAL A 120 57.48 -30.53 49.55
CA VAL A 120 58.39 -29.44 49.85
C VAL A 120 58.38 -29.11 51.33
N TRP A 121 57.19 -29.01 51.93
CA TRP A 121 57.09 -28.63 53.33
C TRP A 121 57.03 -29.82 54.28
N SER A 122 57.13 -31.05 53.75
CA SER A 122 57.33 -32.22 54.58
C SER A 122 58.79 -32.63 54.67
N SER A 123 59.52 -32.53 53.56
CA SER A 123 60.93 -32.92 53.54
C SER A 123 61.82 -31.90 54.25
N ILE A 124 61.39 -30.65 54.35
CA ILE A 124 62.16 -29.60 55.02
C ILE A 124 61.30 -29.03 56.15
N HIS A 125 61.87 -29.01 57.36
CA HIS A 125 61.23 -28.46 58.55
C HIS A 125 59.82 -29.03 58.72
N PRO A 126 59.69 -30.32 59.06
CA PRO A 126 58.36 -30.92 59.16
C PRO A 126 57.55 -30.44 60.35
N ALA A 127 58.11 -29.58 61.20
CA ALA A 127 57.41 -29.14 62.40
C ALA A 127 56.15 -28.36 62.05
N LEU A 128 56.20 -27.49 61.05
CA LEU A 128 55.04 -26.66 60.74
C LEU A 128 54.08 -27.35 59.80
N LYS A 129 54.57 -27.81 58.66
CA LYS A 129 53.78 -28.53 57.65
C LYS A 129 52.37 -27.96 57.48
N GLY A 130 52.25 -26.62 57.49
CA GLY A 130 50.95 -26.00 57.51
C GLY A 130 50.51 -25.42 56.18
N LEU A 131 51.46 -25.10 55.31
CA LEU A 131 51.10 -24.55 54.01
C LEU A 131 50.50 -25.60 53.09
N GLY A 132 50.75 -26.88 53.34
CA GLY A 132 50.18 -27.93 52.53
C GLY A 132 48.65 -27.96 52.56
N LEU A 133 48.09 -28.21 53.74
CA LEU A 133 46.64 -28.22 53.85
C LEU A 133 46.05 -26.83 53.61
N ALA A 134 46.82 -25.77 53.88
CA ALA A 134 46.34 -24.43 53.59
C ALA A 134 46.11 -24.24 52.09
N SER A 135 47.09 -24.63 51.28
CA SER A 135 46.93 -24.55 49.83
C SER A 135 45.84 -25.50 49.34
N MET A 136 45.73 -26.67 49.97
CA MET A 136 44.64 -27.58 49.65
C MET A 136 43.28 -26.89 49.82
N LEU A 137 43.06 -26.29 51.00
CA LEU A 137 41.80 -25.63 51.27
C LEU A 137 41.57 -24.46 50.34
N THR A 138 42.61 -23.68 50.06
CA THR A 138 42.46 -22.53 49.17
C THR A 138 42.06 -22.97 47.77
N SER A 139 42.72 -24.00 47.25
CA SER A 139 42.36 -24.51 45.92
C SER A 139 40.95 -25.07 45.90
N PHE A 140 40.55 -25.76 46.96
CA PHE A 140 39.20 -26.32 47.00
C PHE A 140 38.15 -25.22 47.02
N MET A 141 38.38 -24.16 47.83
CA MET A 141 37.46 -23.03 47.83
C MET A 141 37.37 -22.38 46.46
N VAL A 142 38.52 -22.19 45.79
CA VAL A 142 38.51 -21.54 44.48
C VAL A 142 37.73 -22.37 43.48
N GLY A 143 37.97 -23.68 43.46
CA GLY A 143 37.27 -24.55 42.53
C GLY A 143 35.78 -24.62 42.79
N LEU A 144 35.39 -24.60 44.08
CA LEU A 144 33.99 -24.75 44.44
C LEU A 144 33.11 -23.68 43.81
N TYR A 145 33.65 -22.49 43.57
CA TYR A 145 32.88 -21.42 42.96
C TYR A 145 33.21 -21.18 41.50
N TYR A 146 34.42 -21.50 41.05
CA TYR A 146 34.66 -21.45 39.62
C TYR A 146 33.84 -22.49 38.88
N ASN A 147 33.44 -23.57 39.55
CA ASN A 147 32.52 -24.50 38.92
C ASN A 147 31.16 -23.85 38.66
N THR A 148 30.65 -23.06 39.61
CA THR A 148 29.42 -22.30 39.35
C THR A 148 29.60 -21.31 38.22
N ILE A 149 30.73 -20.62 38.20
CA ILE A 149 30.96 -19.62 37.16
C ILE A 149 30.95 -20.26 35.79
N ILE A 150 31.66 -21.39 35.65
CA ILE A 150 31.70 -22.06 34.35
C ILE A 150 30.34 -22.65 34.02
N SER A 151 29.57 -23.07 35.03
CA SER A 151 28.21 -23.56 34.78
C SER A 151 27.34 -22.46 34.20
N TRP A 152 27.40 -21.25 34.75
CA TRP A 152 26.63 -20.15 34.20
C TRP A 152 27.08 -19.81 32.79
N ILE A 153 28.40 -19.82 32.54
CA ILE A 153 28.90 -19.52 31.21
C ILE A 153 28.36 -20.52 30.20
N MET A 154 28.41 -21.80 30.53
CA MET A 154 27.94 -22.80 29.57
C MET A 154 26.42 -22.81 29.45
N TRP A 155 25.70 -22.38 30.50
CA TRP A 155 24.26 -22.23 30.38
C TRP A 155 23.92 -21.11 29.41
N TYR A 156 24.63 -19.99 29.50
CA TYR A 156 24.42 -18.92 28.52
C TYR A 156 24.81 -19.37 27.12
N LEU A 157 25.81 -20.25 27.02
CA LEU A 157 26.15 -20.82 25.72
C LEU A 157 25.02 -21.68 25.17
N PHE A 158 24.35 -22.44 26.04
CA PHE A 158 23.27 -23.31 25.59
C PHE A 158 22.14 -22.53 24.95
N ASN A 159 21.77 -21.40 25.55
CA ASN A 159 20.63 -20.62 25.07
C ASN A 159 20.94 -19.87 23.79
N SER A 160 22.18 -19.91 23.29
CA SER A 160 22.53 -19.33 22.01
C SER A 160 22.12 -20.25 20.87
N PHE A 161 22.65 -20.01 19.67
CA PHE A 161 22.37 -20.81 18.48
C PHE A 161 20.95 -20.60 17.98
N GLN A 162 20.46 -19.37 18.11
CA GLN A 162 19.14 -19.00 17.62
C GLN A 162 19.14 -17.50 17.34
N GLU A 163 18.44 -17.10 16.29
CA GLU A 163 18.37 -15.67 15.96
C GLU A 163 17.66 -14.87 17.04
N PRO A 164 16.46 -15.23 17.51
CA PRO A 164 15.87 -14.40 18.57
C PRO A 164 16.45 -14.74 19.95
N LEU A 165 17.59 -14.13 20.24
CA LEU A 165 18.24 -14.36 21.52
C LEU A 165 17.33 -13.92 22.65
N PRO A 166 17.21 -14.71 23.72
CA PRO A 166 16.29 -14.33 24.80
C PRO A 166 16.61 -13.00 25.44
N TRP A 167 17.87 -12.61 25.50
CA TRP A 167 18.25 -11.32 26.07
C TRP A 167 18.17 -10.21 25.03
N SER A 168 17.05 -10.14 24.32
CA SER A 168 16.85 -9.09 23.31
C SER A 168 15.47 -8.46 23.36
N ASP A 169 14.47 -9.12 23.94
CA ASP A 169 13.13 -8.56 24.01
C ASP A 169 12.43 -9.14 25.24
N CYS A 170 11.57 -8.31 25.85
CA CYS A 170 10.85 -8.74 27.03
C CYS A 170 9.79 -9.78 26.67
N PRO A 171 9.47 -10.69 27.60
CA PRO A 171 8.39 -11.65 27.34
C PRO A 171 7.04 -11.05 27.67
N LEU A 172 6.12 -11.09 26.71
CA LEU A 172 4.78 -10.58 26.94
C LEU A 172 4.05 -11.42 27.97
N ASN A 173 3.37 -10.76 28.90
CA ASN A 173 2.68 -11.45 29.98
C ASN A 173 1.35 -12.00 29.48
N GLU A 174 0.50 -12.46 30.41
CA GLU A 174 -0.75 -13.12 30.04
C GLU A 174 -1.72 -12.18 29.32
N ASN A 175 -1.53 -10.87 29.42
CA ASN A 175 -2.42 -9.93 28.76
C ASN A 175 -2.32 -9.99 27.24
N GLN A 176 -1.27 -10.62 26.71
CA GLN A 176 -1.05 -10.80 25.27
C GLN A 176 -0.83 -9.49 24.53
N THR A 177 -0.64 -8.38 25.25
CA THR A 177 -0.41 -7.09 24.61
C THR A 177 0.66 -6.25 25.27
N GLY A 178 1.25 -6.70 26.39
CA GLY A 178 2.25 -5.92 27.08
C GLY A 178 3.19 -6.83 27.85
N TYR A 179 4.26 -6.22 28.38
CA TYR A 179 5.29 -6.94 29.10
C TYR A 179 5.06 -6.85 30.60
N VAL A 180 5.76 -7.71 31.34
CA VAL A 180 5.68 -7.70 32.79
C VAL A 180 6.30 -6.42 33.32
N ASP A 181 5.83 -5.97 34.49
CA ASP A 181 6.35 -4.73 35.07
C ASP A 181 7.83 -4.84 35.40
N GLU A 182 8.26 -6.01 35.87
CA GLU A 182 9.68 -6.21 36.17
C GLU A 182 10.53 -6.04 34.92
N CYS A 183 10.08 -6.61 33.80
CA CYS A 183 10.82 -6.48 32.56
C CYS A 183 10.67 -5.09 31.96
N ALA A 184 9.53 -4.44 32.17
CA ALA A 184 9.31 -3.12 31.59
C ALA A 184 10.16 -2.06 32.28
N ARG A 185 10.18 -2.06 33.62
CA ARG A 185 10.93 -1.05 34.34
C ARG A 185 12.43 -1.22 34.14
N SER A 186 12.92 -2.45 34.19
CA SER A 186 14.35 -2.72 34.01
C SER A 186 14.63 -3.03 32.54
N SER A 187 15.82 -3.52 32.26
CA SER A 187 16.25 -3.90 30.93
C SER A 187 15.75 -5.31 30.59
N PRO A 188 15.68 -5.65 29.30
CA PRO A 188 15.38 -7.05 28.95
C PRO A 188 16.47 -8.02 29.37
N VAL A 189 17.74 -7.68 29.13
CA VAL A 189 18.83 -8.57 29.50
C VAL A 189 18.94 -8.68 31.01
N ASP A 190 18.68 -7.59 31.72
CA ASP A 190 18.71 -7.61 33.18
C ASP A 190 17.65 -8.56 33.71
N TYR A 191 16.45 -8.51 33.15
CA TYR A 191 15.39 -9.43 33.55
C TYR A 191 15.75 -10.86 33.22
N PHE A 192 16.33 -11.09 32.03
CA PHE A 192 16.66 -12.46 31.64
C PHE A 192 17.71 -13.06 32.56
N TRP A 193 18.72 -12.27 32.93
CA TRP A 193 19.75 -12.79 33.84
C TRP A 193 19.20 -12.99 35.24
N TYR A 194 18.49 -12.00 35.78
CA TYR A 194 18.11 -12.05 37.19
C TYR A 194 16.87 -12.91 37.44
N ARG A 195 16.00 -13.08 36.45
CA ARG A 195 14.76 -13.83 36.64
C ARG A 195 14.72 -15.13 35.87
N GLU A 196 14.98 -15.10 34.57
CA GLU A 196 14.86 -16.30 33.75
C GLU A 196 15.92 -17.33 34.11
N THR A 197 17.14 -16.90 34.44
CA THR A 197 18.23 -17.82 34.75
C THR A 197 18.43 -17.98 36.26
N LEU A 198 18.69 -16.88 36.97
CA LEU A 198 19.00 -16.98 38.39
C LEU A 198 17.75 -17.25 39.22
N ASN A 199 16.63 -16.62 38.88
CA ASN A 199 15.42 -16.63 39.73
C ASN A 199 15.76 -16.18 41.15
N ILE A 200 16.55 -15.10 41.22
CA ILE A 200 17.13 -14.66 42.48
C ILE A 200 16.03 -14.29 43.48
N SER A 201 16.34 -14.47 44.76
CA SER A 201 15.39 -14.22 45.84
C SER A 201 15.37 -12.75 46.20
N THR A 202 14.56 -12.39 47.21
CA THR A 202 14.49 -11.01 47.65
C THR A 202 15.39 -10.72 48.85
N SER A 203 16.08 -11.73 49.36
CA SER A 203 16.96 -11.55 50.51
C SER A 203 17.83 -12.79 50.65
N ILE A 204 18.66 -12.80 51.69
CA ILE A 204 19.47 -13.99 51.98
C ILE A 204 18.71 -14.93 52.92
N SER A 205 17.79 -14.40 53.72
CA SER A 205 17.11 -15.21 54.72
C SER A 205 16.12 -16.19 54.13
N ASP A 206 15.65 -15.96 52.90
CA ASP A 206 14.67 -16.83 52.28
C ASP A 206 15.36 -17.80 51.32
N SER A 207 14.86 -19.03 51.30
CA SER A 207 15.37 -20.09 50.44
C SER A 207 14.31 -20.45 49.41
N GLY A 208 14.75 -20.65 48.17
CA GLY A 208 13.86 -20.94 47.07
C GLY A 208 13.84 -22.40 46.70
N SER A 209 13.50 -22.67 45.44
CA SER A 209 13.38 -24.03 44.94
C SER A 209 14.77 -24.59 44.64
N ILE A 210 14.82 -25.73 43.97
CA ILE A 210 16.10 -26.37 43.66
C ILE A 210 16.70 -25.86 42.35
N GLN A 211 15.92 -25.20 41.49
CA GLN A 211 16.39 -24.68 40.21
C GLN A 211 17.03 -25.79 39.38
N TRP A 212 16.19 -26.74 38.99
CA TRP A 212 16.67 -28.00 38.42
C TRP A 212 17.55 -27.77 37.19
N TRP A 213 17.24 -26.78 36.36
CA TRP A 213 18.04 -26.54 35.16
C TRP A 213 19.46 -26.12 35.53
N MET A 214 19.60 -25.28 36.56
CA MET A 214 20.93 -24.87 36.99
C MET A 214 21.74 -26.07 37.50
N LEU A 215 21.11 -26.95 38.29
CA LEU A 215 21.80 -28.12 38.80
C LEU A 215 22.19 -29.06 37.66
N LEU A 216 21.31 -29.22 36.68
CA LEU A 216 21.63 -30.04 35.51
C LEU A 216 22.81 -29.47 34.74
N CYS A 217 22.85 -28.14 34.57
CA CYS A 217 23.95 -27.51 33.87
C CYS A 217 25.27 -27.69 34.64
N LEU A 218 25.21 -27.54 35.97
CA LEU A 218 26.40 -27.77 36.78
C LEU A 218 26.88 -29.20 36.67
N ALA A 219 25.95 -30.16 36.61
CA ALA A 219 26.33 -31.55 36.42
C ALA A 219 27.02 -31.76 35.09
N CYS A 220 26.50 -31.15 34.02
CA CYS A 220 27.15 -31.26 32.72
C CYS A 220 28.55 -30.65 32.75
N ALA A 221 28.71 -29.52 33.44
CA ALA A 221 30.02 -28.90 33.56
C ALA A 221 31.01 -29.82 34.28
N TRP A 222 30.57 -30.43 35.38
CA TRP A 222 31.44 -31.35 36.09
C TRP A 222 31.80 -32.54 35.21
N SER A 223 30.83 -33.04 34.43
CA SER A 223 31.11 -34.18 33.56
C SER A 223 32.16 -33.84 32.51
N VAL A 224 32.05 -32.68 31.88
CA VAL A 224 33.03 -32.34 30.84
C VAL A 224 34.39 -32.08 31.47
N LEU A 225 34.42 -31.46 32.65
CA LEU A 225 35.70 -31.26 33.33
C LEU A 225 36.36 -32.59 33.66
N TYR A 226 35.57 -33.56 34.14
CA TYR A 226 36.10 -34.89 34.37
C TYR A 226 36.64 -35.52 33.09
N MET A 227 35.89 -35.42 31.99
CA MET A 227 36.32 -36.05 30.75
C MET A 227 37.64 -35.45 30.27
N CYS A 228 37.76 -34.12 30.37
CA CYS A 228 38.95 -33.45 29.86
C CYS A 228 40.20 -33.76 30.69
N THR A 229 40.04 -34.33 31.89
CA THR A 229 41.19 -34.73 32.70
C THR A 229 40.76 -35.88 33.61
N ILE A 230 41.15 -37.10 33.24
CA ILE A 230 40.75 -38.30 33.98
C ILE A 230 41.98 -39.10 34.40
N ARG A 231 43.08 -38.95 33.65
CA ARG A 231 44.28 -39.72 33.91
C ARG A 231 45.45 -38.89 34.41
N GLY A 232 45.35 -37.57 34.36
CA GLY A 232 46.43 -36.73 34.82
C GLY A 232 46.96 -35.78 33.77
N ILE A 233 48.28 -35.59 33.74
CA ILE A 233 48.88 -34.64 32.82
C ILE A 233 48.77 -35.13 31.38
N GLU A 234 48.80 -36.44 31.18
CA GLU A 234 48.75 -36.98 29.82
C GLU A 234 47.45 -36.61 29.12
N THR A 235 46.33 -36.66 29.83
CA THR A 235 45.07 -36.23 29.24
C THR A 235 44.98 -34.72 29.15
N THR A 236 45.54 -34.02 30.15
CA THR A 236 45.44 -32.56 30.19
C THR A 236 46.17 -31.92 29.02
N GLY A 237 47.36 -32.42 28.69
CA GLY A 237 48.16 -31.81 27.65
C GLY A 237 47.53 -31.86 26.28
N LYS A 238 46.79 -32.94 25.99
CA LYS A 238 46.12 -33.05 24.70
C LYS A 238 45.08 -31.95 24.51
N ALA A 239 44.30 -31.67 25.56
CA ALA A 239 43.31 -30.61 25.46
C ALA A 239 43.94 -29.23 25.53
N VAL A 240 45.07 -29.09 26.21
CA VAL A 240 45.68 -27.78 26.41
C VAL A 240 46.05 -27.14 25.07
N TYR A 241 46.50 -27.95 24.11
CA TYR A 241 47.01 -27.40 22.85
C TYR A 241 45.98 -26.52 22.15
N ILE A 242 44.68 -26.78 22.36
CA ILE A 242 43.65 -25.91 21.85
C ILE A 242 43.05 -25.01 22.94
N THR A 243 43.01 -25.47 24.19
CA THR A 243 42.37 -24.69 25.25
C THR A 243 43.14 -23.41 25.52
N SER A 244 44.47 -23.44 25.43
CA SER A 244 45.28 -22.28 25.72
C SER A 244 45.57 -21.43 24.49
N THR A 245 45.01 -21.79 23.33
CA THR A 245 45.24 -21.06 22.10
C THR A 245 43.98 -20.46 21.50
N LEU A 246 42.84 -21.14 21.68
CA LEU A 246 41.58 -20.60 21.18
C LEU A 246 41.34 -19.16 21.68
N PRO A 247 41.25 -18.98 23.01
CA PRO A 247 40.94 -17.61 23.46
C PRO A 247 41.85 -16.54 22.90
N TYR A 248 43.12 -16.85 22.70
CA TYR A 248 44.04 -15.86 22.15
C TYR A 248 43.66 -15.48 20.72
N VAL A 249 43.26 -16.47 19.92
CA VAL A 249 42.86 -16.14 18.55
C VAL A 249 41.52 -15.40 18.56
N VAL A 250 40.62 -15.72 19.49
CA VAL A 250 39.33 -15.04 19.49
C VAL A 250 39.45 -13.60 19.97
N LEU A 251 40.36 -13.31 20.89
CA LEU A 251 40.49 -11.97 21.41
C LEU A 251 40.88 -10.97 20.33
N THR A 252 41.78 -11.36 19.44
CA THR A 252 42.19 -10.45 18.37
C THR A 252 41.04 -10.14 17.42
N ILE A 253 40.26 -11.15 17.05
CA ILE A 253 39.14 -10.90 16.13
C ILE A 253 38.06 -10.07 16.81
N PHE A 254 37.83 -10.30 18.10
CA PHE A 254 36.89 -9.45 18.82
C PHE A 254 37.39 -8.02 18.91
N LEU A 255 38.69 -7.83 19.09
CA LEU A 255 39.24 -6.48 19.08
C LEU A 255 39.03 -5.80 17.73
N ILE A 256 39.46 -6.46 16.65
CA ILE A 256 39.37 -5.85 15.33
C ILE A 256 37.91 -5.60 14.94
N ARG A 257 36.99 -6.40 15.47
CA ARG A 257 35.57 -6.04 15.35
C ARG A 257 35.23 -4.85 16.23
N GLY A 258 35.91 -4.70 17.35
CA GLY A 258 35.63 -3.60 18.25
C GLY A 258 36.00 -2.24 17.68
N LEU A 259 37.15 -2.15 17.00
CA LEU A 259 37.52 -0.85 16.44
C LEU A 259 36.55 -0.40 15.35
N THR A 260 36.08 -1.32 14.51
CA THR A 260 35.18 -0.94 13.43
C THR A 260 33.75 -0.80 13.92
N LEU A 261 33.55 -0.03 14.98
CA LEU A 261 32.23 0.19 15.54
C LEU A 261 32.04 1.68 15.81
N LYS A 262 30.81 2.15 15.62
CA LYS A 262 30.51 3.56 15.81
C LYS A 262 30.75 3.96 17.26
N GLY A 263 31.43 5.09 17.45
CA GLY A 263 31.68 5.61 18.77
C GLY A 263 32.79 4.92 19.53
N ALA A 264 33.49 3.97 18.91
CA ALA A 264 34.58 3.30 19.58
C ALA A 264 35.78 4.23 19.72
N THR A 265 36.86 3.69 20.28
CA THR A 265 38.09 4.44 20.55
C THR A 265 37.85 5.59 21.52
N ASN A 266 36.64 5.69 22.06
CA ASN A 266 36.38 6.60 23.17
C ASN A 266 36.69 5.94 24.50
N GLY A 267 36.37 4.66 24.62
CA GLY A 267 36.74 3.91 25.80
C GLY A 267 38.24 3.78 25.97
N ILE A 268 38.97 3.67 24.85
CA ILE A 268 40.42 3.55 24.94
C ILE A 268 41.03 4.83 25.51
N VAL A 269 40.59 5.99 25.03
CA VAL A 269 41.12 7.24 25.55
C VAL A 269 40.57 7.52 26.94
N PHE A 270 39.43 6.92 27.30
CA PHE A 270 38.98 6.98 28.69
C PHE A 270 39.90 6.18 29.60
N LEU A 271 40.30 5.00 29.15
CA LEU A 271 41.21 4.16 29.94
C LEU A 271 42.58 4.81 30.07
N PHE A 272 43.09 5.39 28.98
CA PHE A 272 44.45 5.95 29.02
C PHE A 272 44.53 7.13 29.99
N THR A 273 43.52 7.99 30.00
CA THR A 273 43.54 9.16 30.86
C THR A 273 43.31 8.76 32.31
N PRO A 274 44.23 9.06 33.22
CA PRO A 274 44.04 8.74 34.63
C PRO A 274 43.48 9.94 35.39
N ASN A 275 43.08 9.71 36.64
CA ASN A 275 42.83 10.80 37.58
C ASN A 275 43.78 10.61 38.75
N VAL A 276 44.32 11.72 39.25
CA VAL A 276 45.27 11.68 40.35
C VAL A 276 44.59 11.26 41.66
N THR A 277 43.35 11.71 41.87
CA THR A 277 42.69 11.45 43.15
C THR A 277 42.49 9.96 43.40
N GLU A 278 42.20 9.18 42.35
CA GLU A 278 42.10 7.74 42.51
C GLU A 278 43.44 7.14 42.91
N LEU A 279 44.53 7.64 42.33
CA LEU A 279 45.86 7.20 42.76
C LEU A 279 46.14 7.59 44.20
N ALA A 280 45.55 8.70 44.66
CA ALA A 280 45.81 9.15 46.03
C ALA A 280 45.29 8.14 47.05
N GLN A 281 44.12 7.57 46.79
CA GLN A 281 43.56 6.60 47.72
C GLN A 281 44.34 5.29 47.62
N PRO A 282 44.92 4.80 48.72
CA PRO A 282 45.75 3.59 48.65
C PRO A 282 45.02 2.27 48.70
N ASP A 283 43.68 2.26 48.70
CA ASP A 283 42.98 0.98 48.60
C ASP A 283 43.21 0.32 47.25
N THR A 284 43.40 1.13 46.21
CA THR A 284 43.72 0.59 44.90
C THR A 284 45.04 -0.17 44.93
N TRP A 285 46.00 0.28 45.74
CA TRP A 285 47.24 -0.47 45.92
C TRP A 285 46.96 -1.87 46.47
N LEU A 286 46.12 -1.94 47.51
CA LEU A 286 45.78 -3.24 48.09
C LEU A 286 45.09 -4.13 47.08
N ASP A 287 44.13 -3.58 46.34
CA ASP A 287 43.41 -4.38 45.36
C ASP A 287 44.33 -4.86 44.25
N ALA A 288 45.24 -4.00 43.79
CA ALA A 288 46.18 -4.39 42.75
C ALA A 288 47.13 -5.48 43.24
N GLY A 289 47.59 -5.38 44.49
CA GLY A 289 48.44 -6.43 45.03
C GLY A 289 47.71 -7.76 45.13
N ALA A 290 46.49 -7.75 45.67
CA ALA A 290 45.71 -8.97 45.74
C ALA A 290 45.44 -9.53 44.35
N GLN A 291 45.17 -8.66 43.38
CA GLN A 291 44.87 -9.12 42.04
C GLN A 291 46.09 -9.71 41.35
N VAL A 292 47.27 -9.11 41.53
CA VAL A 292 48.45 -9.68 40.91
C VAL A 292 48.81 -11.02 41.56
N PHE A 293 48.62 -11.11 42.88
CA PHE A 293 48.88 -12.38 43.56
C PHE A 293 47.92 -13.47 43.07
N PHE A 294 46.64 -13.10 42.88
CA PHE A 294 45.68 -14.07 42.35
C PHE A 294 46.00 -14.45 40.91
N SER A 295 46.32 -13.47 40.08
CA SER A 295 46.50 -13.66 38.65
C SER A 295 47.73 -14.51 38.34
N PHE A 296 48.85 -14.22 38.99
CA PHE A 296 50.05 -14.99 38.72
C PHE A 296 49.92 -16.40 39.31
N SER A 297 49.02 -16.54 40.28
CA SER A 297 48.66 -17.84 40.87
C SER A 297 49.82 -18.47 41.64
N LEU A 298 50.49 -17.68 42.48
CA LEU A 298 51.51 -18.27 43.34
C LEU A 298 50.86 -18.80 44.63
N ALA A 299 51.68 -19.50 45.42
CA ALA A 299 51.25 -20.07 46.70
C ALA A 299 50.00 -20.91 46.54
N PHE A 300 49.93 -21.65 45.43
CA PHE A 300 48.78 -22.48 45.09
C PHE A 300 49.09 -23.95 44.98
N GLY A 301 50.37 -24.32 44.85
CA GLY A 301 50.76 -25.70 44.70
C GLY A 301 50.67 -26.23 43.29
N GLY A 302 50.03 -25.50 42.38
CA GLY A 302 49.95 -25.98 41.01
C GLY A 302 51.27 -25.89 40.28
N LEU A 303 51.94 -24.74 40.37
CA LEU A 303 53.17 -24.52 39.61
C LEU A 303 54.28 -25.48 40.04
N ILE A 304 54.42 -25.69 41.35
CA ILE A 304 55.40 -26.64 41.83
C ILE A 304 55.08 -28.04 41.30
N SER A 305 53.78 -28.36 41.22
CA SER A 305 53.36 -29.65 40.70
C SER A 305 53.67 -29.82 39.22
N PHE A 306 53.47 -28.79 38.39
CA PHE A 306 53.94 -28.88 37.02
C PHE A 306 55.46 -29.05 36.98
N SER A 307 56.18 -28.28 37.81
CA SER A 307 57.63 -28.24 37.71
C SER A 307 58.28 -29.52 38.23
N SER A 308 57.59 -30.30 39.07
CA SER A 308 58.20 -31.48 39.65
C SER A 308 58.51 -32.58 38.64
N TYR A 309 58.01 -32.48 37.41
CA TYR A 309 58.29 -33.47 36.36
C TYR A 309 59.11 -32.88 35.23
N ASN A 310 60.17 -32.15 35.55
CA ASN A 310 61.10 -31.64 34.56
C ASN A 310 62.51 -32.15 34.84
N SER A 311 63.33 -32.19 33.79
CA SER A 311 64.72 -32.58 33.92
C SER A 311 65.47 -31.57 34.78
N VAL A 312 66.53 -32.04 35.43
CA VAL A 312 67.31 -31.17 36.32
C VAL A 312 67.94 -30.03 35.52
N HIS A 313 68.47 -30.32 34.34
CA HIS A 313 69.16 -29.32 33.54
C HIS A 313 68.21 -28.41 32.77
N ASN A 314 66.90 -28.60 32.90
CA ASN A 314 65.93 -27.77 32.20
C ASN A 314 66.04 -26.31 32.62
N ASN A 315 66.01 -25.42 31.63
CA ASN A 315 66.09 -24.00 31.91
C ASN A 315 64.81 -23.51 32.59
N CYS A 316 64.98 -22.61 33.57
CA CYS A 316 63.84 -22.07 34.31
C CYS A 316 63.81 -20.55 34.41
N GLU A 317 64.95 -19.86 34.31
CA GLU A 317 64.97 -18.42 34.53
C GLU A 317 64.33 -17.65 33.38
N LYS A 318 64.53 -18.09 32.14
CA LYS A 318 64.06 -17.35 30.98
C LYS A 318 62.60 -17.65 30.66
N ASP A 319 62.19 -18.91 30.79
CA ASP A 319 60.79 -19.25 30.53
C ASP A 319 59.87 -18.56 31.53
N SER A 320 60.35 -18.35 32.76
CA SER A 320 59.55 -17.65 33.76
C SER A 320 59.25 -16.22 33.33
N VAL A 321 60.28 -15.49 32.89
CA VAL A 321 60.05 -14.11 32.45
C VAL A 321 59.25 -14.08 31.16
N ILE A 322 59.39 -15.10 30.30
CA ILE A 322 58.57 -15.17 29.10
C ILE A 322 57.09 -15.29 29.48
N VAL A 323 56.78 -16.18 30.42
CA VAL A 323 55.41 -16.34 30.89
C VAL A 323 54.90 -15.04 31.52
N SER A 324 55.74 -14.39 32.32
CA SER A 324 55.34 -13.15 32.97
C SER A 324 55.01 -12.08 31.95
N ILE A 325 55.85 -11.94 30.91
CA ILE A 325 55.60 -10.94 29.87
C ILE A 325 54.32 -11.27 29.11
N ILE A 326 54.11 -12.55 28.80
CA ILE A 326 52.89 -12.93 28.09
C ILE A 326 51.65 -12.57 28.91
N ASN A 327 51.68 -12.87 30.22
CA ASN A 327 50.54 -12.55 31.08
C ASN A 327 50.32 -11.04 31.15
N GLY A 328 51.40 -10.27 31.30
CA GLY A 328 51.27 -8.83 31.37
C GLY A 328 50.72 -8.22 30.10
N PHE A 329 51.09 -8.78 28.94
CA PHE A 329 50.56 -8.24 27.68
C PHE A 329 49.11 -8.66 27.45
N THR A 330 48.76 -9.90 27.81
CA THR A 330 47.38 -10.34 27.65
C THR A 330 46.43 -9.54 28.54
N SER A 331 46.89 -9.14 29.73
CA SER A 331 46.06 -8.29 30.58
C SER A 331 45.74 -6.96 29.88
N VAL A 332 46.75 -6.33 29.29
CA VAL A 332 46.52 -5.07 28.57
C VAL A 332 45.56 -5.29 27.41
N TYR A 333 45.75 -6.40 26.67
CA TYR A 333 44.88 -6.68 25.53
C TYR A 333 43.43 -6.83 25.98
N VAL A 334 43.20 -7.56 27.07
CA VAL A 334 41.84 -7.77 27.57
C VAL A 334 41.23 -6.45 28.00
N ALA A 335 42.00 -5.61 28.72
CA ALA A 335 41.48 -4.32 29.14
C ALA A 335 41.10 -3.47 27.94
N ILE A 336 41.94 -3.46 26.91
CA ILE A 336 41.66 -2.65 25.73
C ILE A 336 40.38 -3.10 25.06
N VAL A 337 40.22 -4.41 24.88
CA VAL A 337 39.01 -4.91 24.20
C VAL A 337 37.76 -4.56 25.01
N VAL A 338 37.80 -4.79 26.32
CA VAL A 338 36.62 -4.58 27.13
C VAL A 338 36.25 -3.10 27.17
N TYR A 339 37.24 -2.21 27.23
CA TYR A 339 36.90 -0.79 27.27
C TYR A 339 36.48 -0.25 25.92
N SER A 340 36.96 -0.86 24.82
CA SER A 340 36.41 -0.51 23.52
C SER A 340 34.93 -0.84 23.45
N VAL A 341 34.54 -2.03 23.93
CA VAL A 341 33.13 -2.39 23.93
C VAL A 341 32.32 -1.45 24.82
N ILE A 342 32.86 -1.12 26.00
CA ILE A 342 32.16 -0.22 26.91
C ILE A 342 31.94 1.14 26.25
N GLY A 343 32.96 1.66 25.57
CA GLY A 343 32.82 2.94 24.88
C GLY A 343 31.77 2.90 23.79
N PHE A 344 31.74 1.81 23.01
CA PHE A 344 30.73 1.68 21.97
C PHE A 344 29.32 1.69 22.57
N ARG A 345 29.13 0.95 23.66
CA ARG A 345 27.81 0.90 24.30
C ARG A 345 27.42 2.27 24.82
N ALA A 346 28.36 2.99 25.44
CA ALA A 346 28.04 4.32 25.97
C ALA A 346 27.66 5.27 24.85
N THR A 347 28.38 5.22 23.72
CA THR A 347 28.04 6.09 22.61
C THR A 347 26.65 5.79 22.07
N GLN A 348 26.30 4.51 21.93
CA GLN A 348 24.97 4.17 21.45
C GLN A 348 23.88 4.66 22.40
N ARG A 349 24.08 4.49 23.71
CA ARG A 349 23.09 4.94 24.67
C ARG A 349 22.93 6.46 24.64
N TYR A 350 24.06 7.18 24.52
CA TYR A 350 23.99 8.64 24.45
C TYR A 350 23.25 9.10 23.20
N ASP A 351 23.51 8.45 22.06
CA ASP A 351 22.81 8.80 20.84
C ASP A 351 21.30 8.58 20.98
N ASP A 352 20.90 7.45 21.58
CA ASP A 352 19.48 7.18 21.77
C ASP A 352 18.83 8.23 22.67
N CYS A 353 19.51 8.61 23.76
CA CYS A 353 18.95 9.61 24.65
C CYS A 353 18.79 10.96 23.94
N PHE A 354 19.79 11.36 23.15
CA PHE A 354 19.70 12.63 22.43
C PHE A 354 18.56 12.60 21.40
N SER A 355 18.38 11.45 20.73
CA SER A 355 17.28 11.35 19.77
C SER A 355 15.93 11.49 20.48
N THR A 356 15.79 10.86 21.65
CA THR A 356 14.55 11.03 22.40
C THR A 356 14.33 12.49 22.80
N ASN A 357 15.40 13.17 23.20
CA ASN A 357 15.28 14.57 23.59
C ASN A 357 14.85 15.44 22.42
N ILE A 358 15.37 15.16 21.22
CA ILE A 358 14.93 15.89 20.04
C ILE A 358 13.46 15.59 19.76
N LEU A 359 13.08 14.32 19.85
CA LEU A 359 11.72 13.92 19.49
C LEU A 359 10.68 14.54 20.40
N THR A 360 10.96 14.66 21.70
CA THR A 360 9.96 15.22 22.60
C THR A 360 9.67 16.68 22.27
N LEU A 361 10.71 17.47 21.96
CA LEU A 361 10.49 18.86 21.55
C LEU A 361 9.77 18.94 20.21
N ILE A 362 10.14 18.08 19.27
CA ILE A 362 9.49 18.08 17.96
C ILE A 362 7.99 17.80 18.12
N ASN A 363 7.65 16.80 18.93
CA ASN A 363 6.24 16.48 19.16
C ASN A 363 5.53 17.61 19.88
N GLY A 364 6.17 18.21 20.88
CA GLY A 364 5.51 19.25 21.65
C GLY A 364 5.22 20.50 20.84
N PHE A 365 6.15 20.89 19.96
CA PHE A 365 6.03 22.16 19.26
C PHE A 365 5.67 22.02 17.78
N ASP A 366 5.45 20.78 17.30
CA ASP A 366 5.00 20.53 15.93
C ASP A 366 5.89 21.21 14.90
N LEU A 367 7.19 20.96 15.02
CA LEU A 367 8.20 21.43 14.09
C LEU A 367 8.46 20.38 13.02
N PRO A 368 8.93 20.79 11.84
CA PRO A 368 9.27 19.80 10.81
C PRO A 368 10.33 18.85 11.31
N GLU A 369 10.20 17.58 10.92
CA GLU A 369 11.14 16.54 11.31
C GLU A 369 12.37 16.65 10.42
N GLY A 370 13.51 16.99 11.02
CA GLY A 370 14.73 17.18 10.27
C GLY A 370 15.23 18.61 10.32
N ASN A 371 14.60 19.43 11.16
CA ASN A 371 15.01 20.81 11.36
C ASN A 371 15.89 21.00 12.58
N VAL A 372 15.61 20.29 13.67
CA VAL A 372 16.41 20.37 14.88
C VAL A 372 17.30 19.14 14.92
N THR A 373 18.57 19.31 14.59
CA THR A 373 19.54 18.23 14.58
C THR A 373 20.44 18.33 15.81
N GLN A 374 21.46 17.48 15.85
CA GLN A 374 22.35 17.44 17.01
C GLN A 374 23.16 18.73 17.14
N GLU A 375 23.57 19.31 16.02
CA GLU A 375 24.41 20.49 16.06
C GLU A 375 23.62 21.76 16.39
N ASN A 376 22.33 21.81 16.06
CA ASN A 376 21.56 23.02 16.28
C ASN A 376 20.40 22.78 17.23
N PHE A 377 20.66 22.07 18.34
CA PHE A 377 19.59 21.75 19.27
C PHE A 377 19.40 22.84 20.32
N VAL A 378 20.49 23.42 20.83
CA VAL A 378 20.37 24.35 21.94
C VAL A 378 19.73 25.67 21.49
N ASP A 379 20.16 26.20 20.34
CA ASP A 379 19.63 27.47 19.88
C ASP A 379 18.14 27.38 19.56
N MET A 380 17.74 26.31 18.86
CA MET A 380 16.32 26.09 18.61
C MET A 380 15.54 25.80 19.89
N GLN A 381 16.15 25.09 20.83
CA GLN A 381 15.49 24.80 22.10
C GLN A 381 15.18 26.08 22.87
N GLN A 382 16.14 27.01 22.90
CA GLN A 382 15.89 28.28 23.58
C GLN A 382 15.01 29.21 22.77
N ARG A 383 15.04 29.13 21.44
CA ARG A 383 14.14 29.93 20.63
C ARG A 383 12.69 29.53 20.84
N CYS A 384 12.41 28.22 20.89
CA CYS A 384 11.05 27.77 21.16
C CYS A 384 10.58 28.21 22.53
N ASN A 385 11.47 28.16 23.52
CA ASN A 385 11.14 28.63 24.86
C ASN A 385 10.86 30.13 24.87
N ALA A 386 11.67 30.90 24.15
CA ALA A 386 11.47 32.34 24.08
C ALA A 386 10.22 32.72 23.31
N SER A 387 9.74 31.86 22.42
CA SER A 387 8.54 32.16 21.66
C SER A 387 7.33 32.30 22.58
N ASP A 388 7.10 31.29 23.42
CA ASP A 388 5.94 31.35 24.32
C ASP A 388 6.15 30.50 25.57
N PRO A 389 6.40 31.11 26.72
CA PRO A 389 6.38 30.36 27.98
C PRO A 389 5.05 29.66 28.24
N ALA A 390 5.02 28.83 29.28
CA ALA A 390 3.86 28.06 29.75
C ALA A 390 3.46 26.94 28.83
N ALA A 391 4.11 26.78 27.68
CA ALA A 391 3.98 25.60 26.83
C ALA A 391 5.25 24.80 26.76
N TYR A 392 6.41 25.46 26.77
CA TYR A 392 7.70 24.81 26.94
C TYR A 392 7.87 24.22 28.33
N ALA A 393 7.16 24.77 29.32
CA ALA A 393 7.37 24.34 30.71
C ALA A 393 6.99 22.88 30.90
N GLN A 394 5.87 22.45 30.32
CA GLN A 394 5.44 21.07 30.48
C GLN A 394 6.36 20.07 29.81
N LEU A 395 7.25 20.52 28.92
CA LEU A 395 8.18 19.63 28.26
C LEU A 395 9.28 19.22 29.24
N VAL A 396 9.53 17.91 29.33
CA VAL A 396 10.53 17.37 30.24
C VAL A 396 11.69 16.83 29.40
N PHE A 397 12.87 17.40 29.60
CA PHE A 397 14.06 17.02 28.86
C PHE A 397 15.02 16.27 29.76
N GLN A 398 15.86 15.45 29.14
CA GLN A 398 16.87 14.67 29.84
C GLN A 398 18.23 15.28 29.62
N THR A 399 19.06 15.27 30.67
CA THR A 399 20.36 15.93 30.66
C THR A 399 21.50 14.94 30.47
N CYS A 400 21.30 13.93 29.63
CA CYS A 400 22.34 12.93 29.40
C CYS A 400 23.55 13.56 28.72
N ASP A 401 24.72 13.11 29.12
CA ASP A 401 25.98 13.62 28.60
C ASP A 401 27.02 12.50 28.61
N ILE A 402 27.90 12.52 27.61
CA ILE A 402 28.97 11.53 27.50
C ILE A 402 29.98 11.79 28.62
N ASN A 403 30.90 10.84 28.82
CA ASN A 403 31.86 10.80 29.91
C ASN A 403 31.20 10.52 31.25
N ALA A 404 29.87 10.42 31.30
CA ALA A 404 29.15 9.95 32.46
C ALA A 404 28.47 8.60 32.23
N PHE A 405 28.22 8.24 30.98
CA PHE A 405 27.70 6.91 30.68
C PHE A 405 28.79 5.85 30.78
N LEU A 406 30.04 6.23 30.46
CA LEU A 406 31.15 5.29 30.60
C LEU A 406 31.45 4.98 32.05
N SER A 407 31.26 5.96 32.94
CA SER A 407 31.59 5.77 34.35
C SER A 407 30.67 4.76 35.03
N GLU A 408 29.48 4.53 34.50
CA GLU A 408 28.54 3.60 35.13
C GLU A 408 29.08 2.18 35.02
N ALA A 409 29.43 1.59 36.15
CA ALA A 409 30.02 0.26 36.21
C ALA A 409 29.11 -0.70 36.96
N VAL A 410 29.33 -1.99 36.74
CA VAL A 410 28.53 -3.04 37.34
C VAL A 410 29.09 -3.38 38.71
N GLU A 411 28.19 -3.68 39.65
CA GLU A 411 28.63 -4.03 41.00
C GLU A 411 29.28 -5.42 41.03
N GLY A 412 29.01 -6.26 40.05
CA GLY A 412 29.63 -7.57 40.00
C GLY A 412 28.94 -8.59 39.12
N THR A 413 29.73 -9.42 38.45
CA THR A 413 29.27 -10.58 37.68
C THR A 413 28.50 -10.17 36.43
N GLY A 414 28.26 -8.87 36.27
CA GLY A 414 27.43 -8.42 35.17
C GLY A 414 28.20 -7.88 33.98
N LEU A 415 29.51 -7.76 34.11
CA LEU A 415 30.30 -7.18 33.03
C LEU A 415 30.34 -8.08 31.81
N ALA A 416 29.99 -9.36 31.95
CA ALA A 416 29.92 -10.27 30.82
C ALA A 416 28.54 -10.84 30.58
N PHE A 417 27.59 -10.62 31.48
CA PHE A 417 26.24 -11.17 31.35
C PHE A 417 25.19 -10.11 31.06
N ILE A 418 25.26 -8.95 31.72
CA ILE A 418 24.25 -7.90 31.57
C ILE A 418 24.80 -6.67 30.86
N VAL A 419 26.04 -6.71 30.37
CA VAL A 419 26.64 -5.60 29.64
C VAL A 419 27.09 -6.05 28.25
N PHE A 420 27.86 -7.11 28.17
CA PHE A 420 28.42 -7.53 26.89
C PHE A 420 27.35 -8.14 25.98
N THR A 421 26.36 -8.81 26.57
CA THR A 421 25.29 -9.40 25.75
C THR A 421 24.46 -8.31 25.09
N GLU A 422 24.12 -7.24 25.81
CA GLU A 422 23.33 -6.17 25.22
C GLU A 422 24.12 -5.38 24.19
N ALA A 423 25.46 -5.39 24.27
CA ALA A 423 26.26 -4.82 23.20
C ALA A 423 26.32 -5.77 22.00
N ILE A 424 26.30 -7.07 22.25
CA ILE A 424 26.27 -8.05 21.16
C ILE A 424 24.99 -7.91 20.36
N THR A 425 23.86 -7.70 21.06
CA THR A 425 22.56 -7.63 20.38
C THR A 425 22.48 -6.48 19.37
N LYS A 426 23.35 -5.49 19.46
CA LYS A 426 23.38 -4.36 18.54
C LYS A 426 24.45 -4.51 17.47
N MET A 427 24.70 -5.74 17.02
CA MET A 427 25.70 -6.00 16.00
C MET A 427 25.17 -7.03 15.01
N PRO A 428 25.70 -7.06 13.78
CA PRO A 428 25.07 -7.84 12.71
C PRO A 428 24.92 -9.32 13.00
N LEU A 429 26.04 -10.01 13.27
CA LEU A 429 26.01 -11.45 13.49
C LEU A 429 26.00 -11.74 14.99
N SER A 430 24.85 -11.43 15.60
CA SER A 430 24.72 -11.57 17.05
C SER A 430 24.88 -13.00 17.55
N PRO A 431 24.18 -14.01 17.01
CA PRO A 431 24.29 -15.35 17.63
C PRO A 431 25.67 -15.97 17.51
N LEU A 432 26.29 -15.90 16.33
CA LEU A 432 27.62 -16.48 16.16
C LEU A 432 28.65 -15.78 17.04
N TRP A 433 28.58 -14.45 17.13
CA TRP A 433 29.52 -13.71 17.95
C TRP A 433 29.33 -14.02 19.44
N SER A 434 28.07 -14.15 19.89
CA SER A 434 27.83 -14.59 21.26
C SER A 434 28.41 -15.98 21.49
N VAL A 435 28.26 -16.86 20.51
CA VAL A 435 28.80 -18.21 20.63
C VAL A 435 30.31 -18.17 20.80
N LEU A 436 31.00 -17.36 19.98
CA LEU A 436 32.45 -17.26 20.10
C LEU A 436 32.87 -16.70 21.44
N PHE A 437 32.17 -15.67 21.92
CA PHE A 437 32.51 -15.07 23.21
C PHE A 437 32.38 -16.10 24.33
N PHE A 438 31.27 -16.84 24.34
CA PHE A 438 31.06 -17.83 25.40
C PHE A 438 32.01 -19.01 25.26
N ILE A 439 32.41 -19.37 24.04
CA ILE A 439 33.41 -20.42 23.87
C ILE A 439 34.76 -20.00 24.43
N MET A 440 35.16 -18.75 24.20
CA MET A 440 36.42 -18.27 24.75
C MET A 440 36.39 -18.27 26.27
N LEU A 441 35.27 -17.83 26.86
CA LEU A 441 35.15 -17.91 28.31
C LEU A 441 35.18 -19.35 28.81
N PHE A 442 34.54 -20.27 28.08
CA PHE A 442 34.59 -21.68 28.41
C PHE A 442 36.03 -22.19 28.44
N CYS A 443 36.82 -21.82 27.42
CA CYS A 443 38.21 -22.28 27.36
C CYS A 443 39.03 -21.74 28.53
N LEU A 444 38.88 -20.45 28.85
CA LEU A 444 39.63 -19.90 29.97
C LEU A 444 39.24 -20.56 31.29
N GLY A 445 37.93 -20.77 31.49
CA GLY A 445 37.49 -21.47 32.70
C GLY A 445 38.02 -22.89 32.76
N LEU A 446 38.10 -23.56 31.61
CA LEU A 446 38.63 -24.92 31.59
C LEU A 446 40.11 -24.94 31.96
N SER A 447 40.87 -23.96 31.49
CA SER A 447 42.28 -23.89 31.88
C SER A 447 42.43 -23.71 33.39
N SER A 448 41.66 -22.77 33.95
CA SER A 448 41.73 -22.55 35.39
C SER A 448 41.32 -23.79 36.16
N MET A 449 40.28 -24.48 35.69
CA MET A 449 39.83 -25.70 36.36
C MET A 449 40.88 -26.80 36.28
N PHE A 450 41.56 -26.93 35.14
CA PHE A 450 42.65 -27.90 35.02
C PHE A 450 43.69 -27.64 36.10
N GLY A 451 44.15 -26.38 36.19
CA GLY A 451 45.18 -26.06 37.15
C GLY A 451 44.74 -26.33 38.59
N ASN A 452 43.55 -25.87 38.96
CA ASN A 452 43.08 -26.05 40.32
C ASN A 452 42.85 -27.53 40.65
N MET A 453 42.30 -28.28 39.70
CA MET A 453 42.02 -29.70 39.92
C MET A 453 43.29 -30.49 40.14
N GLU A 454 44.32 -30.25 39.32
CA GLU A 454 45.58 -30.93 39.56
C GLU A 454 46.19 -30.49 40.89
N GLY A 455 46.12 -29.19 41.18
CA GLY A 455 46.70 -28.68 42.41
C GLY A 455 46.08 -29.25 43.67
N VAL A 456 44.80 -29.63 43.61
CA VAL A 456 44.19 -30.24 44.79
C VAL A 456 44.32 -31.76 44.77
N VAL A 457 44.38 -32.38 43.58
CA VAL A 457 44.40 -33.84 43.56
C VAL A 457 45.80 -34.40 43.79
N VAL A 458 46.85 -33.64 43.46
CA VAL A 458 48.22 -34.12 43.64
C VAL A 458 48.54 -34.36 45.11
N PRO A 459 48.27 -33.43 46.04
CA PRO A 459 48.62 -33.68 47.45
C PRO A 459 47.92 -34.88 48.05
N LEU A 460 46.69 -35.18 47.60
CA LEU A 460 45.98 -36.35 48.13
C LEU A 460 46.70 -37.63 47.76
N GLN A 461 47.19 -37.74 46.53
CA GLN A 461 47.92 -38.92 46.11
C GLN A 461 49.30 -38.96 46.75
N ASP A 462 49.95 -37.80 46.87
CA ASP A 462 51.28 -37.76 47.49
C ASP A 462 51.22 -38.10 48.97
N LEU A 463 50.08 -37.83 49.62
CA LEU A 463 49.92 -38.17 51.02
C LEU A 463 49.88 -39.68 51.26
N ARG A 464 49.62 -40.47 50.21
CA ARG A 464 49.55 -41.93 50.33
C ARG A 464 48.50 -42.32 51.37
N VAL A 465 47.35 -41.66 51.31
CA VAL A 465 46.28 -41.96 52.26
C VAL A 465 45.53 -43.21 51.85
N ILE A 466 45.67 -43.63 50.60
CA ILE A 466 45.03 -44.86 50.12
C ILE A 466 46.11 -45.85 49.69
N PRO A 467 45.84 -47.15 49.75
CA PRO A 467 46.81 -48.14 49.25
C PRO A 467 46.83 -48.17 47.73
N PRO A 468 47.79 -48.90 47.13
CA PRO A 468 47.84 -49.03 45.68
C PRO A 468 46.51 -49.29 45.00
N LYS A 469 45.64 -50.06 45.64
CA LYS A 469 44.34 -50.38 45.04
C LYS A 469 43.51 -49.11 44.89
N TRP A 470 42.46 -49.22 44.05
CA TRP A 470 41.64 -48.08 43.65
C TRP A 470 42.55 -46.99 43.08
N PRO A 471 43.05 -47.18 41.85
CA PRO A 471 44.03 -46.22 41.29
C PRO A 471 43.43 -44.85 41.00
N LYS A 472 44.24 -43.97 40.42
CA LYS A 472 43.84 -42.58 40.23
C LYS A 472 42.56 -42.43 39.42
N GLU A 473 42.25 -43.39 38.54
CA GLU A 473 41.06 -43.29 37.71
C GLU A 473 39.79 -43.21 38.55
N VAL A 474 39.76 -43.93 39.68
CA VAL A 474 38.61 -43.85 40.56
C VAL A 474 38.80 -42.87 41.71
N LEU A 475 40.04 -42.55 42.08
CA LEU A 475 40.28 -41.53 43.09
C LEU A 475 39.80 -40.16 42.59
N THR A 476 40.13 -39.83 41.35
CA THR A 476 39.65 -38.59 40.77
C THR A 476 38.12 -38.60 40.68
N GLY A 477 37.55 -39.76 40.38
CA GLY A 477 36.09 -39.85 40.35
C GLY A 477 35.45 -39.56 41.68
N LEU A 478 35.99 -40.17 42.74
CA LEU A 478 35.38 -39.96 44.07
C LEU A 478 35.57 -38.52 44.52
N ILE A 479 36.74 -37.92 44.27
CA ILE A 479 36.91 -36.53 44.70
C ILE A 479 36.03 -35.60 43.88
N CYS A 480 35.88 -35.85 42.58
CA CYS A 480 35.02 -35.01 41.76
C CYS A 480 33.56 -35.14 42.17
N LEU A 481 33.13 -36.35 42.52
CA LEU A 481 31.78 -36.54 43.05
C LEU A 481 31.62 -35.80 44.38
N GLY A 482 32.64 -35.82 45.22
CA GLY A 482 32.57 -35.06 46.47
C GLY A 482 32.36 -33.58 46.21
N THR A 483 33.12 -33.02 45.26
CA THR A 483 32.91 -31.62 44.89
C THR A 483 31.51 -31.39 44.33
N PHE A 484 31.02 -32.32 43.50
CA PHE A 484 29.70 -32.16 42.91
C PHE A 484 28.62 -32.11 43.99
N LEU A 485 28.68 -33.02 44.96
CA LEU A 485 27.66 -33.05 46.01
C LEU A 485 27.85 -31.99 47.08
N ILE A 486 29.03 -31.37 47.19
CA ILE A 486 29.15 -30.24 48.11
C ILE A 486 28.74 -28.94 47.44
N GLY A 487 28.87 -28.84 46.12
CA GLY A 487 28.52 -27.62 45.41
C GLY A 487 27.05 -27.37 45.19
N PHE A 488 26.16 -28.13 45.84
CA PHE A 488 24.73 -27.91 45.68
C PHE A 488 24.27 -26.57 46.28
N ILE A 489 25.04 -26.01 47.20
CA ILE A 489 24.60 -24.81 47.92
C ILE A 489 24.41 -23.65 46.94
N PHE A 490 25.34 -23.47 46.01
CA PHE A 490 25.29 -22.36 45.07
C PHE A 490 24.16 -22.49 44.06
N THR A 491 23.51 -23.66 43.99
CA THR A 491 22.38 -23.85 43.09
C THR A 491 21.08 -23.32 43.68
N LEU A 492 21.06 -23.00 44.97
CA LEU A 492 19.85 -22.47 45.60
C LEU A 492 19.51 -21.09 45.03
N ASN A 493 18.30 -20.63 45.35
CA ASN A 493 17.83 -19.35 44.83
C ASN A 493 18.68 -18.20 45.32
N SER A 494 19.04 -18.21 46.61
CA SER A 494 19.88 -17.17 47.17
C SER A 494 21.37 -17.45 47.02
N GLY A 495 21.72 -18.54 46.33
CA GLY A 495 23.11 -18.96 46.27
C GLY A 495 24.03 -17.89 45.71
N GLN A 496 23.53 -17.10 44.77
CA GLN A 496 24.33 -16.01 44.21
C GLN A 496 24.85 -15.11 45.33
N TYR A 497 23.99 -14.73 46.26
CA TYR A 497 24.43 -13.93 47.40
C TYR A 497 25.55 -14.62 48.15
N TRP A 498 25.43 -15.93 48.37
CA TRP A 498 26.49 -16.68 49.03
C TRP A 498 27.81 -16.50 48.29
N LEU A 499 27.77 -16.58 46.97
CA LEU A 499 28.98 -16.41 46.18
C LEU A 499 29.59 -15.04 46.44
N SER A 500 28.75 -14.01 46.56
CA SER A 500 29.27 -12.67 46.82
C SER A 500 30.04 -12.62 48.13
N LEU A 501 29.66 -13.43 49.12
CA LEU A 501 30.40 -13.40 50.38
C LEU A 501 31.58 -14.34 50.38
N LEU A 502 31.74 -15.16 49.35
CA LEU A 502 32.86 -16.09 49.31
C LEU A 502 34.00 -15.58 48.44
N ASP A 503 33.66 -14.96 47.30
CA ASP A 503 34.70 -14.43 46.42
C ASP A 503 35.52 -13.37 47.12
N SER A 504 34.87 -12.50 47.89
CA SER A 504 35.59 -11.47 48.63
C SER A 504 36.52 -12.08 49.68
N TYR A 505 36.34 -13.36 50.01
CA TYR A 505 37.23 -14.07 50.92
C TYR A 505 38.10 -15.10 50.20
N ALA A 506 38.23 -14.98 48.87
CA ALA A 506 39.12 -15.89 48.15
C ALA A 506 40.58 -15.52 48.39
N GLY A 507 40.97 -14.30 48.01
CA GLY A 507 42.28 -13.78 48.34
C GLY A 507 42.29 -13.17 49.71
N SER A 508 41.83 -13.93 50.71
CA SER A 508 41.65 -13.44 52.06
C SER A 508 42.95 -13.53 52.85
N ILE A 509 42.84 -13.36 54.18
CA ILE A 509 44.03 -13.35 55.04
C ILE A 509 44.84 -14.64 54.93
N PRO A 510 44.24 -15.84 55.00
CA PRO A 510 45.08 -17.07 54.98
C PRO A 510 45.99 -17.18 53.77
N LEU A 511 45.52 -16.78 52.58
CA LEU A 511 46.40 -16.84 51.41
C LEU A 511 47.60 -15.94 51.61
N LEU A 512 47.39 -14.74 52.16
CA LEU A 512 48.49 -13.82 52.41
C LEU A 512 49.44 -14.37 53.48
N ILE A 513 48.92 -15.06 54.49
CA ILE A 513 49.81 -15.57 55.53
C ILE A 513 50.65 -16.72 55.00
N ILE A 514 50.09 -17.59 54.15
CA ILE A 514 50.93 -18.63 53.55
C ILE A 514 51.93 -18.00 52.59
N ALA A 515 51.56 -16.92 51.91
CA ALA A 515 52.53 -16.20 51.10
C ALA A 515 53.69 -15.69 51.95
N PHE A 516 53.39 -15.02 53.06
CA PHE A 516 54.43 -14.50 53.94
C PHE A 516 55.29 -15.63 54.49
N CYS A 517 54.69 -16.81 54.70
CA CYS A 517 55.46 -17.96 55.15
C CYS A 517 56.46 -18.41 54.08
N GLU A 518 56.03 -18.41 52.81
CA GLU A 518 56.84 -18.91 51.70
C GLU A 518 58.29 -18.45 51.72
N MET A 519 58.52 -17.16 51.50
CA MET A 519 59.89 -16.71 51.25
C MET A 519 60.71 -16.63 52.53
N PHE A 520 60.09 -16.38 53.70
CA PHE A 520 60.96 -16.35 54.87
C PHE A 520 61.35 -17.77 55.27
N SER A 521 60.50 -18.76 54.99
CA SER A 521 60.92 -20.15 55.15
C SER A 521 62.01 -20.51 54.16
N VAL A 522 61.92 -20.02 52.92
CA VAL A 522 62.95 -20.33 51.93
C VAL A 522 64.29 -19.69 52.30
N VAL A 523 64.25 -18.45 52.80
CA VAL A 523 65.47 -17.68 53.00
C VAL A 523 66.07 -17.85 54.40
N TYR A 524 65.29 -18.30 55.39
CA TYR A 524 65.79 -18.46 56.74
C TYR A 524 65.91 -19.91 57.19
N VAL A 525 65.25 -20.85 56.52
CA VAL A 525 65.34 -22.27 56.84
C VAL A 525 66.18 -23.01 55.80
N TYR A 526 65.77 -22.96 54.54
CA TYR A 526 66.55 -23.54 53.47
C TYR A 526 67.78 -22.70 53.20
N GLY A 527 68.91 -23.36 52.92
CA GLY A 527 70.14 -22.67 52.65
C GLY A 527 70.07 -21.89 51.35
N VAL A 528 70.18 -20.57 51.42
CA VAL A 528 70.19 -19.76 50.21
C VAL A 528 71.43 -20.05 49.39
N ASP A 529 72.55 -20.34 50.05
CA ASP A 529 73.76 -20.72 49.32
C ASP A 529 73.54 -22.01 48.53
N ARG A 530 72.77 -22.94 49.10
CA ARG A 530 72.44 -24.16 48.36
C ARG A 530 71.65 -23.83 47.10
N PHE A 531 70.69 -22.91 47.20
CA PHE A 531 69.90 -22.52 46.04
C PHE A 531 70.78 -21.86 44.99
N ASN A 532 71.72 -21.01 45.43
CA ASN A 532 72.64 -20.36 44.49
C ASN A 532 73.50 -21.40 43.78
N LYS A 533 74.03 -22.36 44.53
CA LYS A 533 74.82 -23.43 43.92
C LYS A 533 74.00 -24.23 42.94
N ASP A 534 72.72 -24.48 43.26
CA ASP A 534 71.85 -25.15 42.31
C ASP A 534 71.67 -24.34 41.04
N ILE A 535 71.52 -23.02 41.16
CA ILE A 535 71.39 -22.18 39.99
C ILE A 535 72.64 -22.29 39.12
N GLU A 536 73.82 -22.18 39.72
CA GLU A 536 75.04 -22.34 38.93
C GLU A 536 75.20 -23.75 38.40
N PHE A 537 74.56 -24.74 39.02
CA PHE A 537 74.67 -26.12 38.57
C PHE A 537 73.83 -26.33 37.30
N MET A 538 72.52 -26.14 37.40
CA MET A 538 71.65 -26.48 36.29
C MET A 538 71.36 -25.32 35.35
N ILE A 539 71.57 -24.08 35.79
CA ILE A 539 71.24 -22.89 35.00
C ILE A 539 72.48 -22.07 34.71
N GLY A 540 73.34 -21.86 35.70
CA GLY A 540 74.43 -20.91 35.54
C GLY A 540 73.89 -19.49 35.51
N HIS A 541 74.67 -18.60 34.90
CA HIS A 541 74.29 -17.21 34.72
C HIS A 541 73.91 -16.57 36.06
N LYS A 542 74.94 -16.44 36.92
CA LYS A 542 74.85 -15.99 38.30
C LYS A 542 73.80 -14.89 38.45
N PRO A 543 72.81 -15.08 39.33
CA PRO A 543 71.70 -14.14 39.40
C PRO A 543 72.15 -12.75 39.82
N ASN A 544 71.45 -11.74 39.31
CA ASN A 544 71.80 -10.34 39.53
C ASN A 544 71.59 -9.96 40.98
N ILE A 545 72.24 -8.85 41.38
CA ILE A 545 72.22 -8.42 42.78
C ILE A 545 70.80 -8.14 43.23
N PHE A 546 69.99 -7.56 42.34
CA PHE A 546 68.60 -7.24 42.68
C PHE A 546 67.83 -8.49 43.08
N TRP A 547 68.15 -9.64 42.48
CA TRP A 547 67.46 -10.87 42.82
C TRP A 547 67.70 -11.26 44.28
N GLN A 548 68.96 -11.29 44.72
CA GLN A 548 69.21 -11.68 46.10
C GLN A 548 68.72 -10.63 47.09
N VAL A 549 68.87 -9.34 46.76
CA VAL A 549 68.42 -8.34 47.73
C VAL A 549 66.90 -8.40 47.88
N THR A 550 66.19 -8.66 46.78
CA THR A 550 64.74 -8.84 46.88
C THR A 550 64.40 -10.12 47.66
N TRP A 551 65.14 -11.20 47.41
CA TRP A 551 64.85 -12.47 48.07
C TRP A 551 65.09 -12.38 49.57
N ARG A 552 66.02 -11.51 50.00
CA ARG A 552 66.32 -11.37 51.41
C ARG A 552 65.45 -10.29 52.06
N VAL A 553 65.55 -9.06 51.57
CA VAL A 553 64.88 -7.92 52.20
C VAL A 553 64.07 -7.15 51.17
N VAL A 554 63.48 -6.03 51.61
CA VAL A 554 62.77 -5.09 50.75
C VAL A 554 61.50 -5.76 50.20
N SER A 555 61.66 -6.81 49.40
CA SER A 555 60.48 -7.49 48.86
C SER A 555 59.65 -8.16 49.95
N PRO A 556 60.22 -8.95 50.88
CA PRO A 556 59.39 -9.56 51.92
C PRO A 556 58.63 -8.58 52.79
N LEU A 557 59.11 -7.35 52.96
CA LEU A 557 58.41 -6.46 53.86
C LEU A 557 57.10 -5.92 53.30
N LEU A 558 57.08 -5.57 52.02
CA LEU A 558 55.90 -4.90 51.46
C LEU A 558 54.61 -5.59 51.84
N MET A 559 54.52 -6.88 51.59
CA MET A 559 53.25 -7.56 51.87
C MET A 559 52.87 -7.42 53.33
N LEU A 560 53.85 -7.44 54.23
CA LEU A 560 53.54 -7.23 55.64
C LEU A 560 52.95 -5.84 55.87
N ILE A 561 53.56 -4.83 55.24
CA ILE A 561 53.02 -3.47 55.35
C ILE A 561 51.61 -3.38 54.76
N ILE A 562 51.39 -3.99 53.58
CA ILE A 562 50.06 -3.87 52.98
C ILE A 562 49.04 -4.66 53.79
N PHE A 563 49.47 -5.76 54.43
CA PHE A 563 48.57 -6.52 55.30
C PHE A 563 48.19 -5.71 56.53
N LEU A 564 49.16 -5.00 57.12
CA LEU A 564 48.85 -4.13 58.25
C LEU A 564 47.91 -3.01 57.83
N PHE A 565 48.13 -2.44 56.64
CA PHE A 565 47.24 -1.42 56.11
C PHE A 565 45.83 -1.97 55.88
N PHE A 566 45.72 -3.20 55.36
CA PHE A 566 44.43 -3.84 55.18
C PHE A 566 43.74 -4.03 56.53
N PHE A 567 44.49 -4.50 57.54
CA PHE A 567 43.92 -4.68 58.87
C PHE A 567 43.44 -3.36 59.45
N VAL A 568 44.18 -2.28 59.20
CA VAL A 568 43.76 -0.96 59.68
C VAL A 568 42.50 -0.50 58.95
N VAL A 569 42.42 -0.77 57.64
CA VAL A 569 41.29 -0.30 56.84
C VAL A 569 40.02 -1.06 57.22
N GLU A 570 40.12 -2.38 57.42
CA GLU A 570 38.94 -3.21 57.57
C GLU A 570 38.17 -2.94 58.87
N VAL A 571 38.76 -2.19 59.81
CA VAL A 571 38.03 -1.86 61.03
C VAL A 571 36.80 -1.01 60.72
N SER A 572 36.85 -0.24 59.62
CA SER A 572 35.68 0.50 59.14
C SER A 572 34.86 -0.44 58.27
N GLN A 573 34.09 -1.30 58.94
CA GLN A 573 33.33 -2.33 58.24
C GLN A 573 32.25 -1.70 57.38
N GLU A 574 32.17 -2.15 56.12
CA GLU A 574 31.16 -1.69 55.18
C GLU A 574 30.59 -2.88 54.42
N LEU A 575 30.48 -4.02 55.09
CA LEU A 575 29.98 -5.22 54.44
C LEU A 575 28.49 -5.06 54.11
N THR A 576 28.15 -5.31 52.85
CA THR A 576 26.78 -5.14 52.36
C THR A 576 26.68 -5.83 51.01
N TYR A 577 25.64 -6.65 50.86
CA TYR A 577 25.40 -7.36 49.61
C TYR A 577 24.18 -6.76 48.92
N SER A 578 24.32 -6.49 47.62
CA SER A 578 23.22 -5.93 46.86
C SER A 578 22.08 -6.93 46.71
N ILE A 579 20.86 -6.40 46.62
CA ILE A 579 19.66 -7.21 46.51
C ILE A 579 18.83 -6.74 45.32
N TRP A 580 18.28 -7.71 44.59
CA TRP A 580 17.37 -7.37 43.50
C TRP A 580 16.16 -6.60 44.01
N ASP A 581 15.50 -7.12 45.05
CA ASP A 581 14.40 -6.45 45.74
C ASP A 581 13.31 -6.01 44.79
N PRO A 582 12.51 -6.93 44.25
CA PRO A 582 11.42 -6.52 43.35
C PRO A 582 10.41 -5.60 44.01
N GLY A 583 10.10 -5.83 45.29
CA GLY A 583 9.17 -4.98 46.01
C GLY A 583 9.85 -3.80 46.65
N TYR A 584 10.22 -2.81 45.84
CA TYR A 584 11.05 -1.71 46.30
C TYR A 584 10.86 -0.55 45.33
N GLU A 585 10.56 0.64 45.85
CA GLU A 585 10.44 1.80 44.97
C GLU A 585 11.80 2.12 44.35
N GLU A 586 11.75 2.84 43.23
CA GLU A 586 12.85 2.95 42.28
C GLU A 586 13.56 1.60 42.14
N PHE A 587 12.78 0.61 41.73
CA PHE A 587 13.24 -0.78 41.69
C PHE A 587 14.51 -0.98 40.88
N PRO A 588 14.69 -0.40 39.68
CA PRO A 588 15.99 -0.53 39.01
C PRO A 588 17.06 0.31 39.67
N LYS A 589 17.46 -0.06 40.89
CA LYS A 589 18.48 0.66 41.63
C LYS A 589 19.22 -0.35 42.51
N SER A 590 20.01 0.17 43.44
CA SER A 590 20.81 -0.65 44.35
C SER A 590 20.14 -0.71 45.72
N GLN A 591 20.25 -1.86 46.37
CA GLN A 591 19.67 -2.07 47.69
C GLN A 591 20.80 -2.32 48.69
N LYS A 592 20.77 -1.57 49.79
CA LYS A 592 21.73 -1.73 50.88
C LYS A 592 20.99 -2.29 52.09
N ILE A 593 21.44 -3.43 52.59
CA ILE A 593 20.77 -4.13 53.67
C ILE A 593 21.77 -4.53 54.76
N SER A 594 23.05 -4.21 54.55
CA SER A 594 24.15 -4.62 55.44
C SER A 594 24.19 -6.15 55.43
N TYR A 595 24.31 -6.79 56.59
CA TYR A 595 24.41 -8.24 56.64
C TYR A 595 23.81 -8.79 57.92
N PRO A 596 23.04 -9.86 57.86
CA PRO A 596 22.57 -10.50 59.09
C PRO A 596 23.73 -11.10 59.87
N ASN A 597 23.57 -11.11 61.20
CA ASN A 597 24.60 -11.69 62.06
C ASN A 597 24.67 -13.20 61.93
N TRP A 598 23.64 -13.83 61.35
CA TRP A 598 23.62 -15.28 61.26
C TRP A 598 24.81 -15.82 60.47
N VAL A 599 25.25 -15.11 59.43
CA VAL A 599 26.41 -15.54 58.66
C VAL A 599 27.72 -15.05 59.26
N TYR A 600 27.67 -14.21 60.29
CA TYR A 600 28.90 -13.67 60.86
C TYR A 600 29.80 -14.79 61.40
N VAL A 601 29.20 -15.78 62.05
CA VAL A 601 29.98 -16.89 62.59
C VAL A 601 30.70 -17.65 61.46
N VAL A 602 30.16 -17.58 60.24
CA VAL A 602 30.83 -18.23 59.11
C VAL A 602 32.20 -17.62 58.88
N VAL A 603 32.34 -16.31 59.10
CA VAL A 603 33.66 -15.67 59.01
C VAL A 603 34.61 -16.31 60.01
N VAL A 604 34.11 -16.65 61.20
CA VAL A 604 34.94 -17.37 62.16
C VAL A 604 35.29 -18.76 61.62
N ILE A 605 34.34 -19.41 60.96
CA ILE A 605 34.57 -20.76 60.45
C ILE A 605 35.54 -20.73 59.27
N VAL A 606 35.33 -19.80 58.34
CA VAL A 606 36.08 -19.82 57.09
C VAL A 606 37.46 -19.19 57.27
N ALA A 607 37.62 -18.33 58.27
CA ALA A 607 38.87 -17.60 58.47
C ALA A 607 39.46 -17.89 59.84
N GLY A 608 40.79 -17.95 59.88
CA GLY A 608 41.52 -18.12 61.12
C GLY A 608 41.77 -19.55 61.54
N VAL A 609 41.25 -20.53 60.81
CA VAL A 609 41.49 -21.93 61.18
C VAL A 609 42.97 -22.32 61.13
N PRO A 610 43.76 -22.00 60.10
CA PRO A 610 45.13 -22.54 60.06
C PRO A 610 45.98 -22.11 61.23
N SER A 611 45.74 -20.90 61.76
CA SER A 611 46.51 -20.41 62.90
C SER A 611 46.37 -21.31 64.13
N LEU A 612 45.31 -22.12 64.19
CA LEU A 612 45.16 -23.02 65.33
C LEU A 612 46.16 -24.17 65.27
N THR A 613 46.56 -24.57 64.06
CA THR A 613 47.32 -25.81 63.90
C THR A 613 48.83 -25.58 63.82
N ILE A 614 49.30 -24.39 63.46
CA ILE A 614 50.73 -24.17 63.30
C ILE A 614 51.51 -24.38 64.60
N PRO A 615 51.15 -23.77 65.73
CA PRO A 615 51.99 -23.90 66.93
C PRO A 615 51.86 -25.22 67.66
N GLY A 616 50.84 -26.02 67.38
CA GLY A 616 50.60 -27.24 68.14
C GLY A 616 51.73 -28.23 68.10
N TYR A 617 52.17 -28.60 66.90
CA TYR A 617 53.24 -29.58 66.77
C TYR A 617 54.56 -29.03 67.32
N ALA A 618 54.82 -27.74 67.11
CA ALA A 618 56.05 -27.15 67.61
C ALA A 618 56.10 -27.19 69.13
N ILE A 619 55.01 -26.81 69.79
CA ILE A 619 54.97 -26.85 71.25
C ILE A 619 55.02 -28.29 71.75
N TYR A 620 54.36 -29.22 71.05
CA TYR A 620 54.41 -30.62 71.43
C TYR A 620 55.85 -31.15 71.39
N LYS A 621 56.56 -30.85 70.31
CA LYS A 621 57.95 -31.29 70.22
C LYS A 621 58.83 -30.61 71.25
N LEU A 622 58.59 -29.33 71.52
CA LEU A 622 59.38 -28.62 72.52
C LEU A 622 59.20 -29.23 73.91
N ILE A 623 57.95 -29.56 74.27
CA ILE A 623 57.70 -30.13 75.59
C ILE A 623 58.05 -31.62 75.65
N ARG A 624 58.15 -32.29 74.50
CA ARG A 624 58.51 -33.70 74.51
C ARG A 624 60.01 -33.92 74.54
N ASN A 625 60.78 -33.07 73.84
CA ASN A 625 62.22 -33.24 73.76
C ASN A 625 62.99 -32.17 74.51
N HIS A 626 62.74 -30.89 74.20
CA HIS A 626 63.48 -29.80 74.84
C HIS A 626 62.80 -29.36 76.13
CA THR B 20 -7.05 85.68 -14.20
C THR B 20 -7.41 84.21 -14.03
N ILE B 21 -6.54 83.46 -13.35
CA ILE B 21 -6.79 82.04 -13.13
C ILE B 21 -8.00 81.85 -12.22
N GLU B 22 -8.11 82.64 -11.16
CA GLU B 22 -9.26 82.55 -10.27
C GLU B 22 -10.55 82.91 -11.00
N GLU B 23 -10.53 83.96 -11.81
CA GLU B 23 -11.72 84.38 -12.53
C GLU B 23 -12.16 83.32 -13.54
N GLN B 24 -11.21 82.75 -14.27
CA GLN B 24 -11.57 81.73 -15.25
C GLN B 24 -12.04 80.45 -14.56
N ALA B 25 -11.45 80.12 -13.40
CA ALA B 25 -11.93 78.97 -12.65
C ALA B 25 -13.36 79.19 -12.15
N LYS B 26 -13.65 80.40 -11.66
CA LYS B 26 -15.01 80.70 -11.21
C LYS B 26 -16.00 80.65 -12.37
N THR B 27 -15.59 81.17 -13.53
CA THR B 27 -16.46 81.09 -14.72
C THR B 27 -16.72 79.65 -15.12
N PHE B 28 -15.67 78.82 -15.10
CA PHE B 28 -15.81 77.41 -15.43
C PHE B 28 -16.80 76.75 -14.47
N LEU B 29 -16.62 76.98 -13.17
CA LEU B 29 -17.50 76.38 -12.18
C LEU B 29 -18.94 76.85 -12.37
N ASP B 30 -19.14 78.14 -12.62
CA ASP B 30 -20.49 78.68 -12.78
C ASP B 30 -21.16 78.08 -14.01
N LYS B 31 -20.46 78.02 -15.13
CA LYS B 31 -21.06 77.47 -16.34
C LYS B 31 -21.29 75.97 -16.24
N PHE B 32 -20.46 75.26 -15.45
CA PHE B 32 -20.72 73.85 -15.23
C PHE B 32 -21.98 73.65 -14.37
N ASN B 33 -22.08 74.41 -13.28
CA ASN B 33 -23.20 74.28 -12.37
C ASN B 33 -24.50 74.65 -13.08
N HIS B 34 -24.45 75.67 -13.94
CA HIS B 34 -25.64 76.13 -14.64
C HIS B 34 -26.33 75.02 -15.43
N GLU B 35 -25.55 74.08 -15.96
CA GLU B 35 -26.16 72.93 -16.63
C GLU B 35 -26.41 71.79 -15.65
N ALA B 36 -25.42 71.50 -14.80
CA ALA B 36 -25.51 70.37 -13.90
C ALA B 36 -26.82 70.40 -13.12
N GLU B 37 -27.25 71.59 -12.70
CA GLU B 37 -28.52 71.70 -11.98
C GLU B 37 -29.66 71.07 -12.76
N ASP B 38 -29.84 71.46 -14.03
CA ASP B 38 -31.03 71.01 -14.74
C ASP B 38 -30.92 69.59 -15.25
N LEU B 39 -29.72 69.16 -15.63
CA LEU B 39 -29.54 67.77 -16.02
C LEU B 39 -29.92 66.91 -14.83
N PHE B 40 -29.25 67.14 -13.71
CA PHE B 40 -29.48 66.36 -12.50
C PHE B 40 -30.96 66.44 -12.10
N TYR B 41 -31.58 67.59 -12.30
CA TYR B 41 -32.97 67.77 -11.89
C TYR B 41 -33.87 66.88 -12.73
N GLN B 42 -33.64 66.84 -14.05
CA GLN B 42 -34.43 65.97 -14.92
C GLN B 42 -34.18 64.49 -14.61
N SER B 43 -32.94 64.13 -14.29
CA SER B 43 -32.67 62.75 -13.90
C SER B 43 -33.43 62.39 -12.63
N SER B 44 -33.51 63.34 -11.70
CA SER B 44 -34.29 63.12 -10.48
C SER B 44 -35.77 62.93 -10.80
N LEU B 45 -36.32 63.72 -11.72
CA LEU B 45 -37.71 63.47 -12.12
C LEU B 45 -37.87 62.08 -12.72
N ALA B 46 -36.92 61.65 -13.55
CA ALA B 46 -37.04 60.32 -14.16
C ALA B 46 -37.06 59.23 -13.09
N SER B 47 -36.12 59.30 -12.14
CA SER B 47 -36.07 58.30 -11.08
C SER B 47 -37.32 58.37 -10.21
N TRP B 48 -37.77 59.57 -9.88
CA TRP B 48 -38.96 59.73 -9.04
C TRP B 48 -40.20 59.19 -9.73
N ASN B 49 -40.34 59.44 -11.03
CA ASN B 49 -41.49 58.95 -11.75
C ASN B 49 -41.46 57.43 -11.89
N TYR B 50 -40.27 56.85 -12.05
CA TYR B 50 -40.18 55.39 -12.02
C TYR B 50 -40.60 54.85 -10.66
N ASN B 51 -40.12 55.47 -9.58
CA ASN B 51 -40.36 54.92 -8.25
C ASN B 51 -41.81 55.08 -7.82
N THR B 52 -42.45 56.18 -8.17
CA THR B 52 -43.84 56.39 -7.76
C THR B 52 -44.76 55.34 -8.38
N ASN B 53 -44.64 55.11 -9.68
CA ASN B 53 -45.40 54.06 -10.36
C ASN B 53 -44.46 53.38 -11.34
N ILE B 54 -44.46 52.04 -11.33
CA ILE B 54 -43.59 51.26 -12.20
C ILE B 54 -44.13 51.30 -13.62
N THR B 55 -43.56 52.18 -14.45
CA THR B 55 -43.98 52.36 -15.82
C THR B 55 -42.84 52.01 -16.75
N GLU B 56 -43.12 51.19 -17.77
CA GLU B 56 -42.07 50.77 -18.70
C GLU B 56 -41.61 51.92 -19.59
N GLU B 57 -42.52 52.80 -20.00
CA GLU B 57 -42.17 53.88 -20.91
C GLU B 57 -41.18 54.85 -20.30
N ASN B 58 -41.10 54.94 -18.97
CA ASN B 58 -40.16 55.83 -18.32
C ASN B 58 -38.83 55.18 -18.01
N VAL B 59 -38.71 53.86 -18.22
CA VAL B 59 -37.44 53.19 -17.95
C VAL B 59 -36.36 53.68 -18.90
N GLN B 60 -36.68 53.73 -20.20
CA GLN B 60 -35.71 54.22 -21.18
C GLN B 60 -35.46 55.72 -20.99
N ASN B 61 -36.48 56.46 -20.55
CA ASN B 61 -36.28 57.87 -20.23
C ASN B 61 -35.27 58.03 -19.11
N MET B 62 -35.37 57.20 -18.07
CA MET B 62 -34.37 57.21 -17.01
C MET B 62 -33.00 56.84 -17.56
N ASN B 63 -32.95 55.82 -18.41
CA ASN B 63 -31.66 55.32 -18.90
C ASN B 63 -30.92 56.38 -19.71
N ASN B 64 -31.61 57.01 -20.67
CA ASN B 64 -30.94 58.00 -21.50
C ASN B 64 -30.55 59.23 -20.69
N ALA B 65 -31.41 59.65 -19.75
CA ALA B 65 -31.09 60.79 -18.91
C ALA B 65 -29.87 60.51 -18.04
N GLY B 66 -29.80 59.30 -17.47
CA GLY B 66 -28.64 58.95 -16.66
C GLY B 66 -27.37 58.85 -17.49
N ASP B 67 -27.46 58.29 -18.70
CA ASP B 67 -26.30 58.23 -19.57
C ASP B 67 -25.83 59.62 -19.96
N LYS B 68 -26.77 60.52 -20.26
CA LYS B 68 -26.41 61.89 -20.59
C LYS B 68 -25.76 62.61 -19.41
N TRP B 69 -26.28 62.39 -18.20
CA TRP B 69 -25.70 63.00 -17.02
C TRP B 69 -24.29 62.46 -16.76
N SER B 70 -24.11 61.15 -16.93
CA SER B 70 -22.78 60.57 -16.76
C SER B 70 -21.80 61.09 -17.80
N ALA B 71 -22.25 61.23 -19.04
CA ALA B 71 -21.39 61.79 -20.08
C ALA B 71 -21.03 63.25 -19.79
N PHE B 72 -22.00 64.01 -19.27
CA PHE B 72 -21.73 65.39 -18.89
C PHE B 72 -20.68 65.45 -17.78
N LEU B 73 -20.81 64.58 -16.78
CA LEU B 73 -19.83 64.54 -15.70
C LEU B 73 -18.46 64.16 -16.23
N LYS B 74 -18.40 63.17 -17.13
CA LYS B 74 -17.13 62.74 -17.69
C LYS B 74 -16.47 63.88 -18.48
N GLU B 75 -17.23 64.57 -19.31
CA GLU B 75 -16.66 65.66 -20.10
C GLU B 75 -16.24 66.82 -19.21
N GLN B 76 -17.00 67.11 -18.15
CA GLN B 76 -16.60 68.17 -17.22
C GLN B 76 -15.33 67.79 -16.50
N SER B 77 -15.17 66.52 -16.14
CA SER B 77 -13.92 66.06 -15.55
C SER B 77 -12.76 66.22 -16.53
N THR B 78 -12.98 65.90 -17.80
CA THR B 78 -11.94 66.06 -18.81
C THR B 78 -11.55 67.53 -19.01
N LEU B 79 -12.50 68.45 -18.88
CA LEU B 79 -12.18 69.87 -19.01
C LEU B 79 -11.85 70.51 -17.66
N ALA B 80 -11.30 69.74 -16.73
CA ALA B 80 -10.81 70.27 -15.46
C ALA B 80 -9.35 69.92 -15.20
N GLN B 81 -8.66 69.31 -16.17
CA GLN B 81 -7.28 68.91 -15.95
C GLN B 81 -6.33 70.11 -16.03
N MET B 82 -6.68 71.14 -16.80
CA MET B 82 -5.82 72.31 -16.96
C MET B 82 -6.00 73.28 -15.79
N TYR B 83 -5.90 72.76 -14.57
CA TYR B 83 -6.04 73.59 -13.37
C TYR B 83 -5.17 73.00 -12.27
N PRO B 84 -3.89 73.35 -12.23
CA PRO B 84 -3.03 72.88 -11.16
C PRO B 84 -3.49 73.38 -9.80
N LEU B 85 -3.28 72.57 -8.78
CA LEU B 85 -3.85 72.82 -7.45
C LEU B 85 -2.97 73.70 -6.57
N GLN B 86 -1.77 74.08 -7.03
CA GLN B 86 -0.87 74.86 -6.19
C GLN B 86 -1.07 76.37 -6.33
N GLU B 87 -1.89 76.82 -7.27
CA GLU B 87 -2.14 78.25 -7.47
C GLU B 87 -3.51 78.68 -6.96
N ILE B 88 -4.18 77.84 -6.18
CA ILE B 88 -5.53 78.13 -5.73
C ILE B 88 -5.48 78.70 -4.33
N GLN B 89 -6.14 79.85 -4.12
CA GLN B 89 -6.18 80.52 -2.83
C GLN B 89 -7.52 80.32 -2.12
N ASN B 90 -8.64 80.48 -2.84
CA ASN B 90 -9.94 80.23 -2.25
C ASN B 90 -10.06 78.75 -1.88
N LEU B 91 -10.70 78.48 -0.75
CA LEU B 91 -10.82 77.11 -0.28
C LEU B 91 -12.03 76.40 -0.88
N THR B 92 -13.12 77.13 -1.09
CA THR B 92 -14.33 76.50 -1.62
C THR B 92 -14.11 75.97 -3.03
N VAL B 93 -13.54 76.80 -3.90
CA VAL B 93 -13.25 76.35 -5.26
C VAL B 93 -12.19 75.26 -5.24
N LYS B 94 -11.28 75.30 -4.27
CA LYS B 94 -10.29 74.23 -4.13
C LYS B 94 -10.98 72.89 -3.85
N LEU B 95 -11.91 72.88 -2.90
CA LEU B 95 -12.63 71.66 -2.57
C LEU B 95 -13.47 71.18 -3.76
N GLN B 96 -14.14 72.10 -4.45
CA GLN B 96 -14.94 71.68 -5.60
C GLN B 96 -14.08 71.11 -6.71
N LEU B 97 -12.93 71.74 -6.99
CA LEU B 97 -12.03 71.21 -8.01
C LEU B 97 -11.50 69.83 -7.61
N GLN B 98 -11.17 69.66 -6.33
CA GLN B 98 -10.71 68.34 -5.88
C GLN B 98 -11.81 67.29 -6.01
N ALA B 99 -13.05 67.66 -5.68
CA ALA B 99 -14.17 66.74 -5.80
C ALA B 99 -14.47 66.43 -7.27
N LEU B 100 -14.07 67.32 -8.17
CA LEU B 100 -14.21 67.04 -9.60
C LEU B 100 -12.95 66.45 -10.22
N GLN B 101 -11.88 66.28 -9.45
CA GLN B 101 -10.58 65.93 -10.01
C GLN B 101 -10.30 64.42 -10.05
N GLN B 102 -10.96 63.61 -9.22
CA GLN B 102 -10.61 62.20 -9.15
C GLN B 102 -10.94 61.50 -10.46
N ASN B 103 -10.00 60.68 -10.93
CA ASN B 103 -10.17 59.98 -12.20
C ASN B 103 -11.17 58.83 -12.08
N GLY B 104 -11.11 58.07 -10.98
CA GLY B 104 -11.94 56.89 -10.87
C GLY B 104 -11.36 55.73 -11.67
N SER B 105 -12.23 55.09 -12.44
CA SER B 105 -11.84 53.96 -13.27
C SER B 105 -11.37 54.37 -14.65
N SER B 106 -11.28 55.68 -14.92
CA SER B 106 -10.89 56.14 -16.26
C SER B 106 -9.47 55.71 -16.62
N VAL B 107 -8.53 55.80 -15.67
CA VAL B 107 -7.14 55.48 -15.97
C VAL B 107 -6.94 54.00 -16.25
N LEU B 108 -7.87 53.15 -15.82
CA LEU B 108 -7.75 51.72 -16.08
C LEU B 108 -7.94 51.43 -17.56
N SER B 109 -7.23 50.42 -18.04
CA SER B 109 -7.28 50.08 -19.46
C SER B 109 -8.67 49.61 -19.86
N GLU B 110 -8.97 49.75 -21.16
CA GLU B 110 -10.31 49.45 -21.64
C GLU B 110 -10.66 47.98 -21.44
N ASP B 111 -9.74 47.07 -21.79
CA ASP B 111 -9.99 45.65 -21.57
C ASP B 111 -10.09 45.34 -20.08
N LYS B 112 -9.21 45.93 -19.27
CA LYS B 112 -9.28 45.71 -17.84
C LYS B 112 -10.56 46.31 -17.24
N SER B 113 -10.97 47.47 -17.74
CA SER B 113 -12.22 48.06 -17.25
C SER B 113 -13.41 47.18 -17.58
N LYS B 114 -13.46 46.64 -18.80
CA LYS B 114 -14.54 45.74 -19.17
C LYS B 114 -14.52 44.47 -18.32
N ARG B 115 -13.32 43.93 -18.06
CA ARG B 115 -13.21 42.75 -17.21
C ARG B 115 -13.72 43.03 -15.81
N LEU B 116 -13.35 44.18 -15.25
CA LEU B 116 -13.79 44.52 -13.90
C LEU B 116 -15.30 44.69 -13.84
N ASN B 117 -15.89 45.37 -14.83
CA ASN B 117 -17.34 45.54 -14.82
C ASN B 117 -18.05 44.19 -14.93
N THR B 118 -17.54 43.31 -15.80
CA THR B 118 -18.14 41.99 -15.94
C THR B 118 -18.05 41.20 -14.63
N ILE B 119 -16.90 41.28 -13.95
CA ILE B 119 -16.74 40.50 -12.72
C ILE B 119 -17.63 41.05 -11.62
N LEU B 120 -17.81 42.37 -11.55
CA LEU B 120 -18.72 42.93 -10.55
C LEU B 120 -20.16 42.49 -10.83
N ASN B 121 -20.57 42.52 -12.11
CA ASN B 121 -21.93 42.10 -12.44
C ASN B 121 -22.14 40.62 -12.14
N THR B 122 -21.14 39.78 -12.43
CA THR B 122 -21.26 38.37 -12.12
C THR B 122 -21.38 38.14 -10.62
N MET B 123 -20.61 38.89 -9.83
CA MET B 123 -20.66 38.77 -8.38
C MET B 123 -22.05 39.12 -7.86
N SER B 124 -22.59 40.25 -8.31
CA SER B 124 -23.92 40.66 -7.87
C SER B 124 -24.98 39.66 -8.28
N THR B 125 -24.90 39.13 -9.50
CA THR B 125 -25.88 38.15 -9.96
C THR B 125 -25.81 36.86 -9.17
N ILE B 126 -24.60 36.38 -8.85
CA ILE B 126 -24.49 35.16 -8.06
C ILE B 126 -25.07 35.37 -6.67
N TYR B 127 -24.78 36.51 -6.05
CA TYR B 127 -25.31 36.75 -4.71
C TYR B 127 -26.84 36.83 -4.73
N SER B 128 -27.40 37.49 -5.75
CA SER B 128 -28.84 37.74 -5.76
C SER B 128 -29.65 36.50 -6.09
N THR B 129 -29.17 35.66 -7.00
CA THR B 129 -29.98 34.54 -7.48
C THR B 129 -29.36 33.19 -7.21
N GLY B 130 -28.67 33.03 -6.09
CA GLY B 130 -28.12 31.75 -5.68
C GLY B 130 -29.07 31.08 -4.70
N LYS B 131 -29.28 29.78 -4.87
CA LYS B 131 -30.19 29.04 -4.02
C LYS B 131 -29.56 27.73 -3.57
N VAL B 132 -29.94 27.26 -2.39
CA VAL B 132 -29.47 25.95 -1.92
C VAL B 132 -30.65 24.97 -1.95
N CYS B 133 -30.43 23.67 -1.73
CA CYS B 133 -31.55 22.72 -1.68
C CYS B 133 -31.54 21.63 -0.59
N ASN B 134 -32.71 21.27 -0.08
CA ASN B 134 -32.89 20.21 0.91
C ASN B 134 -32.19 18.92 0.49
N PRO B 135 -31.55 18.21 1.42
CA PRO B 135 -30.89 16.95 1.08
C PRO B 135 -31.83 15.76 0.91
N ASP B 136 -33.12 15.90 1.25
CA ASP B 136 -34.06 14.78 1.14
C ASP B 136 -35.25 15.18 0.26
N ASN B 137 -35.11 16.29 -0.46
CA ASN B 137 -36.14 16.73 -1.39
C ASN B 137 -35.56 17.74 -2.36
N PRO B 138 -34.75 17.31 -3.33
CA PRO B 138 -34.03 18.27 -4.18
C PRO B 138 -34.92 19.11 -5.07
N GLN B 139 -36.25 18.93 -4.97
CA GLN B 139 -37.20 19.68 -5.78
C GLN B 139 -37.88 20.76 -4.94
N GLU B 140 -37.15 21.27 -3.95
CA GLU B 140 -37.63 22.33 -3.07
C GLU B 140 -36.42 23.18 -2.71
N CYS B 141 -36.20 24.28 -3.43
CA CYS B 141 -34.99 25.06 -3.28
C CYS B 141 -35.33 26.51 -2.96
N LEU B 142 -34.58 27.08 -2.00
CA LEU B 142 -34.90 28.35 -1.37
C LEU B 142 -33.84 29.41 -1.71
N LEU B 143 -34.30 30.63 -1.96
CA LEU B 143 -33.41 31.77 -2.15
C LEU B 143 -32.90 32.24 -0.79
N LEU B 144 -32.17 33.36 -0.78
CA LEU B 144 -31.64 33.85 0.49
C LEU B 144 -32.67 34.66 1.27
N GLU B 145 -33.14 35.77 0.70
CA GLU B 145 -33.94 36.70 1.50
C GLU B 145 -35.35 36.16 1.80
N PRO B 146 -35.97 35.37 0.94
CA PRO B 146 -37.12 34.59 1.41
C PRO B 146 -36.71 33.18 1.81
N GLY B 147 -37.30 32.69 2.89
CA GLY B 147 -37.06 31.32 3.29
C GLY B 147 -35.83 31.13 4.14
N LEU B 148 -34.64 31.24 3.54
CA LEU B 148 -33.41 30.99 4.28
C LEU B 148 -33.22 32.01 5.40
N ASN B 149 -33.52 33.28 5.12
CA ASN B 149 -33.46 34.29 6.16
C ASN B 149 -34.47 34.00 7.26
N GLU B 150 -35.68 33.57 6.90
CA GLU B 150 -36.66 33.21 7.90
C GLU B 150 -36.24 31.97 8.68
N ILE B 151 -35.62 31.00 8.02
CA ILE B 151 -35.10 29.83 8.72
C ILE B 151 -34.09 30.26 9.77
N MET B 152 -33.23 31.21 9.43
CA MET B 152 -32.22 31.64 10.39
C MET B 152 -32.79 32.53 11.48
N ALA B 153 -33.81 33.32 11.18
CA ALA B 153 -34.34 34.29 12.14
C ALA B 153 -35.39 33.70 13.07
N ASN B 154 -36.06 32.62 12.70
CA ASN B 154 -37.15 32.10 13.51
C ASN B 154 -36.92 30.71 14.07
N SER B 155 -36.21 29.84 13.35
CA SER B 155 -36.07 28.45 13.79
C SER B 155 -35.29 28.35 15.08
N LEU B 156 -35.70 27.44 15.95
CA LEU B 156 -35.01 27.14 17.19
C LEU B 156 -34.32 25.78 17.17
N ASP B 157 -34.22 25.16 15.99
CA ASP B 157 -33.61 23.85 15.86
C ASP B 157 -32.13 23.99 15.56
N TYR B 158 -31.30 23.26 16.31
CA TYR B 158 -29.85 23.29 16.05
C TYR B 158 -29.53 22.74 14.67
N ASN B 159 -30.14 21.60 14.31
CA ASN B 159 -29.80 20.93 13.06
C ASN B 159 -30.21 21.76 11.85
N GLU B 160 -31.41 22.35 11.88
CA GLU B 160 -31.87 23.14 10.74
C GLU B 160 -31.00 24.38 10.53
N ARG B 161 -30.68 25.08 11.63
CA ARG B 161 -29.83 26.26 11.54
C ARG B 161 -28.44 25.90 11.03
N LEU B 162 -27.87 24.81 11.54
CA LEU B 162 -26.54 24.41 11.09
C LEU B 162 -26.57 24.03 9.60
N TRP B 163 -27.64 23.36 9.16
CA TRP B 163 -27.75 23.02 7.75
C TRP B 163 -27.81 24.26 6.89
N ALA B 164 -28.65 25.24 7.27
CA ALA B 164 -28.77 26.45 6.47
C ALA B 164 -27.45 27.20 6.40
N TRP B 165 -26.80 27.38 7.55
CA TRP B 165 -25.50 28.05 7.61
C TRP B 165 -24.51 27.40 6.66
N GLU B 166 -24.23 26.10 6.87
CA GLU B 166 -23.20 25.43 6.10
C GLU B 166 -23.54 25.37 4.63
N SER B 167 -24.81 25.11 4.30
CA SER B 167 -25.19 24.96 2.89
C SER B 167 -25.07 26.27 2.13
N TRP B 168 -25.51 27.39 2.72
CA TRP B 168 -25.32 28.67 2.04
C TRP B 168 -23.84 28.99 1.88
N ARG B 169 -23.06 28.79 2.94
CA ARG B 169 -21.65 29.15 2.87
C ARG B 169 -20.93 28.33 1.82
N SER B 170 -21.24 27.04 1.72
CA SER B 170 -20.57 26.19 0.75
C SER B 170 -20.70 26.76 -0.65
N GLU B 171 -21.92 26.82 -1.19
CA GLU B 171 -22.07 27.24 -2.58
C GLU B 171 -21.61 28.68 -2.80
N VAL B 172 -21.97 29.60 -1.88
CA VAL B 172 -21.61 30.99 -2.14
C VAL B 172 -20.10 31.19 -2.11
N GLY B 173 -19.41 30.60 -1.13
CA GLY B 173 -17.97 30.73 -1.11
C GLY B 173 -17.30 30.09 -2.31
N LYS B 174 -17.74 28.88 -2.67
CA LYS B 174 -17.10 28.20 -3.79
C LYS B 174 -17.28 29.00 -5.08
N GLN B 175 -18.44 29.62 -5.28
CA GLN B 175 -18.65 30.39 -6.50
C GLN B 175 -17.96 31.75 -6.45
N LEU B 176 -17.83 32.37 -5.27
CA LEU B 176 -17.32 33.73 -5.16
C LEU B 176 -15.82 33.81 -4.93
N ARG B 177 -15.13 32.70 -4.66
CA ARG B 177 -13.70 32.80 -4.37
C ARG B 177 -12.87 33.33 -5.54
N PRO B 178 -12.80 32.66 -6.70
CA PRO B 178 -11.91 33.15 -7.76
C PRO B 178 -12.29 34.53 -8.28
N LEU B 179 -13.59 34.81 -8.33
CA LEU B 179 -14.05 36.14 -8.71
C LEU B 179 -13.51 37.19 -7.74
N TYR B 180 -13.55 36.89 -6.44
CA TYR B 180 -13.01 37.83 -5.46
C TYR B 180 -11.51 38.01 -5.63
N GLU B 181 -10.77 36.94 -5.92
CA GLU B 181 -9.33 37.08 -6.11
C GLU B 181 -9.02 38.00 -7.30
N GLU B 182 -9.68 37.77 -8.43
CA GLU B 182 -9.43 38.62 -9.59
C GLU B 182 -9.89 40.05 -9.31
N TYR B 183 -10.99 40.22 -8.58
CA TYR B 183 -11.49 41.55 -8.27
C TYR B 183 -10.52 42.32 -7.39
N VAL B 184 -9.95 41.66 -6.37
CA VAL B 184 -9.01 42.36 -5.50
C VAL B 184 -7.75 42.71 -6.27
N VAL B 185 -7.27 41.82 -7.13
CA VAL B 185 -6.08 42.13 -7.92
C VAL B 185 -6.32 43.36 -8.80
N LEU B 186 -7.45 43.38 -9.51
CA LEU B 186 -7.74 44.49 -10.42
C LEU B 186 -7.95 45.79 -9.67
N LYS B 187 -8.68 45.76 -8.55
CA LYS B 187 -8.91 46.98 -7.79
C LYS B 187 -7.62 47.51 -7.20
N ASN B 188 -6.76 46.63 -6.71
CA ASN B 188 -5.46 47.06 -6.20
C ASN B 188 -4.63 47.71 -7.29
N GLU B 189 -4.60 47.12 -8.47
CA GLU B 189 -3.84 47.70 -9.58
C GLU B 189 -4.39 49.08 -9.96
N MET B 190 -5.71 49.19 -10.06
CA MET B 190 -6.31 50.48 -10.41
C MET B 190 -5.99 51.53 -9.36
N ALA B 191 -6.08 51.17 -8.08
CA ALA B 191 -5.77 52.14 -7.02
C ALA B 191 -4.31 52.55 -7.04
N ARG B 192 -3.40 51.58 -7.24
CA ARG B 192 -1.98 51.92 -7.33
C ARG B 192 -1.70 52.83 -8.52
N ALA B 193 -2.49 52.70 -9.58
CA ALA B 193 -2.34 53.59 -10.73
C ALA B 193 -2.73 55.04 -10.42
N ASN B 194 -3.35 55.29 -9.28
CA ASN B 194 -3.86 56.62 -8.94
C ASN B 194 -3.14 57.25 -7.74
N HIS B 195 -1.85 56.96 -7.59
CA HIS B 195 -1.04 57.52 -6.50
C HIS B 195 -1.64 57.21 -5.13
N TYR B 196 -2.05 55.96 -4.94
CA TYR B 196 -2.50 55.45 -3.66
C TYR B 196 -1.70 54.20 -3.33
N GLU B 197 -1.59 53.90 -2.03
CA GLU B 197 -0.87 52.70 -1.63
C GLU B 197 -1.61 51.44 -2.05
N ASP B 198 -2.93 51.45 -1.95
CA ASP B 198 -3.77 50.30 -2.27
C ASP B 198 -5.21 50.79 -2.36
N TYR B 199 -6.15 49.85 -2.46
CA TYR B 199 -7.56 50.23 -2.45
C TYR B 199 -8.01 50.69 -1.06
N GLY B 200 -7.46 50.10 0.00
CA GLY B 200 -7.83 50.50 1.34
C GLY B 200 -7.53 51.96 1.59
N ASP B 201 -6.41 52.46 1.08
CA ASP B 201 -6.09 53.87 1.23
C ASP B 201 -7.11 54.75 0.51
N TYR B 202 -7.53 54.33 -0.68
CA TYR B 202 -8.57 55.08 -1.40
C TYR B 202 -9.86 55.13 -0.60
N TRP B 203 -10.24 54.00 0.02
CA TRP B 203 -11.44 53.97 0.84
C TRP B 203 -11.31 54.88 2.05
N ARG B 204 -10.15 54.83 2.72
CA ARG B 204 -9.94 55.64 3.92
C ARG B 204 -9.82 57.11 3.60
N GLY B 205 -9.52 57.46 2.35
CA GLY B 205 -9.31 58.85 1.99
C GLY B 205 -10.52 59.75 2.12
N ASP B 206 -11.70 59.19 2.42
CA ASP B 206 -12.88 60.02 2.60
C ASP B 206 -12.73 60.98 3.77
N TYR B 207 -12.15 60.51 4.88
CA TYR B 207 -11.96 61.35 6.05
C TYR B 207 -10.70 62.21 5.97
N GLU B 208 -9.86 62.01 4.96
CA GLU B 208 -8.65 62.80 4.84
C GLU B 208 -8.98 64.25 4.55
N VAL B 209 -8.37 65.16 5.31
CA VAL B 209 -8.50 66.59 5.10
C VAL B 209 -7.13 67.23 5.25
N ASN B 210 -6.81 68.16 4.36
CA ASN B 210 -5.49 68.79 4.34
C ASN B 210 -5.64 70.27 4.03
N GLY B 211 -4.56 71.00 4.26
CA GLY B 211 -4.53 72.43 3.98
C GLY B 211 -5.43 73.25 4.88
N VAL B 212 -5.51 72.92 6.16
CA VAL B 212 -6.32 73.68 7.11
C VAL B 212 -5.52 74.26 8.26
N ASP B 213 -4.28 73.82 8.47
CA ASP B 213 -3.37 74.33 9.50
C ASP B 213 -4.07 74.46 10.86
N GLY B 214 -4.47 73.31 11.39
CA GLY B 214 -5.11 73.25 12.69
C GLY B 214 -6.21 72.21 12.79
N TYR B 215 -6.58 71.63 11.65
CA TYR B 215 -7.64 70.61 11.64
C TYR B 215 -7.29 69.43 10.74
N ASP B 216 -6.00 69.21 10.48
CA ASP B 216 -5.60 68.16 9.55
C ASP B 216 -5.93 66.78 10.09
N TYR B 217 -6.10 65.83 9.17
CA TYR B 217 -6.41 64.45 9.52
C TYR B 217 -5.78 63.55 8.48
N SER B 218 -4.76 62.78 8.88
CA SER B 218 -4.10 61.88 7.95
C SER B 218 -4.96 60.64 7.71
N ARG B 219 -4.71 59.98 6.59
CA ARG B 219 -5.42 58.75 6.27
C ARG B 219 -5.07 57.63 7.24
N GLY B 220 -3.81 57.54 7.64
CA GLY B 220 -3.37 56.48 8.52
C GLY B 220 -3.80 56.65 9.97
N GLN B 221 -4.29 57.83 10.35
CA GLN B 221 -4.73 58.04 11.73
C GLN B 221 -6.07 57.37 12.01
N LEU B 222 -6.84 57.05 10.96
CA LEU B 222 -8.14 56.42 11.16
C LEU B 222 -7.99 55.05 11.82
N ILE B 223 -7.01 54.26 11.38
CA ILE B 223 -6.80 52.95 11.98
C ILE B 223 -6.51 53.08 13.47
N GLU B 224 -5.60 54.00 13.82
CA GLU B 224 -5.25 54.17 15.22
C GLU B 224 -6.45 54.62 16.04
N ASP B 225 -7.25 55.55 15.50
CA ASP B 225 -8.42 56.02 16.23
C ASP B 225 -9.42 54.89 16.45
N VAL B 226 -9.63 54.05 15.43
CA VAL B 226 -10.58 52.95 15.55
C VAL B 226 -10.11 51.95 16.60
N GLU B 227 -8.80 51.61 16.59
CA GLU B 227 -8.29 50.68 17.60
C GLU B 227 -8.42 51.26 19.00
N HIS B 228 -8.12 52.55 19.16
CA HIS B 228 -8.24 53.18 20.47
C HIS B 228 -9.67 53.12 20.98
N THR B 229 -10.65 53.36 20.10
CA THR B 229 -12.05 53.30 20.52
C THR B 229 -12.47 51.87 20.87
N PHE B 230 -12.03 50.89 20.09
CA PHE B 230 -12.43 49.51 20.38
C PHE B 230 -11.83 49.03 21.69
N GLU B 231 -10.61 49.46 22.02
CA GLU B 231 -10.02 49.04 23.29
C GLU B 231 -10.85 49.49 24.47
N GLU B 232 -11.51 50.64 24.37
CA GLU B 232 -12.41 51.09 25.42
C GLU B 232 -13.74 50.35 25.38
N ILE B 233 -14.23 50.02 24.18
CA ILE B 233 -15.53 49.34 24.10
C ILE B 233 -15.48 47.86 24.47
N LYS B 234 -14.28 47.28 24.55
CA LYS B 234 -14.16 45.84 24.80
C LYS B 234 -14.86 45.33 26.06
N PRO B 235 -14.69 45.93 27.25
CA PRO B 235 -15.23 45.29 28.47
C PRO B 235 -16.74 45.14 28.52
N LEU B 236 -17.48 46.16 28.08
CA LEU B 236 -18.94 46.06 28.08
C LEU B 236 -19.41 44.94 27.15
N TYR B 237 -18.76 44.81 25.99
CA TYR B 237 -19.09 43.71 25.11
C TYR B 237 -18.75 42.38 25.74
N GLU B 238 -17.67 42.30 26.51
CA GLU B 238 -17.33 41.05 27.17
C GLU B 238 -18.41 40.64 28.17
N HIS B 239 -18.89 41.60 28.96
CA HIS B 239 -19.95 41.30 29.92
C HIS B 239 -21.24 40.89 29.21
N LEU B 240 -21.60 41.60 28.13
CA LEU B 240 -22.79 41.24 27.37
C LEU B 240 -22.67 39.86 26.75
N HIS B 241 -21.49 39.53 26.21
CA HIS B 241 -21.27 38.22 25.63
C HIS B 241 -21.41 37.13 26.67
N ALA B 242 -20.86 37.34 27.87
CA ALA B 242 -20.99 36.34 28.92
C ALA B 242 -22.45 36.16 29.34
N TYR B 243 -23.20 37.26 29.44
CA TYR B 243 -24.61 37.15 29.81
C TYR B 243 -25.40 36.38 28.75
N VAL B 244 -25.16 36.68 27.47
CA VAL B 244 -25.87 35.99 26.41
C VAL B 244 -25.51 34.51 26.37
N ARG B 245 -24.23 34.18 26.56
CA ARG B 245 -23.82 32.78 26.58
C ARG B 245 -24.47 32.05 27.75
N ALA B 246 -24.58 32.69 28.91
CA ALA B 246 -25.27 32.07 30.03
C ALA B 246 -26.74 31.83 29.71
N LYS B 247 -27.38 32.79 29.04
CA LYS B 247 -28.81 32.65 28.74
C LYS B 247 -29.09 31.72 27.59
N LEU B 248 -28.09 31.37 26.78
CA LEU B 248 -28.29 30.44 25.68
C LEU B 248 -28.20 28.97 26.09
N MET B 249 -27.76 28.68 27.31
CA MET B 249 -27.68 27.30 27.76
C MET B 249 -29.07 26.66 27.84
N ASN B 250 -30.05 27.39 28.36
CA ASN B 250 -31.37 26.80 28.53
C ASN B 250 -32.07 26.52 27.22
N ALA B 251 -31.62 27.13 26.12
CA ALA B 251 -32.24 26.90 24.81
C ALA B 251 -31.57 25.76 24.06
N TYR B 252 -30.25 25.66 24.12
CA TYR B 252 -29.50 24.58 23.47
C TYR B 252 -28.58 23.93 24.50
N PRO B 253 -29.13 23.15 25.43
CA PRO B 253 -28.28 22.49 26.42
C PRO B 253 -27.37 21.46 25.77
N SER B 254 -26.22 21.24 26.40
CA SER B 254 -25.23 20.25 25.94
C SER B 254 -24.66 20.60 24.58
N TYR B 255 -24.72 21.88 24.20
CA TYR B 255 -24.18 22.36 22.94
C TYR B 255 -23.23 23.53 23.08
N ILE B 256 -23.27 24.27 24.18
CA ILE B 256 -22.46 25.46 24.37
C ILE B 256 -21.59 25.26 25.62
N SER B 257 -20.30 25.50 25.48
CA SER B 257 -19.38 25.38 26.60
C SER B 257 -19.50 26.58 27.55
N PRO B 258 -19.41 26.37 28.86
CA PRO B 258 -19.50 27.49 29.79
C PRO B 258 -18.29 28.40 29.81
N ILE B 259 -17.19 28.01 29.19
CA ILE B 259 -15.98 28.82 29.12
C ILE B 259 -15.56 29.15 27.70
N GLY B 260 -16.24 28.60 26.69
CA GLY B 260 -15.84 28.76 25.31
C GLY B 260 -16.57 29.90 24.62
N CYS B 261 -16.39 29.97 23.31
CA CYS B 261 -17.02 30.99 22.49
C CYS B 261 -18.46 30.59 22.19
N LEU B 262 -19.09 31.31 21.27
CA LEU B 262 -20.44 31.02 20.81
C LEU B 262 -20.38 30.42 19.41
N PRO B 263 -21.13 29.35 19.12
CA PRO B 263 -21.17 28.85 17.75
C PRO B 263 -21.78 29.89 16.82
N ALA B 264 -21.29 29.90 15.58
CA ALA B 264 -21.58 31.01 14.67
C ALA B 264 -23.04 31.02 14.21
N HIS B 265 -23.70 29.87 14.20
CA HIS B 265 -25.02 29.74 13.61
C HIS B 265 -26.16 29.96 14.59
N LEU B 266 -25.87 30.13 15.88
CA LEU B 266 -26.89 30.26 16.90
C LEU B 266 -27.22 31.70 17.24
N LEU B 267 -26.73 32.66 16.47
CA LEU B 267 -26.78 34.07 16.82
C LEU B 267 -27.97 34.81 16.22
N GLY B 268 -28.97 34.09 15.72
CA GLY B 268 -30.19 34.73 15.25
C GLY B 268 -30.07 35.45 13.93
N ASP B 269 -28.98 35.24 13.19
CA ASP B 269 -28.75 35.94 11.93
C ASP B 269 -27.83 35.08 11.09
N MET B 270 -27.86 35.32 9.78
CA MET B 270 -27.04 34.53 8.87
C MET B 270 -25.57 34.75 9.11
N TRP B 271 -25.16 36.01 9.31
CA TRP B 271 -23.75 36.35 9.49
C TRP B 271 -23.43 36.83 10.90
N GLY B 272 -24.43 37.02 11.76
CA GLY B 272 -24.18 37.56 13.07
C GLY B 272 -23.94 39.04 13.11
N ARG B 273 -24.42 39.78 12.11
CA ARG B 273 -24.25 41.22 12.10
C ARG B 273 -25.00 41.88 13.25
N PHE B 274 -26.24 41.44 13.49
CA PHE B 274 -27.06 41.96 14.58
C PHE B 274 -27.47 40.82 15.49
N TRP B 275 -27.57 41.11 16.78
CA TRP B 275 -27.96 40.13 17.78
C TRP B 275 -29.41 40.29 18.23
N THR B 276 -30.18 41.17 17.57
CA THR B 276 -31.48 41.54 18.11
C THR B 276 -32.45 40.37 18.14
N ASN B 277 -32.31 39.41 17.23
CA ASN B 277 -33.22 38.29 17.18
C ASN B 277 -33.11 37.37 18.40
N LEU B 278 -32.09 37.55 19.23
CA LEU B 278 -31.99 36.80 20.47
C LEU B 278 -32.81 37.42 21.59
N TYR B 279 -33.45 38.56 21.36
CA TYR B 279 -34.16 39.24 22.43
C TYR B 279 -35.28 38.39 23.00
N SER B 280 -35.86 37.50 22.19
CA SER B 280 -36.94 36.66 22.69
C SER B 280 -36.42 35.56 23.61
N LEU B 281 -35.15 35.20 23.50
CA LEU B 281 -34.54 34.20 24.37
C LEU B 281 -33.83 34.81 25.57
N THR B 282 -33.42 36.09 25.49
CA THR B 282 -32.56 36.68 26.50
C THR B 282 -33.23 37.86 27.19
N VAL B 283 -34.56 37.91 27.21
CA VAL B 283 -35.24 39.02 27.87
C VAL B 283 -35.00 38.94 29.37
N PRO B 284 -34.76 40.06 30.07
CA PRO B 284 -34.55 39.97 31.52
C PRO B 284 -35.81 39.62 32.28
N PHE B 285 -36.93 40.28 31.99
CA PHE B 285 -38.20 40.03 32.67
C PHE B 285 -39.27 39.88 31.59
N GLY B 286 -39.48 38.64 31.14
CA GLY B 286 -40.43 38.38 30.08
C GLY B 286 -41.89 38.47 30.50
N GLN B 287 -42.17 38.34 31.79
CA GLN B 287 -43.55 38.39 32.25
C GLN B 287 -44.12 39.80 32.21
N LYS B 288 -43.27 40.82 32.32
CA LYS B 288 -43.73 42.20 32.23
C LYS B 288 -43.26 42.80 30.91
N PRO B 289 -44.17 43.15 30.01
CA PRO B 289 -43.75 43.71 28.72
C PRO B 289 -43.28 45.14 28.84
N ASN B 290 -42.55 45.59 27.83
CA ASN B 290 -42.10 46.97 27.77
C ASN B 290 -43.26 47.87 27.35
N ILE B 291 -42.97 49.15 27.13
CA ILE B 291 -44.03 50.09 26.75
C ILE B 291 -44.53 49.77 25.35
N ASP B 292 -45.85 49.84 25.18
CA ASP B 292 -46.47 49.58 23.89
C ASP B 292 -47.87 50.20 23.92
N VAL B 293 -48.07 51.25 23.12
CA VAL B 293 -49.37 51.90 23.02
C VAL B 293 -49.78 51.98 21.57
N THR B 294 -49.33 51.01 20.76
CA THR B 294 -49.73 50.96 19.36
C THR B 294 -51.23 50.72 19.20
N ASP B 295 -51.89 50.16 20.22
CA ASP B 295 -53.33 49.99 20.19
C ASP B 295 -54.09 51.27 20.50
N ALA B 296 -53.49 52.18 21.27
CA ALA B 296 -54.13 53.46 21.53
C ALA B 296 -54.31 54.26 20.24
N MET B 297 -53.31 54.23 19.36
CA MET B 297 -53.44 54.89 18.07
C MET B 297 -54.52 54.23 17.22
N VAL B 298 -54.66 52.90 17.33
CA VAL B 298 -55.73 52.21 16.62
C VAL B 298 -57.09 52.59 17.19
N ASP B 299 -57.20 52.67 18.51
CA ASP B 299 -58.48 52.99 19.13
C ASP B 299 -58.95 54.39 18.75
N GLN B 300 -58.04 55.35 18.70
CA GLN B 300 -58.39 56.73 18.38
C GLN B 300 -58.66 56.93 16.88
N ALA B 301 -58.48 55.89 16.06
CA ALA B 301 -58.71 55.96 14.62
C ALA B 301 -57.84 57.03 13.97
N TRP B 302 -56.53 56.85 14.15
CA TRP B 302 -55.54 57.77 13.59
C TRP B 302 -55.16 57.30 12.19
N ASP B 303 -55.49 58.10 11.19
CA ASP B 303 -55.12 57.78 9.82
C ASP B 303 -53.62 58.02 9.62
N ALA B 304 -53.12 57.67 8.44
CA ALA B 304 -51.71 57.84 8.14
C ALA B 304 -51.41 59.26 7.66
N GLN B 305 -51.90 60.24 8.42
CA GLN B 305 -51.61 61.65 8.15
C GLN B 305 -51.27 62.44 9.39
N ARG B 306 -51.71 62.02 10.58
CA ARG B 306 -51.45 62.77 11.79
C ARG B 306 -50.01 62.63 12.25
N ILE B 307 -49.37 61.50 11.97
CA ILE B 307 -48.01 61.27 12.46
C ILE B 307 -47.04 62.25 11.80
N PHE B 308 -47.18 62.50 10.51
CA PHE B 308 -46.31 63.45 9.83
C PHE B 308 -46.50 64.86 10.37
N LYS B 309 -47.75 65.25 10.64
CA LYS B 309 -48.01 66.56 11.21
C LYS B 309 -47.42 66.69 12.61
N GLU B 310 -47.52 65.62 13.40
CA GLU B 310 -46.91 65.63 14.73
C GLU B 310 -45.40 65.75 14.64
N ALA B 311 -44.78 65.05 13.70
CA ALA B 311 -43.34 65.16 13.52
C ALA B 311 -42.95 66.58 13.10
N GLU B 312 -43.72 67.18 12.20
CA GLU B 312 -43.44 68.55 11.78
C GLU B 312 -43.58 69.52 12.94
N LYS B 313 -44.60 69.33 13.78
CA LYS B 313 -44.77 70.18 14.95
C LYS B 313 -43.60 70.02 15.92
N PHE B 314 -43.16 68.78 16.15
CA PHE B 314 -42.03 68.54 17.05
C PHE B 314 -40.77 69.19 16.51
N PHE B 315 -40.55 69.12 15.20
CA PHE B 315 -39.39 69.78 14.61
C PHE B 315 -39.49 71.29 14.68
N VAL B 316 -40.71 71.83 14.55
CA VAL B 316 -40.91 73.28 14.65
C VAL B 316 -40.63 73.74 16.08
N SER B 317 -40.97 72.93 17.07
CA SER B 317 -40.85 73.34 18.47
C SER B 317 -39.43 73.76 18.81
N VAL B 318 -38.44 73.05 18.29
CA VAL B 318 -37.05 73.39 18.58
C VAL B 318 -36.58 74.63 17.84
N GLY B 319 -37.41 75.21 16.98
CA GLY B 319 -37.05 76.39 16.22
C GLY B 319 -36.46 76.09 14.85
N LEU B 320 -36.27 74.82 14.50
CA LEU B 320 -35.74 74.48 13.21
C LEU B 320 -36.74 74.87 12.12
N PRO B 321 -36.26 75.26 10.93
CA PRO B 321 -37.18 75.61 9.85
C PRO B 321 -38.20 74.51 9.57
N ASN B 322 -39.36 74.92 9.09
CA ASN B 322 -40.50 74.04 8.91
C ASN B 322 -40.58 73.52 7.48
N MET B 323 -41.62 72.75 7.20
CA MET B 323 -41.83 72.20 5.88
C MET B 323 -42.55 73.19 4.98
N THR B 324 -42.09 73.28 3.73
CA THR B 324 -42.78 74.13 2.76
C THR B 324 -44.03 73.41 2.23
N GLN B 325 -44.95 74.21 1.68
CA GLN B 325 -46.16 73.63 1.10
C GLN B 325 -45.88 72.78 -0.12
N GLY B 326 -44.73 72.97 -0.77
CA GLY B 326 -44.40 72.16 -1.93
C GLY B 326 -44.28 70.69 -1.60
N PHE B 327 -43.69 70.38 -0.44
CA PHE B 327 -43.61 68.99 -0.01
C PHE B 327 -44.99 68.42 0.27
N TRP B 328 -45.82 69.13 1.05
CA TRP B 328 -47.14 68.63 1.40
C TRP B 328 -48.03 68.49 0.17
N GLU B 329 -47.74 69.25 -0.89
CA GLU B 329 -48.52 69.12 -2.12
C GLU B 329 -48.40 67.72 -2.71
N ASN B 330 -47.18 67.18 -2.75
CA ASN B 330 -46.91 65.87 -3.34
C ASN B 330 -46.88 64.85 -2.21
N SER B 331 -47.94 64.05 -2.11
CA SER B 331 -48.08 63.09 -1.02
C SER B 331 -48.43 61.74 -1.61
N MET B 332 -47.50 60.79 -1.53
CA MET B 332 -47.69 59.44 -2.04
C MET B 332 -47.62 58.40 -0.92
N LEU B 333 -47.52 58.87 0.32
CA LEU B 333 -47.24 57.99 1.46
C LEU B 333 -48.36 56.96 1.67
N THR B 334 -49.59 57.31 1.30
CA THR B 334 -50.70 56.38 1.41
C THR B 334 -50.53 55.25 0.40
N ASP B 335 -50.35 54.03 0.90
CA ASP B 335 -50.17 52.89 0.01
C ASP B 335 -51.44 52.62 -0.78
N PRO B 336 -51.37 52.46 -2.10
CA PRO B 336 -52.56 52.19 -2.89
C PRO B 336 -53.20 50.84 -2.57
N GLY B 337 -52.38 49.79 -2.57
CA GLY B 337 -52.88 48.46 -2.26
C GLY B 337 -53.58 47.76 -3.40
N ASN B 338 -53.53 48.30 -4.60
CA ASN B 338 -54.19 47.69 -5.76
C ASN B 338 -53.26 46.66 -6.40
N VAL B 339 -53.61 46.21 -7.60
CA VAL B 339 -52.80 45.21 -8.30
C VAL B 339 -51.41 45.71 -8.61
N GLN B 340 -51.22 47.03 -8.66
CA GLN B 340 -49.90 47.62 -8.88
C GLN B 340 -48.92 47.36 -7.73
N LYS B 341 -47.75 46.78 -8.04
CA LYS B 341 -46.74 46.49 -7.03
C LYS B 341 -45.52 47.38 -7.26
N ALA B 342 -45.19 48.20 -6.28
CA ALA B 342 -44.05 49.11 -6.37
C ALA B 342 -43.30 49.07 -5.05
N VAL B 343 -42.00 49.34 -5.11
CA VAL B 343 -41.17 49.37 -3.91
C VAL B 343 -41.54 50.58 -3.08
N CYS B 344 -41.75 50.37 -1.78
CA CYS B 344 -42.11 51.44 -0.86
C CYS B 344 -41.06 51.62 0.25
N HIS B 345 -39.81 51.30 -0.05
CA HIS B 345 -38.73 51.48 0.90
C HIS B 345 -38.62 52.96 1.28
N PRO B 346 -38.62 53.28 2.57
CA PRO B 346 -38.60 54.70 2.98
C PRO B 346 -37.34 55.40 2.47
N THR B 347 -37.54 56.49 1.74
CA THR B 347 -36.43 57.22 1.17
C THR B 347 -36.77 58.70 1.13
N ALA B 348 -35.73 59.53 1.19
CA ALA B 348 -35.86 60.98 1.07
C ALA B 348 -35.22 61.41 -0.24
N TRP B 349 -35.99 62.10 -1.07
CA TRP B 349 -35.55 62.54 -2.39
C TRP B 349 -35.22 64.02 -2.36
N ASP B 350 -34.10 64.37 -2.98
CA ASP B 350 -33.48 65.68 -2.93
C ASP B 350 -33.25 66.20 -4.34
N LEU B 351 -34.31 66.20 -5.15
CA LEU B 351 -34.20 66.55 -6.56
C LEU B 351 -33.53 67.91 -6.78
N GLY B 352 -33.70 68.83 -5.85
CA GLY B 352 -32.99 70.10 -5.90
C GLY B 352 -33.89 71.24 -6.35
N LYS B 353 -33.32 72.45 -6.26
CA LYS B 353 -34.04 73.69 -6.54
C LYS B 353 -35.34 73.77 -5.74
N GLY B 354 -35.21 73.55 -4.43
CA GLY B 354 -36.34 73.61 -3.52
C GLY B 354 -37.36 72.50 -3.73
N ASP B 355 -36.91 71.30 -4.05
CA ASP B 355 -37.80 70.16 -4.30
C ASP B 355 -37.32 68.99 -3.44
N PHE B 356 -37.95 68.81 -2.29
CA PHE B 356 -37.64 67.72 -1.38
C PHE B 356 -38.90 66.91 -1.11
N ARG B 357 -38.75 65.58 -1.07
CA ARG B 357 -39.88 64.68 -0.90
C ARG B 357 -39.47 63.49 -0.05
N ILE B 358 -40.48 62.77 0.46
CA ILE B 358 -40.26 61.48 1.11
C ILE B 358 -41.20 60.46 0.48
N LEU B 359 -40.65 59.32 0.07
CA LEU B 359 -41.42 58.21 -0.50
C LEU B 359 -41.40 57.06 0.49
N MET B 360 -42.57 56.62 0.92
CA MET B 360 -42.68 55.53 1.89
C MET B 360 -44.11 55.00 1.88
N CYS B 361 -44.25 53.78 2.38
CA CYS B 361 -45.57 53.20 2.63
C CYS B 361 -45.89 53.38 4.11
N THR B 362 -46.93 54.15 4.39
CA THR B 362 -47.23 54.58 5.76
C THR B 362 -48.36 53.74 6.32
N LYS B 363 -48.11 53.09 7.46
CA LYS B 363 -49.08 52.32 8.20
C LYS B 363 -49.24 52.93 9.58
N VAL B 364 -49.96 52.24 10.46
CA VAL B 364 -50.19 52.69 11.83
C VAL B 364 -49.44 51.73 12.73
N THR B 365 -48.20 52.09 13.07
CA THR B 365 -47.38 51.27 13.95
C THR B 365 -46.28 52.15 14.54
N MET B 366 -45.68 51.68 15.64
CA MET B 366 -44.57 52.41 16.24
C MET B 366 -43.39 52.52 15.30
N ASP B 367 -43.00 51.40 14.67
CA ASP B 367 -41.82 51.43 13.81
C ASP B 367 -42.00 52.38 12.65
N ASP B 368 -43.21 52.42 12.09
CA ASP B 368 -43.50 53.39 11.03
C ASP B 368 -43.40 54.82 11.56
N PHE B 369 -43.86 55.05 12.80
CA PHE B 369 -43.76 56.37 13.41
C PHE B 369 -42.30 56.81 13.53
N LEU B 370 -41.46 55.93 14.05
CA LEU B 370 -40.05 56.27 14.21
C LEU B 370 -39.37 56.44 12.86
N THR B 371 -39.74 55.63 11.86
CA THR B 371 -39.17 55.78 10.54
C THR B 371 -39.60 57.09 9.90
N ALA B 372 -40.83 57.52 10.17
CA ALA B 372 -41.28 58.83 9.71
C ALA B 372 -40.44 59.94 10.31
N HIS B 373 -40.15 59.84 11.62
CA HIS B 373 -39.25 60.81 12.23
C HIS B 373 -37.85 60.77 11.61
N HIS B 374 -37.35 59.56 11.35
CA HIS B 374 -36.03 59.41 10.74
C HIS B 374 -35.96 60.09 9.37
N GLU B 375 -36.96 59.83 8.54
CA GLU B 375 -36.99 60.45 7.21
C GLU B 375 -37.21 61.96 7.31
N MET B 376 -38.00 62.41 8.28
CA MET B 376 -38.20 63.85 8.47
C MET B 376 -36.89 64.53 8.80
N GLY B 377 -36.11 63.92 9.70
CA GLY B 377 -34.80 64.46 10.02
C GLY B 377 -33.86 64.44 8.82
N HIS B 378 -33.91 63.37 8.03
CA HIS B 378 -33.12 63.32 6.80
C HIS B 378 -33.45 64.49 5.89
N ILE B 379 -34.74 64.75 5.71
CA ILE B 379 -35.16 65.83 4.82
C ILE B 379 -34.73 67.18 5.36
N GLN B 380 -34.88 67.39 6.68
CA GLN B 380 -34.49 68.65 7.28
C GLN B 380 -33.00 68.91 7.11
N TYR B 381 -32.17 67.89 7.38
CA TYR B 381 -30.73 68.02 7.18
C TYR B 381 -30.41 68.29 5.72
N ASP B 382 -31.10 67.60 4.81
CA ASP B 382 -30.80 67.73 3.39
C ASP B 382 -31.12 69.12 2.87
N MET B 383 -32.24 69.70 3.32
CA MET B 383 -32.59 71.04 2.86
C MET B 383 -31.94 72.14 3.68
N ALA B 384 -31.29 71.80 4.79
CA ALA B 384 -30.63 72.82 5.60
C ALA B 384 -29.50 73.51 4.82
N TYR B 385 -28.76 72.75 4.00
CA TYR B 385 -27.65 73.30 3.23
C TYR B 385 -28.02 73.57 1.78
N ALA B 386 -29.29 73.89 1.51
CA ALA B 386 -29.69 74.16 0.13
C ALA B 386 -29.00 75.39 -0.43
N ALA B 387 -28.76 76.42 0.39
CA ALA B 387 -28.10 77.62 -0.07
C ALA B 387 -26.66 77.37 -0.52
N GLN B 388 -26.05 76.27 -0.07
CA GLN B 388 -24.70 75.95 -0.47
C GLN B 388 -24.65 75.58 -1.94
N PRO B 389 -23.49 75.70 -2.59
CA PRO B 389 -23.38 75.30 -3.99
C PRO B 389 -23.72 73.83 -4.21
N PHE B 390 -24.07 73.52 -5.45
CA PHE B 390 -24.56 72.18 -5.77
C PHE B 390 -23.51 71.11 -5.49
N LEU B 391 -22.25 71.37 -5.87
CA LEU B 391 -21.21 70.37 -5.65
C LEU B 391 -20.90 70.17 -4.17
N LEU B 392 -21.30 71.10 -3.32
CA LEU B 392 -21.09 71.00 -1.89
C LEU B 392 -22.36 70.61 -1.14
N ARG B 393 -23.39 70.13 -1.84
CA ARG B 393 -24.66 69.77 -1.21
C ARG B 393 -24.60 68.31 -0.76
N ASN B 394 -23.97 68.09 0.39
CA ASN B 394 -23.86 66.77 0.99
C ASN B 394 -23.45 66.92 2.44
N GLY B 395 -23.44 65.79 3.14
CA GLY B 395 -22.99 65.78 4.52
C GLY B 395 -21.49 65.98 4.63
N ALA B 396 -21.04 66.20 5.87
CA ALA B 396 -19.61 66.44 6.10
C ALA B 396 -18.78 65.24 5.71
N ASN B 397 -19.22 64.04 6.07
CA ASN B 397 -18.62 62.81 5.60
C ASN B 397 -19.72 61.77 5.45
N GLU B 398 -19.33 60.50 5.31
CA GLU B 398 -20.29 59.44 5.05
C GLU B 398 -21.12 59.06 6.28
N GLY B 399 -20.67 59.41 7.48
CA GLY B 399 -21.37 58.97 8.68
C GLY B 399 -22.29 60.01 9.30
N PHE B 400 -22.18 61.27 8.88
CA PHE B 400 -22.95 62.32 9.52
C PHE B 400 -24.43 62.21 9.21
N HIS B 401 -24.77 61.87 7.97
CA HIS B 401 -26.16 61.96 7.53
C HIS B 401 -27.05 61.01 8.32
N GLU B 402 -26.64 59.74 8.42
CA GLU B 402 -27.46 58.76 9.11
C GLU B 402 -27.53 59.04 10.60
N ALA B 403 -26.43 59.49 11.20
CA ALA B 403 -26.45 59.81 12.63
C ALA B 403 -27.41 60.97 12.92
N VAL B 404 -27.36 62.01 12.09
CA VAL B 404 -28.24 63.16 12.29
C VAL B 404 -29.70 62.74 12.09
N GLY B 405 -29.97 61.91 11.08
CA GLY B 405 -31.31 61.43 10.87
C GLY B 405 -31.82 60.56 12.01
N GLU B 406 -30.92 59.80 12.64
CA GLU B 406 -31.30 58.81 13.62
C GLU B 406 -31.48 59.40 15.02
N ILE B 407 -30.68 60.39 15.40
CA ILE B 407 -30.80 60.92 16.76
C ILE B 407 -32.15 61.61 16.99
N MET B 408 -32.76 62.15 15.95
CA MET B 408 -34.13 62.68 16.06
C MET B 408 -35.10 61.59 16.53
N SER B 409 -35.10 60.44 15.84
CA SER B 409 -35.96 59.34 16.24
C SER B 409 -35.60 58.83 17.63
N LEU B 410 -34.30 58.77 17.94
CA LEU B 410 -33.87 58.30 19.26
C LEU B 410 -34.41 59.19 20.36
N SER B 411 -34.37 60.52 20.16
CA SER B 411 -34.91 61.44 21.15
C SER B 411 -36.43 61.39 21.20
N ALA B 412 -37.08 61.15 20.05
CA ALA B 412 -38.54 61.13 19.98
C ALA B 412 -39.15 59.83 20.47
N ALA B 413 -38.35 58.79 20.66
CA ALA B 413 -38.89 57.50 21.09
C ALA B 413 -39.09 57.39 22.60
N THR B 414 -38.68 58.39 23.37
CA THR B 414 -38.80 58.31 24.81
C THR B 414 -40.26 58.39 25.25
N PRO B 415 -40.63 57.67 26.31
CA PRO B 415 -42.03 57.74 26.78
C PRO B 415 -42.44 59.12 27.28
N LYS B 416 -41.48 59.96 27.67
CA LYS B 416 -41.83 61.31 28.10
C LYS B 416 -42.46 62.11 26.97
N HIS B 417 -41.89 62.00 25.77
CA HIS B 417 -42.48 62.66 24.61
C HIS B 417 -43.86 62.10 24.30
N LEU B 418 -44.02 60.79 24.47
CA LEU B 418 -45.33 60.18 24.22
C LEU B 418 -46.38 60.70 25.18
N LYS B 419 -46.03 60.83 26.47
CA LYS B 419 -46.97 61.39 27.43
C LYS B 419 -47.27 62.85 27.13
N SER B 420 -46.24 63.62 26.75
CA SER B 420 -46.45 65.04 26.48
C SER B 420 -47.20 65.28 25.17
N ILE B 421 -47.23 64.30 24.26
CA ILE B 421 -47.92 64.49 22.99
C ILE B 421 -49.41 64.20 23.07
N GLY B 422 -49.88 63.55 24.13
CA GLY B 422 -51.29 63.27 24.28
C GLY B 422 -51.58 61.82 24.61
N LEU B 423 -50.81 60.90 24.04
CA LEU B 423 -50.96 59.49 24.34
C LEU B 423 -50.30 59.17 25.69
N LEU B 424 -50.43 57.92 26.11
CA LEU B 424 -49.77 57.41 27.32
C LEU B 424 -50.14 58.26 28.54
N SER B 425 -51.43 58.15 28.89
CA SER B 425 -52.06 58.88 29.99
C SER B 425 -51.17 58.94 31.23
N PRO B 426 -51.17 60.05 31.96
CA PRO B 426 -50.19 60.23 33.05
C PRO B 426 -50.31 59.22 34.17
N ASP B 427 -51.44 58.53 34.31
CA ASP B 427 -51.63 57.56 35.39
C ASP B 427 -50.86 56.27 35.09
N PHE B 428 -49.54 56.40 34.99
CA PHE B 428 -48.67 55.28 34.65
C PHE B 428 -47.36 55.46 35.41
N GLN B 429 -47.08 54.54 36.34
CA GLN B 429 -45.85 54.56 37.13
C GLN B 429 -44.85 53.61 36.46
N GLU B 430 -43.83 54.20 35.84
CA GLU B 430 -42.83 53.42 35.14
C GLU B 430 -41.97 52.62 36.12
N ASP B 431 -41.65 51.38 35.74
CA ASP B 431 -40.82 50.52 36.55
C ASP B 431 -39.45 50.35 35.91
N ASN B 432 -38.43 50.14 36.75
CA ASN B 432 -37.08 50.03 36.23
C ASN B 432 -36.86 48.74 35.45
N GLU B 433 -37.72 47.74 35.62
CA GLU B 433 -37.61 46.53 34.82
C GLU B 433 -37.84 46.82 33.35
N THR B 434 -38.81 47.68 33.04
CA THR B 434 -39.04 48.08 31.66
C THR B 434 -37.83 48.82 31.10
N GLU B 435 -37.20 49.67 31.93
CA GLU B 435 -36.01 50.38 31.50
C GLU B 435 -34.87 49.41 31.20
N ILE B 436 -34.70 48.38 32.05
CA ILE B 436 -33.67 47.38 31.81
C ILE B 436 -33.95 46.62 30.52
N ASN B 437 -35.22 46.25 30.30
CA ASN B 437 -35.58 45.56 29.05
C ASN B 437 -35.27 46.43 27.84
N PHE B 438 -35.62 47.71 27.90
CA PHE B 438 -35.37 48.61 26.78
C PHE B 438 -33.87 48.77 26.54
N LEU B 439 -33.09 48.91 27.60
CA LEU B 439 -31.65 49.07 27.45
C LEU B 439 -31.02 47.82 26.87
N LEU B 440 -31.47 46.64 27.29
CA LEU B 440 -30.91 45.40 26.73
C LEU B 440 -31.29 45.24 25.27
N LYS B 441 -32.53 45.58 24.91
CA LYS B 441 -32.93 45.50 23.51
C LYS B 441 -32.11 46.45 22.65
N GLN B 442 -31.86 47.66 23.14
CA GLN B 442 -31.01 48.60 22.41
C GLN B 442 -29.57 48.08 22.32
N ALA B 443 -29.07 47.47 23.39
CA ALA B 443 -27.70 46.97 23.39
C ALA B 443 -27.53 45.86 22.37
N LEU B 444 -28.50 44.96 22.28
CA LEU B 444 -28.39 43.84 21.35
C LEU B 444 -28.19 44.30 19.91
N THR B 445 -28.65 45.51 19.58
CA THR B 445 -28.49 46.06 18.25
C THR B 445 -27.26 46.95 18.13
N ILE B 446 -26.96 47.74 19.16
CA ILE B 446 -25.89 48.72 19.05
C ILE B 446 -24.52 48.11 19.38
N VAL B 447 -24.42 47.44 20.53
CA VAL B 447 -23.11 46.97 20.98
C VAL B 447 -22.76 45.63 20.35
N GLY B 448 -23.76 44.85 19.94
CA GLY B 448 -23.47 43.56 19.35
C GLY B 448 -22.92 43.61 17.94
N THR B 449 -22.96 44.77 17.29
CA THR B 449 -22.51 44.90 15.92
C THR B 449 -21.15 45.60 15.78
N LEU B 450 -20.66 46.29 16.80
CA LEU B 450 -19.38 46.98 16.68
C LEU B 450 -18.22 46.02 16.46
N PRO B 451 -18.05 44.93 17.21
CA PRO B 451 -16.94 44.01 16.91
C PRO B 451 -16.99 43.44 15.50
N PHE B 452 -18.18 43.13 15.00
CA PHE B 452 -18.28 42.58 13.65
C PHE B 452 -17.81 43.58 12.60
N THR B 453 -18.27 44.83 12.72
CA THR B 453 -17.85 45.87 11.78
C THR B 453 -16.34 46.08 11.85
N TYR B 454 -15.80 46.19 13.05
CA TYR B 454 -14.36 46.41 13.20
C TYR B 454 -13.57 45.27 12.60
N MET B 455 -13.95 44.03 12.89
CA MET B 455 -13.23 42.88 12.38
C MET B 455 -13.31 42.80 10.86
N LEU B 456 -14.49 43.03 10.29
CA LEU B 456 -14.63 42.92 8.84
C LEU B 456 -13.78 43.96 8.14
N GLU B 457 -13.83 45.21 8.61
CA GLU B 457 -13.03 46.24 7.95
C GLU B 457 -11.54 46.00 8.13
N LYS B 458 -11.13 45.50 9.30
CA LYS B 458 -9.72 45.16 9.50
C LYS B 458 -9.26 44.09 8.53
N TRP B 459 -10.06 43.02 8.37
CA TRP B 459 -9.68 41.95 7.46
C TRP B 459 -9.60 42.45 6.03
N ARG B 460 -10.56 43.27 5.60
CA ARG B 460 -10.52 43.78 4.23
C ARG B 460 -9.32 44.69 4.01
N TRP B 461 -9.01 45.56 4.97
CA TRP B 461 -7.87 46.45 4.83
C TRP B 461 -6.58 45.65 4.70
N MET B 462 -6.39 44.65 5.55
CA MET B 462 -5.12 43.92 5.46
C MET B 462 -5.07 42.97 4.28
N VAL B 463 -6.22 42.57 3.73
CA VAL B 463 -6.21 41.82 2.49
C VAL B 463 -5.81 42.71 1.32
N PHE B 464 -6.35 43.93 1.27
CA PHE B 464 -5.97 44.85 0.21
C PHE B 464 -4.50 45.24 0.30
N LYS B 465 -4.01 45.49 1.52
CA LYS B 465 -2.64 45.94 1.73
C LYS B 465 -1.60 44.86 1.50
N GLY B 466 -2.02 43.61 1.33
CA GLY B 466 -1.09 42.53 1.08
C GLY B 466 -0.49 41.87 2.30
N GLU B 467 -0.91 42.27 3.51
CA GLU B 467 -0.38 41.63 4.71
C GLU B 467 -0.78 40.17 4.79
N ILE B 468 -2.03 39.85 4.48
CA ILE B 468 -2.51 38.47 4.49
C ILE B 468 -2.18 37.83 3.15
N PRO B 469 -1.37 36.76 3.12
CA PRO B 469 -1.13 36.06 1.86
C PRO B 469 -2.42 35.43 1.35
N LYS B 470 -2.50 35.29 0.02
CA LYS B 470 -3.68 34.71 -0.59
C LYS B 470 -3.88 33.25 -0.18
N ASP B 471 -2.85 32.61 0.33
CA ASP B 471 -2.92 31.23 0.78
C ASP B 471 -3.58 31.11 2.15
N GLN B 472 -3.51 32.16 2.97
CA GLN B 472 -3.96 32.07 4.36
C GLN B 472 -5.26 32.81 4.65
N TRP B 473 -5.92 33.40 3.64
CA TRP B 473 -7.10 34.23 3.84
C TRP B 473 -8.08 33.63 4.84
N MET B 474 -8.66 32.48 4.49
CA MET B 474 -9.66 31.86 5.36
C MET B 474 -9.11 31.71 6.76
N LYS B 475 -7.90 31.14 6.88
CA LYS B 475 -7.30 30.94 8.19
C LYS B 475 -7.38 32.22 9.00
N LYS B 476 -6.79 33.29 8.48
CA LYS B 476 -6.73 34.52 9.24
C LYS B 476 -8.12 34.96 9.65
N TRP B 477 -9.07 34.90 8.72
CA TRP B 477 -10.43 35.36 9.00
C TRP B 477 -10.96 34.69 10.25
N TRP B 478 -10.90 33.35 10.28
CA TRP B 478 -11.53 32.68 11.41
C TRP B 478 -10.76 32.94 12.69
N GLU B 479 -9.43 33.10 12.60
CA GLU B 479 -8.67 33.44 13.78
C GLU B 479 -9.20 34.72 14.41
N MET B 480 -9.48 35.73 13.58
CA MET B 480 -9.99 36.98 14.12
C MET B 480 -11.32 36.76 14.82
N LYS B 481 -12.20 35.93 14.23
CA LYS B 481 -13.50 35.72 14.85
C LYS B 481 -13.38 34.99 16.17
N ARG B 482 -12.29 34.26 16.40
CA ARG B 482 -12.12 33.60 17.68
C ARG B 482 -11.48 34.51 18.73
N GLU B 483 -10.99 35.68 18.33
CA GLU B 483 -10.25 36.52 19.25
C GLU B 483 -10.79 37.93 19.40
N ILE B 484 -11.54 38.44 18.43
CA ILE B 484 -12.12 39.79 18.51
C ILE B 484 -13.61 39.73 18.80
N VAL B 485 -14.33 38.87 18.09
CA VAL B 485 -15.78 38.76 18.26
C VAL B 485 -16.12 37.71 19.30
N GLY B 486 -15.39 36.61 19.33
CA GLY B 486 -15.66 35.53 20.26
C GLY B 486 -16.70 34.57 19.72
N VAL B 487 -16.51 34.14 18.47
CA VAL B 487 -17.45 33.29 17.75
C VAL B 487 -16.64 32.22 17.03
N VAL B 488 -17.08 30.97 17.15
CA VAL B 488 -16.34 29.83 16.61
C VAL B 488 -17.19 29.15 15.55
N GLU B 489 -16.56 28.75 14.44
CA GLU B 489 -17.26 28.04 13.39
C GLU B 489 -17.63 26.63 13.84
N PRO B 490 -18.75 26.10 13.37
CA PRO B 490 -19.14 24.74 13.76
C PRO B 490 -18.52 23.65 12.90
N VAL B 491 -18.02 23.99 11.71
CA VAL B 491 -17.32 23.03 10.86
C VAL B 491 -16.07 23.68 10.27
N PRO B 492 -14.97 22.96 10.13
CA PRO B 492 -13.75 23.57 9.57
C PRO B 492 -13.95 23.97 8.11
N HIS B 493 -13.34 25.08 7.73
CA HIS B 493 -13.42 25.61 6.37
C HIS B 493 -12.02 25.71 5.80
N ASP B 494 -11.79 25.04 4.67
CA ASP B 494 -10.49 25.05 4.01
C ASP B 494 -10.32 26.33 3.20
N GLU B 495 -9.33 26.35 2.30
CA GLU B 495 -9.02 27.56 1.55
C GLU B 495 -9.90 27.75 0.32
N THR B 496 -10.82 26.84 0.05
CA THR B 496 -11.69 26.96 -1.11
C THR B 496 -12.90 27.85 -0.84
N TYR B 497 -13.14 28.17 0.42
CA TYR B 497 -14.29 28.96 0.81
C TYR B 497 -13.97 30.45 0.76
N CYS B 498 -15.03 31.26 0.72
CA CYS B 498 -14.93 32.71 0.80
C CYS B 498 -16.03 33.27 1.71
N ASP B 499 -16.09 32.75 2.94
CA ASP B 499 -17.13 33.17 3.90
C ASP B 499 -17.34 34.68 3.99
N PRO B 500 -16.30 35.51 4.11
CA PRO B 500 -16.56 36.96 4.15
C PRO B 500 -17.30 37.48 2.94
N ALA B 501 -17.08 36.90 1.76
CA ALA B 501 -17.76 37.33 0.54
C ALA B 501 -19.25 37.03 0.56
N SER B 502 -19.73 36.24 1.52
CA SER B 502 -21.17 35.98 1.60
C SER B 502 -21.95 37.23 1.98
N LEU B 503 -21.30 38.24 2.56
CA LEU B 503 -21.98 39.48 2.92
C LEU B 503 -22.46 40.20 1.68
N PHE B 504 -23.46 41.06 1.87
CA PHE B 504 -23.95 41.86 0.75
C PHE B 504 -22.98 42.99 0.41
N HIS B 505 -22.32 43.55 1.43
CA HIS B 505 -21.50 44.73 1.21
C HIS B 505 -20.19 44.40 0.53
N VAL B 506 -19.61 43.25 0.86
CA VAL B 506 -18.29 42.91 0.30
C VAL B 506 -18.41 42.54 -1.18
N SER B 507 -19.44 41.75 -1.54
CA SER B 507 -19.58 41.29 -2.91
C SER B 507 -20.16 42.37 -3.83
N ASN B 508 -20.67 43.47 -3.28
CA ASN B 508 -21.14 44.59 -4.08
C ASN B 508 -20.24 45.81 -3.96
N ASP B 509 -19.04 45.65 -3.39
CA ASP B 509 -18.02 46.70 -3.35
C ASP B 509 -18.52 47.94 -2.61
N TYR B 510 -18.79 47.77 -1.31
CA TYR B 510 -19.22 48.86 -0.46
C TYR B 510 -18.33 48.96 0.76
N SER B 511 -18.26 50.17 1.31
CA SER B 511 -17.44 50.45 2.48
C SER B 511 -18.26 50.19 3.75
N PHE B 512 -17.56 49.80 4.82
CA PHE B 512 -18.21 49.34 6.04
C PHE B 512 -17.85 50.11 7.29
N ILE B 513 -16.93 51.08 7.22
CA ILE B 513 -16.55 51.83 8.41
C ILE B 513 -17.54 52.93 8.75
N ARG B 514 -18.42 53.28 7.82
CA ARG B 514 -19.42 54.30 8.12
C ARG B 514 -20.36 53.84 9.22
N TYR B 515 -20.61 52.53 9.34
CA TYR B 515 -21.47 52.01 10.40
C TYR B 515 -20.82 52.13 11.77
N TYR B 516 -19.50 52.14 11.83
CA TYR B 516 -18.79 52.36 13.09
C TYR B 516 -18.81 53.84 13.45
N THR B 517 -18.38 54.69 12.52
CA THR B 517 -18.29 56.12 12.82
C THR B 517 -19.65 56.72 13.10
N ARG B 518 -20.71 56.27 12.40
CA ARG B 518 -22.03 56.79 12.66
C ARG B 518 -22.52 56.42 14.05
N THR B 519 -22.26 55.19 14.48
CA THR B 519 -22.66 54.78 15.82
C THR B 519 -21.96 55.60 16.88
N LEU B 520 -20.70 55.98 16.65
CA LEU B 520 -20.04 56.85 17.62
C LEU B 520 -20.60 58.28 17.57
N TYR B 521 -20.78 58.82 16.37
CA TYR B 521 -21.20 60.21 16.21
C TYR B 521 -22.61 60.45 16.74
N GLN B 522 -23.51 59.47 16.57
CA GLN B 522 -24.87 59.69 17.03
C GLN B 522 -24.93 59.88 18.54
N PHE B 523 -24.18 59.08 19.28
CA PHE B 523 -24.17 59.23 20.73
C PHE B 523 -23.42 60.48 21.17
N GLN B 524 -22.35 60.85 20.45
CA GLN B 524 -21.70 62.13 20.75
C GLN B 524 -22.69 63.29 20.59
N PHE B 525 -23.45 63.28 19.49
CA PHE B 525 -24.43 64.34 19.25
C PHE B 525 -25.52 64.33 20.31
N GLN B 526 -26.01 63.14 20.68
CA GLN B 526 -27.06 63.05 21.68
C GLN B 526 -26.59 63.61 23.02
N GLU B 527 -25.37 63.24 23.43
CA GLU B 527 -24.83 63.77 24.68
C GLU B 527 -24.66 65.28 24.63
N ALA B 528 -24.14 65.79 23.51
CA ALA B 528 -23.95 67.23 23.40
C ALA B 528 -25.29 67.97 23.46
N LEU B 529 -26.30 67.46 22.76
CA LEU B 529 -27.61 68.10 22.76
C LEU B 529 -28.24 68.06 24.15
N CYS B 530 -28.11 66.92 24.85
CA CYS B 530 -28.66 66.82 26.20
C CYS B 530 -27.95 67.78 27.16
N GLN B 531 -26.63 67.89 27.04
CA GLN B 531 -25.89 68.81 27.91
C GLN B 531 -26.25 70.25 27.62
N ALA B 532 -26.45 70.60 26.34
CA ALA B 532 -26.87 71.96 25.99
C ALA B 532 -28.27 72.25 26.48
N ALA B 533 -29.18 71.28 26.41
CA ALA B 533 -30.56 71.50 26.86
C ALA B 533 -30.69 71.48 28.37
N LYS B 534 -29.63 71.15 29.10
CA LYS B 534 -29.64 71.11 30.56
C LYS B 534 -30.68 70.11 31.07
N HIS B 535 -30.51 68.85 30.66
CA HIS B 535 -31.34 67.76 31.13
C HIS B 535 -30.97 67.40 32.56
N GLU B 536 -31.91 66.76 33.27
CA GLU B 536 -31.66 66.36 34.65
C GLU B 536 -30.50 65.37 34.73
N GLY B 537 -30.61 64.27 33.98
CA GLY B 537 -29.49 63.37 33.77
C GLY B 537 -29.66 62.59 32.48
N PRO B 538 -28.70 62.72 31.55
CA PRO B 538 -28.85 62.03 30.26
C PRO B 538 -28.42 60.57 30.31
N LEU B 539 -29.27 59.70 30.86
CA LEU B 539 -28.89 58.29 30.92
C LEU B 539 -29.41 57.57 29.69
N HIS B 540 -30.74 57.44 29.58
CA HIS B 540 -31.38 56.93 28.37
C HIS B 540 -32.68 57.67 28.08
N LYS B 541 -33.17 58.43 29.07
CA LYS B 541 -34.47 59.08 28.96
C LYS B 541 -34.38 60.56 28.58
N CYS B 542 -33.31 60.95 27.91
CA CYS B 542 -33.15 62.36 27.57
C CYS B 542 -34.03 62.75 26.40
N ASP B 543 -34.62 63.94 26.48
CA ASP B 543 -35.40 64.53 25.41
C ASP B 543 -35.01 65.99 25.24
N ILE B 544 -35.08 66.46 23.99
CA ILE B 544 -34.64 67.81 23.65
C ILE B 544 -35.80 68.64 23.10
N SER B 545 -37.03 68.21 23.31
CA SER B 545 -38.18 68.95 22.81
C SER B 545 -38.33 70.28 23.52
N ASN B 546 -38.82 71.28 22.80
CA ASN B 546 -39.08 72.62 23.35
C ASN B 546 -37.80 73.24 23.89
N SER B 547 -36.73 73.22 23.10
CA SER B 547 -35.45 73.81 23.47
C SER B 547 -34.90 74.55 22.24
N THR B 548 -35.05 75.88 22.25
CA THR B 548 -34.61 76.67 21.10
C THR B 548 -33.10 76.71 20.98
N GLU B 549 -32.37 76.74 22.11
CA GLU B 549 -30.92 76.78 22.05
C GLU B 549 -30.36 75.50 21.45
N ALA B 550 -30.98 74.35 21.76
CA ALA B 550 -30.54 73.09 21.16
C ALA B 550 -30.73 73.10 19.66
N GLY B 551 -31.88 73.60 19.19
CA GLY B 551 -32.11 73.70 17.76
C GLY B 551 -31.13 74.65 17.09
N GLN B 552 -30.82 75.77 17.73
CA GLN B 552 -29.83 76.68 17.18
C GLN B 552 -28.47 76.03 17.08
N LYS B 553 -28.07 75.28 18.11
CA LYS B 553 -26.79 74.59 18.10
C LYS B 553 -26.75 73.55 16.98
N LEU B 554 -27.84 72.82 16.78
CA LEU B 554 -27.89 71.85 15.69
C LEU B 554 -27.82 72.53 14.33
N PHE B 555 -28.55 73.64 14.17
CA PHE B 555 -28.56 74.35 12.89
C PHE B 555 -27.19 74.94 12.59
N ASN B 556 -26.43 75.29 13.65
CA ASN B 556 -25.10 75.85 13.46
C ASN B 556 -24.19 74.87 12.71
N MET B 557 -24.45 73.57 12.83
CA MET B 557 -23.66 72.57 12.12
C MET B 557 -24.37 72.01 10.90
N LEU B 558 -25.71 72.05 10.88
CA LEU B 558 -26.45 71.46 9.77
C LEU B 558 -26.15 72.16 8.45
N ARG B 559 -26.08 73.49 8.46
CA ARG B 559 -26.03 74.27 7.22
C ARG B 559 -24.66 74.32 6.57
N LEU B 560 -23.61 73.84 7.24
CA LEU B 560 -22.27 73.95 6.66
C LEU B 560 -22.10 73.09 5.42
N GLY B 561 -22.60 71.86 5.46
CA GLY B 561 -22.37 70.95 4.34
C GLY B 561 -20.92 70.53 4.30
N LYS B 562 -20.31 70.60 3.12
CA LYS B 562 -18.90 70.24 2.93
C LYS B 562 -18.00 71.46 2.76
N SER B 563 -18.47 72.65 3.13
CA SER B 563 -17.67 73.85 2.94
C SER B 563 -16.46 73.92 3.86
N GLU B 564 -16.41 73.11 4.91
CA GLU B 564 -15.31 73.10 5.85
C GLU B 564 -15.09 71.68 6.33
N PRO B 565 -13.91 71.36 6.88
CA PRO B 565 -13.65 69.99 7.33
C PRO B 565 -14.63 69.56 8.41
N TRP B 566 -14.90 68.25 8.44
CA TRP B 566 -15.87 67.73 9.41
C TRP B 566 -15.38 67.91 10.84
N THR B 567 -14.07 68.03 11.06
CA THR B 567 -13.57 68.29 12.40
C THR B 567 -14.07 69.63 12.91
N LEU B 568 -14.05 70.66 12.05
CA LEU B 568 -14.57 71.96 12.45
C LEU B 568 -16.05 71.89 12.77
N ALA B 569 -16.81 71.11 11.99
CA ALA B 569 -18.24 70.96 12.26
C ALA B 569 -18.45 70.26 13.60
N LEU B 570 -17.65 69.24 13.91
CA LEU B 570 -17.77 68.57 15.20
C LEU B 570 -17.43 69.52 16.34
N GLU B 571 -16.40 70.34 16.17
CA GLU B 571 -16.02 71.28 17.24
C GLU B 571 -17.13 72.29 17.50
N ASN B 572 -17.93 72.62 16.50
CA ASN B 572 -19.02 73.57 16.68
C ASN B 572 -20.17 73.00 17.50
N VAL B 573 -20.16 71.70 17.80
CA VAL B 573 -21.24 71.10 18.56
C VAL B 573 -20.68 70.49 19.85
N VAL B 574 -19.73 69.56 19.71
CA VAL B 574 -19.19 68.85 20.86
C VAL B 574 -17.85 69.39 21.34
N GLY B 575 -17.21 70.27 20.57
CA GLY B 575 -15.92 70.80 20.94
C GLY B 575 -14.81 69.76 20.97
N ALA B 576 -14.78 68.85 20.01
CA ALA B 576 -13.76 67.81 19.93
C ALA B 576 -13.32 67.65 18.49
N LYS B 577 -12.12 67.10 18.31
CA LYS B 577 -11.55 66.91 16.99
C LYS B 577 -11.48 65.44 16.57
N ASN B 578 -12.07 64.53 17.35
CA ASN B 578 -11.90 63.11 17.07
C ASN B 578 -13.10 62.35 17.63
N MET B 579 -13.21 61.09 17.22
CA MET B 579 -14.25 60.21 17.73
C MET B 579 -14.04 59.93 19.21
N ASN B 580 -15.14 59.86 19.96
CA ASN B 580 -15.09 59.63 21.40
C ASN B 580 -16.10 58.54 21.77
N VAL B 581 -15.71 57.72 22.75
CA VAL B 581 -16.54 56.59 23.17
C VAL B 581 -17.21 56.84 24.51
N ARG B 582 -16.77 57.81 25.29
CA ARG B 582 -17.34 58.04 26.62
C ARG B 582 -18.85 58.26 26.60
N PRO B 583 -19.45 59.01 25.67
CA PRO B 583 -20.91 59.14 25.69
C PRO B 583 -21.63 57.81 25.53
N LEU B 584 -21.10 56.87 24.74
CA LEU B 584 -21.75 55.56 24.59
C LEU B 584 -21.75 54.80 25.91
N LEU B 585 -20.61 54.78 26.61
CA LEU B 585 -20.54 54.12 27.89
C LEU B 585 -21.44 54.80 28.92
N ASN B 586 -21.52 56.13 28.86
CA ASN B 586 -22.44 56.85 29.75
C ASN B 586 -23.89 56.47 29.45
N TYR B 587 -24.23 56.30 28.18
CA TYR B 587 -25.58 55.89 27.82
C TYR B 587 -25.90 54.50 28.35
N PHE B 588 -24.95 53.57 28.26
CA PHE B 588 -25.19 52.18 28.62
C PHE B 588 -24.75 51.84 30.04
N GLU B 589 -24.41 52.84 30.86
CA GLU B 589 -23.98 52.60 32.23
C GLU B 589 -24.97 51.80 33.08
N PRO B 590 -26.27 52.11 33.12
CA PRO B 590 -27.17 51.29 33.96
C PRO B 590 -27.15 49.82 33.60
N LEU B 591 -27.13 49.50 32.30
CA LEU B 591 -27.03 48.11 31.89
C LEU B 591 -25.69 47.52 32.28
N PHE B 592 -24.62 48.30 32.23
CA PHE B 592 -23.31 47.79 32.65
C PHE B 592 -23.32 47.43 34.14
N THR B 593 -23.94 48.29 34.96
CA THR B 593 -24.04 47.98 36.39
C THR B 593 -24.86 46.72 36.62
N TRP B 594 -26.00 46.60 35.92
CA TRP B 594 -26.82 45.40 36.09
C TRP B 594 -26.08 44.15 35.66
N LEU B 595 -25.34 44.22 34.55
CA LEU B 595 -24.61 43.07 34.04
C LEU B 595 -23.47 42.67 34.98
N LYS B 596 -22.77 43.65 35.54
CA LYS B 596 -21.74 43.34 36.52
C LYS B 596 -22.35 42.70 37.76
N ASP B 597 -23.56 43.12 38.14
CA ASP B 597 -24.24 42.49 39.26
C ASP B 597 -24.65 41.05 38.93
N GLN B 598 -25.05 40.80 37.68
CA GLN B 598 -25.58 39.50 37.28
C GLN B 598 -24.51 38.48 36.92
N ASN B 599 -23.25 38.89 36.78
CA ASN B 599 -22.18 38.00 36.34
C ASN B 599 -21.17 37.73 37.44
N LYS B 600 -21.65 37.56 38.68
CA LYS B 600 -20.75 37.25 39.78
C LYS B 600 -20.25 35.80 39.68
N ASN B 601 -21.10 34.89 39.24
CA ASN B 601 -20.75 33.47 39.17
C ASN B 601 -20.25 33.04 37.81
N SER B 602 -20.71 33.68 36.73
CA SER B 602 -20.25 33.34 35.40
C SER B 602 -18.79 33.73 35.20
N PHE B 603 -18.12 33.01 34.31
CA PHE B 603 -16.73 33.32 33.96
C PHE B 603 -16.74 34.30 32.81
N VAL B 604 -16.51 35.58 33.12
CA VAL B 604 -16.53 36.62 32.11
C VAL B 604 -15.30 36.49 31.23
N GLY B 605 -15.52 36.40 29.92
CA GLY B 605 -14.47 36.16 28.96
C GLY B 605 -14.70 34.88 28.19
N TRP B 606 -13.74 34.57 27.33
CA TRP B 606 -13.83 33.37 26.50
C TRP B 606 -12.42 32.89 26.19
N SER B 607 -12.34 31.63 25.74
CA SER B 607 -11.07 31.01 25.39
C SER B 607 -11.10 30.59 23.93
N THR B 608 -9.97 30.77 23.24
CA THR B 608 -9.88 30.55 21.81
C THR B 608 -9.39 29.15 21.46
N ASP B 609 -9.71 28.15 22.27
CA ASP B 609 -9.31 26.77 22.04
C ASP B 609 -10.47 25.80 21.86
N TRP B 610 -11.58 26.02 22.55
CA TRP B 610 -12.71 25.10 22.45
C TRP B 610 -13.38 25.22 21.09
N SER B 611 -13.74 24.07 20.52
CA SER B 611 -14.44 23.98 19.24
C SER B 611 -15.61 23.02 19.38
N PRO B 612 -16.71 23.27 18.67
CA PRO B 612 -17.87 22.38 18.79
C PRO B 612 -17.60 20.97 18.30
N TYR B 613 -16.63 20.78 17.42
CA TYR B 613 -16.31 19.49 16.84
C TYR B 613 -15.05 18.87 17.43
N ALA B 614 -14.47 19.47 18.46
CA ALA B 614 -13.19 19.01 18.97
C ALA B 614 -13.31 17.75 19.81
N ASP B 615 -14.49 17.49 20.40
CA ASP B 615 -14.64 16.32 21.25
C ASP B 615 -14.48 15.03 20.46
N GLN B 616 -15.05 14.98 19.26
CA GLN B 616 -15.10 13.76 18.46
C GLN B 616 -13.96 13.65 17.46
N SER B 617 -13.01 14.57 17.49
CA SER B 617 -11.91 14.55 16.53
C SER B 617 -10.84 13.53 16.94
N ILE B 618 -10.03 13.14 15.96
CA ILE B 618 -8.93 12.22 16.17
C ILE B 618 -7.68 12.85 15.58
N LYS B 619 -6.57 12.81 16.31
CA LYS B 619 -5.33 13.41 15.87
C LYS B 619 -4.42 12.38 15.19
N VAL B 620 -3.76 12.81 14.12
CA VAL B 620 -2.87 11.95 13.34
C VAL B 620 -1.54 12.67 13.20
N ARG B 621 -0.45 11.96 13.47
CA ARG B 621 0.91 12.48 13.33
C ARG B 621 1.71 11.54 12.46
N ILE B 622 2.42 12.10 11.47
CA ILE B 622 3.08 11.31 10.44
C ILE B 622 4.56 11.70 10.40
N SER B 623 5.43 10.69 10.42
CA SER B 623 6.88 10.86 10.42
C SER B 623 7.45 10.16 9.19
N LEU B 624 7.48 10.88 8.07
CA LEU B 624 7.92 10.27 6.81
C LEU B 624 9.41 10.00 6.82
N LYS B 625 10.20 10.96 7.34
CA LYS B 625 11.65 10.85 7.26
C LYS B 625 12.17 9.65 8.05
N SER B 626 11.58 9.38 9.22
CA SER B 626 12.02 8.24 10.01
C SER B 626 11.76 6.93 9.29
N ALA B 627 10.59 6.80 8.66
CA ALA B 627 10.22 5.55 8.02
C ALA B 627 10.94 5.33 6.69
N LEU B 628 11.23 6.39 5.96
CA LEU B 628 11.81 6.26 4.63
C LEU B 628 13.24 6.76 4.54
N GLY B 629 13.61 7.78 5.30
CA GLY B 629 14.95 8.34 5.21
C GLY B 629 15.18 9.03 3.88
N ASP B 630 16.02 8.44 3.05
CA ASP B 630 16.15 8.91 1.68
C ASP B 630 14.94 8.43 0.87
N LYS B 631 14.87 8.92 -0.38
CA LYS B 631 13.85 8.55 -1.36
C LYS B 631 12.43 8.84 -0.88
N ALA B 632 12.27 9.50 0.26
CA ALA B 632 10.94 9.82 0.76
C ALA B 632 10.25 10.81 -0.18
N TYR B 633 8.95 10.58 -0.39
CA TYR B 633 8.17 11.45 -1.24
C TYR B 633 7.78 12.73 -0.51
N GLU B 634 7.40 13.74 -1.28
CA GLU B 634 6.91 14.98 -0.71
C GLU B 634 5.41 14.87 -0.45
N TRP B 635 4.97 15.49 0.65
CA TRP B 635 3.58 15.43 1.07
C TRP B 635 2.87 16.71 0.64
N ASN B 636 1.79 16.56 -0.12
CA ASN B 636 0.99 17.70 -0.57
C ASN B 636 -0.50 17.36 -0.52
N ASP B 637 -1.32 18.19 -1.15
CA ASP B 637 -2.76 18.01 -1.10
C ASP B 637 -3.25 16.74 -1.79
N ASN B 638 -2.50 16.20 -2.75
CA ASN B 638 -2.88 14.91 -3.34
C ASN B 638 -2.75 13.78 -2.33
N GLU B 639 -1.71 13.83 -1.50
CA GLU B 639 -1.59 12.84 -0.43
C GLU B 639 -2.69 12.99 0.59
N MET B 640 -3.15 14.21 0.85
CA MET B 640 -4.30 14.41 1.73
C MET B 640 -5.56 13.82 1.12
N TYR B 641 -5.72 13.96 -0.20
CA TYR B 641 -6.86 13.33 -0.87
C TYR B 641 -6.81 11.82 -0.73
N LEU B 642 -5.62 11.23 -0.92
CA LEU B 642 -5.50 9.78 -0.79
C LEU B 642 -5.79 9.34 0.65
N PHE B 643 -5.33 10.11 1.63
CA PHE B 643 -5.61 9.75 3.02
C PHE B 643 -7.10 9.79 3.33
N ARG B 644 -7.79 10.84 2.84
CA ARG B 644 -9.22 10.93 3.05
C ARG B 644 -9.96 9.77 2.39
N SER B 645 -9.54 9.39 1.18
CA SER B 645 -10.16 8.25 0.50
C SER B 645 -9.93 6.94 1.27
N SER B 646 -8.72 6.75 1.81
CA SER B 646 -8.45 5.55 2.58
C SER B 646 -9.31 5.48 3.84
N VAL B 647 -9.47 6.63 4.52
CA VAL B 647 -10.30 6.64 5.71
C VAL B 647 -11.77 6.35 5.37
N ALA B 648 -12.25 6.89 4.25
CA ALA B 648 -13.61 6.61 3.81
C ALA B 648 -13.79 5.12 3.50
N TYR B 649 -12.80 4.52 2.84
CA TYR B 649 -12.86 3.09 2.56
C TYR B 649 -12.91 2.28 3.85
N ALA B 650 -12.10 2.66 4.84
CA ALA B 650 -12.10 1.96 6.11
C ALA B 650 -13.46 2.05 6.80
N MET B 651 -14.08 3.23 6.80
CA MET B 651 -15.38 3.38 7.44
C MET B 651 -16.44 2.56 6.71
N ARG B 652 -16.41 2.57 5.37
CA ARG B 652 -17.33 1.75 4.59
C ARG B 652 -17.20 0.28 4.97
N GLN B 653 -15.96 -0.21 5.04
CA GLN B 653 -15.73 -1.62 5.34
C GLN B 653 -16.24 -1.97 6.74
N TYR B 654 -15.95 -1.13 7.72
CA TYR B 654 -16.41 -1.41 9.08
C TYR B 654 -17.93 -1.44 9.15
N PHE B 655 -18.59 -0.48 8.50
CA PHE B 655 -20.05 -0.45 8.58
C PHE B 655 -20.67 -1.63 7.84
N LEU B 656 -20.03 -2.11 6.78
CA LEU B 656 -20.58 -3.26 6.06
C LEU B 656 -20.38 -4.56 6.82
N LYS B 657 -19.19 -4.75 7.39
CA LYS B 657 -18.81 -6.05 7.95
C LYS B 657 -19.25 -6.26 9.38
N VAL B 658 -19.85 -5.26 10.03
CA VAL B 658 -20.25 -5.41 11.42
C VAL B 658 -21.72 -5.06 11.58
N LYS B 659 -22.10 -3.86 11.17
CA LYS B 659 -23.48 -3.39 11.31
C LYS B 659 -24.36 -3.79 10.14
N ASN B 660 -23.80 -4.37 9.08
CA ASN B 660 -24.58 -4.86 7.94
C ASN B 660 -25.45 -3.77 7.33
N GLN B 661 -24.87 -2.58 7.16
CA GLN B 661 -25.53 -1.47 6.49
C GLN B 661 -24.68 -0.99 5.33
N MET B 662 -25.33 -0.67 4.22
CA MET B 662 -24.65 -0.17 3.02
C MET B 662 -24.72 1.35 3.05
N ILE B 663 -23.71 1.97 3.65
CA ILE B 663 -23.61 3.42 3.76
C ILE B 663 -22.48 3.90 2.87
N LEU B 664 -22.76 4.89 2.03
CA LEU B 664 -21.82 5.34 1.00
C LEU B 664 -21.05 6.55 1.53
N PHE B 665 -20.07 6.27 2.38
CA PHE B 665 -19.15 7.31 2.82
C PHE B 665 -18.27 7.75 1.66
N GLY B 666 -18.01 9.06 1.58
CA GLY B 666 -17.16 9.61 0.55
C GLY B 666 -15.93 10.25 1.17
N GLU B 667 -15.10 10.82 0.29
CA GLU B 667 -13.92 11.52 0.75
C GLU B 667 -14.21 12.95 1.16
N GLU B 668 -15.44 13.43 0.95
CA GLU B 668 -15.85 14.74 1.43
C GLU B 668 -16.56 14.69 2.77
N ASP B 669 -16.74 13.50 3.34
CA ASP B 669 -17.25 13.35 4.69
C ASP B 669 -16.16 13.27 5.74
N VAL B 670 -14.90 13.29 5.32
CA VAL B 670 -13.76 13.30 6.24
C VAL B 670 -13.32 14.75 6.35
N ARG B 671 -13.69 15.40 7.45
CA ARG B 671 -13.36 16.80 7.69
C ARG B 671 -12.04 16.89 8.42
N VAL B 672 -11.13 17.70 7.89
CA VAL B 672 -9.74 17.78 8.34
C VAL B 672 -9.45 19.21 8.78
N ALA B 673 -8.70 19.34 9.88
CA ALA B 673 -8.37 20.65 10.43
C ALA B 673 -6.97 20.61 11.02
N ASN B 674 -6.42 21.80 11.25
CA ASN B 674 -5.16 22.00 11.98
C ASN B 674 -4.00 21.27 11.29
N LEU B 675 -3.70 21.70 10.07
CA LEU B 675 -2.59 21.15 9.32
C LEU B 675 -1.30 21.85 9.69
N LYS B 676 -0.26 21.08 9.99
CA LYS B 676 1.02 21.61 10.45
C LYS B 676 2.16 21.03 9.63
N PRO B 677 3.29 21.74 9.56
CA PRO B 677 4.45 21.22 8.80
C PRO B 677 5.02 19.94 9.36
N ARG B 678 4.74 19.62 10.63
CA ARG B 678 5.09 18.32 11.17
C ARG B 678 4.33 17.20 10.47
N ILE B 679 3.30 17.55 9.69
CA ILE B 679 2.31 16.64 9.15
C ILE B 679 1.59 16.01 10.33
N SER B 680 0.81 16.83 11.02
CA SER B 680 -0.12 16.39 12.04
C SER B 680 -1.41 17.16 11.84
N PHE B 681 -2.55 16.49 12.03
CA PHE B 681 -3.82 17.15 11.82
C PHE B 681 -4.91 16.40 12.57
N ASN B 682 -6.03 17.08 12.79
CA ASN B 682 -7.21 16.46 13.36
C ASN B 682 -8.21 16.14 12.26
N PHE B 683 -8.98 15.09 12.45
CA PHE B 683 -10.00 14.75 11.49
C PHE B 683 -11.20 14.15 12.21
N PHE B 684 -12.37 14.29 11.58
CA PHE B 684 -13.56 13.58 12.03
C PHE B 684 -14.41 13.22 10.82
N VAL B 685 -15.41 12.38 11.05
CA VAL B 685 -16.23 11.81 9.99
C VAL B 685 -17.69 12.13 10.26
N THR B 686 -18.42 12.52 9.23
CA THR B 686 -19.85 12.78 9.33
C THR B 686 -20.60 11.83 8.41
N ALA B 687 -21.92 11.77 8.61
CA ALA B 687 -22.79 10.97 7.76
C ALA B 687 -22.76 11.53 6.35
N PRO B 688 -23.03 10.69 5.33
CA PRO B 688 -22.84 11.11 3.93
C PRO B 688 -23.51 12.43 3.56
N LYS B 689 -24.82 12.53 3.72
CA LYS B 689 -25.53 13.74 3.31
C LYS B 689 -25.95 14.63 4.48
N ASN B 690 -25.80 14.16 5.71
CA ASN B 690 -26.16 14.93 6.89
C ASN B 690 -24.89 15.56 7.46
N VAL B 691 -24.85 16.88 7.53
CA VAL B 691 -23.68 17.55 8.05
C VAL B 691 -23.71 17.59 9.57
N SER B 692 -24.90 17.75 10.15
CA SER B 692 -25.03 17.87 11.60
C SER B 692 -24.73 16.55 12.30
N ASP B 693 -24.80 15.43 11.59
CA ASP B 693 -24.62 14.11 12.20
C ASP B 693 -23.13 13.75 12.15
N ILE B 694 -22.54 13.54 13.32
CA ILE B 694 -21.11 13.24 13.45
C ILE B 694 -20.98 11.83 14.01
N ILE B 695 -20.22 10.99 13.32
CA ILE B 695 -19.96 9.64 13.82
C ILE B 695 -19.16 9.72 15.11
N PRO B 696 -19.56 9.03 16.18
CA PRO B 696 -18.82 9.12 17.44
C PRO B 696 -17.40 8.58 17.29
N ARG B 697 -16.55 8.97 18.24
CA ARG B 697 -15.14 8.64 18.14
C ARG B 697 -14.89 7.15 18.31
N THR B 698 -15.76 6.45 19.04
CA THR B 698 -15.55 5.02 19.27
C THR B 698 -15.65 4.22 17.98
N GLU B 699 -16.64 4.51 17.15
CA GLU B 699 -16.78 3.81 15.87
C GLU B 699 -15.58 4.07 14.96
N VAL B 700 -15.11 5.32 14.93
CA VAL B 700 -13.94 5.64 14.11
C VAL B 700 -12.71 4.90 14.63
N GLU B 701 -12.57 4.81 15.96
CA GLU B 701 -11.47 4.04 16.52
C GLU B 701 -11.55 2.58 16.09
N LYS B 702 -12.75 1.98 16.14
CA LYS B 702 -12.90 0.59 15.73
C LYS B 702 -12.57 0.39 14.27
N ALA B 703 -13.03 1.30 13.40
CA ALA B 703 -12.76 1.18 11.98
C ALA B 703 -11.26 1.31 11.69
N ILE B 704 -10.59 2.26 12.34
CA ILE B 704 -9.15 2.42 12.13
C ILE B 704 -8.41 1.19 12.65
N ARG B 705 -8.84 0.64 13.78
CA ARG B 705 -8.22 -0.59 14.27
C ARG B 705 -8.38 -1.73 13.27
N MET B 706 -9.55 -1.83 12.65
CA MET B 706 -9.79 -2.91 11.71
C MET B 706 -8.94 -2.77 10.44
N SER B 707 -8.80 -1.55 9.92
CA SER B 707 -8.17 -1.36 8.61
C SER B 707 -6.80 -0.69 8.68
N ARG B 708 -6.17 -0.68 9.85
CA ARG B 708 -4.89 0.01 10.01
C ARG B 708 -3.82 -0.55 9.10
N SER B 709 -3.84 -1.86 8.85
CA SER B 709 -2.80 -2.46 8.02
C SER B 709 -2.85 -1.92 6.60
N ARG B 710 -4.05 -1.85 6.02
CA ARG B 710 -4.20 -1.29 4.68
C ARG B 710 -3.89 0.19 4.67
N ILE B 711 -4.33 0.92 5.70
CA ILE B 711 -4.02 2.35 5.79
C ILE B 711 -2.52 2.57 5.77
N ASN B 712 -1.78 1.78 6.55
CA ASN B 712 -0.33 1.93 6.62
C ASN B 712 0.32 1.56 5.29
N ASP B 713 -0.03 0.41 4.73
CA ASP B 713 0.66 -0.05 3.53
C ASP B 713 0.34 0.78 2.31
N ALA B 714 -0.78 1.52 2.31
CA ALA B 714 -1.05 2.41 1.18
C ALA B 714 -0.09 3.59 1.14
N PHE B 715 0.59 3.91 2.25
CA PHE B 715 1.48 5.04 2.32
C PHE B 715 2.94 4.65 2.58
N ARG B 716 3.23 3.36 2.74
CA ARG B 716 4.57 2.84 2.99
C ARG B 716 5.11 3.27 4.35
N LEU B 717 4.21 3.31 5.34
CA LEU B 717 4.57 3.62 6.72
C LEU B 717 4.16 2.45 7.60
N ASN B 718 4.86 2.30 8.74
CA ASN B 718 4.70 1.09 9.57
C ASN B 718 4.48 1.46 11.04
N ASP B 719 3.23 1.77 11.38
CA ASP B 719 2.70 1.64 12.75
C ASP B 719 3.47 2.44 13.80
N ASN B 720 4.52 3.15 13.41
CA ASN B 720 5.26 4.00 14.33
C ASN B 720 5.45 5.37 13.69
N SER B 721 5.51 5.38 12.37
CA SER B 721 5.52 6.61 11.59
C SER B 721 4.12 7.06 11.19
N LEU B 722 3.09 6.30 11.54
CA LEU B 722 1.69 6.70 11.34
C LEU B 722 0.95 6.35 12.62
N GLU B 723 0.91 7.30 13.54
CA GLU B 723 0.32 7.10 14.86
C GLU B 723 -0.96 7.92 14.98
N PHE B 724 -1.97 7.33 15.59
CA PHE B 724 -3.29 7.94 15.69
C PHE B 724 -3.58 8.53 17.07
N LEU B 725 -2.60 8.54 17.97
CA LEU B 725 -2.68 9.27 19.23
C LEU B 725 -3.96 8.94 20.01
N GLY B 726 -4.03 7.69 20.44
CA GLY B 726 -5.18 7.21 21.18
C GLY B 726 -5.51 5.78 20.81
N ILE B 727 -4.94 5.33 19.69
CA ILE B 727 -5.06 3.96 19.23
C ILE B 727 -3.66 3.36 19.24
N GLN B 728 -3.49 2.26 19.98
CA GLN B 728 -2.18 1.65 20.11
C GLN B 728 -2.18 0.26 19.49
N PRO B 729 -1.06 -0.16 18.91
CA PRO B 729 -0.99 -1.51 18.35
C PRO B 729 -1.02 -2.56 19.45
N THR B 730 -1.74 -3.66 19.19
CA THR B 730 -1.94 -4.67 20.21
C THR B 730 -1.74 -6.09 19.65
N LEU B 731 -1.84 -6.25 18.34
CA LEU B 731 -1.75 -7.57 17.70
C LEU B 731 -0.36 -7.73 17.09
N GLY B 732 0.63 -7.95 17.95
CA GLY B 732 1.98 -8.24 17.51
C GLY B 732 2.72 -9.33 18.26
N PRO B 733 2.03 -10.38 18.72
CA PRO B 733 2.69 -11.35 19.60
C PRO B 733 3.47 -12.40 18.82
N PRO B 734 4.79 -12.43 18.94
CA PRO B 734 5.59 -13.46 18.29
C PRO B 734 5.92 -14.62 19.21
N ASN B 735 6.07 -15.81 18.61
CA ASN B 735 6.58 -16.98 19.33
C ASN B 735 7.31 -17.87 18.31
N GLN B 736 8.62 -17.67 18.21
CA GLN B 736 9.41 -18.42 17.25
C GLN B 736 9.80 -19.83 17.73
N PRO B 737 10.46 -19.99 18.88
CA PRO B 737 10.99 -21.32 19.22
C PRO B 737 9.91 -22.22 19.81
N PRO B 738 9.63 -23.36 19.18
CA PRO B 738 8.59 -24.25 19.70
C PRO B 738 8.92 -24.85 21.07
N VAL B 739 10.01 -25.60 21.17
CA VAL B 739 10.37 -26.27 22.42
C VAL B 739 11.87 -26.25 22.65
N SER B 740 12.34 -25.29 23.46
CA SER B 740 13.62 -25.35 24.18
C SER B 740 14.77 -25.98 23.40
N ILE B 741 15.22 -25.33 22.32
CA ILE B 741 16.34 -25.85 21.54
C ILE B 741 17.57 -26.09 22.42
N TRP B 742 17.70 -25.33 23.51
CA TRP B 742 18.79 -25.56 24.45
C TRP B 742 18.75 -26.97 25.02
N LEU B 743 17.55 -27.55 25.15
CA LEU B 743 17.46 -28.93 25.62
C LEU B 743 18.13 -29.90 24.65
N ILE B 744 17.88 -29.73 23.35
CA ILE B 744 18.51 -30.62 22.38
C ILE B 744 20.01 -30.38 22.31
N VAL B 745 20.44 -29.12 22.46
CA VAL B 745 21.87 -28.84 22.46
C VAL B 745 22.55 -29.53 23.64
N PHE B 746 21.93 -29.43 24.82
CA PHE B 746 22.49 -30.10 25.99
C PHE B 746 22.47 -31.61 25.82
N GLY B 747 21.43 -32.14 25.19
CA GLY B 747 21.37 -33.57 24.95
C GLY B 747 22.50 -34.05 24.07
N VAL B 748 22.77 -33.33 22.98
CA VAL B 748 23.85 -33.77 22.10
C VAL B 748 25.21 -33.59 22.80
N VAL B 749 25.37 -32.54 23.60
CA VAL B 749 26.63 -32.37 24.33
C VAL B 749 26.82 -33.49 25.33
N MET B 750 25.75 -33.87 26.03
CA MET B 750 25.84 -34.96 27.00
C MET B 750 26.15 -36.28 26.31
N GLY B 751 25.55 -36.53 25.15
CA GLY B 751 25.88 -37.73 24.40
C GLY B 751 27.34 -37.78 24.02
N VAL B 752 27.85 -36.67 23.51
CA VAL B 752 29.25 -36.58 23.07
C VAL B 752 30.18 -36.76 24.26
N ILE B 753 29.78 -36.26 25.44
CA ILE B 753 30.66 -36.31 26.59
C ILE B 753 30.64 -37.70 27.20
N VAL B 754 29.50 -38.39 27.13
CA VAL B 754 29.45 -39.78 27.59
C VAL B 754 30.25 -40.67 26.67
N VAL B 755 30.23 -40.41 25.36
CA VAL B 755 31.06 -41.17 24.43
C VAL B 755 32.54 -40.98 24.78
N GLY B 756 32.93 -39.74 25.08
CA GLY B 756 34.30 -39.49 25.49
C GLY B 756 34.66 -40.20 26.78
N ILE B 757 33.75 -40.18 27.75
CA ILE B 757 34.00 -40.87 29.03
C ILE B 757 34.22 -42.36 28.79
N VAL B 758 33.34 -42.99 28.00
CA VAL B 758 33.44 -44.43 27.81
C VAL B 758 34.68 -44.80 27.02
N ILE B 759 35.02 -44.01 25.99
CA ILE B 759 36.22 -44.34 25.22
C ILE B 759 37.47 -44.14 26.06
N LEU B 760 37.50 -43.09 26.88
CA LEU B 760 38.66 -42.85 27.74
C LEU B 760 38.81 -43.96 28.77
N ILE B 761 37.72 -44.39 29.39
CA ILE B 761 37.82 -45.42 30.41
C ILE B 761 38.19 -46.76 29.78
N PHE B 762 37.68 -47.05 28.58
CA PHE B 762 38.05 -48.28 27.90
C PHE B 762 39.54 -48.27 27.54
N THR B 763 40.04 -47.15 27.02
CA THR B 763 41.47 -47.07 26.70
C THR B 763 42.32 -47.19 27.95
N GLY B 764 41.89 -46.55 29.05
CA GLY B 764 42.65 -46.63 30.28
C GLY B 764 42.72 -48.03 30.85
N ILE B 765 41.58 -48.74 30.86
CA ILE B 765 41.58 -50.11 31.38
C ILE B 765 42.20 -51.09 30.39
N ARG B 766 42.35 -50.70 29.13
CA ARG B 766 42.94 -51.58 28.13
C ARG B 766 44.46 -51.48 28.09
N ASP B 767 45.01 -50.28 28.31
CA ASP B 767 46.45 -50.07 28.26
C ASP B 767 47.10 -50.70 29.48
N ARG B 768 47.75 -51.84 29.29
CA ARG B 768 48.45 -52.54 30.36
C ARG B 768 49.85 -51.96 30.57
CA THR C 20 -85.57 -15.68 -10.53
C THR C 20 -84.27 -14.90 -10.34
N ILE C 21 -83.14 -15.62 -10.32
CA ILE C 21 -81.85 -14.97 -10.16
C ILE C 21 -81.56 -14.05 -11.34
N GLU C 22 -81.88 -14.51 -12.56
CA GLU C 22 -81.66 -13.67 -13.73
C GLU C 22 -82.53 -12.41 -13.69
N GLU C 23 -83.78 -12.54 -13.26
CA GLU C 23 -84.67 -11.38 -13.22
C GLU C 23 -84.17 -10.34 -12.22
N GLN C 24 -83.79 -10.77 -11.02
CA GLN C 24 -83.29 -9.82 -10.03
C GLN C 24 -81.94 -9.24 -10.44
N ALA C 25 -81.09 -10.03 -11.09
CA ALA C 25 -79.82 -9.50 -11.59
C ALA C 25 -80.06 -8.43 -12.65
N LYS C 26 -81.01 -8.70 -13.57
CA LYS C 26 -81.32 -7.72 -14.61
C LYS C 26 -81.92 -6.45 -14.01
N THR C 27 -82.79 -6.60 -13.00
CA THR C 27 -83.35 -5.42 -12.33
C THR C 27 -82.25 -4.61 -11.64
N PHE C 28 -81.32 -5.30 -10.98
CA PHE C 28 -80.20 -4.62 -10.33
C PHE C 28 -79.35 -3.87 -11.35
N LEU C 29 -79.04 -4.52 -12.47
CA LEU C 29 -78.25 -3.85 -13.50
C LEU C 29 -78.98 -2.65 -14.07
N ASP C 30 -80.29 -2.78 -14.31
CA ASP C 30 -81.07 -1.69 -14.88
C ASP C 30 -81.12 -0.51 -13.93
N LYS C 31 -81.39 -0.77 -12.64
CA LYS C 31 -81.45 0.34 -11.69
C LYS C 31 -80.08 0.97 -11.48
N PHE C 32 -79.01 0.17 -11.51
CA PHE C 32 -77.66 0.72 -11.40
C PHE C 32 -77.35 1.63 -12.57
N ASN C 33 -77.68 1.20 -13.79
CA ASN C 33 -77.48 2.04 -14.97
C ASN C 33 -78.29 3.33 -14.85
N HIS C 34 -79.55 3.21 -14.40
CA HIS C 34 -80.41 4.38 -14.29
C HIS C 34 -79.86 5.38 -13.29
N GLU C 35 -79.36 4.91 -12.14
CA GLU C 35 -78.85 5.81 -11.12
C GLU C 35 -77.41 6.24 -11.36
N ALA C 36 -76.70 5.61 -12.30
CA ALA C 36 -75.32 6.00 -12.59
C ALA C 36 -75.19 6.90 -13.80
N GLU C 37 -76.11 6.81 -14.76
CA GLU C 37 -76.02 7.64 -15.96
C GLU C 37 -76.06 9.12 -15.59
N ASP C 38 -76.98 9.50 -14.70
CA ASP C 38 -77.12 10.92 -14.35
C ASP C 38 -75.91 11.43 -13.59
N LEU C 39 -75.35 10.63 -12.68
CA LEU C 39 -74.15 11.06 -11.97
C LEU C 39 -72.97 11.20 -12.92
N PHE C 40 -72.81 10.26 -13.85
CA PHE C 40 -71.75 10.39 -14.84
C PHE C 40 -71.97 11.64 -15.69
N TYR C 41 -73.23 11.92 -16.02
CA TYR C 41 -73.54 13.12 -16.80
C TYR C 41 -73.12 14.38 -16.05
N GLN C 42 -73.50 14.48 -14.78
CA GLN C 42 -73.15 15.67 -13.99
C GLN C 42 -71.65 15.81 -13.84
N SER C 43 -70.95 14.69 -13.64
CA SER C 43 -69.49 14.74 -13.58
C SER C 43 -68.90 15.22 -14.90
N SER C 44 -69.49 14.79 -16.02
CA SER C 44 -69.00 15.21 -17.32
C SER C 44 -69.18 16.71 -17.52
N LEU C 45 -70.35 17.25 -17.16
CA LEU C 45 -70.53 18.70 -17.23
C LEU C 45 -69.59 19.44 -16.29
N ALA C 46 -69.32 18.89 -15.11
CA ALA C 46 -68.39 19.54 -14.20
C ALA C 46 -66.99 19.62 -14.80
N SER C 47 -66.50 18.50 -15.34
CA SER C 47 -65.18 18.48 -15.96
C SER C 47 -65.14 19.37 -17.20
N TRP C 48 -66.21 19.38 -17.99
CA TRP C 48 -66.27 20.23 -19.17
C TRP C 48 -66.23 21.71 -18.77
N ASN C 49 -66.93 22.06 -17.69
CA ASN C 49 -66.91 23.43 -17.21
C ASN C 49 -65.53 23.82 -16.71
N TYR C 50 -64.83 22.92 -16.02
CA TYR C 50 -63.45 23.22 -15.65
C TYR C 50 -62.58 23.44 -16.88
N ASN C 51 -62.67 22.54 -17.85
CA ASN C 51 -61.78 22.61 -19.01
C ASN C 51 -62.04 23.85 -19.84
N THR C 52 -63.31 24.21 -20.03
CA THR C 52 -63.65 25.42 -20.78
C THR C 52 -63.44 26.68 -19.95
N ASN C 53 -63.44 26.57 -18.63
CA ASN C 53 -63.34 27.72 -17.74
C ASN C 53 -62.41 27.35 -16.59
N ILE C 54 -61.18 27.85 -16.61
CA ILE C 54 -60.16 27.47 -15.63
C ILE C 54 -60.43 28.26 -14.36
N THR C 55 -61.16 27.66 -13.42
CA THR C 55 -61.40 28.23 -12.10
C THR C 55 -60.99 27.20 -11.05
N GLU C 56 -60.11 27.60 -10.13
CA GLU C 56 -59.63 26.66 -9.12
C GLU C 56 -60.71 26.35 -8.09
N GLU C 57 -61.56 27.33 -7.78
CA GLU C 57 -62.57 27.14 -6.75
C GLU C 57 -63.58 26.05 -7.10
N ASN C 58 -63.74 25.72 -8.38
CA ASN C 58 -64.63 24.65 -8.80
C ASN C 58 -63.91 23.30 -8.92
N VAL C 59 -62.59 23.28 -8.76
CA VAL C 59 -61.85 22.03 -8.88
C VAL C 59 -62.32 21.02 -7.83
N GLN C 60 -62.36 21.45 -6.56
CA GLN C 60 -62.89 20.59 -5.51
C GLN C 60 -64.32 20.18 -5.77
N ASN C 61 -65.04 20.94 -6.60
CA ASN C 61 -66.41 20.57 -6.97
C ASN C 61 -66.48 19.19 -7.60
N MET C 62 -65.41 18.71 -8.23
CA MET C 62 -65.42 17.33 -8.68
C MET C 62 -65.30 16.36 -7.52
N ASN C 63 -64.35 16.63 -6.61
CA ASN C 63 -63.97 15.63 -5.61
C ASN C 63 -65.16 15.21 -4.76
N ASN C 64 -65.86 16.19 -4.17
CA ASN C 64 -66.98 15.89 -3.29
C ASN C 64 -68.04 15.06 -4.00
N ALA C 65 -68.10 15.16 -5.33
CA ALA C 65 -68.94 14.27 -6.12
C ALA C 65 -68.13 13.09 -6.65
N GLY C 66 -66.92 13.34 -7.15
CA GLY C 66 -66.17 12.30 -7.81
C GLY C 66 -65.82 11.15 -6.89
N ASP C 67 -65.32 11.48 -5.70
CA ASP C 67 -65.11 10.46 -4.68
C ASP C 67 -66.42 9.74 -4.37
N LYS C 68 -67.51 10.49 -4.28
CA LYS C 68 -68.83 9.88 -4.17
C LYS C 68 -69.06 8.88 -5.30
N TRP C 69 -68.78 9.30 -6.53
CA TRP C 69 -68.81 8.38 -7.65
C TRP C 69 -67.92 7.17 -7.38
N SER C 70 -66.68 7.42 -6.94
CA SER C 70 -65.82 6.33 -6.51
C SER C 70 -66.48 5.53 -5.40
N ALA C 71 -67.00 6.23 -4.39
CA ALA C 71 -67.74 5.55 -3.33
C ALA C 71 -68.91 4.77 -3.91
N PHE C 72 -69.56 5.33 -4.93
CA PHE C 72 -70.61 4.61 -5.62
C PHE C 72 -70.08 3.26 -6.11
N LEU C 73 -68.96 3.28 -6.83
CA LEU C 73 -68.35 2.03 -7.28
C LEU C 73 -68.05 1.13 -6.10
N LYS C 74 -67.64 1.72 -4.97
CA LYS C 74 -67.34 0.93 -3.78
C LYS C 74 -68.56 0.14 -3.35
N GLU C 75 -69.73 0.79 -3.30
CA GLU C 75 -70.91 0.05 -2.90
C GLU C 75 -71.30 -0.95 -3.97
N GLN C 76 -70.95 -0.67 -5.22
CA GLN C 76 -71.16 -1.65 -6.29
C GLN C 76 -70.32 -2.89 -6.06
N SER C 77 -69.19 -2.76 -5.36
CA SER C 77 -68.45 -3.95 -4.95
C SER C 77 -69.27 -4.77 -3.96
N THR C 78 -69.99 -4.11 -3.06
CA THR C 78 -70.76 -4.81 -2.05
C THR C 78 -71.99 -5.51 -2.65
N LEU C 79 -72.47 -5.07 -3.81
CA LEU C 79 -73.67 -5.61 -4.41
C LEU C 79 -73.38 -6.64 -5.49
N ALA C 80 -72.12 -7.01 -5.70
CA ALA C 80 -71.78 -7.97 -6.75
C ALA C 80 -70.76 -9.01 -6.33
N GLN C 81 -70.31 -9.03 -5.07
CA GLN C 81 -69.33 -10.02 -4.67
C GLN C 81 -69.94 -11.41 -4.54
N MET C 82 -71.22 -11.49 -4.20
CA MET C 82 -71.85 -12.79 -3.93
C MET C 82 -72.38 -13.47 -5.19
N TYR C 83 -72.40 -12.80 -6.33
CA TYR C 83 -72.98 -13.38 -7.53
C TYR C 83 -72.03 -14.40 -8.13
N PRO C 84 -72.44 -15.64 -8.32
CA PRO C 84 -71.56 -16.64 -8.93
C PRO C 84 -71.42 -16.42 -10.43
N LEU C 85 -70.39 -17.04 -11.00
CA LEU C 85 -70.07 -16.86 -12.41
C LEU C 85 -70.46 -18.04 -13.28
N GLN C 86 -70.56 -19.24 -12.72
CA GLN C 86 -70.87 -20.43 -13.51
C GLN C 86 -72.37 -20.66 -13.66
N GLU C 87 -73.21 -19.84 -13.02
CA GLU C 87 -74.66 -19.93 -13.16
C GLU C 87 -75.22 -18.87 -14.10
N ILE C 88 -74.37 -18.23 -14.89
CA ILE C 88 -74.78 -17.16 -15.79
C ILE C 88 -74.71 -17.72 -17.21
N GLN C 89 -75.83 -18.20 -17.73
CA GLN C 89 -75.87 -18.70 -19.10
C GLN C 89 -75.86 -17.57 -20.11
N ASN C 90 -76.24 -16.36 -19.70
CA ASN C 90 -76.24 -15.23 -20.60
C ASN C 90 -74.82 -14.70 -20.78
N LEU C 91 -74.61 -13.96 -21.86
CA LEU C 91 -73.28 -13.44 -22.20
C LEU C 91 -73.14 -11.95 -21.92
N THR C 92 -74.12 -11.14 -22.29
CA THR C 92 -74.01 -9.70 -22.10
C THR C 92 -73.97 -9.33 -20.62
N VAL C 93 -74.92 -9.87 -19.84
CA VAL C 93 -74.93 -9.58 -18.42
C VAL C 93 -73.71 -10.18 -17.74
N LYS C 94 -73.23 -11.34 -18.23
CA LYS C 94 -72.00 -11.91 -17.69
C LYS C 94 -70.82 -10.97 -17.91
N LEU C 95 -70.70 -10.41 -19.11
CA LEU C 95 -69.61 -9.47 -19.39
C LEU C 95 -69.73 -8.22 -18.52
N GLN C 96 -70.94 -7.68 -18.39
CA GLN C 96 -71.12 -6.49 -17.58
C GLN C 96 -70.78 -6.76 -16.11
N LEU C 97 -71.23 -7.90 -15.58
CA LEU C 97 -70.93 -8.23 -14.20
C LEU C 97 -69.44 -8.45 -13.99
N GLN C 98 -68.78 -9.14 -14.93
CA GLN C 98 -67.35 -9.36 -14.83
C GLN C 98 -66.59 -8.04 -14.84
N ALA C 99 -67.02 -7.10 -15.67
CA ALA C 99 -66.43 -5.77 -15.65
C ALA C 99 -66.67 -5.09 -14.31
N LEU C 100 -67.87 -5.24 -13.75
CA LEU C 100 -68.20 -4.58 -12.49
C LEU C 100 -67.59 -5.30 -11.29
N GLN C 101 -67.47 -6.62 -11.35
CA GLN C 101 -66.93 -7.39 -10.22
C GLN C 101 -65.44 -7.20 -10.03
N GLN C 102 -64.79 -6.33 -10.78
CA GLN C 102 -63.36 -6.11 -10.60
C GLN C 102 -63.07 -5.60 -9.20
N ASN C 103 -62.04 -6.14 -8.58
CA ASN C 103 -61.68 -5.78 -7.21
C ASN C 103 -60.67 -4.64 -7.13
N GLY C 104 -59.69 -4.61 -8.03
CA GLY C 104 -58.72 -3.54 -8.00
C GLY C 104 -57.79 -3.66 -6.81
N SER C 105 -57.46 -2.52 -6.21
CA SER C 105 -56.54 -2.46 -5.08
C SER C 105 -57.24 -2.57 -3.74
N SER C 106 -58.56 -2.80 -3.72
CA SER C 106 -59.26 -2.91 -2.46
C SER C 106 -58.80 -4.11 -1.64
N VAL C 107 -58.33 -5.17 -2.32
CA VAL C 107 -57.86 -6.36 -1.62
C VAL C 107 -56.57 -6.09 -0.85
N LEU C 108 -55.88 -5.00 -1.16
CA LEU C 108 -54.62 -4.70 -0.49
C LEU C 108 -54.89 -4.06 0.86
N SER C 109 -53.93 -4.22 1.77
CA SER C 109 -54.06 -3.67 3.11
C SER C 109 -54.08 -2.15 3.07
N GLU C 110 -54.67 -1.55 4.12
CA GLU C 110 -54.84 -0.09 4.14
C GLU C 110 -53.49 0.62 4.20
N ASP C 111 -52.60 0.18 5.09
CA ASP C 111 -51.29 0.81 5.18
C ASP C 111 -50.51 0.64 3.88
N LYS C 112 -50.55 -0.56 3.29
CA LYS C 112 -49.90 -0.77 2.00
C LYS C 112 -50.57 0.07 0.92
N SER C 113 -51.88 0.27 1.01
CA SER C 113 -52.56 1.10 0.03
C SER C 113 -52.06 2.55 0.07
N LYS C 114 -51.98 3.12 1.28
CA LYS C 114 -51.47 4.49 1.36
C LYS C 114 -49.99 4.57 1.00
N ARG C 115 -49.22 3.54 1.32
CA ARG C 115 -47.81 3.51 0.90
C ARG C 115 -47.70 3.54 -0.62
N LEU C 116 -48.50 2.73 -1.31
CA LEU C 116 -48.46 2.70 -2.76
C LEU C 116 -48.90 4.03 -3.35
N ASN C 117 -49.94 4.64 -2.79
CA ASN C 117 -50.39 5.94 -3.30
C ASN C 117 -49.31 7.00 -3.10
N THR C 118 -48.64 6.99 -1.97
CA THR C 118 -47.54 7.93 -1.74
C THR C 118 -46.41 7.71 -2.74
N ILE C 119 -46.10 6.44 -3.03
CA ILE C 119 -45.04 6.15 -3.99
C ILE C 119 -45.39 6.69 -5.36
N LEU C 120 -46.63 6.45 -5.81
CA LEU C 120 -47.04 6.92 -7.12
C LEU C 120 -47.01 8.45 -7.19
N ASN C 121 -47.49 9.12 -6.15
CA ASN C 121 -47.49 10.58 -6.17
C ASN C 121 -46.07 11.14 -6.16
N THR C 122 -45.18 10.54 -5.38
CA THR C 122 -43.79 10.98 -5.38
C THR C 122 -43.15 10.79 -6.74
N MET C 123 -43.43 9.67 -7.40
CA MET C 123 -42.89 9.41 -8.72
C MET C 123 -43.34 10.47 -9.71
N SER C 124 -44.65 10.75 -9.73
CA SER C 124 -45.17 11.76 -10.64
C SER C 124 -44.57 13.12 -10.38
N THR C 125 -44.45 13.51 -9.10
CA THR C 125 -43.89 14.81 -8.78
C THR C 125 -42.42 14.91 -9.17
N ILE C 126 -41.64 13.86 -8.94
CA ILE C 126 -40.23 13.89 -9.32
C ILE C 126 -40.10 14.02 -10.83
N TYR C 127 -40.90 13.29 -11.59
CA TYR C 127 -40.80 13.39 -13.04
C TYR C 127 -41.21 14.79 -13.51
N SER C 128 -42.25 15.37 -12.92
CA SER C 128 -42.78 16.64 -13.42
C SER C 128 -41.88 17.82 -13.04
N THR C 129 -41.30 17.80 -11.84
CA THR C 129 -40.60 18.98 -11.32
C THR C 129 -39.09 18.82 -11.28
N GLY C 130 -38.53 17.76 -11.86
CA GLY C 130 -37.09 17.61 -11.90
C GLY C 130 -36.45 18.61 -12.86
N LYS C 131 -35.27 19.10 -12.48
CA LYS C 131 -34.58 20.08 -13.30
C LYS C 131 -33.07 19.87 -13.16
N VAL C 132 -32.35 20.20 -14.23
CA VAL C 132 -30.91 20.01 -14.30
C VAL C 132 -30.26 21.31 -14.76
N CYS C 133 -28.98 21.46 -14.47
CA CYS C 133 -28.23 22.62 -14.93
C CYS C 133 -26.74 22.38 -14.91
N ASN C 134 -26.05 23.05 -15.83
CA ASN C 134 -24.66 22.83 -16.16
C ASN C 134 -23.73 23.54 -15.18
N PRO C 135 -22.50 23.06 -15.02
CA PRO C 135 -21.57 23.68 -14.07
C PRO C 135 -21.02 25.02 -14.51
N ASP C 136 -21.25 25.43 -15.77
CA ASP C 136 -20.77 26.73 -16.22
C ASP C 136 -21.51 27.87 -15.52
N ASN C 137 -22.83 27.75 -15.38
CA ASN C 137 -23.67 28.77 -14.78
C ASN C 137 -24.78 28.09 -13.98
N PRO C 138 -24.49 27.72 -12.74
CA PRO C 138 -25.47 26.94 -11.96
C PRO C 138 -26.75 27.69 -11.62
N GLN C 139 -26.88 28.93 -12.09
CA GLN C 139 -28.05 29.76 -11.83
C GLN C 139 -28.96 29.79 -13.03
N GLU C 140 -28.89 28.76 -13.89
CA GLU C 140 -29.83 28.60 -14.98
C GLU C 140 -30.10 27.10 -15.12
N CYS C 141 -31.23 26.65 -14.59
CA CYS C 141 -31.59 25.24 -14.56
C CYS C 141 -32.88 25.04 -15.33
N LEU C 142 -32.91 24.00 -16.16
CA LEU C 142 -33.99 23.80 -17.14
C LEU C 142 -34.87 22.62 -16.73
N LEU C 143 -36.17 22.78 -16.92
CA LEU C 143 -37.12 21.70 -16.74
C LEU C 143 -37.01 20.74 -17.93
N LEU C 144 -37.91 19.77 -17.99
CA LEU C 144 -37.87 18.81 -19.10
C LEU C 144 -38.61 19.34 -20.32
N GLU C 145 -39.90 19.66 -20.16
CA GLU C 145 -40.70 19.97 -21.34
C GLU C 145 -40.33 21.31 -21.99
N PRO C 146 -39.89 22.34 -21.25
CA PRO C 146 -39.23 23.46 -21.93
C PRO C 146 -37.72 23.31 -21.90
N GLY C 147 -37.04 23.82 -22.91
CA GLY C 147 -35.59 23.86 -22.88
C GLY C 147 -34.91 22.55 -23.16
N LEU C 148 -35.00 21.59 -22.23
CA LEU C 148 -34.29 20.33 -22.41
C LEU C 148 -34.85 19.56 -23.61
N ASN C 149 -36.18 19.52 -23.75
CA ASN C 149 -36.77 18.91 -24.93
C ASN C 149 -36.37 19.65 -26.20
N GLU C 150 -36.35 20.98 -26.14
CA GLU C 150 -35.92 21.76 -27.30
C GLU C 150 -34.43 21.58 -27.58
N ILE C 151 -33.62 21.44 -26.53
CA ILE C 151 -32.20 21.14 -26.74
C ILE C 151 -32.05 19.82 -27.49
N MET C 152 -32.83 18.82 -27.10
CA MET C 152 -32.70 17.52 -27.74
C MET C 152 -33.29 17.50 -29.14
N ALA C 153 -34.33 18.32 -29.39
CA ALA C 153 -35.01 18.28 -30.68
C ALA C 153 -34.37 19.16 -31.73
N ASN C 154 -33.72 20.26 -31.34
CA ASN C 154 -33.20 21.21 -32.31
C ASN C 154 -31.69 21.25 -32.41
N SER C 155 -30.96 21.05 -31.31
CA SER C 155 -29.52 21.22 -31.33
C SER C 155 -28.85 20.20 -32.24
N LEU C 156 -27.82 20.65 -32.96
CA LEU C 156 -27.01 19.79 -33.81
C LEU C 156 -25.60 19.60 -33.25
N ASP C 157 -25.40 19.88 -31.96
CA ASP C 157 -24.08 19.81 -31.35
C ASP C 157 -23.98 18.50 -30.58
N TYR C 158 -22.89 17.76 -30.81
CA TYR C 158 -22.70 16.50 -30.12
C TYR C 158 -22.54 16.69 -28.62
N ASN C 159 -21.73 17.68 -28.22
CA ASN C 159 -21.46 17.88 -26.80
C ASN C 159 -22.70 18.29 -26.03
N GLU C 160 -23.49 19.22 -26.58
CA GLU C 160 -24.68 19.68 -25.88
C GLU C 160 -25.71 18.56 -25.72
N ARG C 161 -25.93 17.78 -26.78
CA ARG C 161 -26.86 16.67 -26.69
C ARG C 161 -26.39 15.62 -25.70
N LEU C 162 -25.10 15.30 -25.71
CA LEU C 162 -24.58 14.32 -24.76
C LEU C 162 -24.72 14.84 -23.34
N TRP C 163 -24.47 16.12 -23.11
CA TRP C 163 -24.63 16.68 -21.77
C TRP C 163 -26.07 16.56 -21.31
N ALA C 164 -27.03 16.95 -22.16
CA ALA C 164 -28.44 16.89 -21.77
C ALA C 164 -28.86 15.46 -21.46
N TRP C 165 -28.50 14.52 -22.34
CA TRP C 165 -28.82 13.11 -22.13
C TRP C 165 -28.31 12.63 -20.78
N GLU C 166 -26.99 12.72 -20.57
CA GLU C 166 -26.40 12.16 -19.36
C GLU C 166 -26.91 12.87 -18.11
N SER C 167 -27.07 14.19 -18.16
CA SER C 167 -27.48 14.94 -16.98
C SER C 167 -28.90 14.59 -16.57
N TRP C 168 -29.82 14.45 -17.53
CA TRP C 168 -31.17 14.06 -17.16
C TRP C 168 -31.20 12.64 -16.60
N ARG C 169 -30.49 11.71 -17.25
CA ARG C 169 -30.50 10.34 -16.78
C ARG C 169 -29.94 10.24 -15.38
N SER C 170 -28.84 10.94 -15.09
CA SER C 170 -28.23 10.86 -13.77
C SER C 170 -29.24 11.17 -12.68
N GLU C 171 -29.75 12.41 -12.65
CA GLU C 171 -30.61 12.82 -11.55
C GLU C 171 -31.91 12.01 -11.51
N VAL C 172 -32.55 11.80 -12.66
CA VAL C 172 -33.85 11.14 -12.63
C VAL C 172 -33.71 9.68 -12.21
N GLY C 173 -32.74 8.96 -12.77
CA GLY C 173 -32.54 7.59 -12.37
C GLY C 173 -32.16 7.46 -10.91
N LYS C 174 -31.25 8.32 -10.44
CA LYS C 174 -30.85 8.24 -9.05
C LYS C 174 -32.02 8.47 -8.12
N GLN C 175 -32.91 9.42 -8.45
CA GLN C 175 -34.05 9.68 -7.59
C GLN C 175 -35.15 8.63 -7.72
N LEU C 176 -35.26 7.96 -8.86
CA LEU C 176 -36.41 7.10 -9.13
C LEU C 176 -36.11 5.61 -9.01
N ARG C 177 -34.86 5.21 -8.71
CA ARG C 177 -34.57 3.78 -8.59
C ARG C 177 -35.28 3.14 -7.39
N PRO C 178 -35.01 3.55 -6.14
CA PRO C 178 -35.62 2.82 -5.00
C PRO C 178 -37.13 2.90 -4.98
N LEU C 179 -37.70 4.03 -5.41
CA LEU C 179 -39.14 4.12 -5.54
C LEU C 179 -39.67 3.08 -6.50
N TYR C 180 -38.96 2.87 -7.62
CA TYR C 180 -39.40 1.86 -8.58
C TYR C 180 -39.31 0.46 -7.99
N GLU C 181 -38.26 0.18 -7.22
CA GLU C 181 -38.15 -1.15 -6.61
C GLU C 181 -39.31 -1.41 -5.65
N GLU C 182 -39.61 -0.45 -4.79
CA GLU C 182 -40.73 -0.63 -3.87
C GLU C 182 -42.05 -0.73 -4.62
N TYR C 183 -42.21 0.04 -5.69
CA TYR C 183 -43.43 0.01 -6.47
C TYR C 183 -43.64 -1.33 -7.14
N VAL C 184 -42.58 -1.91 -7.72
CA VAL C 184 -42.74 -3.21 -8.37
C VAL C 184 -43.05 -4.27 -7.34
N VAL C 185 -42.41 -4.22 -6.16
CA VAL C 185 -42.70 -5.21 -5.12
C VAL C 185 -44.17 -5.14 -4.72
N LEU C 186 -44.66 -3.94 -4.43
CA LEU C 186 -46.04 -3.79 -3.97
C LEU C 186 -47.04 -4.18 -5.06
N LYS C 187 -46.80 -3.78 -6.31
CA LYS C 187 -47.72 -4.12 -7.39
C LYS C 187 -47.75 -5.62 -7.63
N ASN C 188 -46.58 -6.28 -7.59
CA ASN C 188 -46.54 -7.73 -7.75
C ASN C 188 -47.31 -8.42 -6.64
N GLU C 189 -47.13 -7.97 -5.40
CA GLU C 189 -47.84 -8.59 -4.28
C GLU C 189 -49.35 -8.41 -4.41
N MET C 190 -49.78 -7.20 -4.78
CA MET C 190 -51.21 -6.95 -4.97
C MET C 190 -51.79 -7.81 -6.08
N ALA C 191 -51.06 -7.94 -7.19
CA ALA C 191 -51.55 -8.76 -8.30
C ALA C 191 -51.63 -10.23 -7.90
N ARG C 192 -50.62 -10.73 -7.18
CA ARG C 192 -50.68 -12.11 -6.70
C ARG C 192 -51.87 -12.32 -5.77
N ALA C 193 -52.21 -11.30 -4.98
CA ALA C 193 -53.38 -11.40 -4.12
C ALA C 193 -54.68 -11.41 -4.90
N ASN C 194 -54.65 -11.12 -6.21
CA ASN C 194 -55.86 -11.00 -7.01
C ASN C 194 -55.99 -12.12 -8.03
N HIS C 195 -55.44 -13.30 -7.73
CA HIS C 195 -55.56 -14.49 -8.57
C HIS C 195 -54.94 -14.25 -9.95
N TYR C 196 -53.73 -13.71 -9.96
CA TYR C 196 -52.94 -13.51 -11.16
C TYR C 196 -51.52 -13.97 -10.88
N GLU C 197 -50.79 -14.31 -11.95
CA GLU C 197 -49.41 -14.77 -11.77
C GLU C 197 -48.49 -13.62 -11.37
N ASP C 198 -48.74 -12.42 -11.87
CA ASP C 198 -47.91 -11.25 -11.59
C ASP C 198 -48.70 -10.03 -12.06
N TYR C 199 -48.04 -8.86 -12.08
CA TYR C 199 -48.69 -7.67 -12.62
C TYR C 199 -48.78 -7.72 -14.14
N GLY C 200 -47.77 -8.32 -14.80
CA GLY C 200 -47.83 -8.42 -16.25
C GLY C 200 -49.03 -9.20 -16.72
N ASP C 201 -49.42 -10.25 -15.99
CA ASP C 201 -50.61 -11.00 -16.35
C ASP C 201 -51.86 -10.13 -16.24
N TYR C 202 -51.93 -9.30 -15.19
CA TYR C 202 -53.06 -8.39 -15.05
C TYR C 202 -53.12 -7.42 -16.21
N TRP C 203 -51.97 -6.90 -16.63
CA TRP C 203 -51.95 -5.99 -17.77
C TRP C 203 -52.37 -6.68 -19.06
N ARG C 204 -51.88 -7.89 -19.29
CA ARG C 204 -52.21 -8.61 -20.51
C ARG C 204 -53.64 -9.12 -20.52
N GLY C 205 -54.28 -9.19 -19.35
CA GLY C 205 -55.64 -9.70 -19.28
C GLY C 205 -56.69 -8.88 -20.01
N ASP C 206 -56.30 -7.73 -20.56
CA ASP C 206 -57.25 -6.93 -21.33
C ASP C 206 -57.71 -7.67 -22.58
N TYR C 207 -56.80 -8.37 -23.24
CA TYR C 207 -57.13 -9.10 -24.46
C TYR C 207 -57.72 -10.48 -24.19
N GLU C 208 -57.72 -10.94 -22.95
CA GLU C 208 -58.20 -12.28 -22.65
C GLU C 208 -59.70 -12.38 -22.87
N VAL C 209 -60.12 -13.40 -23.62
CA VAL C 209 -61.52 -13.69 -23.84
C VAL C 209 -61.70 -15.20 -23.77
N ASN C 210 -62.74 -15.64 -23.05
CA ASN C 210 -62.98 -17.06 -22.86
C ASN C 210 -64.48 -17.31 -22.83
N GLY C 211 -64.85 -18.58 -22.81
CA GLY C 211 -66.24 -18.98 -22.77
C GLY C 211 -67.03 -18.63 -24.02
N VAL C 212 -66.41 -18.77 -25.19
CA VAL C 212 -67.06 -18.45 -26.45
C VAL C 212 -66.87 -19.60 -27.43
N ASP C 213 -66.08 -20.60 -27.02
CA ASP C 213 -65.83 -21.83 -27.76
C ASP C 213 -65.60 -21.62 -29.26
N GLY C 214 -64.50 -20.94 -29.60
CA GLY C 214 -64.15 -20.75 -30.99
C GLY C 214 -63.47 -19.43 -31.30
N TYR C 215 -63.44 -18.52 -30.33
CA TYR C 215 -62.76 -17.24 -30.47
C TYR C 215 -61.92 -16.91 -29.25
N ASP C 216 -61.52 -17.91 -28.48
CA ASP C 216 -60.82 -17.67 -27.23
C ASP C 216 -59.42 -17.11 -27.48
N TYR C 217 -58.88 -16.47 -26.45
CA TYR C 217 -57.55 -15.86 -26.53
C TYR C 217 -56.94 -15.94 -25.14
N SER C 218 -55.88 -16.74 -24.99
CA SER C 218 -55.21 -16.86 -23.71
C SER C 218 -54.35 -15.62 -23.44
N ARG C 219 -54.11 -15.36 -22.15
CA ARG C 219 -53.28 -14.22 -21.78
C ARG C 219 -51.85 -14.40 -22.26
N GLY C 220 -51.29 -15.60 -22.09
CA GLY C 220 -49.92 -15.83 -22.53
C GLY C 220 -49.77 -15.79 -24.04
N GLN C 221 -50.79 -16.27 -24.76
CA GLN C 221 -50.72 -16.36 -26.21
C GLN C 221 -50.32 -15.04 -26.84
N LEU C 222 -50.87 -13.93 -26.33
CA LEU C 222 -50.56 -12.61 -26.87
C LEU C 222 -49.07 -12.39 -26.96
N ILE C 223 -48.33 -12.75 -25.90
CA ILE C 223 -46.88 -12.62 -25.91
C ILE C 223 -46.32 -13.21 -27.20
N GLU C 224 -46.60 -14.50 -27.42
CA GLU C 224 -46.05 -15.17 -28.59
C GLU C 224 -46.43 -14.45 -29.86
N ASP C 225 -47.70 -14.04 -29.97
CA ASP C 225 -48.15 -13.36 -31.18
C ASP C 225 -47.26 -12.18 -31.48
N VAL C 226 -47.00 -11.34 -30.46
CA VAL C 226 -46.19 -10.15 -30.68
C VAL C 226 -44.84 -10.54 -31.27
N GLU C 227 -44.21 -11.56 -30.68
CA GLU C 227 -42.89 -11.98 -31.16
C GLU C 227 -42.96 -12.33 -32.64
N HIS C 228 -43.96 -13.11 -33.03
CA HIS C 228 -44.08 -13.49 -34.44
C HIS C 228 -44.10 -12.26 -35.31
N THR C 229 -44.93 -11.27 -34.95
CA THR C 229 -45.04 -10.08 -35.76
C THR C 229 -43.69 -9.38 -35.90
N PHE C 230 -42.95 -9.28 -34.80
CA PHE C 230 -41.66 -8.60 -34.87
C PHE C 230 -40.72 -9.31 -35.83
N GLU C 231 -40.83 -10.63 -35.94
CA GLU C 231 -39.92 -11.36 -36.81
C GLU C 231 -40.14 -11.02 -38.28
N GLU C 232 -41.25 -10.39 -38.62
CA GLU C 232 -41.46 -9.92 -39.98
C GLU C 232 -41.11 -8.45 -40.16
N ILE C 233 -40.94 -7.71 -39.07
CA ILE C 233 -40.60 -6.29 -39.18
C ILE C 233 -39.09 -6.10 -39.21
N LYS C 234 -38.34 -7.05 -38.65
CA LYS C 234 -36.89 -6.92 -38.53
C LYS C 234 -36.16 -6.63 -39.84
N PRO C 235 -36.48 -7.27 -40.99
CA PRO C 235 -35.77 -6.92 -42.22
C PRO C 235 -35.87 -5.46 -42.62
N LEU C 236 -37.11 -4.98 -42.84
CA LEU C 236 -37.30 -3.62 -43.34
C LEU C 236 -36.63 -2.60 -42.44
N TYR C 237 -36.93 -2.66 -41.14
CA TYR C 237 -36.31 -1.74 -40.19
C TYR C 237 -34.80 -1.75 -40.33
N GLU C 238 -34.21 -2.94 -40.46
CA GLU C 238 -32.76 -3.03 -40.59
C GLU C 238 -32.26 -2.16 -41.74
N HIS C 239 -32.87 -2.32 -42.92
CA HIS C 239 -32.48 -1.48 -44.04
C HIS C 239 -32.61 -0.01 -43.69
N LEU C 240 -33.77 0.37 -43.16
CA LEU C 240 -33.98 1.75 -42.71
C LEU C 240 -32.86 2.19 -41.78
N HIS C 241 -32.57 1.35 -40.77
CA HIS C 241 -31.52 1.69 -39.83
C HIS C 241 -30.24 2.05 -40.56
N ALA C 242 -29.80 1.17 -41.46
CA ALA C 242 -28.55 1.40 -42.16
C ALA C 242 -28.59 2.71 -42.92
N TYR C 243 -29.69 2.95 -43.64
CA TYR C 243 -29.82 4.20 -44.38
C TYR C 243 -29.60 5.39 -43.48
N VAL C 244 -30.30 5.40 -42.34
CA VAL C 244 -30.18 6.54 -41.43
C VAL C 244 -28.73 6.72 -41.00
N ARG C 245 -28.06 5.61 -40.67
CA ARG C 245 -26.68 5.71 -40.22
C ARG C 245 -25.83 6.41 -41.26
N ALA C 246 -26.01 6.05 -42.53
CA ALA C 246 -25.24 6.68 -43.59
C ALA C 246 -25.40 8.19 -43.53
N LYS C 247 -26.65 8.65 -43.46
CA LYS C 247 -26.89 10.09 -43.45
C LYS C 247 -26.25 10.74 -42.23
N LEU C 248 -26.34 10.06 -41.07
CA LEU C 248 -25.74 10.63 -39.87
C LEU C 248 -24.24 10.80 -40.02
N MET C 249 -23.60 9.98 -40.85
CA MET C 249 -22.17 10.12 -41.06
C MET C 249 -21.80 11.50 -41.58
N ASN C 250 -22.71 12.14 -42.32
CA ASN C 250 -22.43 13.50 -42.78
C ASN C 250 -22.61 14.53 -41.67
N ALA C 251 -23.56 14.31 -40.76
CA ALA C 251 -23.83 15.31 -39.73
C ALA C 251 -22.77 15.30 -38.64
N TYR C 252 -22.33 14.13 -38.20
CA TYR C 252 -21.35 13.99 -37.14
C TYR C 252 -20.23 13.10 -37.63
N PRO C 253 -19.35 13.60 -38.48
CA PRO C 253 -18.24 12.78 -38.96
C PRO C 253 -17.29 12.40 -37.82
N SER C 254 -16.66 11.23 -37.98
CA SER C 254 -15.67 10.72 -37.02
C SER C 254 -16.29 10.46 -35.65
N TYR C 255 -17.60 10.20 -35.61
CA TYR C 255 -18.28 9.87 -34.37
C TYR C 255 -19.09 8.58 -34.45
N ILE C 256 -19.40 8.08 -35.64
CA ILE C 256 -20.26 6.92 -35.81
C ILE C 256 -19.51 5.88 -36.64
N SER C 257 -19.51 4.64 -36.17
CA SER C 257 -18.86 3.55 -36.88
C SER C 257 -19.72 3.08 -38.05
N PRO C 258 -19.11 2.75 -39.19
CA PRO C 258 -19.89 2.27 -40.34
C PRO C 258 -20.48 0.89 -40.15
N ILE C 259 -20.06 0.14 -39.13
CA ILE C 259 -20.55 -1.20 -38.87
C ILE C 259 -21.17 -1.34 -37.49
N GLY C 260 -21.19 -0.28 -36.68
CA GLY C 260 -21.69 -0.34 -35.33
C GLY C 260 -23.12 0.15 -35.21
N CYS C 261 -23.57 0.29 -33.96
CA CYS C 261 -24.91 0.76 -33.67
C CYS C 261 -24.94 2.28 -33.78
N LEU C 262 -26.05 2.88 -33.33
CA LEU C 262 -26.21 4.32 -33.28
C LEU C 262 -26.10 4.79 -31.84
N PRO C 263 -25.38 5.88 -31.56
CA PRO C 263 -25.37 6.40 -30.19
C PRO C 263 -26.76 6.88 -29.80
N ALA C 264 -27.07 6.74 -28.50
CA ALA C 264 -28.44 6.89 -28.05
C ALA C 264 -28.91 8.34 -28.09
N HIS C 265 -28.00 9.30 -28.03
CA HIS C 265 -28.36 10.70 -27.88
C HIS C 265 -28.50 11.45 -29.20
N LEU C 266 -28.24 10.79 -30.34
CA LEU C 266 -28.27 11.45 -31.63
C LEU C 266 -29.57 11.20 -32.40
N LEU C 267 -30.58 10.63 -31.74
CA LEU C 267 -31.75 10.10 -32.41
C LEU C 267 -32.93 11.06 -32.43
N GLY C 268 -32.70 12.34 -32.18
CA GLY C 268 -33.72 13.34 -32.42
C GLY C 268 -34.65 13.65 -31.27
N ASP C 269 -34.57 12.91 -30.17
CA ASP C 269 -35.36 13.22 -28.99
C ASP C 269 -34.74 12.49 -27.79
N MET C 270 -35.37 12.65 -26.63
CA MET C 270 -34.72 12.24 -25.38
C MET C 270 -34.51 10.74 -25.31
N TRP C 271 -35.56 9.95 -25.56
CA TRP C 271 -35.49 8.51 -25.36
C TRP C 271 -35.41 7.71 -26.65
N GLY C 272 -35.46 8.35 -27.80
CA GLY C 272 -35.45 7.62 -29.05
C GLY C 272 -36.77 6.96 -29.39
N ARG C 273 -37.87 7.46 -28.84
CA ARG C 273 -39.18 6.87 -29.13
C ARG C 273 -39.58 7.12 -30.58
N PHE C 274 -39.38 8.33 -31.08
CA PHE C 274 -39.69 8.68 -32.45
C PHE C 274 -38.42 9.17 -33.15
N TRP C 275 -38.34 8.90 -34.45
CA TRP C 275 -37.20 9.31 -35.25
C TRP C 275 -37.52 10.48 -36.17
N THR C 276 -38.70 11.08 -36.04
CA THR C 276 -39.15 12.04 -37.05
C THR C 276 -38.27 13.29 -37.10
N ASN C 277 -37.65 13.65 -35.98
CA ASN C 277 -36.81 14.84 -35.94
C ASN C 277 -35.55 14.71 -36.80
N LEU C 278 -35.24 13.50 -37.27
CA LEU C 278 -34.13 13.31 -38.19
C LEU C 278 -34.51 13.60 -39.63
N TYR C 279 -35.77 13.93 -39.91
CA TYR C 279 -36.20 14.09 -41.29
C TYR C 279 -35.46 15.24 -41.98
N SER C 280 -35.13 16.29 -41.24
CA SER C 280 -34.39 17.40 -41.83
C SER C 280 -32.98 17.01 -42.22
N LEU C 281 -32.45 15.93 -41.65
CA LEU C 281 -31.11 15.45 -41.98
C LEU C 281 -31.13 14.31 -42.98
N THR C 282 -32.25 13.60 -43.13
CA THR C 282 -32.31 12.37 -43.91
C THR C 282 -33.26 12.48 -45.09
N VAL C 283 -33.60 13.69 -45.52
CA VAL C 283 -34.54 13.82 -46.64
C VAL C 283 -33.88 13.29 -47.91
N PRO C 284 -34.60 12.54 -48.75
CA PRO C 284 -33.99 12.03 -49.98
C PRO C 284 -33.75 13.11 -51.02
N PHE C 285 -34.74 13.98 -51.23
CA PHE C 285 -34.64 15.07 -52.20
C PHE C 285 -35.13 16.35 -51.52
N GLY C 286 -34.19 17.08 -50.91
CA GLY C 286 -34.55 18.33 -50.25
C GLY C 286 -34.93 19.45 -51.18
N GLN C 287 -34.50 19.39 -52.44
CA GLN C 287 -34.86 20.42 -53.41
C GLN C 287 -36.36 20.47 -53.66
N LYS C 288 -37.00 19.32 -53.75
CA LYS C 288 -38.44 19.24 -54.01
C LYS C 288 -39.18 19.05 -52.70
N PRO C 289 -39.94 20.03 -52.23
CA PRO C 289 -40.66 19.87 -50.96
C PRO C 289 -41.92 19.03 -51.13
N ASN C 290 -42.37 18.47 -50.01
CA ASN C 290 -43.60 17.70 -49.99
C ASN C 290 -44.82 18.62 -50.14
N ILE C 291 -45.98 18.02 -50.31
CA ILE C 291 -47.19 18.79 -50.56
C ILE C 291 -47.59 19.54 -49.29
N ASP C 292 -47.78 20.86 -49.42
CA ASP C 292 -48.19 21.69 -48.30
C ASP C 292 -49.02 22.84 -48.86
N VAL C 293 -50.26 22.98 -48.39
CA VAL C 293 -51.15 24.02 -48.87
C VAL C 293 -51.52 24.97 -47.73
N THR C 294 -50.61 25.12 -46.77
CA THR C 294 -50.87 26.01 -45.65
C THR C 294 -50.89 27.48 -46.07
N ASP C 295 -50.24 27.83 -47.19
CA ASP C 295 -50.24 29.19 -47.69
C ASP C 295 -51.29 29.44 -48.76
N ALA C 296 -51.93 28.38 -49.27
CA ALA C 296 -52.96 28.56 -50.28
C ALA C 296 -54.32 28.78 -49.62
N MET C 297 -54.65 27.97 -48.61
CA MET C 297 -55.90 28.11 -47.89
C MET C 297 -55.96 29.41 -47.08
N VAL C 298 -54.82 30.03 -46.81
CA VAL C 298 -54.81 31.35 -46.17
C VAL C 298 -55.45 32.38 -47.09
N ASP C 299 -55.15 32.32 -48.39
CA ASP C 299 -55.69 33.29 -49.32
C ASP C 299 -57.22 33.22 -49.39
N GLN C 300 -57.76 32.01 -49.36
CA GLN C 300 -59.21 31.85 -49.39
C GLN C 300 -59.87 32.27 -48.08
N ALA C 301 -59.09 32.54 -47.04
CA ALA C 301 -59.58 33.00 -45.74
C ALA C 301 -60.58 32.01 -45.15
N TRP C 302 -60.08 30.81 -44.88
CA TRP C 302 -60.89 29.76 -44.26
C TRP C 302 -60.96 29.97 -42.76
N ASP C 303 -62.18 30.04 -42.23
CA ASP C 303 -62.38 30.17 -40.80
C ASP C 303 -62.34 28.80 -40.13
N ALA C 304 -62.49 28.79 -38.81
CA ALA C 304 -62.43 27.54 -38.06
C ALA C 304 -63.64 26.65 -38.29
N GLN C 305 -64.69 27.15 -38.93
CA GLN C 305 -65.89 26.35 -39.18
C GLN C 305 -65.87 25.68 -40.55
N ARG C 306 -65.14 26.26 -41.51
CA ARG C 306 -65.13 25.70 -42.86
C ARG C 306 -64.50 24.31 -42.87
N ILE C 307 -63.40 24.12 -42.12
CA ILE C 307 -62.76 22.82 -42.07
C ILE C 307 -63.66 21.79 -41.42
N PHE C 308 -64.40 22.18 -40.38
CA PHE C 308 -65.34 21.26 -39.75
C PHE C 308 -66.47 20.89 -40.71
N LYS C 309 -66.96 21.87 -41.47
CA LYS C 309 -67.99 21.57 -42.47
C LYS C 309 -67.46 20.62 -43.53
N GLU C 310 -66.22 20.81 -43.97
CA GLU C 310 -65.63 19.90 -44.94
C GLU C 310 -65.50 18.49 -44.38
N ALA C 311 -65.06 18.37 -43.13
CA ALA C 311 -64.95 17.06 -42.50
C ALA C 311 -66.32 16.40 -42.38
N GLU C 312 -67.34 17.17 -42.00
CA GLU C 312 -68.68 16.61 -41.91
C GLU C 312 -69.19 16.13 -43.26
N LYS C 313 -68.94 16.93 -44.31
CA LYS C 313 -69.34 16.51 -45.65
C LYS C 313 -68.63 15.24 -46.07
N PHE C 314 -67.33 15.14 -45.77
CA PHE C 314 -66.57 13.93 -46.09
C PHE C 314 -67.13 12.72 -45.36
N PHE C 315 -67.50 12.89 -44.09
CA PHE C 315 -68.00 11.75 -43.32
C PHE C 315 -69.41 11.35 -43.74
N VAL C 316 -70.26 12.31 -44.11
CA VAL C 316 -71.58 11.95 -44.63
C VAL C 316 -71.45 11.28 -45.99
N SER C 317 -70.48 11.72 -46.80
CA SER C 317 -70.33 11.14 -48.14
C SER C 317 -70.05 9.65 -48.09
N VAL C 318 -69.32 9.18 -47.09
CA VAL C 318 -69.00 7.75 -46.97
C VAL C 318 -70.18 6.94 -46.45
N GLY C 319 -71.28 7.60 -46.09
CA GLY C 319 -72.47 6.91 -45.61
C GLY C 319 -72.68 6.99 -44.11
N LEU C 320 -71.67 7.37 -43.35
CA LEU C 320 -71.83 7.49 -41.90
C LEU C 320 -72.77 8.64 -41.56
N PRO C 321 -73.52 8.53 -40.46
CA PRO C 321 -74.45 9.60 -40.09
C PRO C 321 -73.71 10.86 -39.64
N ASN C 322 -74.41 11.98 -39.80
CA ASN C 322 -73.86 13.29 -39.47
C ASN C 322 -73.97 13.52 -37.96
N MET C 323 -73.65 14.74 -37.52
CA MET C 323 -73.74 15.08 -36.11
C MET C 323 -75.15 15.54 -35.76
N THR C 324 -75.46 15.45 -34.47
CA THR C 324 -76.71 15.96 -33.93
C THR C 324 -76.66 17.50 -33.86
N GLN C 325 -77.84 18.10 -33.71
CA GLN C 325 -77.90 19.55 -33.62
C GLN C 325 -77.25 20.07 -32.35
N GLY C 326 -77.27 19.27 -31.28
CA GLY C 326 -76.71 19.73 -30.02
C GLY C 326 -75.22 20.02 -30.08
N PHE C 327 -74.46 19.18 -30.79
CA PHE C 327 -73.04 19.41 -30.92
C PHE C 327 -72.75 20.68 -31.72
N TRP C 328 -73.46 20.87 -32.83
CA TRP C 328 -73.19 22.02 -33.68
C TRP C 328 -73.63 23.34 -33.03
N GLU C 329 -74.74 23.33 -32.31
CA GLU C 329 -75.21 24.57 -31.69
C GLU C 329 -74.28 25.01 -30.57
N ASN C 330 -73.60 24.07 -29.92
CA ASN C 330 -72.69 24.36 -28.82
C ASN C 330 -71.34 23.70 -29.14
N SER C 331 -70.43 24.51 -29.69
CA SER C 331 -69.09 24.06 -30.04
C SER C 331 -68.11 25.15 -29.65
N MET C 332 -67.04 24.79 -28.95
CA MET C 332 -66.06 25.79 -28.52
C MET C 332 -64.82 25.75 -29.40
N LEU C 333 -64.94 25.17 -30.59
CA LEU C 333 -63.78 25.04 -31.46
C LEU C 333 -63.15 26.37 -31.84
N THR C 334 -63.91 27.46 -31.86
CA THR C 334 -63.34 28.78 -32.11
C THR C 334 -62.60 29.25 -30.86
N ASP C 335 -61.33 29.61 -31.02
CA ASP C 335 -60.53 30.02 -29.88
C ASP C 335 -61.08 31.32 -29.29
N PRO C 336 -61.21 31.41 -27.97
CA PRO C 336 -61.75 32.64 -27.36
C PRO C 336 -60.86 33.85 -27.60
N GLY C 337 -59.60 33.76 -27.21
CA GLY C 337 -58.65 34.84 -27.43
C GLY C 337 -58.70 35.97 -26.44
N ASN C 338 -59.59 35.92 -25.46
CA ASN C 338 -59.70 36.98 -24.45
C ASN C 338 -58.79 36.64 -23.27
N VAL C 339 -58.98 37.36 -22.16
CA VAL C 339 -58.19 37.10 -20.96
C VAL C 339 -58.41 35.68 -20.43
N GLN C 340 -59.58 35.10 -20.70
CA GLN C 340 -59.81 33.70 -20.35
C GLN C 340 -58.99 32.81 -21.27
N LYS C 341 -58.24 31.87 -20.68
CA LYS C 341 -57.37 30.99 -21.42
C LYS C 341 -57.74 29.54 -21.15
N ALA C 342 -57.76 28.73 -22.21
CA ALA C 342 -58.10 27.32 -22.11
C ALA C 342 -57.09 26.52 -22.93
N VAL C 343 -56.92 25.25 -22.54
CA VAL C 343 -55.95 24.40 -23.19
C VAL C 343 -56.49 23.95 -24.55
N CYS C 344 -55.62 23.99 -25.57
CA CYS C 344 -55.98 23.61 -26.93
C CYS C 344 -55.75 22.13 -27.21
N HIS C 345 -55.49 21.34 -26.17
CA HIS C 345 -55.28 19.90 -26.38
C HIS C 345 -56.56 19.28 -26.93
N PRO C 346 -56.51 18.71 -28.14
CA PRO C 346 -57.73 18.17 -28.74
C PRO C 346 -58.30 17.01 -27.95
N THR C 347 -59.62 17.00 -27.78
CA THR C 347 -60.28 15.92 -27.07
C THR C 347 -61.69 15.78 -27.62
N ALA C 348 -62.21 14.55 -27.57
CA ALA C 348 -63.58 14.26 -27.95
C ALA C 348 -64.33 13.87 -26.68
N TRP C 349 -65.24 14.75 -26.24
CA TRP C 349 -65.98 14.54 -25.01
C TRP C 349 -67.32 13.89 -25.31
N ASP C 350 -67.59 12.77 -24.65
CA ASP C 350 -68.87 12.07 -24.73
C ASP C 350 -69.61 12.20 -23.39
N LEU C 351 -70.36 13.30 -23.28
CA LEU C 351 -71.09 13.56 -22.03
C LEU C 351 -72.12 12.48 -21.76
N GLY C 352 -72.64 11.86 -22.80
CA GLY C 352 -73.62 10.80 -22.68
C GLY C 352 -75.02 11.27 -23.02
N LYS C 353 -75.88 10.28 -23.28
CA LYS C 353 -77.28 10.51 -23.62
C LYS C 353 -77.40 11.45 -24.83
N GLY C 354 -76.66 11.12 -25.89
CA GLY C 354 -76.71 11.87 -27.12
C GLY C 354 -76.15 13.28 -27.02
N ASP C 355 -75.05 13.46 -26.29
CA ASP C 355 -74.41 14.75 -26.13
C ASP C 355 -72.89 14.56 -26.25
N PHE C 356 -72.32 15.01 -27.36
CA PHE C 356 -70.89 14.91 -27.61
C PHE C 356 -70.37 16.26 -28.11
N ARG C 357 -69.14 16.58 -27.74
CA ARG C 357 -68.51 17.84 -28.10
C ARG C 357 -67.04 17.61 -28.39
N ILE C 358 -66.40 18.62 -28.97
CA ILE C 358 -64.97 18.59 -29.28
C ILE C 358 -64.29 19.76 -28.58
N LEU C 359 -63.23 19.46 -27.83
CA LEU C 359 -62.48 20.44 -27.05
C LEU C 359 -61.15 20.67 -27.74
N MET C 360 -61.03 21.79 -28.45
CA MET C 360 -59.77 22.21 -29.04
C MET C 360 -59.91 23.64 -29.55
N CYS C 361 -58.81 24.37 -29.50
CA CYS C 361 -58.72 25.72 -30.05
C CYS C 361 -58.11 25.58 -31.44
N THR C 362 -58.79 26.12 -32.44
CA THR C 362 -58.52 25.82 -33.84
C THR C 362 -57.64 26.88 -34.48
N LYS C 363 -56.69 26.44 -35.31
CA LYS C 363 -55.88 27.34 -36.12
C LYS C 363 -56.10 27.03 -37.59
N VAL C 364 -55.35 27.68 -38.47
CA VAL C 364 -55.48 27.50 -39.91
C VAL C 364 -54.19 26.87 -40.40
N THR C 365 -54.12 25.53 -40.36
CA THR C 365 -52.94 24.78 -40.77
C THR C 365 -53.39 23.41 -41.28
N MET C 366 -52.47 22.72 -41.95
CA MET C 366 -52.76 21.37 -42.42
C MET C 366 -52.82 20.38 -41.27
N ASP C 367 -51.92 20.50 -40.29
CA ASP C 367 -51.93 19.58 -39.17
C ASP C 367 -53.23 19.71 -38.36
N ASP C 368 -53.71 20.94 -38.17
CA ASP C 368 -55.03 21.13 -37.59
C ASP C 368 -56.11 20.54 -38.47
N PHE C 369 -55.93 20.62 -39.80
CA PHE C 369 -56.91 20.05 -40.72
C PHE C 369 -57.02 18.54 -40.53
N LEU C 370 -55.90 17.86 -40.34
CA LEU C 370 -55.94 16.42 -40.10
C LEU C 370 -56.43 16.08 -38.70
N THR C 371 -56.06 16.90 -37.71
CA THR C 371 -56.54 16.67 -36.35
C THR C 371 -58.06 16.81 -36.27
N ALA C 372 -58.64 17.69 -37.11
CA ALA C 372 -60.09 17.80 -37.17
C ALA C 372 -60.72 16.48 -37.58
N HIS C 373 -60.16 15.84 -38.60
CA HIS C 373 -60.67 14.53 -39.03
C HIS C 373 -60.45 13.48 -37.95
N HIS C 374 -59.30 13.52 -37.28
CA HIS C 374 -59.02 12.57 -36.20
C HIS C 374 -60.10 12.65 -35.11
N GLU C 375 -60.38 13.87 -34.64
CA GLU C 375 -61.39 14.03 -33.60
C GLU C 375 -62.80 13.74 -34.12
N MET C 376 -63.06 14.05 -35.39
CA MET C 376 -64.36 13.74 -35.97
C MET C 376 -64.61 12.23 -35.98
N GLY C 377 -63.59 11.46 -36.36
CA GLY C 377 -63.71 10.02 -36.31
C GLY C 377 -63.85 9.50 -34.91
N HIS C 378 -63.15 10.12 -33.96
CA HIS C 378 -63.31 9.74 -32.56
C HIS C 378 -64.75 9.91 -32.12
N ILE C 379 -65.36 11.05 -32.47
CA ILE C 379 -66.74 11.31 -32.09
C ILE C 379 -67.69 10.34 -32.77
N GLN C 380 -67.45 10.05 -34.06
CA GLN C 380 -68.29 9.10 -34.77
C GLN C 380 -68.24 7.72 -34.11
N TYR C 381 -67.04 7.26 -33.76
CA TYR C 381 -66.92 5.96 -33.09
C TYR C 381 -67.60 5.99 -31.72
N ASP C 382 -67.46 7.10 -30.99
CA ASP C 382 -68.11 7.21 -29.68
C ASP C 382 -69.62 7.14 -29.79
N MET C 383 -70.19 7.84 -30.76
CA MET C 383 -71.64 7.86 -30.92
C MET C 383 -72.18 6.64 -31.63
N ALA C 384 -71.32 5.82 -32.25
CA ALA C 384 -71.80 4.63 -32.92
C ALA C 384 -72.44 3.64 -31.95
N TYR C 385 -71.83 3.45 -30.78
CA TYR C 385 -72.31 2.46 -29.82
C TYR C 385 -73.15 3.09 -28.70
N ALA C 386 -73.86 4.19 -29.01
CA ALA C 386 -74.69 4.82 -27.99
C ALA C 386 -75.82 3.91 -27.54
N ALA C 387 -76.31 3.05 -28.43
CA ALA C 387 -77.40 2.13 -28.07
C ALA C 387 -76.96 1.09 -27.05
N GLN C 388 -75.66 0.85 -26.91
CA GLN C 388 -75.17 -0.11 -25.94
C GLN C 388 -75.38 0.42 -24.52
N PRO C 389 -75.47 -0.46 -23.52
CA PRO C 389 -75.63 0.00 -22.14
C PRO C 389 -74.46 0.83 -21.67
N PHE C 390 -74.61 1.39 -20.47
CA PHE C 390 -73.59 2.28 -19.93
C PHE C 390 -72.27 1.56 -19.71
N LEU C 391 -72.32 0.33 -19.18
CA LEU C 391 -71.10 -0.40 -18.90
C LEU C 391 -70.38 -0.86 -20.16
N LEU C 392 -71.06 -0.85 -21.30
CA LEU C 392 -70.50 -1.31 -22.56
C LEU C 392 -70.36 -0.17 -23.56
N ARG C 393 -69.95 0.99 -23.10
CA ARG C 393 -69.74 2.16 -23.95
C ARG C 393 -68.24 2.45 -23.97
N ASN C 394 -67.54 1.76 -24.87
CA ASN C 394 -66.10 1.90 -25.05
C ASN C 394 -65.71 1.11 -26.30
N GLY C 395 -64.43 1.15 -26.63
CA GLY C 395 -63.93 0.38 -27.75
C GLY C 395 -63.82 -1.09 -27.43
N ALA C 396 -63.54 -1.88 -28.47
CA ALA C 396 -63.43 -3.33 -28.28
C ALA C 396 -62.29 -3.67 -27.35
N ASN C 397 -61.15 -3.01 -27.50
CA ASN C 397 -60.05 -3.11 -26.55
C ASN C 397 -59.32 -1.77 -26.54
N GLU C 398 -58.10 -1.77 -25.98
CA GLU C 398 -57.39 -0.51 -25.78
C GLU C 398 -56.85 0.09 -27.08
N GLY C 399 -56.72 -0.70 -28.14
CA GLY C 399 -56.09 -0.20 -29.35
C GLY C 399 -57.03 0.17 -30.48
N PHE C 400 -58.32 -0.12 -30.34
CA PHE C 400 -59.24 0.08 -31.45
C PHE C 400 -59.55 1.56 -31.68
N HIS C 401 -59.77 2.31 -30.60
CA HIS C 401 -60.25 3.68 -30.73
C HIS C 401 -59.25 4.55 -31.48
N GLU C 402 -57.97 4.45 -31.12
CA GLU C 402 -56.96 5.28 -31.76
C GLU C 402 -56.77 4.90 -33.22
N ALA C 403 -56.80 3.61 -33.54
CA ALA C 403 -56.69 3.18 -34.93
C ALA C 403 -57.85 3.69 -35.76
N VAL C 404 -59.07 3.59 -35.23
CA VAL C 404 -60.24 4.07 -35.97
C VAL C 404 -60.15 5.57 -36.18
N GLY C 405 -59.70 6.31 -35.17
CA GLY C 405 -59.51 7.74 -35.35
C GLY C 405 -58.43 8.08 -36.36
N GLU C 406 -57.35 7.30 -36.38
CA GLU C 406 -56.18 7.60 -37.20
C GLU C 406 -56.38 7.28 -38.67
N ILE C 407 -57.11 6.20 -38.98
CA ILE C 407 -57.27 5.82 -40.39
C ILE C 407 -57.99 6.90 -41.18
N MET C 408 -58.92 7.62 -40.54
CA MET C 408 -59.63 8.68 -41.25
C MET C 408 -58.68 9.79 -41.69
N SER C 409 -57.81 10.25 -40.80
CA SER C 409 -56.83 11.26 -41.17
C SER C 409 -55.85 10.73 -42.20
N LEU C 410 -55.45 9.46 -42.06
CA LEU C 410 -54.52 8.87 -43.01
C LEU C 410 -55.12 8.85 -44.42
N SER C 411 -56.40 8.52 -44.52
CA SER C 411 -57.06 8.53 -45.83
C SER C 411 -57.32 9.94 -46.34
N ALA C 412 -57.54 10.89 -45.43
CA ALA C 412 -57.84 12.26 -45.84
C ALA C 412 -56.59 13.07 -46.15
N ALA C 413 -55.39 12.58 -45.83
CA ALA C 413 -54.16 13.32 -46.07
C ALA C 413 -53.59 13.14 -47.47
N THR C 414 -54.21 12.31 -48.30
CA THR C 414 -53.67 12.05 -49.63
C THR C 414 -53.85 13.27 -50.53
N PRO C 415 -52.89 13.55 -51.42
CA PRO C 415 -53.05 14.69 -52.33
C PRO C 415 -54.25 14.57 -53.26
N LYS C 416 -54.68 13.35 -53.57
CA LYS C 416 -55.85 13.18 -54.44
C LYS C 416 -57.10 13.75 -53.78
N HIS C 417 -57.31 13.46 -52.51
CA HIS C 417 -58.45 14.03 -51.79
C HIS C 417 -58.35 15.55 -51.71
N LEU C 418 -57.13 16.06 -51.48
CA LEU C 418 -56.95 17.51 -51.43
C LEU C 418 -57.30 18.16 -52.75
N LYS C 419 -56.89 17.56 -53.87
CA LYS C 419 -57.21 18.12 -55.17
C LYS C 419 -58.69 18.00 -55.47
N SER C 420 -59.34 16.94 -55.00
CA SER C 420 -60.77 16.76 -55.24
C SER C 420 -61.64 17.52 -54.26
N ILE C 421 -61.05 18.15 -53.22
CA ILE C 421 -61.83 18.89 -52.24
C ILE C 421 -61.90 20.38 -52.55
N GLY C 422 -61.06 20.89 -53.46
CA GLY C 422 -61.09 22.30 -53.78
C GLY C 422 -59.73 22.96 -53.80
N LEU C 423 -58.85 22.56 -52.88
CA LEU C 423 -57.47 23.04 -52.89
C LEU C 423 -56.65 22.19 -53.86
N LEU C 424 -55.36 22.52 -53.99
CA LEU C 424 -54.41 21.74 -54.78
C LEU C 424 -54.92 21.57 -56.22
N SER C 425 -54.98 22.70 -56.93
CA SER C 425 -55.50 22.83 -58.28
C SER C 425 -55.07 21.67 -59.17
N PRO C 426 -55.95 21.16 -60.04
CA PRO C 426 -55.64 19.93 -60.77
C PRO C 426 -54.45 20.03 -61.71
N ASP C 427 -54.04 21.23 -62.10
CA ASP C 427 -52.90 21.38 -63.00
C ASP C 427 -51.59 21.13 -62.27
N PHE C 428 -51.39 19.91 -61.79
CA PHE C 428 -50.19 19.58 -61.03
C PHE C 428 -49.84 18.12 -61.29
N GLN C 429 -48.73 17.89 -62.00
CA GLN C 429 -48.25 16.55 -62.29
C GLN C 429 -47.28 16.15 -61.18
N GLU C 430 -47.71 15.24 -60.32
CA GLU C 430 -46.93 14.85 -59.16
C GLU C 430 -45.74 13.99 -59.58
N ASP C 431 -44.62 14.18 -58.88
CA ASP C 431 -43.44 13.37 -59.11
C ASP C 431 -43.28 12.35 -57.99
N ASN C 432 -42.77 11.16 -58.35
CA ASN C 432 -42.58 10.10 -57.37
C ASN C 432 -41.52 10.44 -56.34
N GLU C 433 -40.71 11.48 -56.56
CA GLU C 433 -39.80 11.95 -55.54
C GLU C 433 -40.56 12.45 -54.32
N THR C 434 -41.67 13.17 -54.55
CA THR C 434 -42.52 13.58 -53.44
C THR C 434 -43.11 12.38 -52.72
N GLU C 435 -43.49 11.33 -53.47
CA GLU C 435 -44.01 10.12 -52.87
C GLU C 435 -42.97 9.46 -51.98
N ILE C 436 -41.72 9.40 -52.45
CA ILE C 436 -40.65 8.82 -51.64
C ILE C 436 -40.40 9.65 -50.39
N ASN C 437 -40.40 10.97 -50.52
CA ASN C 437 -40.23 11.82 -49.34
C ASN C 437 -41.35 11.61 -48.34
N PHE C 438 -42.59 11.53 -48.81
CA PHE C 438 -43.73 11.31 -47.92
C PHE C 438 -43.63 9.95 -47.23
N LEU C 439 -43.24 8.93 -47.99
CA LEU C 439 -43.12 7.59 -47.41
C LEU C 439 -42.02 7.55 -46.35
N LEU C 440 -40.90 8.24 -46.60
CA LEU C 440 -39.84 8.25 -45.60
C LEU C 440 -40.26 9.02 -44.35
N LYS C 441 -40.96 10.14 -44.52
CA LYS C 441 -41.45 10.89 -43.38
C LYS C 441 -42.41 10.05 -42.55
N GLN C 442 -43.29 9.29 -43.21
CA GLN C 442 -44.20 8.40 -42.48
C GLN C 442 -43.45 7.26 -41.81
N ALA C 443 -42.43 6.73 -42.48
CA ALA C 443 -41.68 5.61 -41.94
C ALA C 443 -40.94 6.02 -40.66
N LEU C 444 -40.33 7.20 -40.67
CA LEU C 444 -39.58 7.66 -39.51
C LEU C 444 -40.43 7.69 -38.24
N THR C 445 -41.74 7.84 -38.40
CA THR C 445 -42.66 7.86 -37.25
C THR C 445 -43.26 6.49 -36.97
N ILE C 446 -43.58 5.71 -38.00
CA ILE C 446 -44.29 4.46 -37.80
C ILE C 446 -43.34 3.31 -37.53
N VAL C 447 -42.34 3.11 -38.38
CA VAL C 447 -41.48 1.94 -38.25
C VAL C 447 -40.37 2.17 -37.23
N GLY C 448 -39.98 3.41 -37.00
CA GLY C 448 -38.90 3.68 -36.05
C GLY C 448 -39.28 3.50 -34.60
N THR C 449 -40.57 3.34 -34.30
CA THR C 449 -41.04 3.23 -32.93
C THR C 449 -41.47 1.84 -32.52
N LEU C 450 -41.69 0.93 -33.46
CA LEU C 450 -42.11 -0.43 -33.10
C LEU C 450 -41.06 -1.18 -32.29
N PRO C 451 -39.77 -1.19 -32.67
CA PRO C 451 -38.79 -1.89 -31.82
C PRO C 451 -38.68 -1.33 -30.42
N PHE C 452 -38.79 -0.01 -30.25
CA PHE C 452 -38.72 0.58 -28.93
C PHE C 452 -39.88 0.12 -28.06
N THR C 453 -41.09 0.14 -28.61
CA THR C 453 -42.27 -0.31 -27.87
C THR C 453 -42.14 -1.77 -27.48
N TYR C 454 -41.74 -2.62 -28.43
CA TYR C 454 -41.61 -4.04 -28.16
C TYR C 454 -40.57 -4.29 -27.08
N MET C 455 -39.41 -3.64 -27.17
CA MET C 455 -38.36 -3.85 -26.18
C MET C 455 -38.78 -3.37 -24.80
N LEU C 456 -39.42 -2.20 -24.72
CA LEU C 456 -39.81 -1.69 -23.42
C LEU C 456 -40.82 -2.60 -22.75
N GLU C 457 -41.84 -3.04 -23.49
CA GLU C 457 -42.83 -3.93 -22.89
C GLU C 457 -42.22 -5.27 -22.51
N LYS C 458 -41.29 -5.78 -23.33
CA LYS C 458 -40.61 -7.02 -22.96
C LYS C 458 -39.84 -6.89 -21.67
N TRP C 459 -39.08 -5.80 -21.52
CA TRP C 459 -38.30 -5.59 -20.30
C TRP C 459 -39.22 -5.47 -19.09
N ARG C 460 -40.31 -4.72 -19.21
CA ARG C 460 -41.21 -4.57 -18.08
C ARG C 460 -41.87 -5.90 -17.71
N TRP C 461 -42.30 -6.68 -18.70
CA TRP C 461 -42.91 -7.97 -18.40
C TRP C 461 -41.94 -8.89 -17.69
N MET C 462 -40.69 -8.97 -18.16
CA MET C 462 -39.77 -9.90 -17.51
C MET C 462 -39.30 -9.38 -16.16
N VAL C 463 -39.33 -8.07 -15.93
CA VAL C 463 -39.02 -7.55 -14.60
C VAL C 463 -40.15 -7.88 -13.63
N PHE C 464 -41.40 -7.72 -14.06
CA PHE C 464 -42.53 -8.04 -13.19
C PHE C 464 -42.57 -9.53 -12.89
N LYS C 465 -42.37 -10.38 -13.90
CA LYS C 465 -42.50 -11.82 -13.69
C LYS C 465 -41.39 -12.36 -12.79
N GLY C 466 -40.16 -11.90 -12.97
CA GLY C 466 -39.05 -12.30 -12.14
C GLY C 466 -37.86 -12.90 -12.85
N GLU C 467 -37.85 -12.91 -14.19
CA GLU C 467 -36.71 -13.47 -14.90
C GLU C 467 -35.45 -12.66 -14.63
N ILE C 468 -35.56 -11.33 -14.64
CA ILE C 468 -34.40 -10.47 -14.43
C ILE C 468 -34.18 -10.29 -12.93
N PRO C 469 -33.03 -10.70 -12.39
CA PRO C 469 -32.74 -10.39 -10.99
C PRO C 469 -32.61 -8.89 -10.79
N LYS C 470 -32.94 -8.44 -9.58
CA LYS C 470 -32.90 -7.03 -9.26
C LYS C 470 -31.49 -6.45 -9.35
N ASP C 471 -30.47 -7.31 -9.29
CA ASP C 471 -29.09 -6.86 -9.39
C ASP C 471 -28.67 -6.63 -10.85
N GLN C 472 -29.41 -7.17 -11.82
CA GLN C 472 -29.00 -7.09 -13.22
C GLN C 472 -29.87 -6.19 -14.08
N TRP C 473 -30.88 -5.52 -13.50
CA TRP C 473 -31.84 -4.74 -14.28
C TRP C 473 -31.17 -3.90 -15.35
N MET C 474 -30.37 -2.93 -14.92
CA MET C 474 -29.73 -2.03 -15.87
C MET C 474 -29.00 -2.81 -16.94
N LYS C 475 -28.17 -3.77 -16.52
CA LYS C 475 -27.44 -4.60 -17.46
C LYS C 475 -28.36 -5.12 -18.55
N LYS C 476 -29.39 -5.87 -18.16
CA LYS C 476 -30.25 -6.48 -19.15
C LYS C 476 -30.82 -5.43 -20.09
N TRP C 477 -31.27 -4.30 -19.54
CA TRP C 477 -31.86 -3.26 -20.37
C TRP C 477 -30.93 -2.89 -21.50
N TRP C 478 -29.69 -2.56 -21.18
CA TRP C 478 -28.81 -2.07 -22.24
C TRP C 478 -28.46 -3.19 -23.20
N GLU C 479 -28.40 -4.43 -22.72
CA GLU C 479 -28.18 -5.55 -23.63
C GLU C 479 -29.25 -5.57 -24.70
N MET C 480 -30.52 -5.44 -24.28
CA MET C 480 -31.59 -5.44 -25.27
C MET C 480 -31.43 -4.28 -26.25
N LYS C 481 -30.97 -3.13 -25.75
CA LYS C 481 -30.79 -1.98 -26.62
C LYS C 481 -29.77 -2.25 -27.71
N ARG C 482 -28.77 -3.08 -27.43
CA ARG C 482 -27.78 -3.39 -28.45
C ARG C 482 -28.21 -4.53 -29.35
N GLU C 483 -29.30 -5.21 -29.04
CA GLU C 483 -29.71 -6.39 -29.78
C GLU C 483 -30.99 -6.22 -30.57
N ILE C 484 -31.99 -5.55 -30.01
CA ILE C 484 -33.29 -5.41 -30.66
C ILE C 484 -33.41 -4.10 -31.43
N VAL C 485 -33.00 -2.99 -30.82
CA VAL C 485 -33.10 -1.69 -31.47
C VAL C 485 -31.79 -1.26 -32.14
N GLY C 486 -30.66 -1.81 -31.73
CA GLY C 486 -29.38 -1.42 -32.30
C GLY C 486 -28.97 -0.01 -31.92
N VAL C 487 -29.04 0.29 -30.62
CA VAL C 487 -28.69 1.60 -30.08
C VAL C 487 -27.76 1.38 -28.90
N VAL C 488 -26.66 2.14 -28.85
CA VAL C 488 -25.63 1.95 -27.85
C VAL C 488 -25.53 3.20 -26.99
N GLU C 489 -25.35 3.00 -25.68
CA GLU C 489 -25.21 4.13 -24.77
C GLU C 489 -23.84 4.78 -24.95
N PRO C 490 -23.74 6.09 -24.75
CA PRO C 490 -22.44 6.76 -24.90
C PRO C 490 -21.59 6.73 -23.65
N VAL C 491 -22.17 6.48 -22.48
CA VAL C 491 -21.41 6.34 -21.24
C VAL C 491 -21.94 5.13 -20.47
N PRO C 492 -21.08 4.36 -19.79
CA PRO C 492 -21.56 3.20 -19.04
C PRO C 492 -22.43 3.62 -17.87
N HIS C 493 -23.50 2.84 -17.65
CA HIS C 493 -24.43 3.09 -16.56
C HIS C 493 -24.40 1.90 -15.60
N ASP C 494 -24.09 2.17 -14.34
CA ASP C 494 -24.03 1.12 -13.33
C ASP C 494 -25.42 0.77 -12.83
N GLU C 495 -25.51 0.09 -11.70
CA GLU C 495 -26.79 -0.40 -11.20
C GLU C 495 -27.55 0.62 -10.37
N THR C 496 -27.02 1.83 -10.21
CA THR C 496 -27.73 2.86 -9.46
C THR C 496 -28.70 3.66 -10.32
N TYR C 497 -28.76 3.40 -11.62
CA TYR C 497 -29.62 4.15 -12.53
C TYR C 497 -30.93 3.41 -12.76
N CYS C 498 -31.93 4.17 -13.23
CA CYS C 498 -33.22 3.62 -13.62
C CYS C 498 -33.70 4.26 -14.92
N ASP C 499 -32.86 4.20 -15.96
CA ASP C 499 -33.16 4.83 -17.24
C ASP C 499 -34.56 4.56 -17.78
N PRO C 500 -35.08 3.33 -17.79
CA PRO C 500 -36.46 3.15 -18.26
C PRO C 500 -37.48 3.92 -17.45
N ALA C 501 -37.24 4.12 -16.15
CA ALA C 501 -38.16 4.90 -15.33
C ALA C 501 -38.16 6.37 -15.70
N SER C 502 -37.20 6.85 -16.48
CA SER C 502 -37.21 8.25 -16.89
C SER C 502 -38.32 8.57 -17.87
N LEU C 503 -38.85 7.56 -18.56
CA LEU C 503 -39.95 7.76 -19.49
C LEU C 503 -41.23 8.08 -18.74
N PHE C 504 -42.13 8.81 -19.40
CA PHE C 504 -43.37 9.24 -18.75
C PHE C 504 -44.25 8.05 -18.41
N HIS C 505 -44.36 7.08 -19.31
CA HIS C 505 -45.29 5.97 -19.11
C HIS C 505 -44.82 5.03 -18.02
N VAL C 506 -43.51 4.85 -17.87
CA VAL C 506 -43.00 3.90 -16.89
C VAL C 506 -43.23 4.43 -15.48
N SER C 507 -42.93 5.70 -15.24
CA SER C 507 -43.01 6.27 -13.90
C SER C 507 -44.43 6.65 -13.50
N ASN C 508 -45.38 6.66 -14.43
CA ASN C 508 -46.76 6.96 -14.12
C ASN C 508 -47.67 5.74 -14.22
N ASP C 509 -47.10 4.55 -14.33
CA ASP C 509 -47.84 3.29 -14.30
C ASP C 509 -48.88 3.22 -15.42
N TYR C 510 -48.38 3.19 -16.65
CA TYR C 510 -49.23 3.07 -17.82
C TYR C 510 -48.78 1.90 -18.68
N SER C 511 -49.73 1.36 -19.45
CA SER C 511 -49.46 0.25 -20.34
C SER C 511 -48.97 0.74 -21.69
N PHE C 512 -48.10 -0.04 -22.32
CA PHE C 512 -47.43 0.39 -23.54
C PHE C 512 -47.69 -0.48 -24.76
N ILE C 513 -48.40 -1.61 -24.62
CA ILE C 513 -48.66 -2.46 -25.78
C ILE C 513 -49.77 -1.95 -26.66
N ARG C 514 -50.55 -0.97 -26.19
CA ARG C 514 -51.64 -0.45 -27.00
C ARG C 514 -51.12 0.20 -28.27
N TYR C 515 -50.00 0.92 -28.18
CA TYR C 515 -49.41 1.51 -29.38
C TYR C 515 -48.97 0.44 -30.37
N TYR C 516 -48.34 -0.63 -29.89
CA TYR C 516 -47.90 -1.69 -30.77
C TYR C 516 -49.08 -2.30 -31.51
N THR C 517 -50.15 -2.64 -30.79
CA THR C 517 -51.27 -3.28 -31.46
C THR C 517 -52.03 -2.31 -32.36
N ARG C 518 -52.08 -1.03 -31.99
CA ARG C 518 -52.78 -0.05 -32.82
C ARG C 518 -52.07 0.15 -34.14
N THR C 519 -50.73 0.18 -34.12
CA THR C 519 -49.98 0.40 -35.36
C THR C 519 -50.25 -0.67 -36.39
N LEU C 520 -50.70 -1.85 -35.98
CA LEU C 520 -51.04 -2.93 -36.90
C LEU C 520 -52.53 -2.95 -37.23
N TYR C 521 -53.39 -2.68 -36.24
CA TYR C 521 -54.82 -2.64 -36.49
C TYR C 521 -55.17 -1.57 -37.51
N GLN C 522 -54.52 -0.39 -37.41
CA GLN C 522 -54.87 0.69 -38.32
C GLN C 522 -54.56 0.32 -39.76
N PHE C 523 -53.42 -0.33 -40.00
CA PHE C 523 -53.07 -0.70 -41.36
C PHE C 523 -53.91 -1.85 -41.87
N GLN C 524 -54.29 -2.79 -41.00
CA GLN C 524 -55.24 -3.82 -41.41
C GLN C 524 -56.55 -3.21 -41.84
N PHE C 525 -57.06 -2.25 -41.06
CA PHE C 525 -58.32 -1.58 -41.42
C PHE C 525 -58.19 -0.83 -42.73
N GLN C 526 -57.07 -0.11 -42.92
CA GLN C 526 -56.88 0.64 -44.15
C GLN C 526 -56.83 -0.28 -45.35
N GLU C 527 -56.10 -1.40 -45.24
CA GLU C 527 -56.01 -2.34 -46.35
C GLU C 527 -57.36 -2.95 -46.67
N ALA C 528 -58.12 -3.33 -45.63
CA ALA C 528 -59.45 -3.90 -45.87
C ALA C 528 -60.37 -2.89 -46.54
N LEU C 529 -60.33 -1.64 -46.07
CA LEU C 529 -61.18 -0.60 -46.66
C LEU C 529 -60.81 -0.35 -48.12
N CYS C 530 -59.52 -0.30 -48.42
CA CYS C 530 -59.09 -0.09 -49.81
C CYS C 530 -59.46 -1.27 -50.69
N GLN C 531 -59.37 -2.48 -50.15
CA GLN C 531 -59.81 -3.66 -50.90
C GLN C 531 -61.31 -3.60 -51.19
N ALA C 532 -62.09 -3.18 -50.20
CA ALA C 532 -63.54 -3.03 -50.42
C ALA C 532 -63.84 -1.93 -51.43
N ALA C 533 -63.02 -0.88 -51.47
CA ALA C 533 -63.22 0.21 -52.42
C ALA C 533 -62.64 -0.09 -53.79
N LYS C 534 -61.96 -1.22 -53.97
CA LYS C 534 -61.42 -1.65 -55.26
C LYS C 534 -60.41 -0.62 -55.79
N HIS C 535 -59.36 -0.39 -55.01
CA HIS C 535 -58.29 0.49 -55.43
C HIS C 535 -57.35 -0.23 -56.39
N GLU C 536 -56.64 0.55 -57.21
CA GLU C 536 -55.79 -0.02 -58.25
C GLU C 536 -54.31 0.20 -57.95
N GLY C 537 -53.90 1.44 -57.69
CA GLY C 537 -52.50 1.77 -57.52
C GLY C 537 -51.92 1.39 -56.18
N PRO C 538 -50.92 2.15 -55.70
CA PRO C 538 -50.29 1.75 -54.44
C PRO C 538 -51.21 2.03 -53.28
N LEU C 539 -50.91 1.46 -52.13
CA LEU C 539 -51.79 1.61 -50.98
C LEU C 539 -51.73 3.03 -50.42
N HIS C 540 -50.57 3.68 -50.49
CA HIS C 540 -50.43 5.00 -49.86
C HIS C 540 -51.16 6.11 -50.59
N LYS C 541 -51.69 5.85 -51.79
CA LYS C 541 -52.53 6.79 -52.51
C LYS C 541 -54.01 6.44 -52.43
N CYS C 542 -54.38 5.49 -51.59
CA CYS C 542 -55.75 5.00 -51.56
C CYS C 542 -56.68 6.00 -50.85
N ASP C 543 -57.94 6.00 -51.27
CA ASP C 543 -58.98 6.81 -50.67
C ASP C 543 -60.24 5.97 -50.53
N ILE C 544 -61.09 6.36 -49.57
CA ILE C 544 -62.32 5.64 -49.30
C ILE C 544 -63.55 6.54 -49.46
N SER C 545 -63.39 7.74 -49.98
CA SER C 545 -64.50 8.65 -50.14
C SER C 545 -65.46 8.16 -51.22
N ASN C 546 -66.72 8.57 -51.09
CA ASN C 546 -67.76 8.25 -52.08
C ASN C 546 -67.91 6.75 -52.27
N SER C 547 -67.89 6.00 -51.17
CA SER C 547 -68.06 4.55 -51.20
C SER C 547 -68.97 4.16 -50.04
N THR C 548 -70.26 3.98 -50.34
CA THR C 548 -71.22 3.65 -49.29
C THR C 548 -71.00 2.25 -48.73
N GLU C 549 -70.53 1.31 -49.56
CA GLU C 549 -70.30 -0.04 -49.08
C GLU C 549 -69.19 -0.08 -48.03
N ALA C 550 -68.13 0.72 -48.22
CA ALA C 550 -67.07 0.79 -47.23
C ALA C 550 -67.58 1.37 -45.91
N GLY C 551 -68.40 2.42 -45.99
CA GLY C 551 -68.99 2.97 -44.78
C GLY C 551 -69.88 1.97 -44.06
N GLN C 552 -70.67 1.21 -44.81
CA GLN C 552 -71.50 0.18 -44.20
C GLN C 552 -70.64 -0.88 -43.54
N LYS C 553 -69.54 -1.28 -44.20
CA LYS C 553 -68.64 -2.27 -43.63
C LYS C 553 -68.04 -1.78 -42.32
N LEU C 554 -67.66 -0.50 -42.27
CA LEU C 554 -67.18 0.07 -41.01
C LEU C 554 -68.28 0.10 -39.96
N PHE C 555 -69.51 0.42 -40.38
CA PHE C 555 -70.62 0.53 -39.45
C PHE C 555 -70.92 -0.82 -38.79
N ASN C 556 -70.78 -1.91 -39.56
CA ASN C 556 -71.06 -3.22 -39.00
C ASN C 556 -70.10 -3.59 -37.86
N MET C 557 -68.98 -2.88 -37.72
CA MET C 557 -68.07 -3.09 -36.61
C MET C 557 -68.12 -1.99 -35.56
N LEU C 558 -68.45 -0.76 -35.95
CA LEU C 558 -68.40 0.36 -35.02
C LEU C 558 -69.40 0.19 -33.89
N ARG C 559 -70.61 -0.26 -34.19
CA ARG C 559 -71.70 -0.24 -33.22
C ARG C 559 -71.66 -1.39 -32.23
N LEU C 560 -70.69 -2.31 -32.35
CA LEU C 560 -70.69 -3.46 -31.45
C LEU C 560 -70.27 -3.05 -30.04
N GLY C 561 -69.26 -2.19 -29.92
CA GLY C 561 -68.77 -1.88 -28.60
C GLY C 561 -68.06 -3.08 -27.99
N LYS C 562 -68.24 -3.24 -26.68
CA LYS C 562 -67.60 -4.32 -25.96
C LYS C 562 -68.48 -5.55 -25.79
N SER C 563 -69.67 -5.57 -26.38
CA SER C 563 -70.62 -6.64 -26.10
C SER C 563 -70.23 -7.97 -26.74
N GLU C 564 -69.40 -7.96 -27.78
CA GLU C 564 -68.82 -9.19 -28.30
C GLU C 564 -67.31 -9.09 -28.29
N PRO C 565 -66.61 -10.22 -28.23
CA PRO C 565 -65.15 -10.19 -28.19
C PRO C 565 -64.56 -9.50 -29.41
N TRP C 566 -63.36 -8.95 -29.23
CA TRP C 566 -62.76 -8.16 -30.30
C TRP C 566 -62.35 -9.03 -31.48
N THR C 567 -62.12 -10.33 -31.27
CA THR C 567 -61.80 -11.19 -32.40
C THR C 567 -62.94 -11.26 -33.40
N LEU C 568 -64.17 -11.38 -32.91
CA LEU C 568 -65.33 -11.39 -33.80
C LEU C 568 -65.48 -10.05 -34.52
N ALA C 569 -65.18 -8.95 -33.83
CA ALA C 569 -65.24 -7.64 -34.45
C ALA C 569 -64.21 -7.52 -35.57
N LEU C 570 -63.01 -8.04 -35.36
CA LEU C 570 -62.00 -8.05 -36.41
C LEU C 570 -62.45 -8.92 -37.58
N GLU C 571 -63.11 -10.04 -37.29
CA GLU C 571 -63.61 -10.91 -38.35
C GLU C 571 -64.63 -10.20 -39.24
N ASN C 572 -65.29 -9.16 -38.74
CA ASN C 572 -66.31 -8.45 -39.49
C ASN C 572 -65.75 -7.38 -40.41
N VAL C 573 -64.44 -7.16 -40.41
CA VAL C 573 -63.85 -6.11 -41.24
C VAL C 573 -62.83 -6.69 -42.20
N VAL C 574 -61.77 -7.28 -41.64
CA VAL C 574 -60.64 -7.73 -42.45
C VAL C 574 -60.76 -9.19 -42.88
N GLY C 575 -61.73 -9.93 -42.36
CA GLY C 575 -61.87 -11.32 -42.72
C GLY C 575 -60.71 -12.19 -42.28
N ALA C 576 -60.15 -11.91 -41.09
CA ALA C 576 -59.02 -12.67 -40.58
C ALA C 576 -59.29 -13.02 -39.12
N LYS C 577 -58.52 -13.98 -38.61
CA LYS C 577 -58.73 -14.53 -37.29
C LYS C 577 -57.72 -14.01 -36.27
N ASN C 578 -56.77 -13.18 -36.69
CA ASN C 578 -55.68 -12.78 -35.80
C ASN C 578 -55.04 -11.51 -36.34
N MET C 579 -54.07 -11.00 -35.58
CA MET C 579 -53.31 -9.83 -35.97
C MET C 579 -52.34 -10.16 -37.10
N ASN C 580 -52.20 -9.25 -38.06
CA ASN C 580 -51.40 -9.49 -39.26
C ASN C 580 -50.45 -8.33 -39.50
N VAL C 581 -49.32 -8.63 -40.14
CA VAL C 581 -48.31 -7.64 -40.46
C VAL C 581 -48.19 -7.40 -41.96
N ARG C 582 -48.71 -8.28 -42.79
CA ARG C 582 -48.57 -8.13 -44.24
C ARG C 582 -49.06 -6.79 -44.78
N PRO C 583 -50.20 -6.24 -44.34
CA PRO C 583 -50.61 -4.92 -44.87
C PRO C 583 -49.61 -3.81 -44.62
N LEU C 584 -48.89 -3.83 -43.48
CA LEU C 584 -47.88 -2.80 -43.24
C LEU C 584 -46.75 -2.89 -44.25
N LEU C 585 -46.26 -4.10 -44.53
CA LEU C 585 -45.21 -4.27 -45.51
C LEU C 585 -45.71 -3.92 -46.91
N ASN C 586 -46.96 -4.23 -47.20
CA ASN C 586 -47.53 -3.83 -48.49
C ASN C 586 -47.59 -2.31 -48.60
N TYR C 587 -47.90 -1.62 -47.50
CA TYR C 587 -47.92 -0.17 -47.50
C TYR C 587 -46.54 0.41 -47.76
N PHE C 588 -45.51 -0.18 -47.14
CA PHE C 588 -44.17 0.37 -47.22
C PHE C 588 -43.29 -0.28 -48.28
N GLU C 589 -43.87 -1.09 -49.17
CA GLU C 589 -43.10 -1.74 -50.23
C GLU C 589 -42.29 -0.79 -51.11
N PRO C 590 -42.84 0.32 -51.64
CA PRO C 590 -42.01 1.18 -52.50
C PRO C 590 -40.76 1.70 -51.80
N LEU C 591 -40.90 2.10 -50.54
CA LEU C 591 -39.73 2.55 -49.79
C LEU C 591 -38.77 1.40 -49.54
N PHE C 592 -39.29 0.18 -49.36
CA PHE C 592 -38.41 -0.97 -49.19
C PHE C 592 -37.57 -1.20 -50.45
N THR C 593 -38.20 -1.11 -51.62
CA THR C 593 -37.45 -1.26 -52.86
C THR C 593 -36.39 -0.16 -53.02
N TRP C 594 -36.78 1.08 -52.72
CA TRP C 594 -35.81 2.17 -52.85
C TRP C 594 -34.64 2.00 -51.88
N LEU C 595 -34.92 1.55 -50.65
CA LEU C 595 -33.86 1.36 -49.68
C LEU C 595 -32.96 0.19 -50.03
N LYS C 596 -33.53 -0.88 -50.62
CA LYS C 596 -32.71 -1.97 -51.10
C LYS C 596 -31.80 -1.50 -52.23
N ASP C 597 -32.30 -0.63 -53.11
CA ASP C 597 -31.46 -0.09 -54.15
C ASP C 597 -30.36 0.80 -53.57
N GLN C 598 -30.67 1.58 -52.54
CA GLN C 598 -29.74 2.56 -52.01
C GLN C 598 -28.64 1.96 -51.13
N ASN C 599 -28.79 0.72 -50.68
CA ASN C 599 -27.87 0.11 -49.73
C ASN C 599 -27.04 -1.00 -50.38
N LYS C 600 -26.59 -0.77 -51.61
CA LYS C 600 -25.74 -1.74 -52.27
C LYS C 600 -24.37 -1.83 -51.60
N ASN C 601 -23.82 -0.71 -51.18
CA ASN C 601 -22.48 -0.67 -50.60
C ASN C 601 -22.47 -0.67 -49.08
N SER C 602 -23.51 -0.16 -48.45
CA SER C 602 -23.58 -0.14 -47.00
C SER C 602 -23.70 -1.56 -46.45
N PHE C 603 -23.16 -1.77 -45.26
CA PHE C 603 -23.25 -3.05 -44.58
C PHE C 603 -24.55 -3.06 -43.78
N VAL C 604 -25.57 -3.74 -44.32
CA VAL C 604 -26.87 -3.78 -43.66
C VAL C 604 -26.76 -4.66 -42.42
N GLY C 605 -27.16 -4.10 -41.28
CA GLY C 605 -27.01 -4.76 -40.00
C GLY C 605 -26.13 -3.95 -39.07
N TRP C 606 -25.90 -4.53 -37.89
CA TRP C 606 -25.08 -3.88 -36.88
C TRP C 606 -24.42 -4.94 -36.02
N SER C 607 -23.39 -4.53 -35.28
CA SER C 607 -22.66 -5.41 -34.39
C SER C 607 -22.74 -4.89 -32.97
N THR C 608 -22.85 -5.80 -32.00
CA THR C 608 -23.07 -5.45 -30.61
C THR C 608 -21.78 -5.38 -29.81
N ASP C 609 -20.67 -4.99 -30.43
CA ASP C 609 -19.39 -4.86 -29.75
C ASP C 609 -18.84 -3.44 -29.74
N TRP C 610 -19.04 -2.68 -30.80
CA TRP C 610 -18.51 -1.32 -30.85
C TRP C 610 -19.23 -0.42 -29.85
N SER C 611 -18.46 0.39 -29.15
CA SER C 611 -18.95 1.35 -28.18
C SER C 611 -18.27 2.69 -28.42
N PRO C 612 -18.98 3.79 -28.21
CA PRO C 612 -18.36 5.11 -28.44
C PRO C 612 -17.19 5.41 -27.52
N TYR C 613 -17.11 4.75 -26.37
CA TYR C 613 -16.07 5.00 -25.38
C TYR C 613 -15.00 3.91 -25.37
N ALA C 614 -15.02 2.99 -26.32
CA ALA C 614 -14.15 1.83 -26.27
C ALA C 614 -12.74 2.12 -26.80
N ASP C 615 -12.60 3.16 -27.63
CA ASP C 615 -11.28 3.45 -28.19
C ASP C 615 -10.30 3.87 -27.09
N GLN C 616 -10.75 4.69 -26.15
CA GLN C 616 -9.89 5.26 -25.13
C GLN C 616 -9.88 4.46 -23.82
N SER C 617 -10.55 3.32 -23.78
CA SER C 617 -10.61 2.53 -22.56
C SER C 617 -9.30 1.77 -22.35
N ILE C 618 -9.06 1.40 -21.09
CA ILE C 618 -7.91 0.60 -20.70
C ILE C 618 -8.41 -0.60 -19.91
N LYS C 619 -7.90 -1.79 -20.21
CA LYS C 619 -8.34 -3.01 -19.55
C LYS C 619 -7.42 -3.38 -18.40
N VAL C 620 -8.01 -3.87 -17.32
CA VAL C 620 -7.29 -4.25 -16.12
C VAL C 620 -7.71 -5.66 -15.74
N ARG C 621 -6.74 -6.51 -15.46
CA ARG C 621 -6.96 -7.89 -15.03
C ARG C 621 -6.22 -8.13 -13.73
N ILE C 622 -6.90 -8.69 -12.74
CA ILE C 622 -6.37 -8.82 -11.38
C ILE C 622 -6.41 -10.29 -10.97
N SER C 623 -5.29 -10.79 -10.45
CA SER C 623 -5.14 -12.17 -10.03
C SER C 623 -4.75 -12.17 -8.55
N LEU C 624 -5.75 -12.15 -7.67
CA LEU C 624 -5.48 -12.05 -6.24
C LEU C 624 -4.90 -13.34 -5.70
N LYS C 625 -5.40 -14.49 -6.16
CA LYS C 625 -5.00 -15.77 -5.60
C LYS C 625 -3.52 -16.05 -5.87
N SER C 626 -3.02 -15.69 -7.05
CA SER C 626 -1.61 -15.92 -7.36
C SER C 626 -0.71 -15.09 -6.44
N ALA C 627 -1.09 -13.84 -6.17
CA ALA C 627 -0.25 -12.97 -5.36
C ALA C 627 -0.31 -13.34 -3.88
N LEU C 628 -1.49 -13.70 -3.39
CA LEU C 628 -1.70 -13.91 -1.97
C LEU C 628 -1.88 -15.36 -1.57
N GLY C 629 -2.51 -16.17 -2.41
CA GLY C 629 -2.78 -17.55 -2.05
C GLY C 629 -3.79 -17.64 -0.92
N ASP C 630 -3.33 -18.03 0.26
CA ASP C 630 -4.16 -17.91 1.44
C ASP C 630 -4.22 -16.46 1.91
N LYS C 631 -4.99 -16.22 2.95
CA LYS C 631 -5.12 -14.92 3.61
C LYS C 631 -5.55 -13.82 2.63
N ALA C 632 -5.96 -14.21 1.43
CA ALA C 632 -6.41 -13.24 0.45
C ALA C 632 -7.76 -12.65 0.86
N TYR C 633 -7.93 -11.36 0.62
CA TYR C 633 -9.19 -10.71 0.94
C TYR C 633 -10.20 -10.91 -0.18
N GLU C 634 -11.47 -10.64 0.14
CA GLU C 634 -12.53 -10.72 -0.85
C GLU C 634 -12.70 -9.37 -1.54
N TRP C 635 -12.98 -9.42 -2.84
CA TRP C 635 -13.11 -8.24 -3.67
C TRP C 635 -14.58 -7.87 -3.80
N ASN C 636 -14.92 -6.65 -3.37
CA ASN C 636 -16.27 -6.14 -3.48
C ASN C 636 -16.26 -4.69 -3.95
N ASP C 637 -17.41 -4.01 -3.85
CA ASP C 637 -17.51 -2.64 -4.35
C ASP C 637 -16.67 -1.63 -3.57
N ASN C 638 -16.33 -1.92 -2.30
CA ASN C 638 -15.43 -1.03 -1.58
C ASN C 638 -14.03 -1.07 -2.17
N GLU C 639 -13.58 -2.23 -2.61
CA GLU C 639 -12.29 -2.30 -3.29
C GLU C 639 -12.33 -1.58 -4.63
N MET C 640 -13.47 -1.61 -5.31
CA MET C 640 -13.62 -0.83 -6.53
C MET C 640 -13.54 0.67 -6.24
N TYR C 641 -14.14 1.11 -5.13
CA TYR C 641 -14.03 2.50 -4.73
C TYR C 641 -12.58 2.88 -4.47
N LEU C 642 -11.85 2.02 -3.76
CA LEU C 642 -10.44 2.30 -3.49
C LEU C 642 -9.63 2.37 -4.78
N PHE C 643 -9.91 1.46 -5.73
CA PHE C 643 -9.18 1.48 -6.99
C PHE C 643 -9.46 2.75 -7.77
N ARG C 644 -10.71 3.20 -7.81
CA ARG C 644 -11.04 4.44 -8.50
C ARG C 644 -10.35 5.63 -7.84
N SER C 645 -10.30 5.65 -6.50
CA SER C 645 -9.60 6.72 -5.81
C SER C 645 -8.11 6.73 -6.11
N SER C 646 -7.50 5.54 -6.16
CA SER C 646 -6.08 5.47 -6.49
C SER C 646 -5.80 5.98 -7.91
N VAL C 647 -6.66 5.61 -8.86
CA VAL C 647 -6.48 6.08 -10.23
C VAL C 647 -6.64 7.60 -10.31
N ALA C 648 -7.61 8.15 -9.57
CA ALA C 648 -7.77 9.61 -9.55
C ALA C 648 -6.54 10.29 -8.95
N TYR C 649 -5.99 9.72 -7.88
CA TYR C 649 -4.77 10.28 -7.29
C TYR C 649 -3.62 10.26 -8.29
N ALA C 650 -3.48 9.15 -9.03
CA ALA C 650 -2.41 9.06 -10.02
C ALA C 650 -2.57 10.11 -11.11
N MET C 651 -3.79 10.32 -11.60
CA MET C 651 -4.00 11.32 -12.64
C MET C 651 -3.73 12.73 -12.12
N ARG C 652 -4.16 13.02 -10.89
CA ARG C 652 -3.85 14.31 -10.27
C ARG C 652 -2.35 14.53 -10.21
N GLN C 653 -1.61 13.52 -9.75
CA GLN C 653 -0.16 13.67 -9.61
C GLN C 653 0.50 13.90 -10.96
N TYR C 654 0.11 13.14 -11.98
CA TYR C 654 0.71 13.32 -13.29
C TYR C 654 0.43 14.71 -13.84
N PHE C 655 -0.80 15.20 -13.70
CA PHE C 655 -1.11 16.51 -14.24
C PHE C 655 -0.40 17.62 -13.48
N LEU C 656 -0.17 17.44 -12.18
CA LEU C 656 0.53 18.46 -11.41
C LEU C 656 2.02 18.48 -11.71
N LYS C 657 2.64 17.30 -11.79
CA LYS C 657 4.10 17.20 -11.84
C LYS C 657 4.67 17.38 -13.24
N VAL C 658 3.84 17.48 -14.27
CA VAL C 658 4.34 17.59 -15.63
C VAL C 658 3.76 18.82 -16.32
N LYS C 659 2.44 18.92 -16.36
CA LYS C 659 1.77 20.02 -17.04
C LYS C 659 1.56 21.24 -16.16
N ASN C 660 1.88 21.16 -14.87
CA ASN C 660 1.75 22.29 -13.94
C ASN C 660 0.34 22.88 -13.95
N GLN C 661 -0.66 22.00 -13.90
CA GLN C 661 -2.06 22.40 -13.78
C GLN C 661 -2.67 21.74 -12.56
N MET C 662 -3.49 22.51 -11.84
CA MET C 662 -4.18 22.01 -10.66
C MET C 662 -5.60 21.61 -11.08
N ILE C 663 -5.76 20.35 -11.45
CA ILE C 663 -7.03 19.79 -11.90
C ILE C 663 -7.53 18.85 -10.82
N LEU C 664 -8.80 19.04 -10.42
CA LEU C 664 -9.37 18.30 -9.29
C LEU C 664 -10.11 17.07 -9.81
N PHE C 665 -9.34 16.07 -10.19
CA PHE C 665 -9.92 14.78 -10.55
C PHE C 665 -10.52 14.12 -9.32
N GLY C 666 -11.68 13.50 -9.50
CA GLY C 666 -12.36 12.78 -8.46
C GLY C 666 -12.48 11.30 -8.78
N GLU C 667 -13.12 10.57 -7.87
CA GLU C 667 -13.36 9.15 -8.09
C GLU C 667 -14.63 8.91 -8.89
N GLU C 668 -15.39 9.94 -9.22
CA GLU C 668 -16.54 9.83 -10.09
C GLU C 668 -16.21 10.14 -11.55
N ASP C 669 -14.95 10.49 -11.84
CA ASP C 669 -14.48 10.69 -13.20
C ASP C 669 -13.84 9.44 -13.78
N VAL C 670 -13.71 8.37 -12.99
CA VAL C 670 -13.19 7.10 -13.46
C VAL C 670 -14.39 6.23 -13.77
N ARG C 671 -14.72 6.11 -15.06
CA ARG C 671 -15.86 5.33 -15.50
C ARG C 671 -15.41 3.90 -15.77
N VAL C 672 -16.13 2.94 -15.19
CA VAL C 672 -15.76 1.54 -15.18
C VAL C 672 -16.86 0.72 -15.84
N ALA C 673 -16.46 -0.28 -16.62
CA ALA C 673 -17.42 -1.12 -17.34
C ALA C 673 -16.90 -2.55 -17.41
N ASN C 674 -17.82 -3.47 -17.71
CA ASN C 674 -17.49 -4.87 -17.99
C ASN C 674 -16.77 -5.54 -16.82
N LEU C 675 -17.48 -5.64 -15.71
CA LEU C 675 -16.95 -6.30 -14.52
C LEU C 675 -17.23 -7.80 -14.61
N LYS C 676 -16.21 -8.62 -14.36
CA LYS C 676 -16.26 -10.06 -14.51
C LYS C 676 -15.76 -10.74 -13.24
N PRO C 677 -16.19 -11.98 -12.98
CA PRO C 677 -15.69 -12.70 -11.79
C PRO C 677 -14.20 -12.98 -11.81
N ARG C 678 -13.56 -12.92 -12.98
CA ARG C 678 -12.11 -12.96 -13.06
C ARG C 678 -11.48 -11.75 -12.42
N ILE C 679 -12.28 -10.72 -12.12
CA ILE C 679 -11.84 -9.39 -11.73
C ILE C 679 -11.04 -8.82 -12.89
N SER C 680 -11.73 -8.54 -13.99
CA SER C 680 -11.21 -7.79 -15.10
C SER C 680 -12.26 -6.79 -15.52
N PHE C 681 -11.82 -5.60 -15.90
CA PHE C 681 -12.77 -4.55 -16.28
C PHE C 681 -12.08 -3.51 -17.13
N ASN C 682 -12.87 -2.73 -17.85
CA ASN C 682 -12.36 -1.60 -18.60
C ASN C 682 -12.64 -0.31 -17.84
N PHE C 683 -11.77 0.67 -18.01
CA PHE C 683 -12.00 1.96 -17.38
C PHE C 683 -11.48 3.07 -18.28
N PHE C 684 -12.06 4.26 -18.12
CA PHE C 684 -11.53 5.45 -18.75
C PHE C 684 -11.78 6.64 -17.83
N VAL C 685 -11.17 7.77 -18.17
CA VAL C 685 -11.16 8.95 -17.32
C VAL C 685 -11.68 10.14 -18.12
N THR C 686 -12.53 10.95 -17.49
CA THR C 686 -13.05 12.17 -18.10
C THR C 686 -12.64 13.39 -17.28
N ALA C 687 -12.86 14.56 -17.86
CA ALA C 687 -12.59 15.81 -17.17
C ALA C 687 -13.53 15.95 -15.96
N PRO C 688 -13.10 16.70 -14.93
CA PRO C 688 -13.85 16.66 -13.66
C PRO C 688 -15.33 17.01 -13.76
N LYS C 689 -15.69 18.03 -14.55
CA LYS C 689 -17.08 18.46 -14.62
C LYS C 689 -17.63 18.41 -16.05
N ASN C 690 -17.00 17.65 -16.93
CA ASN C 690 -17.31 17.65 -18.36
C ASN C 690 -17.32 16.21 -18.85
N VAL C 691 -18.53 15.66 -19.04
CA VAL C 691 -18.63 14.27 -19.48
C VAL C 691 -18.15 14.11 -20.91
N SER C 692 -18.30 15.14 -21.74
CA SER C 692 -17.92 15.04 -23.14
C SER C 692 -16.41 14.93 -23.33
N ASP C 693 -15.62 15.46 -22.39
CA ASP C 693 -14.17 15.50 -22.52
C ASP C 693 -13.57 14.22 -21.93
N ILE C 694 -12.98 13.41 -22.78
CA ILE C 694 -12.37 12.14 -22.38
C ILE C 694 -10.86 12.30 -22.49
N ILE C 695 -10.16 12.01 -21.41
CA ILE C 695 -8.69 12.07 -21.43
C ILE C 695 -8.17 10.98 -22.36
N PRO C 696 -7.32 11.31 -23.35
CA PRO C 696 -6.84 10.29 -24.27
C PRO C 696 -6.03 9.22 -23.55
N ARG C 697 -5.94 8.05 -24.18
CA ARG C 697 -5.29 6.91 -23.56
C ARG C 697 -3.80 7.12 -23.33
N THR C 698 -3.17 8.04 -24.06
CA THR C 698 -1.72 8.21 -23.95
C THR C 698 -1.32 8.72 -22.58
N GLU C 699 -1.92 9.81 -22.11
CA GLU C 699 -1.55 10.31 -20.79
C GLU C 699 -2.10 9.45 -19.67
N VAL C 700 -3.18 8.71 -19.88
CA VAL C 700 -3.60 7.76 -18.87
C VAL C 700 -2.54 6.67 -18.70
N GLU C 701 -1.99 6.19 -19.82
CA GLU C 701 -0.89 5.25 -19.76
C GLU C 701 0.32 5.86 -19.06
N LYS C 702 0.64 7.12 -19.36
CA LYS C 702 1.78 7.76 -18.73
C LYS C 702 1.58 7.89 -17.21
N ALA C 703 0.39 8.28 -16.77
CA ALA C 703 0.12 8.41 -15.35
C ALA C 703 0.19 7.05 -14.65
N ILE C 704 -0.36 6.01 -15.28
CA ILE C 704 -0.27 4.69 -14.68
C ILE C 704 1.18 4.23 -14.58
N ARG C 705 1.97 4.51 -15.62
CA ARG C 705 3.39 4.18 -15.55
C ARG C 705 4.08 4.91 -14.41
N MET C 706 3.74 6.19 -14.22
CA MET C 706 4.38 6.98 -13.18
C MET C 706 4.03 6.48 -11.78
N SER C 707 2.77 6.11 -11.54
CA SER C 707 2.32 5.79 -10.19
C SER C 707 2.01 4.31 -9.98
N ARG C 708 2.52 3.43 -10.85
CA ARG C 708 2.20 2.01 -10.75
C ARG C 708 2.66 1.41 -9.43
N SER C 709 3.80 1.84 -8.90
CA SER C 709 4.29 1.27 -7.65
C SER C 709 3.33 1.56 -6.49
N ARG C 710 2.84 2.80 -6.42
CA ARG C 710 1.88 3.16 -5.39
C ARG C 710 0.56 2.42 -5.59
N ILE C 711 0.10 2.31 -6.84
CA ILE C 711 -1.12 1.55 -7.11
C ILE C 711 -0.97 0.11 -6.64
N ASN C 712 0.19 -0.49 -6.90
CA ASN C 712 0.42 -1.88 -6.54
C ASN C 712 0.45 -2.07 -5.03
N ASP C 713 1.25 -1.26 -4.31
CA ASP C 713 1.39 -1.53 -2.88
C ASP C 713 0.16 -1.09 -2.11
N ALA C 714 -0.72 -0.28 -2.72
CA ALA C 714 -2.00 -0.02 -2.07
C ALA C 714 -2.88 -1.26 -1.99
N PHE C 715 -2.64 -2.26 -2.83
CA PHE C 715 -3.48 -3.46 -2.88
C PHE C 715 -2.73 -4.74 -2.55
N ARG C 716 -1.44 -4.65 -2.22
CA ARG C 716 -0.60 -5.81 -1.91
C ARG C 716 -0.39 -6.73 -3.11
N LEU C 717 -0.36 -6.16 -4.31
CA LEU C 717 -0.11 -6.92 -5.54
C LEU C 717 1.18 -6.43 -6.17
N ASN C 718 1.83 -7.30 -6.95
CA ASN C 718 3.18 -7.03 -7.44
C ASN C 718 3.29 -7.28 -8.95
N ASP C 719 2.84 -6.29 -9.74
CA ASP C 719 3.27 -6.12 -11.13
C ASP C 719 3.00 -7.31 -12.04
N ASN C 720 2.40 -8.37 -11.49
CA ASN C 720 2.07 -9.55 -12.28
C ASN C 720 0.63 -9.93 -11.97
N SER C 721 0.19 -9.61 -10.77
CA SER C 721 -1.19 -9.78 -10.34
C SER C 721 -2.04 -8.56 -10.62
N LEU C 722 -1.45 -7.46 -11.07
CA LEU C 722 -2.16 -6.25 -11.47
C LEU C 722 -1.56 -5.82 -12.80
N GLU C 723 -2.13 -6.33 -13.89
CA GLU C 723 -1.64 -6.08 -15.24
C GLU C 723 -2.63 -5.20 -15.97
N PHE C 724 -2.11 -4.19 -16.68
CA PHE C 724 -2.93 -3.21 -17.36
C PHE C 724 -3.06 -3.48 -18.85
N LEU C 725 -2.56 -4.62 -19.34
CA LEU C 725 -2.86 -5.13 -20.67
C LEU C 725 -2.63 -4.08 -21.76
N GLY C 726 -1.36 -3.71 -21.90
CA GLY C 726 -0.95 -2.71 -22.87
C GLY C 726 0.19 -1.89 -22.32
N ILE C 727 0.43 -2.01 -21.02
CA ILE C 727 1.54 -1.38 -20.34
C ILE C 727 2.42 -2.48 -19.77
N GLN C 728 3.70 -2.47 -20.15
CA GLN C 728 4.60 -3.52 -19.71
C GLN C 728 5.65 -2.95 -18.75
N PRO C 729 5.98 -3.68 -17.68
CA PRO C 729 7.02 -3.19 -16.77
C PRO C 729 8.38 -3.17 -17.46
N THR C 730 9.14 -2.12 -17.19
CA THR C 730 10.40 -1.91 -17.89
C THR C 730 11.56 -1.58 -16.96
N LEU C 731 11.26 -1.04 -15.79
CA LEU C 731 12.30 -0.60 -14.85
C LEU C 731 12.51 -1.67 -13.77
N GLY C 732 13.17 -2.74 -14.17
CA GLY C 732 13.55 -3.80 -13.25
C GLY C 732 14.99 -4.29 -13.36
N PRO C 733 15.96 -3.40 -13.60
CA PRO C 733 17.31 -3.86 -13.95
C PRO C 733 18.13 -4.19 -12.72
N PRO C 734 18.50 -5.46 -12.53
CA PRO C 734 19.39 -5.83 -11.41
C PRO C 734 20.85 -5.90 -11.81
N ASN C 735 21.76 -5.42 -10.95
CA ASN C 735 23.19 -5.60 -11.18
C ASN C 735 23.87 -5.67 -9.81
N GLN C 736 24.02 -6.89 -9.29
CA GLN C 736 24.62 -7.11 -7.98
C GLN C 736 26.15 -7.10 -8.00
N PRO C 737 26.82 -7.94 -8.79
CA PRO C 737 28.27 -8.10 -8.62
C PRO C 737 29.05 -6.98 -9.27
N PRO C 738 29.86 -6.25 -8.50
CA PRO C 738 30.63 -5.15 -9.10
C PRO C 738 31.68 -5.61 -10.10
N VAL C 739 32.65 -6.43 -9.67
CA VAL C 739 33.75 -6.82 -10.56
C VAL C 739 34.12 -8.29 -10.36
N SER C 740 33.60 -9.16 -11.23
CA SER C 740 34.21 -10.45 -11.59
C SER C 740 34.84 -11.17 -10.40
N ILE C 741 33.98 -11.57 -9.45
CA ILE C 741 34.48 -12.24 -8.25
C ILE C 741 35.23 -13.52 -8.57
N TRP C 742 34.93 -14.17 -9.70
CA TRP C 742 35.67 -15.36 -10.08
C TRP C 742 37.14 -15.05 -10.30
N LEU C 743 37.46 -13.82 -10.71
CA LEU C 743 38.86 -13.44 -10.85
C LEU C 743 39.57 -13.49 -9.51
N ILE C 744 38.95 -12.98 -8.45
CA ILE C 744 39.60 -13.01 -7.13
C ILE C 744 39.64 -14.44 -6.61
N VAL C 745 38.62 -15.27 -6.91
CA VAL C 745 38.67 -16.67 -6.49
C VAL C 745 39.84 -17.38 -7.15
N PHE C 746 40.01 -17.18 -8.46
CA PHE C 746 41.13 -17.79 -9.15
C PHE C 746 42.46 -17.24 -8.62
N GLY C 747 42.50 -15.95 -8.29
CA GLY C 747 43.73 -15.39 -7.75
C GLY C 747 44.14 -16.05 -6.45
N VAL C 748 43.19 -16.22 -5.53
CA VAL C 748 43.53 -16.82 -4.24
C VAL C 748 43.88 -18.29 -4.41
N VAL C 749 43.15 -19.01 -5.28
CA VAL C 749 43.45 -20.42 -5.47
C VAL C 749 44.81 -20.60 -6.14
N MET C 750 45.17 -19.70 -7.06
CA MET C 750 46.47 -19.79 -7.72
C MET C 750 47.59 -19.44 -6.75
N GLY C 751 47.37 -18.45 -5.88
CA GLY C 751 48.36 -18.16 -4.85
C GLY C 751 48.59 -19.35 -3.93
N VAL C 752 47.50 -19.98 -3.49
CA VAL C 752 47.65 -21.11 -2.58
C VAL C 752 48.28 -22.30 -3.28
N ILE C 753 47.97 -22.51 -4.57
CA ILE C 753 48.56 -23.62 -5.30
C ILE C 753 50.06 -23.37 -5.52
N VAL C 754 50.44 -22.13 -5.79
CA VAL C 754 51.86 -21.81 -5.96
C VAL C 754 52.60 -21.99 -4.64
N VAL C 755 52.00 -21.55 -3.53
CA VAL C 755 52.62 -21.75 -2.22
C VAL C 755 52.81 -23.24 -1.95
N GLY C 756 51.78 -24.04 -2.23
CA GLY C 756 51.88 -25.47 -2.02
C GLY C 756 52.98 -26.11 -2.86
N ILE C 757 53.04 -25.77 -4.14
CA ILE C 757 54.04 -26.40 -5.00
C ILE C 757 55.44 -25.98 -4.61
N VAL C 758 55.65 -24.71 -4.25
CA VAL C 758 56.99 -24.27 -3.89
C VAL C 758 57.42 -24.87 -2.56
N ILE C 759 56.50 -24.96 -1.59
CA ILE C 759 56.87 -25.56 -0.31
C ILE C 759 57.15 -27.05 -0.48
N LEU C 760 56.39 -27.72 -1.36
CA LEU C 760 56.64 -29.13 -1.61
C LEU C 760 58.00 -29.34 -2.26
N ILE C 761 58.34 -28.54 -3.27
CA ILE C 761 59.65 -28.69 -3.90
C ILE C 761 60.77 -28.31 -2.93
N PHE C 762 60.51 -27.34 -2.05
CA PHE C 762 61.53 -26.92 -1.07
C PHE C 762 61.81 -28.03 -0.06
N THR C 763 60.75 -28.67 0.45
CA THR C 763 60.97 -29.77 1.39
C THR C 763 61.51 -31.01 0.68
N GLY C 764 61.20 -31.17 -0.61
CA GLY C 764 61.80 -32.26 -1.36
C GLY C 764 63.30 -32.08 -1.57
N ILE C 765 63.73 -30.86 -1.89
CA ILE C 765 65.14 -30.61 -2.11
C ILE C 765 65.91 -30.44 -0.80
N ARG C 766 65.22 -30.12 0.31
CA ARG C 766 65.89 -30.00 1.59
C ARG C 766 66.35 -31.36 2.10
N ASP C 767 65.51 -32.39 1.93
CA ASP C 767 65.86 -33.73 2.36
C ASP C 767 66.66 -34.45 1.27
N ARG C 768 67.89 -34.00 1.04
CA ARG C 768 68.76 -34.60 0.03
C ARG C 768 69.89 -35.39 0.69
N VAL D 22 54.92 -71.95 -34.23
CA VAL D 22 55.76 -73.14 -34.21
C VAL D 22 57.21 -72.77 -34.51
N LEU D 23 57.48 -71.46 -34.53
CA LEU D 23 58.83 -70.99 -34.77
C LEU D 23 59.75 -71.41 -33.62
N PRO D 24 60.97 -71.88 -33.93
CA PRO D 24 61.89 -72.28 -32.87
C PRO D 24 62.42 -71.08 -32.09
N ASN D 25 61.60 -70.56 -31.18
CA ASN D 25 62.00 -69.42 -30.38
C ASN D 25 63.19 -69.79 -29.49
N PRO D 26 64.15 -68.87 -29.29
CA PRO D 26 65.36 -69.17 -28.52
C PRO D 26 65.17 -69.07 -27.01
N GLY D 27 64.21 -69.83 -26.48
CA GLY D 27 64.04 -69.93 -25.04
C GLY D 27 63.65 -68.63 -24.35
N LEU D 28 62.43 -68.17 -24.59
CA LEU D 28 61.98 -66.95 -23.92
C LEU D 28 61.87 -67.14 -22.41
N ASP D 29 61.87 -68.39 -21.94
CA ASP D 29 61.79 -68.67 -20.51
C ASP D 29 63.03 -68.20 -19.76
N ALA D 30 64.15 -67.97 -20.47
CA ALA D 30 65.39 -67.63 -19.79
C ALA D 30 65.36 -66.20 -19.24
N ARG D 31 64.86 -65.25 -20.04
CA ARG D 31 64.95 -63.85 -19.65
C ARG D 31 63.99 -63.50 -18.51
N ILE D 32 62.86 -64.19 -18.42
CA ILE D 32 61.92 -63.87 -17.35
C ILE D 32 62.51 -64.29 -16.01
N PRO D 33 62.21 -63.61 -14.92
CA PRO D 33 62.73 -64.04 -13.61
C PRO D 33 62.12 -65.37 -13.20
N SER D 34 62.97 -66.32 -12.83
CA SER D 34 62.54 -67.65 -12.42
C SER D 34 62.12 -67.61 -10.95
N LEU D 35 61.74 -68.77 -10.41
CA LEU D 35 61.29 -68.84 -9.02
C LEU D 35 62.43 -68.49 -8.07
N ALA D 36 63.63 -68.99 -8.33
CA ALA D 36 64.79 -68.65 -7.51
C ALA D 36 65.09 -67.16 -7.60
N GLU D 37 65.00 -66.60 -8.80
CA GLU D 37 65.17 -65.15 -8.96
C GLU D 37 64.09 -64.39 -8.20
N LEU D 38 62.86 -64.91 -8.19
CA LEU D 38 61.80 -64.27 -7.41
C LEU D 38 62.11 -64.29 -5.92
N GLU D 39 62.61 -65.42 -5.41
CA GLU D 39 62.97 -65.50 -4.00
C GLU D 39 64.11 -64.56 -3.66
N THR D 40 65.12 -64.47 -4.53
CA THR D 40 66.22 -63.55 -4.27
C THR D 40 65.74 -62.10 -4.29
N ILE D 41 64.87 -61.77 -5.25
CA ILE D 41 64.32 -60.42 -5.33
C ILE D 41 63.41 -60.14 -4.15
N GLU D 42 62.72 -61.16 -3.65
CA GLU D 42 61.75 -60.99 -2.57
C GLU D 42 62.39 -60.34 -1.35
N GLN D 43 61.68 -59.35 -0.78
CA GLN D 43 62.09 -58.55 0.36
C GLN D 43 63.56 -58.16 0.32
N GLU D 44 64.06 -57.83 -0.87
CA GLU D 44 65.44 -57.40 -1.06
C GLU D 44 65.56 -55.99 -1.61
N GLU D 45 64.82 -55.68 -2.67
CA GLU D 45 64.92 -54.37 -3.31
C GLU D 45 64.23 -53.31 -2.47
N ALA D 46 64.92 -52.18 -2.26
CA ALA D 46 64.37 -51.07 -1.51
C ALA D 46 64.63 -49.72 -2.19
N SER D 47 65.24 -49.74 -3.38
CA SER D 47 65.52 -48.52 -4.13
C SER D 47 64.59 -48.45 -5.34
N SER D 48 64.05 -47.26 -5.58
CA SER D 48 63.11 -46.99 -6.68
C SER D 48 61.82 -47.77 -6.56
N ARG D 49 61.59 -48.45 -5.44
CA ARG D 49 60.38 -49.23 -5.20
C ARG D 49 59.79 -48.77 -3.88
N PRO D 50 59.15 -47.60 -3.86
CA PRO D 50 58.60 -47.08 -2.59
C PRO D 50 57.47 -47.96 -2.06
N LYS D 51 57.71 -48.60 -0.93
CA LYS D 51 56.70 -49.45 -0.32
C LYS D 51 55.52 -48.61 0.13
N TRP D 52 54.31 -49.11 -0.10
CA TRP D 52 53.12 -48.33 0.23
C TRP D 52 52.88 -48.36 1.74
N ASP D 53 51.88 -47.59 2.16
CA ASP D 53 51.32 -47.71 3.50
C ASP D 53 50.37 -48.90 3.52
N ASN D 54 49.50 -48.96 4.53
CA ASN D 54 48.53 -50.04 4.65
C ASN D 54 47.91 -50.41 3.31
N LYS D 55 47.79 -51.71 3.07
CA LYS D 55 47.29 -52.20 1.79
C LYS D 55 45.90 -51.67 1.48
N ALA D 56 45.12 -51.36 2.52
CA ALA D 56 43.80 -50.77 2.30
C ALA D 56 43.91 -49.45 1.54
N GLN D 57 44.96 -48.67 1.80
CA GLN D 57 45.15 -47.42 1.08
C GLN D 57 45.38 -47.66 -0.41
N TYR D 58 46.16 -48.68 -0.75
CA TYR D 58 46.47 -48.87 -2.17
C TYR D 58 45.29 -49.49 -2.90
N MET D 59 44.52 -50.36 -2.22
CA MET D 59 43.22 -50.76 -2.75
C MET D 59 42.30 -49.55 -2.96
N LEU D 60 42.34 -48.60 -2.02
CA LEU D 60 41.51 -47.41 -2.16
C LEU D 60 41.92 -46.61 -3.38
N THR D 61 43.23 -46.44 -3.60
CA THR D 61 43.72 -45.74 -4.78
C THR D 61 43.27 -46.43 -6.05
N CYS D 62 43.42 -47.76 -6.10
CA CYS D 62 43.05 -48.51 -7.30
C CYS D 62 41.56 -48.39 -7.59
N LEU D 63 40.72 -48.56 -6.55
CA LEU D 63 39.28 -48.47 -6.77
C LEU D 63 38.86 -47.05 -7.13
N GLY D 64 39.51 -46.04 -6.56
CA GLY D 64 39.19 -44.68 -6.91
C GLY D 64 39.54 -44.38 -8.36
N PHE D 65 40.70 -44.83 -8.81
CA PHE D 65 41.07 -44.65 -10.21
C PHE D 65 40.14 -45.43 -11.13
N CYS D 66 39.64 -46.57 -10.66
CA CYS D 66 38.74 -47.36 -11.49
C CYS D 66 37.38 -46.68 -11.64
N VAL D 67 36.80 -46.20 -10.55
CA VAL D 67 35.46 -45.64 -10.62
C VAL D 67 35.48 -44.23 -11.17
N GLY D 68 36.56 -43.49 -10.94
CA GLY D 68 36.62 -42.10 -11.39
C GLY D 68 36.58 -41.98 -12.90
N LEU D 69 37.31 -42.84 -13.60
CA LEU D 69 37.40 -42.73 -15.06
C LEU D 69 36.08 -43.03 -15.76
N GLY D 70 35.28 -43.94 -15.22
CA GLY D 70 34.08 -44.37 -15.92
C GLY D 70 32.81 -43.66 -15.51
N ASN D 71 32.77 -43.11 -14.30
CA ASN D 71 31.56 -42.52 -13.76
C ASN D 71 31.42 -41.04 -14.09
N VAL D 72 32.38 -40.46 -14.77
CA VAL D 72 32.29 -39.09 -15.25
C VAL D 72 32.39 -39.10 -16.77
N TRP D 73 31.44 -38.45 -17.44
CA TRP D 73 31.48 -38.23 -18.88
C TRP D 73 31.31 -39.52 -19.68
N ARG D 74 31.29 -40.67 -19.02
CA ARG D 74 31.17 -41.94 -19.74
C ARG D 74 29.91 -42.70 -19.38
N PHE D 75 29.70 -43.03 -18.11
CA PHE D 75 28.52 -43.82 -17.76
C PHE D 75 27.27 -42.93 -17.77
N PRO D 76 27.18 -41.86 -16.96
CA PRO D 76 25.98 -41.03 -17.00
C PRO D 76 25.85 -40.20 -18.27
N TYR D 77 26.78 -40.35 -19.22
CA TYR D 77 26.74 -39.66 -20.50
C TYR D 77 25.57 -40.20 -21.32
N LEU D 78 25.44 -39.70 -22.55
CA LEU D 78 24.43 -40.18 -23.50
C LEU D 78 24.35 -41.70 -23.53
N CYS D 79 25.43 -42.40 -23.20
CA CYS D 79 25.38 -43.85 -23.03
C CYS D 79 24.32 -44.25 -22.03
N GLN D 80 24.20 -43.51 -20.93
CA GLN D 80 23.11 -43.75 -19.99
C GLN D 80 21.77 -43.38 -20.58
N SER D 81 21.67 -42.18 -21.17
CA SER D 81 20.42 -41.68 -21.71
C SER D 81 20.23 -42.03 -23.18
N HIS D 82 20.37 -43.30 -23.53
CA HIS D 82 20.01 -43.79 -24.86
C HIS D 82 19.04 -44.97 -24.80
N GLY D 83 19.24 -45.88 -23.85
CA GLY D 83 18.30 -46.95 -23.62
C GLY D 83 17.18 -46.52 -22.70
N GLY D 84 17.54 -45.97 -21.54
CA GLY D 84 16.54 -45.51 -20.59
C GLY D 84 15.76 -46.65 -19.98
N GLY D 85 16.39 -47.40 -19.08
CA GLY D 85 15.78 -48.62 -18.62
C GLY D 85 16.69 -49.83 -18.69
N ALA D 86 16.40 -50.74 -19.62
CA ALA D 86 17.02 -52.06 -19.68
C ALA D 86 18.46 -52.02 -20.19
N PHE D 87 19.08 -50.84 -20.25
CA PHE D 87 20.47 -50.73 -20.67
C PHE D 87 21.42 -51.46 -19.73
N MET D 88 21.08 -51.54 -18.44
CA MET D 88 22.03 -52.00 -17.44
C MET D 88 22.18 -53.52 -17.35
N ILE D 89 21.17 -54.29 -17.77
CA ILE D 89 21.31 -55.75 -17.73
C ILE D 89 22.39 -56.26 -18.68
N PRO D 90 22.46 -55.83 -19.95
CA PRO D 90 23.61 -56.22 -20.78
C PRO D 90 24.92 -55.75 -20.22
N PHE D 91 24.93 -54.56 -19.60
CA PHE D 91 26.15 -54.08 -18.93
C PHE D 91 26.61 -55.06 -17.87
N LEU D 92 25.70 -55.48 -16.99
CA LEU D 92 26.07 -56.38 -15.91
C LEU D 92 26.49 -57.75 -16.45
N ILE D 93 25.79 -58.23 -17.48
CA ILE D 93 26.14 -59.53 -18.05
C ILE D 93 27.54 -59.48 -18.65
N LEU D 94 27.84 -58.44 -19.43
CA LEU D 94 29.16 -58.32 -20.02
C LEU D 94 30.22 -58.11 -18.96
N LEU D 95 29.89 -57.39 -17.89
CA LEU D 95 30.84 -57.21 -16.80
C LEU D 95 31.21 -58.55 -16.18
N VAL D 96 30.22 -59.33 -15.78
CA VAL D 96 30.51 -60.60 -15.11
C VAL D 96 31.18 -61.58 -16.08
N LEU D 97 30.92 -61.44 -17.39
CA LEU D 97 31.53 -62.36 -18.35
C LEU D 97 32.94 -61.96 -18.77
N GLU D 98 33.31 -60.68 -18.64
CA GLU D 98 34.59 -60.20 -19.14
C GLU D 98 35.51 -59.70 -18.04
N GLY D 99 35.05 -58.77 -17.20
CA GLY D 99 35.92 -58.06 -16.29
C GLY D 99 36.65 -58.92 -15.27
N ILE D 100 35.91 -59.61 -14.41
CA ILE D 100 36.53 -60.35 -13.32
C ILE D 100 37.56 -61.38 -13.81
N PRO D 101 37.24 -62.22 -14.81
CA PRO D 101 38.31 -63.10 -15.33
C PRO D 101 39.50 -62.33 -15.88
N LEU D 102 39.25 -61.22 -16.57
CA LEU D 102 40.36 -60.42 -17.08
C LEU D 102 41.02 -59.59 -15.99
N LEU D 103 40.23 -59.14 -15.00
CA LEU D 103 40.82 -58.41 -13.88
C LEU D 103 41.70 -59.30 -13.01
N TYR D 104 41.46 -60.61 -13.00
CA TYR D 104 42.33 -61.52 -12.26
C TYR D 104 43.45 -62.08 -13.13
N LEU D 105 43.24 -62.22 -14.44
CA LEU D 105 44.35 -62.50 -15.34
C LEU D 105 45.33 -61.35 -15.33
N GLU D 106 44.82 -60.12 -15.34
CA GLU D 106 45.61 -58.94 -15.08
C GLU D 106 45.79 -58.80 -13.58
N PHE D 107 46.53 -57.76 -13.16
CA PHE D 107 46.67 -57.38 -11.75
C PHE D 107 47.54 -58.44 -11.06
N ALA D 108 47.97 -59.45 -11.81
CA ALA D 108 48.83 -60.51 -11.30
C ALA D 108 50.12 -60.67 -12.08
N ILE D 109 50.10 -60.47 -13.39
CA ILE D 109 51.34 -60.55 -14.18
C ILE D 109 52.31 -59.49 -13.72
N GLY D 110 51.83 -58.26 -13.54
CA GLY D 110 52.70 -57.20 -13.04
C GLY D 110 53.16 -57.46 -11.61
N GLN D 111 52.30 -58.06 -10.79
CA GLN D 111 52.71 -58.42 -9.44
C GLN D 111 53.80 -59.47 -9.46
N ARG D 112 53.70 -60.45 -10.35
CA ARG D 112 54.67 -61.54 -10.40
C ARG D 112 56.00 -61.08 -11.00
N LEU D 113 55.95 -60.30 -12.07
CA LEU D 113 57.17 -59.94 -12.79
C LEU D 113 57.95 -58.79 -12.14
N ARG D 114 57.38 -58.21 -11.08
CA ARG D 114 58.07 -57.13 -10.35
C ARG D 114 58.39 -55.91 -11.20
N ARG D 115 57.68 -55.74 -12.31
CA ARG D 115 57.87 -54.58 -13.16
C ARG D 115 56.59 -54.36 -13.96
N GLY D 116 56.34 -53.12 -14.32
CA GLY D 116 55.15 -52.79 -15.09
C GLY D 116 55.47 -52.12 -16.41
N SER D 117 54.47 -51.44 -16.99
CA SER D 117 54.63 -50.71 -18.24
C SER D 117 55.19 -51.59 -19.35
N LEU D 118 56.38 -51.25 -19.84
CA LEU D 118 57.00 -51.98 -20.94
C LEU D 118 57.69 -53.26 -20.49
N GLY D 119 57.93 -53.43 -19.19
CA GLY D 119 58.62 -54.63 -18.73
C GLY D 119 57.84 -55.90 -19.00
N VAL D 120 56.54 -55.89 -18.70
CA VAL D 120 55.71 -57.08 -18.90
C VAL D 120 55.61 -57.40 -20.38
N TRP D 121 55.39 -56.39 -21.22
CA TRP D 121 55.20 -56.59 -22.65
C TRP D 121 56.51 -56.79 -23.40
N SER D 122 57.64 -56.60 -22.75
CA SER D 122 58.95 -56.84 -23.35
C SER D 122 59.57 -58.16 -22.91
N SER D 123 59.31 -58.59 -21.67
CA SER D 123 59.85 -59.86 -21.19
C SER D 123 59.22 -61.05 -21.87
N ILE D 124 58.06 -60.89 -22.51
CA ILE D 124 57.36 -61.97 -23.17
C ILE D 124 57.35 -61.70 -24.66
N HIS D 125 57.84 -62.67 -25.44
CA HIS D 125 57.91 -62.58 -26.89
C HIS D 125 58.63 -61.29 -27.28
N PRO D 126 59.93 -61.17 -27.00
CA PRO D 126 60.64 -59.89 -27.16
C PRO D 126 60.87 -59.52 -28.62
N ALA D 127 59.81 -59.57 -29.42
CA ALA D 127 59.87 -59.16 -30.81
C ALA D 127 58.91 -58.02 -31.12
N LEU D 128 57.66 -58.11 -30.67
CA LEU D 128 56.68 -57.08 -30.98
C LEU D 128 56.93 -55.82 -30.17
N LYS D 129 56.84 -55.91 -28.84
CA LYS D 129 57.14 -54.80 -27.93
C LYS D 129 56.28 -53.57 -28.22
N GLY D 130 55.31 -53.71 -29.12
CA GLY D 130 54.54 -52.57 -29.57
C GLY D 130 53.27 -52.32 -28.78
N LEU D 131 52.96 -53.21 -27.83
CA LEU D 131 51.78 -53.01 -27.00
C LEU D 131 51.98 -51.86 -26.03
N GLY D 132 53.19 -51.71 -25.50
CA GLY D 132 53.46 -50.63 -24.57
C GLY D 132 53.27 -49.26 -25.19
N LEU D 133 53.75 -49.08 -26.42
CA LEU D 133 53.58 -47.79 -27.10
C LEU D 133 52.11 -47.52 -27.38
N ALA D 134 51.34 -48.56 -27.72
CA ALA D 134 49.91 -48.37 -27.96
C ALA D 134 49.18 -47.94 -26.70
N SER D 135 49.51 -48.56 -25.56
CA SER D 135 48.93 -48.13 -24.29
C SER D 135 49.36 -46.71 -23.94
N MET D 136 50.61 -46.36 -24.24
CA MET D 136 51.07 -44.98 -24.06
C MET D 136 50.21 -44.01 -24.86
N LEU D 137 49.99 -44.33 -26.14
CA LEU D 137 49.22 -43.43 -27.00
C LEU D 137 47.77 -43.33 -26.51
N THR D 138 47.18 -44.44 -26.11
CA THR D 138 45.81 -44.39 -25.60
C THR D 138 45.70 -43.54 -24.35
N SER D 139 46.63 -43.71 -23.40
CA SER D 139 46.60 -42.91 -22.19
C SER D 139 46.79 -41.43 -22.50
N PHE D 140 47.69 -41.11 -23.44
CA PHE D 140 47.93 -39.71 -23.77
C PHE D 140 46.69 -39.08 -24.41
N MET D 141 46.04 -39.80 -25.33
CA MET D 141 44.81 -39.30 -25.93
C MET D 141 43.75 -39.05 -24.87
N VAL D 142 43.60 -39.99 -23.93
CA VAL D 142 42.56 -39.83 -22.92
C VAL D 142 42.84 -38.62 -22.04
N GLY D 143 44.09 -38.49 -21.57
CA GLY D 143 44.43 -37.36 -20.71
C GLY D 143 44.30 -36.02 -21.41
N LEU D 144 44.63 -35.98 -22.71
CA LEU D 144 44.62 -34.74 -23.47
C LEU D 144 43.27 -34.05 -23.43
N TYR D 145 42.16 -34.78 -23.35
CA TYR D 145 40.84 -34.17 -23.30
C TYR D 145 40.17 -34.26 -21.93
N TYR D 146 40.56 -35.23 -21.10
CA TYR D 146 40.09 -35.15 -19.72
C TYR D 146 40.64 -33.92 -19.01
N ASN D 147 41.79 -33.40 -19.46
CA ASN D 147 42.25 -32.12 -18.93
C ASN D 147 41.30 -30.98 -19.28
N THR D 148 40.79 -30.94 -20.52
CA THR D 148 39.79 -29.93 -20.87
C THR D 148 38.53 -30.09 -20.04
N ILE D 149 38.10 -31.34 -19.84
CA ILE D 149 36.86 -31.56 -19.10
C ILE D 149 37.01 -31.10 -17.65
N ILE D 150 38.13 -31.42 -17.00
CA ILE D 150 38.32 -30.95 -15.64
C ILE D 150 38.49 -29.44 -15.61
N SER D 151 39.04 -28.86 -16.68
CA SER D 151 39.14 -27.41 -16.76
C SER D 151 37.76 -26.76 -16.78
N TRP D 152 36.84 -27.31 -17.57
CA TRP D 152 35.47 -26.79 -17.60
C TRP D 152 34.79 -26.96 -16.25
N ILE D 153 34.99 -28.11 -15.61
CA ILE D 153 34.36 -28.35 -14.32
C ILE D 153 34.83 -27.31 -13.30
N MET D 154 36.13 -27.07 -13.24
CA MET D 154 36.63 -26.09 -12.27
C MET D 154 36.29 -24.66 -12.69
N TRP D 155 36.10 -24.39 -13.98
CA TRP D 155 35.62 -23.08 -14.41
C TRP D 155 34.21 -22.84 -13.89
N TYR D 156 33.35 -23.84 -14.01
CA TYR D 156 32.00 -23.73 -13.45
C TYR D 156 32.04 -23.62 -11.94
N LEU D 157 33.03 -24.26 -11.31
CA LEU D 157 33.21 -24.09 -9.86
C LEU D 157 33.57 -22.66 -9.51
N PHE D 158 34.39 -22.01 -10.35
CA PHE D 158 34.79 -20.63 -10.08
C PHE D 158 33.59 -19.69 -10.04
N ASN D 159 32.66 -19.87 -10.99
CA ASN D 159 31.50 -18.98 -11.09
C ASN D 159 30.48 -19.21 -9.99
N SER D 160 30.65 -20.23 -9.16
CA SER D 160 29.78 -20.44 -8.02
C SER D 160 30.20 -19.52 -6.88
N PHE D 161 29.71 -19.79 -5.67
CA PHE D 161 30.03 -19.02 -4.47
C PHE D 161 29.44 -17.61 -4.54
N GLN D 162 28.23 -17.50 -5.09
CA GLN D 162 27.50 -16.24 -5.14
C GLN D 162 26.01 -16.55 -5.19
N GLU D 163 25.22 -15.71 -4.54
CA GLU D 163 23.77 -15.90 -4.56
C GLU D 163 23.19 -15.75 -5.96
N PRO D 164 23.47 -14.69 -6.73
CA PRO D 164 22.91 -14.64 -8.10
C PRO D 164 23.75 -15.46 -9.08
N LEU D 165 23.45 -16.76 -9.15
CA LEU D 165 24.18 -17.63 -10.05
C LEU D 165 23.99 -17.19 -11.49
N PRO D 166 25.05 -17.16 -12.29
CA PRO D 166 24.91 -16.69 -13.68
C PRO D 166 23.94 -17.52 -14.51
N TRP D 167 23.83 -18.81 -14.25
CA TRP D 167 22.91 -19.65 -15.02
C TRP D 167 21.52 -19.67 -14.40
N SER D 168 21.00 -18.49 -14.09
CA SER D 168 19.66 -18.38 -13.52
C SER D 168 18.84 -17.24 -14.11
N ASP D 169 19.44 -16.30 -14.83
CA ASP D 169 18.71 -15.20 -15.44
C ASP D 169 19.49 -14.73 -16.66
N CYS D 170 18.75 -14.34 -17.70
CA CYS D 170 19.37 -13.85 -18.92
C CYS D 170 19.99 -12.48 -18.71
N PRO D 171 21.08 -12.18 -19.42
CA PRO D 171 21.65 -10.83 -19.33
C PRO D 171 20.81 -9.82 -20.10
N LEU D 172 20.71 -8.62 -19.53
CA LEU D 172 19.98 -7.55 -20.19
C LEU D 172 20.78 -7.02 -21.37
N ASN D 173 20.11 -6.87 -22.50
CA ASN D 173 20.76 -6.35 -23.70
C ASN D 173 20.72 -4.82 -23.68
N GLU D 174 21.14 -4.19 -24.77
CA GLU D 174 21.25 -2.74 -24.81
C GLU D 174 19.91 -2.03 -24.70
N ASN D 175 18.80 -2.72 -24.99
CA ASN D 175 17.50 -2.08 -24.92
C ASN D 175 17.08 -1.76 -23.50
N GLN D 176 17.70 -2.39 -22.51
CA GLN D 176 17.51 -2.10 -21.09
C GLN D 176 16.12 -2.55 -20.62
N THR D 177 15.29 -3.01 -21.55
CA THR D 177 13.95 -3.48 -21.23
C THR D 177 13.72 -4.93 -21.62
N GLY D 178 14.73 -5.61 -22.18
CA GLY D 178 14.55 -6.98 -22.61
C GLY D 178 15.81 -7.83 -22.50
N TYR D 179 15.81 -8.96 -23.20
CA TYR D 179 16.93 -9.90 -23.17
C TYR D 179 17.50 -10.06 -24.57
N VAL D 180 18.72 -10.59 -24.62
CA VAL D 180 19.32 -10.93 -25.91
C VAL D 180 18.50 -12.03 -26.57
N ASP D 181 18.40 -11.97 -27.90
CA ASP D 181 17.56 -12.93 -28.62
C ASP D 181 18.05 -14.36 -28.43
N GLU D 182 19.37 -14.55 -28.41
CA GLU D 182 19.91 -15.89 -28.17
C GLU D 182 19.48 -16.41 -26.80
N CYS D 183 19.53 -15.57 -25.78
CA CYS D 183 19.08 -15.96 -24.46
C CYS D 183 17.56 -15.99 -24.36
N ALA D 184 16.86 -15.17 -25.15
CA ALA D 184 15.41 -15.12 -25.06
C ALA D 184 14.76 -16.36 -25.65
N ARG D 185 15.22 -16.80 -26.82
CA ARG D 185 14.58 -17.94 -27.48
C ARG D 185 14.83 -19.24 -26.72
N SER D 186 16.05 -19.44 -26.23
CA SER D 186 16.41 -20.66 -25.51
C SER D 186 16.42 -20.38 -24.01
N SER D 187 16.88 -21.37 -23.24
CA SER D 187 16.97 -21.23 -21.80
C SER D 187 18.18 -20.40 -21.41
N PRO D 188 18.15 -19.77 -20.23
CA PRO D 188 19.34 -19.02 -19.79
C PRO D 188 20.58 -19.88 -19.62
N VAL D 189 20.43 -21.12 -19.14
CA VAL D 189 21.59 -21.98 -18.91
C VAL D 189 22.22 -22.39 -20.22
N ASP D 190 21.40 -22.63 -21.26
CA ASP D 190 21.93 -22.95 -22.57
C ASP D 190 22.78 -21.80 -23.10
N TYR D 191 22.30 -20.57 -22.94
CA TYR D 191 23.07 -19.41 -23.38
C TYR D 191 24.34 -19.25 -22.58
N PHE D 192 24.28 -19.48 -21.25
CA PHE D 192 25.48 -19.32 -20.43
C PHE D 192 26.54 -20.35 -20.79
N TRP D 193 26.14 -21.60 -21.02
CA TRP D 193 27.13 -22.61 -21.39
C TRP D 193 27.66 -22.38 -22.79
N TYR D 194 26.78 -22.16 -23.77
CA TYR D 194 27.21 -22.14 -25.16
C TYR D 194 27.85 -20.81 -25.56
N ARG D 195 27.38 -19.69 -25.01
CA ARG D 195 27.88 -18.39 -25.41
C ARG D 195 28.77 -17.73 -24.37
N GLU D 196 28.31 -17.65 -23.11
CA GLU D 196 29.09 -16.97 -22.09
C GLU D 196 30.39 -17.70 -21.79
N THR D 197 30.35 -19.03 -21.74
CA THR D 197 31.53 -19.83 -21.42
C THR D 197 32.25 -20.32 -22.67
N LEU D 198 31.57 -21.09 -23.51
CA LEU D 198 32.24 -21.71 -24.66
C LEU D 198 32.48 -20.72 -25.79
N ASN D 199 31.52 -19.82 -26.03
CA ASN D 199 31.55 -18.93 -27.20
C ASN D 199 31.75 -19.74 -28.48
N ILE D 200 30.92 -20.78 -28.62
CA ILE D 200 31.13 -21.78 -29.66
C ILE D 200 30.98 -21.16 -31.05
N SER D 201 31.77 -21.68 -31.99
CA SER D 201 31.78 -21.18 -33.36
C SER D 201 30.58 -21.74 -34.13
N THR D 202 30.60 -21.58 -35.45
CA THR D 202 29.50 -22.04 -36.29
C THR D 202 29.81 -23.30 -37.08
N SER D 203 31.08 -23.69 -37.17
CA SER D 203 31.45 -24.87 -37.94
C SER D 203 32.79 -25.38 -37.44
N ILE D 204 33.13 -26.61 -37.84
CA ILE D 204 34.39 -27.21 -37.44
C ILE D 204 35.57 -26.45 -38.04
N SER D 205 35.42 -25.96 -39.27
CA SER D 205 36.53 -25.33 -39.98
C SER D 205 36.82 -23.92 -39.45
N ASP D 206 35.90 -23.32 -38.72
CA ASP D 206 36.10 -21.94 -38.26
C ASP D 206 37.19 -21.88 -37.20
N SER D 207 37.99 -20.82 -37.24
CA SER D 207 39.04 -20.57 -36.26
C SER D 207 38.60 -19.43 -35.36
N GLY D 208 38.73 -19.64 -34.04
CA GLY D 208 38.26 -18.68 -33.06
C GLY D 208 39.36 -17.81 -32.49
N SER D 209 39.07 -17.22 -31.34
CA SER D 209 39.98 -16.28 -30.69
C SER D 209 40.80 -17.00 -29.63
N ILE D 210 41.51 -16.23 -28.80
CA ILE D 210 42.37 -16.81 -27.78
C ILE D 210 41.55 -17.46 -26.68
N GLN D 211 40.43 -16.84 -26.29
CA GLN D 211 39.61 -17.28 -25.16
C GLN D 211 40.46 -17.33 -23.88
N TRP D 212 40.88 -16.14 -23.46
CA TRP D 212 41.89 -16.03 -22.41
C TRP D 212 41.45 -16.73 -21.13
N TRP D 213 40.17 -16.63 -20.76
CA TRP D 213 39.73 -17.23 -19.51
C TRP D 213 39.79 -18.76 -19.57
N MET D 214 39.45 -19.35 -20.72
CA MET D 214 39.54 -20.80 -20.85
C MET D 214 40.99 -21.27 -20.74
N LEU D 215 41.91 -20.60 -21.41
CA LEU D 215 43.32 -20.97 -21.32
C LEU D 215 43.86 -20.80 -19.91
N LEU D 216 43.46 -19.71 -19.24
CA LEU D 216 43.85 -19.50 -17.86
C LEU D 216 43.36 -20.62 -16.96
N CYS D 217 42.09 -21.02 -17.14
CA CYS D 217 41.53 -22.09 -16.32
C CYS D 217 42.24 -23.42 -16.58
N LEU D 218 42.54 -23.71 -17.85
CA LEU D 218 43.25 -24.94 -18.18
C LEU D 218 44.64 -24.95 -17.56
N ALA D 219 45.33 -23.81 -17.60
CA ALA D 219 46.65 -23.72 -16.97
C ALA D 219 46.56 -23.93 -15.47
N CYS D 220 45.53 -23.36 -14.82
CA CYS D 220 45.36 -23.58 -13.39
C CYS D 220 45.10 -25.06 -13.07
N ALA D 221 44.30 -25.72 -13.90
CA ALA D 221 44.04 -27.15 -13.70
C ALA D 221 45.33 -27.95 -13.83
N TRP D 222 46.14 -27.65 -14.85
CA TRP D 222 47.42 -28.33 -15.00
C TRP D 222 48.31 -28.09 -13.80
N SER D 223 48.34 -26.86 -13.29
CA SER D 223 49.18 -26.54 -12.16
C SER D 223 48.77 -27.32 -10.92
N VAL D 224 47.47 -27.39 -10.63
CA VAL D 224 47.04 -28.10 -9.42
C VAL D 224 47.30 -29.59 -9.57
N LEU D 225 47.02 -30.17 -10.75
CA LEU D 225 47.29 -31.59 -10.93
C LEU D 225 48.78 -31.89 -10.81
N TYR D 226 49.63 -31.03 -11.37
CA TYR D 226 51.07 -31.23 -11.28
C TYR D 226 51.56 -31.13 -9.84
N MET D 227 51.01 -30.19 -9.07
CA MET D 227 51.38 -30.11 -7.65
C MET D 227 50.95 -31.38 -6.93
N CYS D 228 49.76 -31.89 -7.26
CA CYS D 228 49.24 -33.07 -6.56
C CYS D 228 50.06 -34.32 -6.81
N THR D 229 50.96 -34.31 -7.80
CA THR D 229 51.84 -35.45 -8.05
C THR D 229 53.19 -34.96 -8.53
N ILE D 230 54.17 -34.94 -7.63
CA ILE D 230 55.52 -34.49 -7.96
C ILE D 230 56.52 -35.58 -7.60
N ARG D 231 56.17 -36.41 -6.62
CA ARG D 231 57.02 -37.52 -6.20
C ARG D 231 56.50 -38.88 -6.66
N GLY D 232 55.49 -38.89 -7.52
CA GLY D 232 54.89 -40.13 -7.97
C GLY D 232 53.89 -40.69 -6.98
N ILE D 233 54.19 -41.84 -6.39
CA ILE D 233 53.26 -42.47 -5.46
C ILE D 233 53.22 -41.72 -4.13
N GLU D 234 54.33 -41.09 -3.73
CA GLU D 234 54.42 -40.52 -2.39
C GLU D 234 53.35 -39.45 -2.16
N THR D 235 53.15 -38.57 -3.13
CA THR D 235 52.10 -37.55 -3.01
C THR D 235 50.73 -38.08 -3.44
N THR D 236 50.71 -39.02 -4.39
CA THR D 236 49.45 -39.56 -4.88
C THR D 236 48.69 -40.27 -3.78
N GLY D 237 49.39 -41.09 -2.97
CA GLY D 237 48.73 -41.78 -1.89
C GLY D 237 48.14 -40.84 -0.86
N LYS D 238 48.87 -39.77 -0.53
CA LYS D 238 48.35 -38.78 0.41
C LYS D 238 47.12 -38.07 -0.15
N ALA D 239 47.15 -37.72 -1.44
CA ALA D 239 46.01 -37.04 -2.03
C ALA D 239 44.79 -37.95 -2.14
N VAL D 240 45.01 -39.25 -2.33
CA VAL D 240 43.90 -40.18 -2.48
C VAL D 240 43.06 -40.26 -1.22
N TYR D 241 43.64 -39.96 -0.06
CA TYR D 241 42.87 -39.98 1.18
C TYR D 241 41.67 -39.04 1.13
N ILE D 242 41.74 -37.98 0.33
CA ILE D 242 40.65 -37.03 0.20
C ILE D 242 39.98 -37.13 -1.16
N THR D 243 40.72 -37.48 -2.22
CA THR D 243 40.13 -37.44 -3.55
C THR D 243 39.22 -38.63 -3.82
N SER D 244 39.46 -39.77 -3.19
CA SER D 244 38.71 -40.99 -3.47
C SER D 244 37.67 -41.32 -2.41
N THR D 245 37.43 -40.43 -1.46
CA THR D 245 36.49 -40.68 -0.38
C THR D 245 35.35 -39.67 -0.33
N LEU D 246 35.63 -38.40 -0.57
CA LEU D 246 34.61 -37.36 -0.49
C LEU D 246 33.46 -37.56 -1.48
N PRO D 247 33.69 -37.94 -2.75
CA PRO D 247 32.54 -38.15 -3.64
C PRO D 247 31.55 -39.19 -3.14
N TYR D 248 32.03 -40.24 -2.48
CA TYR D 248 31.13 -41.24 -1.94
C TYR D 248 30.19 -40.65 -0.88
N VAL D 249 30.72 -39.79 -0.01
CA VAL D 249 29.88 -39.19 1.02
C VAL D 249 28.95 -38.15 0.41
N VAL D 250 29.39 -37.45 -0.64
CA VAL D 250 28.54 -36.45 -1.27
C VAL D 250 27.37 -37.11 -2.00
N LEU D 251 27.61 -38.26 -2.64
CA LEU D 251 26.54 -38.92 -3.37
C LEU D 251 25.42 -39.34 -2.43
N THR D 252 25.74 -39.71 -1.19
CA THR D 252 24.71 -40.08 -0.23
C THR D 252 23.79 -38.90 0.08
N ILE D 253 24.38 -37.73 0.36
CA ILE D 253 23.56 -36.57 0.70
C ILE D 253 22.77 -36.12 -0.54
N PHE D 254 23.34 -36.28 -1.72
CA PHE D 254 22.59 -35.94 -2.93
C PHE D 254 21.41 -36.88 -3.13
N LEU D 255 21.59 -38.16 -2.81
CA LEU D 255 20.47 -39.11 -2.90
C LEU D 255 19.39 -38.78 -1.90
N ILE D 256 19.78 -38.47 -0.65
CA ILE D 256 18.76 -38.19 0.35
C ILE D 256 18.05 -36.88 0.04
N ARG D 257 18.73 -35.93 -0.62
CA ARG D 257 18.03 -34.74 -1.10
C ARG D 257 17.08 -35.07 -2.25
N GLY D 258 17.53 -35.92 -3.19
CA GLY D 258 16.69 -36.27 -4.32
C GLY D 258 15.43 -37.00 -3.91
N LEU D 259 15.50 -37.77 -2.82
CA LEU D 259 14.29 -38.44 -2.33
C LEU D 259 13.26 -37.44 -1.83
N THR D 260 13.69 -36.40 -1.11
CA THR D 260 12.75 -35.45 -0.51
C THR D 260 12.48 -34.28 -1.45
N LEU D 261 12.05 -34.61 -2.67
CA LEU D 261 11.73 -33.61 -3.67
C LEU D 261 10.49 -34.07 -4.43
N LYS D 262 9.68 -33.11 -4.86
CA LYS D 262 8.46 -33.44 -5.58
C LYS D 262 8.80 -34.06 -6.93
N GLY D 263 8.00 -35.06 -7.31
CA GLY D 263 8.22 -35.75 -8.57
C GLY D 263 9.31 -36.79 -8.55
N ALA D 264 9.95 -37.01 -7.41
CA ALA D 264 10.97 -38.03 -7.30
C ALA D 264 10.32 -39.42 -7.36
N THR D 265 11.17 -40.45 -7.41
CA THR D 265 10.75 -41.84 -7.52
C THR D 265 9.97 -42.07 -8.82
N ASN D 266 9.90 -41.05 -9.68
CA ASN D 266 9.39 -41.24 -11.03
C ASN D 266 10.50 -41.68 -11.98
N GLY D 267 11.68 -41.07 -11.85
CA GLY D 267 12.82 -41.51 -12.63
C GLY D 267 13.28 -42.90 -12.25
N ILE D 268 13.20 -43.24 -10.97
CA ILE D 268 13.62 -44.57 -10.51
C ILE D 268 12.75 -45.65 -11.12
N VAL D 269 11.43 -45.46 -11.07
CA VAL D 269 10.52 -46.45 -11.64
C VAL D 269 10.55 -46.39 -13.16
N PHE D 270 10.96 -45.26 -13.73
CA PHE D 270 11.18 -45.20 -15.17
C PHE D 270 12.38 -46.06 -15.57
N LEU D 271 13.46 -46.00 -14.77
CA LEU D 271 14.64 -46.80 -15.05
C LEU D 271 14.38 -48.28 -14.81
N PHE D 272 13.56 -48.61 -13.81
CA PHE D 272 13.26 -50.01 -13.53
C PHE D 272 12.54 -50.67 -14.70
N THR D 273 11.61 -49.96 -15.32
CA THR D 273 10.86 -50.53 -16.45
C THR D 273 11.80 -50.77 -17.63
N PRO D 274 11.81 -51.97 -18.20
CA PRO D 274 12.74 -52.26 -19.29
C PRO D 274 12.32 -51.61 -20.61
N ASN D 275 13.31 -51.44 -21.49
CA ASN D 275 13.06 -50.90 -22.82
C ASN D 275 12.55 -51.93 -23.80
N VAL D 276 12.82 -53.22 -23.55
CA VAL D 276 12.37 -54.32 -24.40
C VAL D 276 13.00 -54.23 -25.78
N THR D 277 12.69 -53.17 -26.52
CA THR D 277 13.23 -53.00 -27.87
C THR D 277 14.75 -52.91 -27.85
N GLU D 278 15.30 -52.20 -26.86
CA GLU D 278 16.75 -52.06 -26.77
C GLU D 278 17.43 -53.41 -26.62
N LEU D 279 16.85 -54.30 -25.80
CA LEU D 279 17.45 -55.61 -25.59
C LEU D 279 17.58 -56.39 -26.88
N ALA D 280 16.62 -56.24 -27.80
CA ALA D 280 16.69 -56.93 -29.07
C ALA D 280 17.75 -56.31 -29.99
N GLN D 281 18.02 -55.03 -29.84
CA GLN D 281 18.96 -54.36 -30.73
C GLN D 281 20.39 -54.75 -30.40
N PRO D 282 21.14 -55.29 -31.37
CA PRO D 282 22.54 -55.65 -31.12
C PRO D 282 23.46 -54.47 -30.83
N ASP D 283 23.06 -53.25 -31.19
CA ASP D 283 23.94 -52.10 -31.03
C ASP D 283 24.24 -51.80 -29.56
N THR D 284 23.31 -52.13 -28.66
CA THR D 284 23.51 -51.83 -27.25
C THR D 284 24.66 -52.63 -26.66
N TRP D 285 24.86 -53.87 -27.11
CA TRP D 285 25.92 -54.70 -26.56
C TRP D 285 27.31 -54.12 -26.80
N LEU D 286 27.55 -53.55 -27.99
CA LEU D 286 28.86 -52.98 -28.28
C LEU D 286 29.16 -51.82 -27.33
N ASP D 287 28.20 -50.91 -27.15
CA ASP D 287 28.41 -49.80 -26.25
C ASP D 287 28.55 -50.27 -24.80
N ALA D 288 27.81 -51.31 -24.42
CA ALA D 288 27.95 -51.86 -23.07
C ALA D 288 29.34 -52.43 -22.86
N GLY D 289 29.88 -53.12 -23.86
CA GLY D 289 31.24 -53.64 -23.74
C GLY D 289 32.28 -52.55 -23.68
N ALA D 290 32.12 -51.52 -24.52
CA ALA D 290 33.03 -50.39 -24.47
C ALA D 290 32.99 -49.71 -23.11
N GLN D 291 31.79 -49.54 -22.54
CA GLN D 291 31.67 -48.91 -21.24
C GLN D 291 32.25 -49.78 -20.14
N VAL D 292 32.06 -51.10 -20.22
CA VAL D 292 32.61 -51.96 -19.16
C VAL D 292 34.12 -52.00 -19.26
N PHE D 293 34.69 -51.82 -20.46
CA PHE D 293 36.14 -51.73 -20.55
C PHE D 293 36.65 -50.39 -20.02
N PHE D 294 35.95 -49.30 -20.36
CA PHE D 294 36.36 -47.98 -19.91
C PHE D 294 36.27 -47.85 -18.40
N SER D 295 35.18 -48.34 -17.80
CA SER D 295 34.98 -48.20 -16.37
C SER D 295 36.01 -49.00 -15.59
N PHE D 296 36.28 -50.24 -15.99
CA PHE D 296 37.28 -51.05 -15.33
C PHE D 296 38.70 -50.62 -15.68
N SER D 297 38.91 -50.05 -16.86
CA SER D 297 40.15 -49.37 -17.22
C SER D 297 41.36 -50.31 -17.26
N LEU D 298 41.18 -51.53 -17.76
CA LEU D 298 42.34 -52.37 -18.00
C LEU D 298 42.96 -52.04 -19.34
N ALA D 299 44.10 -52.68 -19.62
CA ALA D 299 44.90 -52.41 -20.81
C ALA D 299 45.28 -50.93 -20.90
N PHE D 300 45.53 -50.33 -19.73
CA PHE D 300 45.90 -48.93 -19.65
C PHE D 300 47.27 -48.69 -19.03
N GLY D 301 47.83 -49.67 -18.32
CA GLY D 301 49.13 -49.54 -17.72
C GLY D 301 49.12 -49.03 -16.29
N GLY D 302 48.04 -48.41 -15.85
CA GLY D 302 47.96 -47.98 -14.46
C GLY D 302 47.90 -49.15 -13.49
N LEU D 303 47.08 -50.15 -13.80
CA LEU D 303 46.91 -51.28 -12.89
C LEU D 303 48.20 -52.08 -12.75
N ILE D 304 48.88 -52.37 -13.86
CA ILE D 304 50.09 -53.19 -13.79
C ILE D 304 51.19 -52.42 -13.06
N SER D 305 51.29 -51.11 -13.28
CA SER D 305 52.30 -50.32 -12.59
C SER D 305 52.01 -50.23 -11.10
N PHE D 306 50.74 -50.10 -10.73
CA PHE D 306 50.38 -50.07 -9.32
C PHE D 306 50.56 -51.43 -8.66
N SER D 307 50.41 -52.51 -9.43
CA SER D 307 50.53 -53.85 -8.86
C SER D 307 51.98 -54.31 -8.76
N SER D 308 52.86 -53.80 -9.61
CA SER D 308 54.25 -54.22 -9.60
C SER D 308 55.05 -53.67 -8.42
N TYR D 309 54.39 -53.02 -7.46
CA TYR D 309 55.05 -52.45 -6.29
C TYR D 309 54.42 -52.98 -5.00
N ASN D 310 54.18 -54.28 -4.92
CA ASN D 310 53.60 -54.88 -3.72
C ASN D 310 54.36 -56.14 -3.33
N SER D 311 54.06 -56.60 -2.12
CA SER D 311 54.70 -57.80 -1.58
C SER D 311 54.26 -59.04 -2.35
N VAL D 312 55.10 -60.07 -2.28
CA VAL D 312 54.83 -61.31 -3.00
C VAL D 312 53.58 -62.00 -2.45
N HIS D 313 53.41 -61.98 -1.12
CA HIS D 313 52.33 -62.70 -0.48
C HIS D 313 51.01 -61.92 -0.44
N ASN D 314 50.96 -60.74 -1.03
CA ASN D 314 49.73 -59.96 -1.05
C ASN D 314 48.65 -60.68 -1.85
N ASN D 315 47.44 -60.70 -1.30
CA ASN D 315 46.32 -61.37 -1.96
C ASN D 315 45.93 -60.65 -3.24
N CYS D 316 45.47 -61.42 -4.23
CA CYS D 316 45.05 -60.87 -5.52
C CYS D 316 43.69 -61.36 -5.99
N GLU D 317 43.12 -62.39 -5.36
CA GLU D 317 41.83 -62.91 -5.78
C GLU D 317 40.67 -62.16 -5.12
N LYS D 318 40.76 -61.94 -3.81
CA LYS D 318 39.71 -61.20 -3.11
C LYS D 318 39.69 -59.73 -3.54
N ASP D 319 40.86 -59.16 -3.81
CA ASP D 319 40.93 -57.75 -4.18
C ASP D 319 40.21 -57.48 -5.49
N SER D 320 40.38 -58.36 -6.48
CA SER D 320 39.72 -58.18 -7.76
C SER D 320 38.21 -58.20 -7.61
N VAL D 321 37.68 -59.17 -6.86
CA VAL D 321 36.23 -59.28 -6.73
C VAL D 321 35.67 -58.12 -5.91
N ILE D 322 36.38 -57.66 -4.87
CA ILE D 322 35.86 -56.56 -4.07
C ILE D 322 35.86 -55.27 -4.89
N VAL D 323 36.90 -55.07 -5.71
CA VAL D 323 36.95 -53.91 -6.60
C VAL D 323 35.80 -53.96 -7.60
N SER D 324 35.57 -55.14 -8.19
CA SER D 324 34.49 -55.27 -9.15
C SER D 324 33.13 -54.97 -8.51
N ILE D 325 32.90 -55.49 -7.30
CA ILE D 325 31.60 -55.31 -6.68
C ILE D 325 31.39 -53.85 -6.26
N ILE D 326 32.44 -53.18 -5.80
CA ILE D 326 32.27 -51.78 -5.42
C ILE D 326 32.05 -50.91 -6.67
N ASN D 327 32.72 -51.25 -7.77
CA ASN D 327 32.50 -50.52 -9.02
C ASN D 327 31.06 -50.68 -9.48
N GLY D 328 30.54 -51.90 -9.46
CA GLY D 328 29.15 -52.11 -9.85
C GLY D 328 28.17 -51.38 -8.95
N PHE D 329 28.40 -51.42 -7.64
CA PHE D 329 27.52 -50.73 -6.71
C PHE D 329 27.53 -49.23 -6.95
N THR D 330 28.71 -48.64 -7.14
CA THR D 330 28.77 -47.21 -7.41
C THR D 330 28.10 -46.85 -8.73
N SER D 331 28.23 -47.70 -9.75
CA SER D 331 27.55 -47.44 -11.01
C SER D 331 26.04 -47.42 -10.82
N VAL D 332 25.49 -48.41 -10.10
CA VAL D 332 24.07 -48.42 -9.83
C VAL D 332 23.65 -47.18 -9.04
N TYR D 333 24.48 -46.79 -8.05
CA TYR D 333 24.16 -45.65 -7.21
C TYR D 333 24.08 -44.36 -8.02
N VAL D 334 25.07 -44.12 -8.89
CA VAL D 334 25.08 -42.89 -9.66
C VAL D 334 23.93 -42.90 -10.67
N ALA D 335 23.62 -44.06 -11.25
CA ALA D 335 22.47 -44.12 -12.15
C ALA D 335 21.18 -43.76 -11.42
N ILE D 336 21.00 -44.28 -10.20
CA ILE D 336 19.80 -43.99 -9.44
C ILE D 336 19.71 -42.50 -9.15
N VAL D 337 20.82 -41.89 -8.72
CA VAL D 337 20.80 -40.48 -8.35
C VAL D 337 20.47 -39.62 -9.57
N VAL D 338 21.13 -39.88 -10.70
CA VAL D 338 20.93 -39.04 -11.88
C VAL D 338 19.51 -39.19 -12.39
N TYR D 339 18.95 -40.40 -12.39
CA TYR D 339 17.59 -40.54 -12.91
C TYR D 339 16.56 -39.98 -11.94
N SER D 340 16.85 -39.98 -10.64
CA SER D 340 15.97 -39.30 -9.70
C SER D 340 15.91 -37.81 -9.99
N VAL D 341 17.07 -37.19 -10.24
CA VAL D 341 17.08 -35.77 -10.55
C VAL D 341 16.35 -35.50 -11.87
N ILE D 342 16.57 -36.36 -12.87
CA ILE D 342 15.89 -36.18 -14.15
C ILE D 342 14.38 -36.25 -13.97
N GLY D 343 13.91 -37.21 -13.17
CA GLY D 343 12.48 -37.29 -12.92
C GLY D 343 11.92 -36.07 -12.23
N PHE D 344 12.65 -35.55 -11.24
CA PHE D 344 12.20 -34.32 -10.58
C PHE D 344 12.07 -33.17 -11.57
N ARG D 345 13.09 -33.00 -12.43
CA ARG D 345 13.04 -31.91 -13.40
C ARG D 345 11.87 -32.08 -14.36
N ALA D 346 11.64 -33.30 -14.83
CA ALA D 346 10.52 -33.54 -15.75
C ALA D 346 9.19 -33.23 -15.08
N THR D 347 9.03 -33.63 -13.81
CA THR D 347 7.77 -33.34 -13.12
C THR D 347 7.56 -31.84 -12.99
N GLN D 348 8.60 -31.10 -12.63
CA GLN D 348 8.44 -29.64 -12.50
C GLN D 348 8.08 -29.00 -13.83
N ARG D 349 8.73 -29.44 -14.92
CA ARG D 349 8.41 -28.88 -16.24
C ARG D 349 6.97 -29.19 -16.63
N TYR D 350 6.50 -30.41 -16.36
CA TYR D 350 5.13 -30.78 -16.68
C TYR D 350 4.14 -29.93 -15.89
N ASP D 351 4.43 -29.70 -14.60
CA ASP D 351 3.56 -28.85 -13.80
C ASP D 351 3.48 -27.44 -14.36
N ASP D 352 4.63 -26.89 -14.76
CA ASP D 352 4.62 -25.53 -15.31
C ASP D 352 3.81 -25.46 -16.61
N CYS D 353 3.97 -26.47 -17.48
CA CYS D 353 3.20 -26.48 -18.72
C CYS D 353 1.70 -26.57 -18.45
N PHE D 354 1.30 -27.40 -17.50
CA PHE D 354 -0.12 -27.52 -17.17
C PHE D 354 -0.67 -26.21 -16.60
N SER D 355 0.12 -25.54 -15.77
CA SER D 355 -0.32 -24.25 -15.23
C SER D 355 -0.50 -23.22 -16.34
N THR D 356 0.42 -23.18 -17.30
CA THR D 356 0.25 -22.27 -18.43
C THR D 356 -1.00 -22.60 -19.23
N ASN D 357 -1.27 -23.90 -19.43
CA ASN D 357 -2.46 -24.30 -20.17
C ASN D 357 -3.73 -23.86 -19.46
N ILE D 358 -3.77 -23.99 -18.13
CA ILE D 358 -4.92 -23.51 -17.37
C ILE D 358 -5.06 -22.00 -17.51
N LEU D 359 -3.94 -21.28 -17.39
CA LEU D 359 -3.98 -19.83 -17.42
C LEU D 359 -4.47 -19.29 -18.75
N THR D 360 -4.11 -19.94 -19.85
CA THR D 360 -4.52 -19.41 -21.16
C THR D 360 -6.05 -19.47 -21.30
N LEU D 361 -6.67 -20.54 -20.83
CA LEU D 361 -8.13 -20.64 -20.91
C LEU D 361 -8.80 -19.68 -19.93
N ILE D 362 -8.24 -19.56 -18.72
CA ILE D 362 -8.79 -18.63 -17.73
C ILE D 362 -8.79 -17.21 -18.27
N ASN D 363 -7.67 -16.80 -18.89
CA ASN D 363 -7.59 -15.47 -19.47
C ASN D 363 -8.53 -15.33 -20.66
N GLY D 364 -8.62 -16.36 -21.50
CA GLY D 364 -9.44 -16.25 -22.69
C GLY D 364 -10.92 -16.10 -22.39
N PHE D 365 -11.42 -16.81 -21.38
CA PHE D 365 -12.86 -16.83 -21.13
C PHE D 365 -13.26 -16.18 -19.81
N ASP D 366 -12.32 -15.55 -19.11
CA ASP D 366 -12.61 -14.75 -17.91
C ASP D 366 -13.40 -15.56 -16.87
N LEU D 367 -12.76 -16.62 -16.39
CA LEU D 367 -13.29 -17.48 -15.36
C LEU D 367 -12.59 -17.20 -14.03
N PRO D 368 -13.24 -17.46 -12.89
CA PRO D 368 -12.60 -17.19 -11.61
C PRO D 368 -11.33 -18.01 -11.44
N GLU D 369 -10.34 -17.42 -10.78
CA GLU D 369 -9.09 -18.12 -10.51
C GLU D 369 -9.31 -19.16 -9.43
N GLY D 370 -9.11 -20.44 -9.77
CA GLY D 370 -9.32 -21.51 -8.81
C GLY D 370 -10.52 -22.36 -9.13
N ASN D 371 -11.01 -22.27 -10.37
CA ASN D 371 -12.11 -23.10 -10.81
C ASN D 371 -11.63 -24.16 -11.78
N VAL D 372 -10.66 -23.81 -12.62
CA VAL D 372 -10.06 -24.74 -13.57
C VAL D 372 -8.82 -25.30 -12.89
N THR D 373 -8.99 -26.40 -12.17
CA THR D 373 -7.89 -27.08 -11.51
C THR D 373 -7.43 -28.26 -12.36
N GLN D 374 -6.48 -29.04 -11.84
CA GLN D 374 -5.92 -30.15 -12.60
C GLN D 374 -6.89 -31.31 -12.76
N GLU D 375 -7.71 -31.58 -11.73
CA GLU D 375 -8.63 -32.71 -11.79
C GLU D 375 -9.85 -32.42 -12.65
N ASN D 376 -10.23 -31.15 -12.82
CA ASN D 376 -11.43 -30.80 -13.56
C ASN D 376 -11.13 -29.95 -14.79
N PHE D 377 -9.89 -30.02 -15.29
CA PHE D 377 -9.53 -29.21 -16.45
C PHE D 377 -10.28 -29.65 -17.69
N VAL D 378 -10.32 -30.96 -17.94
CA VAL D 378 -10.91 -31.46 -19.18
C VAL D 378 -12.42 -31.21 -19.20
N ASP D 379 -13.08 -31.34 -18.05
CA ASP D 379 -14.52 -31.10 -17.99
C ASP D 379 -14.84 -29.66 -18.40
N MET D 380 -14.18 -28.69 -17.76
CA MET D 380 -14.34 -27.30 -18.17
C MET D 380 -13.84 -27.09 -19.58
N GLN D 381 -12.79 -27.83 -19.98
CA GLN D 381 -12.23 -27.69 -21.32
C GLN D 381 -13.28 -27.97 -22.38
N GLN D 382 -14.07 -29.03 -22.18
CA GLN D 382 -15.11 -29.37 -23.16
C GLN D 382 -16.37 -28.54 -22.96
N ARG D 383 -16.73 -28.20 -21.72
CA ARG D 383 -17.94 -27.42 -21.48
C ARG D 383 -17.83 -26.03 -22.09
N CYS D 384 -16.70 -25.35 -21.84
CA CYS D 384 -16.52 -24.00 -22.37
C CYS D 384 -16.39 -24.02 -23.89
N ASN D 385 -15.80 -25.07 -24.45
CA ASN D 385 -15.71 -25.21 -25.89
C ASN D 385 -17.09 -25.42 -26.51
N ALA D 386 -17.94 -26.20 -25.84
CA ALA D 386 -19.30 -26.41 -26.33
C ALA D 386 -20.19 -25.20 -26.11
N SER D 387 -19.83 -24.31 -25.19
CA SER D 387 -20.66 -23.14 -24.92
C SER D 387 -20.72 -22.22 -26.14
N ASP D 388 -19.58 -21.82 -26.68
CA ASP D 388 -19.60 -20.92 -27.83
C ASP D 388 -18.33 -21.05 -28.68
N PRO D 389 -18.43 -21.62 -29.87
CA PRO D 389 -17.29 -21.57 -30.81
C PRO D 389 -16.89 -20.16 -31.19
N ALA D 390 -15.83 -20.04 -32.01
CA ALA D 390 -15.31 -18.78 -32.53
C ALA D 390 -14.65 -17.95 -31.44
N ALA D 391 -14.67 -18.45 -30.21
CA ALA D 391 -13.86 -17.92 -29.12
C ALA D 391 -12.89 -18.95 -28.58
N TYR D 392 -13.29 -20.22 -28.56
CA TYR D 392 -12.37 -21.31 -28.28
C TYR D 392 -11.43 -21.56 -29.45
N ALA D 393 -11.86 -21.22 -30.66
CA ALA D 393 -11.11 -21.61 -31.86
C ALA D 393 -9.72 -20.99 -31.88
N GLN D 394 -9.60 -19.72 -31.52
CA GLN D 394 -8.33 -19.02 -31.58
C GLN D 394 -7.43 -19.32 -30.40
N LEU D 395 -7.91 -20.07 -29.41
CA LEU D 395 -7.08 -20.47 -28.28
C LEU D 395 -6.09 -21.55 -28.71
N VAL D 396 -4.88 -21.47 -28.17
CA VAL D 396 -3.81 -22.42 -28.47
C VAL D 396 -3.42 -23.11 -27.17
N PHE D 397 -3.49 -24.44 -27.16
CA PHE D 397 -3.19 -25.22 -25.97
C PHE D 397 -1.96 -26.09 -26.21
N GLN D 398 -1.28 -26.42 -25.13
CA GLN D 398 -0.08 -27.24 -25.18
C GLN D 398 -0.43 -28.69 -24.89
N THR D 399 0.26 -29.60 -25.57
CA THR D 399 -0.01 -31.03 -25.48
C THR D 399 1.03 -31.77 -24.64
N CYS D 400 1.51 -31.15 -23.57
CA CYS D 400 2.53 -31.77 -22.74
C CYS D 400 1.96 -32.94 -21.95
N ASP D 401 2.77 -33.98 -21.80
CA ASP D 401 2.38 -35.18 -21.08
C ASP D 401 3.60 -35.79 -20.41
N ILE D 402 3.38 -36.39 -19.24
CA ILE D 402 4.45 -37.04 -18.48
C ILE D 402 4.90 -38.28 -19.24
N ASN D 403 6.05 -38.84 -18.84
CA ASN D 403 6.63 -40.04 -19.44
C ASN D 403 7.18 -39.72 -20.83
N ALA D 404 6.91 -38.51 -21.31
CA ALA D 404 7.51 -38.01 -22.54
C ALA D 404 8.52 -36.91 -22.29
N PHE D 405 8.44 -36.21 -21.15
CA PHE D 405 9.46 -35.24 -20.79
C PHE D 405 10.72 -35.94 -20.26
N LEU D 406 10.57 -37.10 -19.63
CA LEU D 406 11.74 -37.86 -19.20
C LEU D 406 12.49 -38.44 -20.39
N SER D 407 11.77 -38.83 -21.46
CA SER D 407 12.41 -39.45 -22.60
C SER D 407 13.30 -38.49 -23.39
N GLU D 408 13.16 -37.19 -23.17
CA GLU D 408 14.00 -36.21 -23.86
C GLU D 408 15.44 -36.35 -23.38
N ALA D 409 16.29 -36.93 -24.21
CA ALA D 409 17.67 -37.20 -23.84
C ALA D 409 18.56 -36.01 -24.13
N VAL D 410 19.75 -36.02 -23.52
CA VAL D 410 20.71 -34.94 -23.68
C VAL D 410 21.48 -35.12 -24.97
N GLU D 411 21.85 -34.01 -25.60
CA GLU D 411 22.59 -34.03 -26.86
C GLU D 411 24.07 -34.30 -26.67
N GLY D 412 24.60 -34.17 -25.46
CA GLY D 412 26.00 -34.45 -25.22
C GLY D 412 26.69 -33.41 -24.37
N THR D 413 27.43 -33.88 -23.35
CA THR D 413 28.25 -33.05 -22.46
C THR D 413 27.39 -32.12 -21.62
N GLY D 414 26.08 -32.14 -21.82
CA GLY D 414 25.21 -31.21 -21.14
C GLY D 414 24.49 -31.79 -19.94
N LEU D 415 24.66 -33.10 -19.71
CA LEU D 415 23.97 -33.74 -18.61
C LEU D 415 24.41 -33.22 -17.25
N ALA D 416 25.58 -32.59 -17.17
CA ALA D 416 26.05 -31.99 -15.94
C ALA D 416 26.21 -30.47 -16.03
N PHE D 417 26.07 -29.90 -17.22
CA PHE D 417 26.24 -28.47 -17.42
C PHE D 417 24.96 -27.74 -17.77
N ILE D 418 24.03 -28.37 -18.48
CA ILE D 418 22.79 -27.74 -18.90
C ILE D 418 21.55 -28.43 -18.36
N VAL D 419 21.71 -29.41 -17.46
CA VAL D 419 20.56 -30.08 -16.85
C VAL D 419 20.61 -29.93 -15.34
N PHE D 420 21.68 -30.41 -14.71
CA PHE D 420 21.76 -30.36 -13.25
C PHE D 420 21.86 -28.94 -12.71
N THR D 421 22.44 -28.03 -13.48
CA THR D 421 22.43 -26.63 -13.06
C THR D 421 21.01 -26.08 -13.04
N GLU D 422 20.20 -26.44 -14.04
CA GLU D 422 18.80 -26.02 -14.07
C GLU D 422 18.04 -26.59 -12.88
N ALA D 423 18.26 -27.86 -12.54
CA ALA D 423 17.60 -28.45 -11.39
C ALA D 423 18.07 -27.81 -10.09
N ILE D 424 19.36 -27.48 -10.01
CA ILE D 424 19.90 -26.84 -8.80
C ILE D 424 19.26 -25.48 -8.61
N THR D 425 19.04 -24.73 -9.69
CA THR D 425 18.47 -23.39 -9.57
C THR D 425 17.06 -23.42 -9.01
N LYS D 426 16.40 -24.57 -8.98
CA LYS D 426 15.06 -24.73 -8.42
C LYS D 426 15.08 -25.38 -7.05
N MET D 427 16.10 -25.08 -6.24
CA MET D 427 16.23 -25.64 -4.90
C MET D 427 16.44 -24.51 -3.90
N PRO D 428 16.05 -24.72 -2.64
CA PRO D 428 16.19 -23.64 -1.64
C PRO D 428 17.63 -23.19 -1.43
N LEU D 429 18.59 -24.11 -1.47
CA LEU D 429 20.00 -23.79 -1.24
C LEU D 429 20.76 -24.14 -2.52
N SER D 430 20.82 -23.19 -3.43
CA SER D 430 21.43 -23.36 -4.74
C SER D 430 22.97 -23.30 -4.72
N PRO D 431 23.58 -22.20 -4.20
CA PRO D 431 25.02 -22.01 -4.43
C PRO D 431 25.90 -23.04 -3.75
N LEU D 432 25.66 -23.29 -2.47
CA LEU D 432 26.49 -24.25 -1.74
C LEU D 432 26.35 -25.66 -2.34
N TRP D 433 25.14 -26.04 -2.74
CA TRP D 433 24.98 -27.39 -3.25
C TRP D 433 25.55 -27.52 -4.66
N SER D 434 25.51 -26.45 -5.45
CA SER D 434 26.25 -26.45 -6.71
C SER D 434 27.75 -26.61 -6.46
N VAL D 435 28.24 -25.95 -5.40
CA VAL D 435 29.66 -26.09 -5.05
C VAL D 435 29.99 -27.54 -4.73
N LEU D 436 29.15 -28.19 -3.92
CA LEU D 436 29.40 -29.60 -3.59
C LEU D 436 29.35 -30.48 -4.84
N PHE D 437 28.37 -30.25 -5.71
CA PHE D 437 28.24 -31.06 -6.91
C PHE D 437 29.47 -30.92 -7.80
N PHE D 438 29.98 -29.71 -7.94
CA PHE D 438 31.17 -29.53 -8.77
C PHE D 438 32.43 -30.05 -8.11
N ILE D 439 32.50 -30.01 -6.77
CA ILE D 439 33.66 -30.55 -6.07
C ILE D 439 33.73 -32.06 -6.23
N MET D 440 32.58 -32.73 -6.24
CA MET D 440 32.58 -34.18 -6.43
C MET D 440 33.20 -34.55 -7.78
N LEU D 441 32.78 -33.86 -8.85
CA LEU D 441 33.37 -34.11 -10.16
C LEU D 441 34.83 -33.71 -10.21
N PHE D 442 35.21 -32.64 -9.49
CA PHE D 442 36.62 -32.29 -9.39
C PHE D 442 37.44 -33.45 -8.84
N CYS D 443 36.97 -34.06 -7.75
CA CYS D 443 37.71 -35.16 -7.15
C CYS D 443 37.76 -36.38 -8.06
N LEU D 444 36.65 -36.70 -8.72
CA LEU D 444 36.65 -37.84 -9.63
C LEU D 444 37.63 -37.62 -10.79
N GLY D 445 37.62 -36.42 -11.37
CA GLY D 445 38.56 -36.11 -12.43
C GLY D 445 39.99 -36.13 -11.94
N LEU D 446 40.22 -35.69 -10.70
CA LEU D 446 41.56 -35.74 -10.14
C LEU D 446 42.06 -37.17 -10.00
N SER D 447 41.19 -38.07 -9.55
CA SER D 447 41.58 -39.48 -9.44
C SER D 447 41.91 -40.07 -10.81
N SER D 448 41.06 -39.78 -11.80
CA SER D 448 41.35 -40.27 -13.15
C SER D 448 42.66 -39.70 -13.68
N MET D 449 42.93 -38.43 -13.42
CA MET D 449 44.17 -37.82 -13.87
C MET D 449 45.37 -38.39 -13.15
N PHE D 450 45.24 -38.73 -11.87
CA PHE D 450 46.33 -39.41 -11.17
C PHE D 450 46.67 -40.72 -11.85
N GLY D 451 45.65 -41.54 -12.12
CA GLY D 451 45.90 -42.81 -12.77
C GLY D 451 46.53 -42.63 -14.15
N ASN D 452 46.00 -41.70 -14.94
CA ASN D 452 46.52 -41.47 -16.27
C ASN D 452 47.95 -40.97 -16.24
N MET D 453 48.26 -40.05 -15.31
CA MET D 453 49.61 -39.52 -15.22
C MET D 453 50.60 -40.58 -14.77
N GLU D 454 50.19 -41.46 -13.86
CA GLU D 454 51.08 -42.55 -13.48
C GLU D 454 51.35 -43.47 -14.67
N GLY D 455 50.30 -43.83 -15.42
CA GLY D 455 50.47 -44.63 -16.61
C GLY D 455 51.27 -43.93 -17.70
N VAL D 456 51.34 -42.60 -17.65
CA VAL D 456 52.17 -41.85 -18.59
C VAL D 456 53.63 -41.87 -18.17
N VAL D 457 53.89 -41.60 -16.89
CA VAL D 457 55.27 -41.36 -16.46
C VAL D 457 56.03 -42.67 -16.23
N VAL D 458 55.34 -43.75 -15.86
CA VAL D 458 56.04 -45.00 -15.56
C VAL D 458 56.80 -45.55 -16.77
N PRO D 459 56.20 -45.67 -17.97
CA PRO D 459 56.97 -46.21 -19.10
C PRO D 459 58.20 -45.38 -19.46
N LEU D 460 58.12 -44.06 -19.32
CA LEU D 460 59.27 -43.22 -19.64
C LEU D 460 60.42 -43.47 -18.67
N GLN D 461 60.11 -43.59 -17.37
CA GLN D 461 61.15 -43.90 -16.39
C GLN D 461 61.71 -45.29 -16.62
N ASP D 462 60.84 -46.25 -16.95
CA ASP D 462 61.30 -47.62 -17.19
C ASP D 462 62.19 -47.71 -18.43
N LEU D 463 61.94 -46.86 -19.43
CA LEU D 463 62.78 -46.86 -20.61
C LEU D 463 64.18 -46.32 -20.32
N ARG D 464 64.35 -45.59 -19.22
CA ARG D 464 65.66 -45.08 -18.78
C ARG D 464 66.30 -44.19 -19.84
N VAL D 465 65.48 -43.40 -20.55
CA VAL D 465 66.03 -42.43 -21.49
C VAL D 465 66.71 -41.30 -20.73
N ILE D 466 66.10 -40.82 -19.67
CA ILE D 466 66.62 -39.70 -18.90
C ILE D 466 67.72 -40.18 -17.95
N PRO D 467 68.91 -39.59 -17.99
CA PRO D 467 69.97 -39.97 -17.07
C PRO D 467 69.64 -39.53 -15.65
N PRO D 468 70.44 -39.93 -14.65
CA PRO D 468 70.22 -39.39 -13.30
C PRO D 468 70.28 -37.87 -13.25
N LYS D 469 71.17 -37.26 -14.04
CA LYS D 469 71.12 -35.82 -14.23
C LYS D 469 69.80 -35.45 -14.91
N TRP D 470 69.24 -34.30 -14.50
CA TRP D 470 67.85 -33.97 -14.82
C TRP D 470 66.94 -35.05 -14.25
N PRO D 471 66.76 -35.09 -12.93
CA PRO D 471 65.99 -36.19 -12.31
C PRO D 471 64.52 -36.20 -12.70
N LYS D 472 63.78 -37.15 -12.13
CA LYS D 472 62.39 -37.38 -12.55
C LYS D 472 61.50 -36.17 -12.33
N GLU D 473 61.85 -35.27 -11.41
CA GLU D 473 61.04 -34.07 -11.19
C GLU D 473 60.97 -33.21 -12.45
N VAL D 474 62.14 -32.92 -13.04
CA VAL D 474 62.14 -32.10 -14.25
C VAL D 474 61.58 -32.89 -15.43
N LEU D 475 61.67 -34.21 -15.39
CA LEU D 475 61.04 -35.03 -16.44
C LEU D 475 59.53 -34.86 -16.41
N THR D 476 58.93 -34.97 -15.22
CA THR D 476 57.51 -34.73 -15.08
C THR D 476 57.16 -33.30 -15.45
N GLY D 477 58.01 -32.35 -15.07
CA GLY D 477 57.76 -30.96 -15.44
C GLY D 477 57.70 -30.76 -16.94
N LEU D 478 58.68 -31.31 -17.66
CA LEU D 478 58.71 -31.12 -19.11
C LEU D 478 57.57 -31.85 -19.80
N ILE D 479 57.23 -33.05 -19.34
CA ILE D 479 56.12 -33.76 -19.98
C ILE D 479 54.79 -33.06 -19.70
N CYS D 480 54.60 -32.54 -18.48
CA CYS D 480 53.39 -31.82 -18.17
C CYS D 480 53.30 -30.53 -18.97
N LEU D 481 54.42 -29.83 -19.15
CA LEU D 481 54.43 -28.64 -20.00
C LEU D 481 54.08 -29.00 -21.44
N GLY D 482 54.61 -30.12 -21.93
CA GLY D 482 54.27 -30.55 -23.29
C GLY D 482 52.78 -30.82 -23.46
N THR D 483 52.19 -31.53 -22.50
CA THR D 483 50.74 -31.74 -22.55
C THR D 483 49.98 -30.42 -22.47
N PHE D 484 50.40 -29.51 -21.60
CA PHE D 484 49.72 -28.23 -21.48
C PHE D 484 49.77 -27.46 -22.80
N LEU D 485 50.92 -27.45 -23.46
CA LEU D 485 51.06 -26.72 -24.71
C LEU D 485 50.27 -27.39 -25.84
N ILE D 486 50.28 -28.72 -25.90
CA ILE D 486 49.54 -29.40 -26.96
C ILE D 486 48.03 -29.30 -26.72
N GLY D 487 47.61 -29.06 -25.48
CA GLY D 487 46.19 -28.91 -25.20
C GLY D 487 45.59 -27.59 -25.62
N PHE D 488 46.36 -26.70 -26.26
CA PHE D 488 45.83 -25.42 -26.70
C PHE D 488 44.74 -25.56 -27.76
N ILE D 489 44.71 -26.70 -28.47
CA ILE D 489 43.77 -26.87 -29.57
C ILE D 489 42.33 -26.80 -29.06
N PHE D 490 42.05 -27.45 -27.94
CA PHE D 490 40.70 -27.50 -27.40
C PHE D 490 40.27 -26.16 -26.79
N THR D 491 41.18 -25.21 -26.63
CA THR D 491 40.83 -23.89 -26.14
C THR D 491 40.27 -22.98 -27.23
N LEU D 492 40.32 -23.41 -28.49
CA LEU D 492 39.77 -22.62 -29.58
C LEU D 492 38.25 -22.55 -29.46
N ASN D 493 37.67 -21.58 -30.20
CA ASN D 493 36.23 -21.39 -30.14
C ASN D 493 35.49 -22.63 -30.64
N SER D 494 35.95 -23.21 -31.74
CA SER D 494 35.36 -24.42 -32.29
C SER D 494 35.99 -25.69 -31.74
N GLY D 495 36.92 -25.57 -30.79
CA GLY D 495 37.63 -26.74 -30.29
C GLY D 495 36.72 -27.78 -29.68
N GLN D 496 35.58 -27.36 -29.12
CA GLN D 496 34.60 -28.31 -28.60
C GLN D 496 34.23 -29.34 -29.66
N TYR D 497 34.06 -28.91 -30.90
CA TYR D 497 33.74 -29.84 -31.98
C TYR D 497 34.81 -30.91 -32.10
N TRP D 498 36.09 -30.53 -32.00
CA TRP D 498 37.17 -31.51 -32.02
C TRP D 498 36.92 -32.60 -30.98
N LEU D 499 36.53 -32.20 -29.77
CA LEU D 499 36.27 -33.18 -28.73
C LEU D 499 35.18 -34.16 -29.18
N SER D 500 34.13 -33.64 -29.81
CA SER D 500 33.06 -34.51 -30.28
C SER D 500 33.57 -35.52 -31.30
N LEU D 501 34.57 -35.16 -32.10
CA LEU D 501 35.11 -36.10 -33.07
C LEU D 501 36.27 -36.91 -32.52
N LEU D 502 36.70 -36.65 -31.28
CA LEU D 502 37.80 -37.39 -30.69
C LEU D 502 37.33 -38.35 -29.59
N ASP D 503 36.36 -37.93 -28.79
CA ASP D 503 35.86 -38.78 -27.70
C ASP D 503 35.29 -40.07 -28.24
N SER D 504 34.59 -40.02 -29.38
CA SER D 504 34.03 -41.22 -29.99
C SER D 504 35.10 -42.09 -30.65
N TYR D 505 36.33 -41.61 -30.76
CA TYR D 505 37.39 -42.36 -31.42
C TYR D 505 38.52 -42.79 -30.49
N ALA D 506 38.78 -42.03 -29.42
CA ALA D 506 39.81 -42.44 -28.47
C ALA D 506 39.45 -43.73 -27.77
N GLY D 507 38.17 -43.90 -27.41
CA GLY D 507 37.71 -45.10 -26.73
C GLY D 507 37.18 -46.14 -27.70
N SER D 508 37.57 -46.03 -28.97
CA SER D 508 37.10 -46.92 -30.02
C SER D 508 37.85 -48.24 -30.00
N ILE D 509 37.74 -49.00 -31.09
CA ILE D 509 38.33 -50.34 -31.19
C ILE D 509 39.85 -50.37 -31.00
N PRO D 510 40.64 -49.27 -31.22
CA PRO D 510 42.06 -49.33 -30.85
C PRO D 510 42.28 -49.96 -29.47
N LEU D 511 41.52 -49.49 -28.48
CA LEU D 511 41.57 -50.10 -27.16
C LEU D 511 41.16 -51.57 -27.22
N LEU D 512 40.12 -51.88 -27.99
CA LEU D 512 39.67 -53.27 -28.08
C LEU D 512 40.72 -54.15 -28.73
N ILE D 513 41.36 -53.69 -29.80
CA ILE D 513 42.34 -54.52 -30.49
C ILE D 513 43.59 -54.70 -29.63
N ILE D 514 44.02 -53.66 -28.92
CA ILE D 514 45.21 -53.82 -28.07
C ILE D 514 44.89 -54.78 -26.93
N ALA D 515 43.67 -54.71 -26.39
CA ALA D 515 43.26 -55.65 -25.38
C ALA D 515 43.28 -57.08 -25.90
N PHE D 516 42.59 -57.33 -27.03
CA PHE D 516 42.51 -58.68 -27.55
C PHE D 516 43.92 -59.24 -27.78
N CYS D 517 44.82 -58.42 -28.32
CA CYS D 517 46.21 -58.85 -28.43
C CYS D 517 46.78 -59.20 -27.07
N GLU D 518 46.48 -58.38 -26.05
CA GLU D 518 47.09 -58.59 -24.75
C GLU D 518 46.68 -59.93 -24.15
N MET D 519 45.38 -60.17 -24.06
CA MET D 519 44.91 -61.44 -23.52
C MET D 519 45.39 -62.60 -24.38
N PHE D 520 45.25 -62.48 -25.70
CA PHE D 520 45.62 -63.60 -26.57
C PHE D 520 47.07 -63.99 -26.36
N SER D 521 47.97 -63.01 -26.27
CA SER D 521 49.38 -63.29 -26.02
C SER D 521 49.57 -63.88 -24.62
N VAL D 522 48.87 -63.36 -23.62
CA VAL D 522 49.04 -63.87 -22.26
C VAL D 522 48.58 -65.33 -22.16
N VAL D 523 47.44 -65.65 -22.79
CA VAL D 523 46.86 -66.98 -22.62
C VAL D 523 47.39 -67.98 -23.64
N TYR D 524 48.07 -67.53 -24.70
CA TYR D 524 48.49 -68.45 -25.75
C TYR D 524 50.01 -68.46 -25.97
N VAL D 525 50.77 -67.63 -25.27
CA VAL D 525 52.23 -67.61 -25.36
C VAL D 525 52.86 -67.91 -24.01
N TYR D 526 52.49 -67.16 -22.98
CA TYR D 526 52.89 -67.51 -21.62
C TYR D 526 52.26 -68.83 -21.21
N GLY D 527 53.06 -69.70 -20.59
CA GLY D 527 52.56 -70.99 -20.16
C GLY D 527 51.53 -70.86 -19.06
N VAL D 528 50.30 -71.33 -19.33
CA VAL D 528 49.27 -71.35 -18.30
C VAL D 528 49.65 -72.28 -17.16
N ASP D 529 50.51 -73.27 -17.43
CA ASP D 529 51.00 -74.14 -16.37
C ASP D 529 51.76 -73.34 -15.32
N ARG D 530 52.48 -72.31 -15.75
CA ARG D 530 53.17 -71.43 -14.80
C ARG D 530 52.17 -70.69 -13.92
N PHE D 531 51.09 -70.19 -14.52
CA PHE D 531 50.03 -69.57 -13.74
C PHE D 531 49.45 -70.55 -12.72
N ASN D 532 49.18 -71.78 -13.17
CA ASN D 532 48.61 -72.77 -12.27
C ASN D 532 49.56 -73.09 -11.11
N LYS D 533 50.86 -73.23 -11.41
CA LYS D 533 51.79 -73.61 -10.36
C LYS D 533 51.94 -72.49 -9.33
N ASP D 534 52.00 -71.22 -9.78
CA ASP D 534 52.15 -70.17 -8.77
C ASP D 534 50.85 -69.98 -7.98
N ILE D 535 49.69 -70.23 -8.61
CA ILE D 535 48.43 -70.17 -7.87
C ILE D 535 48.39 -71.26 -6.81
N GLU D 536 48.79 -72.48 -7.16
CA GLU D 536 48.84 -73.54 -6.18
C GLU D 536 49.89 -73.27 -5.11
N PHE D 537 50.94 -72.53 -5.46
CA PHE D 537 52.04 -72.20 -4.55
C PHE D 537 51.64 -71.16 -3.50
N MET D 538 50.94 -70.11 -3.93
CA MET D 538 50.85 -68.91 -3.09
C MET D 538 49.90 -69.13 -1.92
N ILE D 539 48.65 -69.47 -2.19
CA ILE D 539 47.70 -69.83 -1.12
C ILE D 539 47.01 -71.16 -1.34
N GLY D 540 46.86 -71.65 -2.57
CA GLY D 540 45.99 -72.79 -2.79
C GLY D 540 44.54 -72.35 -2.87
N HIS D 541 43.71 -72.91 -1.99
CA HIS D 541 42.28 -72.60 -1.92
C HIS D 541 41.60 -72.86 -3.28
N LYS D 542 41.54 -74.15 -3.62
CA LYS D 542 41.08 -74.60 -4.92
C LYS D 542 39.78 -73.89 -5.31
N PRO D 543 39.76 -73.20 -6.45
CA PRO D 543 38.51 -72.60 -6.91
C PRO D 543 37.74 -73.55 -7.81
N ASN D 544 36.58 -73.07 -8.27
CA ASN D 544 35.75 -73.87 -9.15
C ASN D 544 36.47 -74.12 -10.48
N ILE D 545 36.35 -75.35 -10.96
CA ILE D 545 37.00 -75.73 -12.23
C ILE D 545 36.36 -74.98 -13.39
N PHE D 546 35.04 -74.77 -13.32
CA PHE D 546 34.34 -74.10 -14.42
C PHE D 546 34.81 -72.66 -14.60
N TRP D 547 35.21 -71.99 -13.52
CA TRP D 547 35.74 -70.64 -13.65
C TRP D 547 37.02 -70.64 -14.49
N GLN D 548 37.93 -71.57 -14.21
CA GLN D 548 39.14 -71.67 -15.02
C GLN D 548 38.83 -72.13 -16.44
N VAL D 549 37.82 -72.97 -16.61
CA VAL D 549 37.43 -73.41 -17.96
C VAL D 549 36.97 -72.22 -18.78
N THR D 550 36.14 -71.36 -18.20
CA THR D 550 35.77 -70.12 -18.86
C THR D 550 36.98 -69.22 -19.05
N TRP D 551 37.93 -69.25 -18.12
CA TRP D 551 39.15 -68.47 -18.25
C TRP D 551 39.91 -68.81 -19.52
N ARG D 552 40.19 -70.10 -19.73
CA ARG D 552 41.11 -70.49 -20.80
C ARG D 552 40.52 -70.34 -22.19
N VAL D 553 39.28 -70.77 -22.41
CA VAL D 553 38.67 -70.82 -23.73
C VAL D 553 37.33 -70.08 -23.68
N VAL D 554 36.68 -70.04 -24.85
CA VAL D 554 35.35 -69.44 -25.02
C VAL D 554 35.42 -67.94 -24.75
N SER D 555 35.73 -67.55 -23.52
CA SER D 555 35.78 -66.13 -23.18
C SER D 555 36.82 -65.35 -23.96
N PRO D 556 38.09 -65.79 -24.06
CA PRO D 556 39.09 -64.95 -24.73
C PRO D 556 38.72 -64.59 -26.16
N LEU D 557 37.94 -65.43 -26.83
CA LEU D 557 37.54 -65.15 -28.21
C LEU D 557 36.10 -64.70 -28.35
N LEU D 558 35.34 -64.57 -27.25
CA LEU D 558 33.91 -64.30 -27.38
C LEU D 558 33.64 -62.99 -28.14
N MET D 559 34.53 -62.01 -28.00
CA MET D 559 34.32 -60.73 -28.65
C MET D 559 34.76 -60.72 -30.11
N LEU D 560 35.53 -61.73 -30.55
CA LEU D 560 36.07 -61.72 -31.90
C LEU D 560 34.97 -61.49 -32.94
N ILE D 561 33.86 -62.21 -32.80
CA ILE D 561 32.77 -62.10 -33.76
C ILE D 561 32.30 -60.65 -33.86
N ILE D 562 32.13 -59.98 -32.72
CA ILE D 562 31.54 -58.64 -32.75
C ILE D 562 32.46 -57.67 -33.47
N PHE D 563 33.73 -58.03 -33.65
CA PHE D 563 34.62 -57.19 -34.41
C PHE D 563 34.10 -56.98 -35.83
N LEU D 564 33.71 -58.07 -36.50
CA LEU D 564 33.19 -57.88 -37.86
C LEU D 564 31.84 -57.17 -37.83
N PHE D 565 31.20 -57.10 -36.66
CA PHE D 565 30.00 -56.28 -36.52
C PHE D 565 30.26 -54.83 -36.88
N PHE D 566 31.50 -54.35 -36.69
CA PHE D 566 31.82 -52.99 -37.09
C PHE D 566 31.65 -52.78 -38.59
N PHE D 567 31.80 -53.84 -39.38
CA PHE D 567 31.47 -53.74 -40.79
C PHE D 567 30.02 -53.30 -40.98
N VAL D 568 29.10 -53.93 -40.23
CA VAL D 568 27.71 -53.49 -40.25
C VAL D 568 27.59 -52.05 -39.77
N VAL D 569 28.43 -51.66 -38.82
CA VAL D 569 28.43 -50.27 -38.36
C VAL D 569 28.90 -49.33 -39.47
N GLU D 570 29.79 -49.80 -40.34
CA GLU D 570 30.37 -48.91 -41.35
C GLU D 570 29.33 -48.46 -42.36
N VAL D 571 28.43 -49.37 -42.79
CA VAL D 571 27.44 -49.01 -43.80
C VAL D 571 26.43 -48.02 -43.24
N SER D 572 26.27 -47.96 -41.91
CA SER D 572 25.33 -47.03 -41.28
C SER D 572 25.94 -45.64 -41.29
N GLN D 573 25.93 -45.02 -42.46
CA GLN D 573 26.54 -43.71 -42.66
C GLN D 573 25.60 -42.62 -42.15
N GLU D 574 25.66 -42.35 -40.86
CA GLU D 574 24.87 -41.29 -40.23
C GLU D 574 25.76 -40.40 -39.37
N LEU D 575 27.03 -40.31 -39.72
CA LEU D 575 27.97 -39.51 -38.96
C LEU D 575 27.67 -38.02 -39.13
N THR D 576 27.61 -37.30 -38.01
CA THR D 576 27.33 -35.88 -38.01
C THR D 576 27.65 -35.32 -36.63
N TYR D 577 27.78 -34.00 -36.55
CA TYR D 577 28.00 -33.32 -35.29
C TYR D 577 27.05 -32.13 -35.18
N SER D 578 26.41 -32.01 -34.02
CA SER D 578 25.44 -30.94 -33.81
C SER D 578 26.14 -29.59 -33.71
N ILE D 579 25.46 -28.55 -34.19
CA ILE D 579 25.98 -27.20 -34.17
C ILE D 579 24.97 -26.29 -33.48
N TRP D 580 25.49 -25.27 -32.79
CA TRP D 580 24.62 -24.27 -32.18
C TRP D 580 23.80 -23.53 -33.24
N ASP D 581 24.47 -23.02 -34.27
CA ASP D 581 23.85 -22.37 -35.42
C ASP D 581 22.90 -21.26 -35.00
N PRO D 582 23.41 -20.15 -34.45
CA PRO D 582 22.50 -19.06 -34.04
C PRO D 582 21.74 -18.44 -35.20
N GLY D 583 22.36 -18.32 -36.37
CA GLY D 583 21.72 -17.72 -37.53
C GLY D 583 20.97 -18.73 -38.37
N TYR D 584 19.86 -19.23 -37.84
CA TYR D 584 19.12 -20.32 -38.47
C TYR D 584 17.77 -20.41 -37.77
N GLU D 585 16.68 -20.44 -38.55
CA GLU D 585 15.36 -20.51 -37.96
C GLU D 585 15.20 -21.83 -37.20
N GLU D 586 14.13 -21.89 -36.41
CA GLU D 586 13.98 -22.85 -35.31
C GLU D 586 15.31 -23.05 -34.59
N PHE D 587 15.84 -21.92 -34.13
CA PHE D 587 17.17 -21.91 -33.51
C PHE D 587 17.30 -22.84 -32.31
N PRO D 588 16.34 -22.93 -31.37
CA PRO D 588 16.51 -23.90 -30.28
C PRO D 588 16.28 -25.33 -30.73
N LYS D 589 17.05 -25.80 -31.70
CA LYS D 589 16.94 -27.15 -32.22
C LYS D 589 18.35 -27.68 -32.49
N SER D 590 18.43 -28.80 -33.20
CA SER D 590 19.68 -29.44 -33.55
C SER D 590 19.93 -29.33 -35.05
N GLN D 591 21.20 -29.40 -35.43
CA GLN D 591 21.61 -29.30 -36.82
C GLN D 591 22.38 -30.53 -37.24
N LYS D 592 22.06 -31.04 -38.43
CA LYS D 592 22.75 -32.17 -39.02
C LYS D 592 23.52 -31.66 -40.23
N ILE D 593 24.86 -31.74 -40.16
CA ILE D 593 25.74 -31.20 -41.18
C ILE D 593 26.67 -32.27 -41.73
N SER D 594 26.72 -33.44 -41.10
CA SER D 594 27.63 -34.54 -41.43
C SER D 594 29.06 -34.05 -41.18
N TYR D 595 30.03 -34.39 -42.02
CA TYR D 595 31.40 -34.02 -41.76
C TYR D 595 32.12 -33.75 -43.08
N PRO D 596 32.90 -32.68 -43.16
CA PRO D 596 33.74 -32.47 -44.35
C PRO D 596 34.74 -33.62 -44.51
N ASN D 597 34.97 -34.00 -45.76
CA ASN D 597 35.89 -35.11 -46.04
C ASN D 597 37.34 -34.72 -45.81
N TRP D 598 37.65 -33.42 -45.78
CA TRP D 598 39.03 -32.99 -45.61
C TRP D 598 39.57 -33.30 -44.21
N VAL D 599 38.68 -33.49 -43.22
CA VAL D 599 39.11 -33.97 -41.91
C VAL D 599 39.10 -35.48 -41.81
N TYR D 600 38.58 -36.18 -42.83
CA TYR D 600 38.49 -37.64 -42.78
C TYR D 600 39.87 -38.27 -42.65
N VAL D 601 40.90 -37.63 -43.22
CA VAL D 601 42.25 -38.15 -43.09
C VAL D 601 42.70 -38.09 -41.63
N VAL D 602 42.29 -37.05 -40.91
CA VAL D 602 42.56 -36.99 -39.47
C VAL D 602 41.95 -38.20 -38.78
N VAL D 603 40.84 -38.70 -39.32
CA VAL D 603 40.21 -39.91 -38.79
C VAL D 603 41.21 -41.06 -38.75
N VAL D 604 41.97 -41.25 -39.84
CA VAL D 604 42.95 -42.34 -39.84
C VAL D 604 44.30 -41.92 -39.30
N ILE D 605 44.41 -40.70 -38.75
CA ILE D 605 45.66 -40.28 -38.13
C ILE D 605 45.66 -40.60 -36.65
N VAL D 606 44.58 -40.27 -35.95
CA VAL D 606 44.49 -40.58 -34.53
C VAL D 606 44.34 -42.07 -34.31
N ALA D 607 43.54 -42.74 -35.14
CA ALA D 607 43.27 -44.16 -35.01
C ALA D 607 43.81 -44.90 -36.23
N GLY D 608 44.39 -46.08 -35.98
CA GLY D 608 44.95 -46.92 -37.03
C GLY D 608 46.45 -47.06 -36.97
N VAL D 609 47.13 -46.15 -36.26
CA VAL D 609 48.58 -46.24 -36.13
C VAL D 609 49.04 -47.54 -35.47
N PRO D 610 48.46 -47.97 -34.34
CA PRO D 610 48.94 -49.22 -33.72
C PRO D 610 48.72 -50.46 -34.59
N SER D 611 47.82 -50.39 -35.57
CA SER D 611 47.47 -51.58 -36.35
C SER D 611 48.59 -51.99 -37.30
N LEU D 612 48.94 -51.11 -38.24
CA LEU D 612 49.88 -51.47 -39.30
C LEU D 612 51.34 -51.44 -38.86
N THR D 613 51.64 -50.86 -37.70
CA THR D 613 53.03 -50.79 -37.25
C THR D 613 53.50 -52.05 -36.54
N ILE D 614 52.61 -53.03 -36.33
CA ILE D 614 52.99 -54.23 -35.60
C ILE D 614 54.09 -55.03 -36.30
N PRO D 615 53.98 -55.39 -37.57
CA PRO D 615 54.97 -56.28 -38.18
C PRO D 615 56.21 -55.60 -38.74
N GLY D 616 56.38 -54.29 -38.55
CA GLY D 616 57.52 -53.62 -39.14
C GLY D 616 58.84 -53.98 -38.51
N TYR D 617 59.06 -53.53 -37.27
CA TYR D 617 60.36 -53.71 -36.63
C TYR D 617 60.61 -55.18 -36.30
N ALA D 618 59.58 -55.90 -35.85
CA ALA D 618 59.76 -57.28 -35.44
C ALA D 618 60.18 -58.16 -36.62
N ILE D 619 59.42 -58.11 -37.71
CA ILE D 619 59.78 -58.91 -38.88
C ILE D 619 61.06 -58.37 -39.51
N TYR D 620 61.31 -57.06 -39.38
CA TYR D 620 62.54 -56.50 -39.93
C TYR D 620 63.77 -57.11 -39.25
N LYS D 621 63.77 -57.18 -37.92
CA LYS D 621 64.88 -57.82 -37.23
C LYS D 621 64.87 -59.33 -37.43
N LEU D 622 63.68 -59.93 -37.61
CA LEU D 622 63.61 -61.35 -37.87
C LEU D 622 64.32 -61.72 -39.16
N ILE D 623 64.15 -60.90 -40.21
CA ILE D 623 64.83 -61.16 -41.47
C ILE D 623 66.25 -60.61 -41.49
N ARG D 624 66.56 -59.63 -40.64
CA ARG D 624 67.93 -59.11 -40.57
C ARG D 624 68.86 -60.10 -39.89
N ASN D 625 68.41 -60.67 -38.76
CA ASN D 625 69.25 -61.62 -38.03
C ASN D 625 69.48 -62.89 -38.85
N HIS D 626 68.46 -63.34 -39.57
CA HIS D 626 68.58 -64.53 -40.41
C HIS D 626 69.52 -64.29 -41.58
C1 NAG E . -48.78 55.38 -12.72
C2 NAG E . -49.54 55.60 -14.00
C3 NAG E . -50.89 56.10 -13.77
C4 NAG E . -50.86 57.37 -13.01
C5 NAG E . -50.15 57.20 -11.61
C6 NAG E . -51.09 57.37 -10.58
C7 NAG E . -48.37 56.27 -16.19
C8 NAG E . -48.69 54.89 -16.75
N2 NAG E . -48.78 56.62 -14.85
O3 NAG E . -51.64 55.08 -12.99
O4 NAG E . -50.15 58.31 -13.79
O5 NAG E . -49.57 55.78 -11.54
O6 NAG E . -51.72 56.14 -10.34
O7 NAG E . -47.78 57.06 -16.85
C1 NAG E . -50.24 59.61 -13.18
C2 NAG E . -49.36 60.56 -13.96
C3 NAG E . -49.42 61.92 -13.45
C4 NAG E . -50.80 62.44 -13.34
C5 NAG E . -51.75 61.48 -12.54
C6 NAG E . -53.09 61.94 -12.63
C7 NAG E . -47.12 59.94 -15.09
C8 NAG E . -47.71 60.32 -16.45
N2 NAG E . -47.93 60.05 -13.89
O3 NAG E . -48.65 62.80 -14.36
O4 NAG E . -50.77 63.70 -12.68
O5 NAG E . -51.64 60.09 -13.16
O6 NAG E . -53.65 61.90 -11.35
O7 NAG E . -46.01 59.55 -15.02
C1 NAG F . -13.39 82.16 -2.16
C2 NAG F . -12.72 82.51 -0.84
C3 NAG F . -12.02 83.77 -0.90
C4 NAG F . -12.83 84.83 -1.54
C5 NAG F . -13.17 84.50 -3.03
C6 NAG F . -12.37 85.27 -3.90
C7 NAG F . -14.11 81.51 1.10
C8 NAG F . -13.34 80.20 0.97
N2 NAG F . -13.82 82.63 0.23
O3 NAG F . -10.77 83.58 -1.69
O4 NAG F . -14.06 84.94 -0.81
O5 NAG F . -12.90 83.01 -3.26
O6 NAG F . -13.02 85.37 -5.13
O7 NAG F . -14.95 81.61 1.93
C1 NAG F . -14.63 86.25 -1.01
C2 NAG F . -16.11 86.08 -1.23
C3 NAG F . -16.82 87.35 -1.32
C4 NAG F . -16.57 88.20 -0.14
C5 NAG F . -15.05 88.48 0.08
C6 NAG F . -14.86 89.18 1.28
C7 NAG F . -16.74 83.93 -2.52
C8 NAG F . -16.97 83.22 -1.18
N2 NAG F . -16.32 85.32 -2.55
O3 NAG F . -18.27 87.06 -1.40
O4 NAG F . -17.23 89.45 -0.33
O5 NAG F . -14.34 87.12 0.15
O6 NAG F . -14.38 90.46 0.98
O7 NAG F . -16.91 83.34 -3.54
C1 NAG G . -6.33 61.77 -14.28
C2 NAG G . -5.32 62.60 -13.56
C3 NAG G . -4.64 63.54 -14.45
C4 NAG G . -3.95 62.81 -15.55
C5 NAG G . -4.92 61.90 -16.36
C6 NAG G . -4.20 61.08 -17.26
C7 NAG G . -5.48 63.37 -11.11
C8 NAG G . -4.21 62.58 -10.81
N2 NAG G . -6.03 63.39 -12.46
O3 NAG G . -3.69 64.32 -13.64
O4 NAG G . -3.36 63.74 -16.45
O5 NAG G . -5.69 61.01 -15.37
O6 NAG G . -4.66 61.34 -18.55
O7 NAG G . -6.02 63.98 -10.25
C1 NAG G . -1.93 63.75 -16.32
C2 NAG G . -1.29 63.98 -17.68
C3 NAG G . 0.23 63.99 -17.57
C4 NAG G . 0.68 64.94 -16.47
C5 NAG G . -0.09 64.67 -15.18
C6 NAG G . 0.30 65.68 -14.11
C7 NAG G . -2.52 63.21 -19.61
C8 NAG G . -3.00 64.63 -19.71
N2 NAG G . -1.70 62.94 -18.59
O3 NAG G . 0.79 64.42 -18.82
O4 NAG G . 2.08 64.78 -16.24
O5 NAG G . -1.48 64.77 -15.43
O6 NAG G . 0.17 67.00 -14.64
O7 NAG G . -2.86 62.35 -20.41
C1 NAG H . -66.25 31.41 -16.02
C2 NAG H . -67.04 31.38 -14.74
C3 NAG H . -67.47 32.70 -14.32
C4 NAG H . -66.33 33.64 -14.17
C5 NAG H . -65.44 33.72 -15.45
C6 NAG H . -64.25 34.44 -15.18
C7 NAG H . -68.45 29.31 -14.12
C8 NAG H . -67.41 28.94 -13.07
N2 NAG H . -68.27 30.50 -14.93
O3 NAG H . -68.17 32.59 -13.02
O4 NAG H . -66.84 34.94 -13.88
O5 NAG H . -65.07 32.29 -15.87
O6 NAG H . -63.39 33.60 -14.45
O7 NAG H . -69.41 28.63 -14.27
C1 NAG H . -66.46 35.32 -12.54
C2 NAG H . -67.64 35.98 -11.89
C3 NAG H . -67.79 35.63 -10.49
C4 NAG H . -66.50 35.59 -9.75
C5 NAG H . -65.49 34.56 -10.36
C6 NAG H . -65.41 33.41 -9.54
C7 NAG H . -68.57 38.30 -12.53
C8 NAG H . -69.85 37.63 -12.98
N2 NAG H . -67.48 37.50 -12.00
O3 NAG H . -68.42 34.28 -10.41
O4 NAG H . -65.91 36.88 -9.80
O5 NAG H . -66.01 34.16 -11.75
O6 NAG H . -64.10 33.30 -9.07
O7 NAG H . -68.45 39.47 -12.63
C1 NAG I . -16.26 20.09 -22.50
C2 NAG I . -16.34 21.58 -22.65
C3 NAG I . -16.58 21.99 -24.01
C4 NAG I . -15.56 21.45 -24.95
C5 NAG I . -15.45 19.90 -24.86
C6 NAG I . -14.33 19.45 -25.60
C7 NAG I . -17.21 22.90 -20.61
C8 NAG I . -15.77 23.26 -20.24
N2 NAG I . -17.48 22.09 -21.77
O3 NAG I . -16.57 23.46 -24.04
O4 NAG I . -15.97 21.75 -26.29
O5 NAG I . -15.25 19.52 -23.40
O6 NAG I . -14.25 18.06 -25.46
O7 NAG I . -18.11 23.29 -19.93
C1 NAG I . -15.27 22.91 -26.80
C2 NAG I . -14.76 22.60 -28.18
C3 NAG I . -14.13 23.74 -28.79
C4 NAG I . -15.05 24.89 -28.89
C5 NAG I . -15.61 25.32 -27.49
C6 NAG I . -16.65 26.26 -27.66
C7 NAG I . -13.76 20.37 -29.02
C8 NAG I . -14.84 20.32 -30.11
N2 NAG I . -13.73 21.47 -28.08
O3 NAG I . -13.69 23.37 -30.16
O4 NAG I . -14.36 26.00 -29.46
O5 NAG I . -16.18 24.07 -26.81
O6 NAG I . -16.10 27.54 -27.55
O7 NAG I . -12.96 19.51 -28.95
C1 NAG J . -15.30 -28.97 -28.95
C2 NAG J . -16.74 -28.92 -29.36
C3 NAG J . -16.91 -28.52 -30.74
C4 NAG J . -16.09 -29.33 -31.68
C5 NAG J . -14.57 -29.31 -31.32
C6 NAG J . -13.83 -28.68 -32.35
C7 NAG J . -17.80 -30.74 -27.86
C8 NAG J . -18.40 -32.13 -27.68
N2 NAG J . -17.35 -30.31 -29.17
O3 NAG J . -16.49 -27.10 -30.87
O4 NAG J . -16.56 -30.68 -31.63
O5 NAG J . -14.40 -28.50 -30.02
O6 NAG J . -14.48 -28.91 -33.57
O7 NAG J . -17.70 -30.00 -26.93
C1 NAG J . -17.52 -30.85 -32.70
C2 NAG J . -16.76 -31.32 -33.92
C3 NAG J . -17.30 -32.52 -34.53
C4 NAG J . -17.37 -33.63 -33.56
C5 NAG J . -18.25 -33.29 -32.31
C6 NAG J . -17.57 -33.64 -31.13
C7 NAG J . -17.72 -29.49 -35.66
C8 NAG J . -19.21 -29.80 -35.47
N2 NAG J . -16.64 -30.18 -34.96
O3 NAG J . -16.42 -32.91 -35.65
O4 NAG J . -17.92 -34.76 -34.22
O5 NAG J . -18.59 -31.79 -32.31
O6 NAG J . -17.77 -35.02 -30.90
O7 NAG J . -17.42 -28.64 -36.44
C1 NAG K . -29.65 14.65 10.33
C2 NAG K . -30.90 13.82 10.40
C3 NAG K . -31.67 14.17 11.56
C4 NAG K . -30.99 13.69 12.78
C5 NAG K . -29.53 14.23 12.91
C6 NAG K . -28.64 13.17 13.20
C7 NAG K . -31.81 13.11 8.09
C8 NAG K . -31.05 11.79 8.22
N2 NAG K . -31.73 14.09 9.15
O3 NAG K . -33.00 13.53 11.46
O4 NAG K . -31.72 14.15 13.91
O5 NAG K . -29.07 14.98 11.65
O6 NAG K . -27.76 13.61 14.20
O7 NAG K . -32.45 13.33 7.13
C1 NAG K . -31.97 13.04 14.80
C2 NAG K . -31.73 13.50 16.20
C3 NAG K . -32.66 14.54 16.58
C4 NAG K . -34.07 14.13 16.48
C5 NAG K . -34.47 13.44 15.12
C6 NAG K . -34.80 14.41 14.13
C7 NAG K . -30.79 11.54 17.60
C8 NAG K . -29.38 11.89 17.12
N2 NAG K . -31.93 12.32 17.15
O3 NAG K . -32.43 15.73 15.71
O4 NAG K . -34.35 13.22 17.53
O5 NAG K . -33.34 12.53 14.63
O6 NAG K . -35.95 13.99 13.46
O7 NAG K . -30.96 10.63 18.33
C1 NAG L . -35.79 47.87 40.42
C2 NAG L . -34.54 47.12 40.79
C3 NAG L . -34.54 46.54 42.12
C4 NAG L . -34.93 47.52 43.16
C5 NAG L . -36.37 48.06 42.87
C6 NAG L . -36.76 49.00 43.84
C7 NAG L . -33.74 46.22 38.50
C8 NAG L . -33.55 45.08 37.52
N2 NAG L . -34.35 45.98 39.79
O3 NAG L . -33.18 46.04 42.41
O4 NAG L . -34.88 46.90 44.44
O5 NAG L . -36.30 48.73 41.49
O6 NAG L . -36.83 50.26 43.22
O7 NAG L . -33.39 47.32 38.21
C1 NAG L . -33.85 47.54 45.24
C2 NAG L . -33.49 46.63 46.38
C3 NAG L . -32.36 47.09 47.19
C4 NAG L . -31.18 47.49 46.37
C5 NAG L . -31.54 48.50 45.24
C6 NAG L . -30.42 48.76 44.43
C7 NAG L . -35.49 47.28 48.05
C8 NAG L . -35.23 48.78 48.13
N2 NAG L . -34.71 46.33 47.26
O3 NAG L . -31.96 46.02 48.11
O4 NAG L . -30.22 48.08 47.23
O5 NAG L . -32.67 47.87 44.41
O6 NAG L . -30.36 47.77 43.43
O7 NAG L . -36.41 46.84 48.67
C1 NAG M . -43.74 76.58 10.14
C2 NAG M . -44.28 77.81 10.84
C3 NAG M . -45.45 77.57 11.68
C4 NAG M . -46.46 76.72 11.03
C5 NAG M . -45.85 75.34 10.62
C6 NAG M . -46.81 74.48 10.06
C7 NAG M . -42.61 79.67 11.48
C8 NAG M . -43.12 80.51 10.32
N2 NAG M . -43.17 78.35 11.73
O3 NAG M . -46.05 78.88 12.01
O4 NAG M . -47.56 76.52 11.92
O5 NAG M . -44.79 75.70 9.59
O6 NAG M . -46.70 73.25 10.71
O7 NAG M . -41.74 80.08 12.18
C1 NAG M . -48.75 77.10 11.35
C2 NAG M . -49.31 78.11 12.33
C3 NAG M . -50.50 78.78 11.83
C4 NAG M . -50.30 79.40 10.50
C5 NAG M . -49.72 78.40 9.44
C6 NAG M . -49.36 79.08 8.26
C7 NAG M . -50.54 76.31 13.79
C8 NAG M . -50.77 75.69 15.17
N2 NAG M . -49.62 77.42 13.66
O3 NAG M . -50.88 79.84 12.79
O4 NAG M . -51.54 79.90 10.02
O5 NAG M . -48.48 77.75 10.05
O6 NAG M . -49.89 78.39 7.16
O7 NAG M . -51.13 75.87 12.87
C1 NAG N . -76.76 15.03 -42.63
C2 NAG N . -77.84 14.80 -43.66
C3 NAG N . -77.69 15.55 -44.89
C4 NAG N . -77.33 16.96 -44.67
C5 NAG N . -76.01 17.06 -43.84
C6 NAG N . -75.59 18.40 -43.67
C7 NAG N . -78.97 12.46 -43.73
C8 NAG N . -80.21 13.06 -43.06
N2 NAG N . -77.83 13.30 -44.02
O3 NAG N . -78.97 15.49 -45.65
O4 NAG N . -77.17 17.62 -45.92
O5 NAG N . -76.36 16.43 -42.49
O6 NAG N . -74.25 18.49 -44.02
O7 NAG N . -78.96 11.31 -44.01
C1 NAG N . -78.18 18.66 -46.04
C2 NAG N . -78.98 18.41 -47.29
C3 NAG N . -80.03 19.40 -47.48
C4 NAG N . -80.92 19.51 -46.30
C5 NAG N . -80.14 19.78 -44.98
C6 NAG N . -81.01 19.69 -43.87
C7 NAG N . -77.20 19.53 -48.90
C8 NAG N . -76.31 19.41 -50.12
N2 NAG N . -78.04 18.39 -48.51
O3 NAG N . -80.85 18.99 -48.66
O4 NAG N . -81.83 20.60 -46.52
O5 NAG N . -79.05 18.70 -44.85
O6 NAG N . -80.79 20.81 -43.05
O7 NAG N . -77.20 20.53 -48.27
C1 NAG O . 13.87 30.29 28.69
C2 NAG O . 13.69 31.76 28.93
C3 NAG O . 13.05 32.04 30.20
C4 NAG O . 13.73 31.37 31.33
C5 NAG O . 13.83 29.82 31.15
C6 NAG O . 13.07 29.16 32.13
C7 NAG O . 15.70 32.77 27.64
C8 NAG O . 17.07 33.44 27.63
N2 NAG O . 15.07 32.42 28.91
O3 NAG O . 11.65 31.56 30.14
O4 NAG O . 15.04 31.91 31.47
O5 NAG O . 13.27 29.48 29.76
O6 NAG O . 13.06 29.94 33.29
O7 NAG O . 15.14 32.54 26.62
C1 NAG O . 14.99 32.99 32.43
C2 NAG O . 15.27 32.39 33.80
C3 NAG O . 16.32 33.05 34.53
C4 NAG O . 17.59 33.08 33.76
C5 NAG O . 17.42 33.82 32.38
C6 NAG O . 18.01 33.05 31.36
C7 NAG O . 13.13 33.40 35.09
C8 NAG O . 13.40 34.89 34.80
N2 NAG O . 13.97 32.30 34.64
O3 NAG O . 16.56 32.31 35.79
O4 NAG O . 18.56 33.77 34.53
O5 NAG O . 15.94 34.07 32.10
O6 NAG O . 19.38 33.30 31.34
O7 NAG O . 12.18 33.14 35.74
C1 NAG P . -79.35 -12.98 -22.95
C2 NAG P . -79.74 -13.43 -24.33
C3 NAG P . -81.16 -13.74 -24.42
C4 NAG P . -81.99 -12.69 -23.81
C5 NAG P . -81.72 -12.55 -22.26
C6 NAG P . -82.78 -13.15 -21.53
C7 NAG P . -78.20 -12.29 -26.07
C8 NAG P . -77.19 -13.43 -25.90
N2 NAG P . -79.44 -12.29 -25.31
O3 NAG P . -81.39 -15.03 -23.74
O4 NAG P . -81.68 -11.45 -24.43
O5 NAG P . -80.41 -13.27 -21.96
O6 NAG P . -82.81 -12.56 -20.26
O7 NAG P . -77.98 -11.41 -26.83
C1 NAG P . -82.78 -10.53 -24.28
C2 NAG P . -82.22 -9.19 -23.93
C3 NAG P . -83.22 -8.15 -23.88
C4 NAG P . -84.00 -8.06 -25.13
C5 NAG P . -84.68 -9.42 -25.50
C6 NAG P . -85.28 -9.33 -26.77
C7 NAG P . -80.11 -9.28 -22.43
C8 NAG P . -79.23 -9.20 -23.68
N2 NAG P . -81.56 -9.29 -22.54
O3 NAG P . -82.55 -6.84 -23.65
O4 NAG P . -85.01 -7.06 -24.98
O5 NAG P . -83.58 -10.48 -25.52
O6 NAG P . -86.68 -9.42 -26.60
O7 NAG P . -79.61 -9.36 -21.36
C1 NAG Q . -39.09 7.78 -60.17
C2 NAG Q . -37.84 6.96 -59.98
C3 NAG Q . -36.80 7.21 -60.97
C4 NAG Q . -37.32 7.13 -62.35
C5 NAG Q . -38.43 8.21 -62.56
C6 NAG Q . -38.95 8.15 -63.87
C7 NAG Q . -37.76 6.64 -57.42
C8 NAG Q . -37.16 6.96 -56.05
N2 NAG Q . -37.24 7.28 -58.60
O3 NAG Q . -35.74 6.18 -60.80
O4 NAG Q . -36.24 7.34 -63.27
O5 NAG Q . -39.54 7.87 -61.57
O6 NAG Q . -40.26 7.71 -63.81
O7 NAG Q . -38.65 5.86 -57.51
C1 NAG Q . -36.05 6.14 -64.05
C2 NAG Q . -34.67 6.18 -64.66
C3 NAG Q . -34.29 4.96 -65.37
C4 NAG Q . -34.50 3.73 -64.56
C5 NAG Q . -35.95 3.64 -64.00
C6 NAG Q . -36.07 2.52 -63.15
C7 NAG Q . -35.27 7.72 -66.80
C8 NAG Q . -36.36 6.83 -67.39
N2 NAG Q . -34.53 7.41 -65.58
O3 NAG Q . -32.86 5.05 -65.73
O4 NAG Q . -34.26 2.60 -65.39
O5 NAG Q . -36.21 4.93 -63.21
O6 NAG Q . -35.66 2.89 -61.86
O7 NAG Q . -35.00 8.72 -67.38
C1 NAG R . -62.89 -9.49 -4.16
C2 NAG R . -62.18 -10.81 -4.13
C3 NAG R . -62.93 -11.83 -3.43
C4 NAG R . -63.20 -11.42 -2.02
C5 NAG R . -63.95 -10.04 -1.95
C6 NAG R . -64.02 -9.59 -0.61
C7 NAG R . -60.60 -11.69 -5.95
C8 NAG R . -59.47 -11.69 -4.92
N2 NAG R . -61.92 -11.26 -5.57
O3 NAG R . -62.15 -13.08 -3.48
O4 NAG R . -64.03 -12.40 -1.38
O5 NAG R . -63.16 -9.02 -2.79
O6 NAG R . -65.36 -9.42 -0.27
O7 NAG R . -60.39 -12.05 -7.06
C1 NAG R . -63.26 -13.15 -0.42
C2 NAG R . -64.14 -13.48 0.78
C3 NAG R . -63.36 -14.27 1.82
C4 NAG R . -62.65 -15.45 1.17
C5 NAG R . -61.87 -15.00 -0.05
C6 NAG R . -61.23 -16.20 -0.75
C7 NAG R . -65.94 -11.96 1.27
C8 NAG R . -66.80 -12.92 0.51
N2 NAG R . -64.65 -12.27 1.37
O3 NAG R . -64.26 -14.75 2.82
O4 NAG R . -61.76 -16.04 2.12
O5 NAG R . -62.74 -14.35 -0.96
O6 NAG R . -62.22 -17.19 -0.98
O7 NAG R . -66.41 -10.95 1.79
C10 WM8 S . 35.37 -10.02 29.04
C15 WM8 S . 37.99 -12.70 29.23
CL1 WM8 S . 36.85 -11.11 27.05
C01 WM8 S . 31.30 -14.61 33.34
C02 WM8 S . 32.25 -13.75 34.15
C03 WM8 S . 31.75 -13.48 35.56
N04 WM8 S . 32.33 -12.49 33.49
C05 WM8 S . 33.60 -11.85 33.46
C06 WM8 S . 33.81 -10.51 32.80
O07 WM8 S . 35.18 -10.48 32.62
C08 WM8 S . 35.57 -10.66 31.31
C09 WM8 S . 34.98 -9.87 30.36
C11 WM8 S . 34.75 -9.17 27.97
C12 WM8 S . 36.33 -10.93 28.72
C14 WM8 S . 36.93 -11.71 29.67
C16 WM8 S . 36.54 -11.59 30.98
O17 WM8 S . 34.50 -12.39 33.98
C1 NAG T . 38.64 10.98 39.66
C2 NAG T . 38.03 11.42 38.36
C3 NAG T . 36.60 11.09 38.28
C4 NAG T . 35.96 10.45 39.47
C5 NAG T . 36.87 9.71 40.51
C6 NAG T . 36.33 8.45 40.84
C7 NAG T . 38.16 13.68 37.07
C8 NAG T . 38.33 15.20 37.09
N2 NAG T . 38.19 12.94 38.31
O3 NAG T . 36.40 10.21 37.11
O4 NAG T . 35.09 11.39 40.13
O5 NAG T . 38.30 9.58 39.97
O6 NAG T . 35.76 8.55 42.12
O7 NAG T . 38.02 13.12 36.04
C10 WM8 U . 26.27 -36.64 -12.54
C15 WM8 U . 29.36 -38.39 -11.31
CL1 WM8 U . 27.00 -37.24 -9.99
C01 WM8 U . 31.02 -32.62 -16.72
C02 WM8 U . 30.64 -33.93 -17.37
C03 WM8 U . 30.71 -33.89 -18.89
N04 WM8 U . 29.28 -34.19 -17.01
C05 WM8 U . 28.93 -35.55 -16.75
C06 WM8 U . 27.53 -35.94 -16.37
O07 WM8 U . 27.72 -37.18 -15.80
C08 WM8 U . 27.58 -37.19 -14.42
C09 WM8 U . 26.44 -36.62 -13.90
C11 WM8 U . 25.04 -36.02 -11.92
C12 WM8 U . 27.22 -37.21 -11.74
C14 WM8 U . 28.35 -37.78 -12.26
C16 WM8 U . 28.53 -37.76 -13.62
O17 WM8 U . 29.76 -36.36 -16.83
C1 NAG V . 13.24 -46.84 -24.89
C2 NAG V . 12.06 -45.87 -24.91
C3 NAG V . 11.32 -45.93 -26.24
C4 NAG V . 12.28 -45.83 -27.41
C5 NAG V . 13.40 -46.84 -27.25
C6 NAG V . 14.38 -46.71 -28.40
C7 NAG V . 10.94 -47.38 -23.37
C8 NAG V . 10.11 -48.31 -24.19
N2 NAG V . 11.13 -46.16 -23.84
O3 NAG V . 10.36 -44.86 -26.30
O4 NAG V . 11.57 -46.09 -28.62
O5 NAG V . 14.07 -46.62 -26.02
O6 NAG V . 14.69 -45.33 -28.59
O7 NAG V . 11.41 -47.72 -22.29
#